data_8TSH
#
_entry.id   8TSH
#
_cell.length_a   1.00
_cell.length_b   1.00
_cell.length_c   1.00
_cell.angle_alpha   90.00
_cell.angle_beta   90.00
_cell.angle_gamma   90.00
#
_symmetry.space_group_name_H-M   'P 1'
#
loop_
_entity.id
_entity.type
_entity.pdbx_description
1 polymer 'ABC transporter ATP-binding protein'
2 polymer 'Transport permease protein'
3 polymer 'Capsular biosynthesis protein'
4 non-polymer "ADENOSINE-5'-TRIPHOSPHATE"
5 non-polymer 'MAGNESIUM ION'
#
loop_
_entity_poly.entity_id
_entity_poly.type
_entity_poly.pdbx_seq_one_letter_code
_entity_poly.pdbx_strand_id
1 'polypeptide(L)'
;MIELRNLTKWYPTPHGRRYVFRNLNFRFPDDVSIGLIGRNGAGKSTLMRLLGGIEAPNEGEVVTDVSISWPVGLSGGFQG
SLTARENVKFVCRIYGTSHEDMLRKVRFVEEFAEIGEHFDLPMKTYSSGMRSRVAFGLSMAFDFDYYLIDQAMAVGDAQF
RAKSRAVFDSRVGQANMILVSHNMNDIKEYCDVVVLVDQGQATLYEDVEAGIAAYQGSLKKAAAKPDYKDDDDK
;
A,B
2 'polypeptide(L)'
;MGKIHLAVSERSPRVKRSPWQIQQAVLFALFLRELKTRLGGRWLGVFWVLLEPVAHIAVMTTLFSLAHRAAMPSIEYPVF
LITGLIPFFMFRGLVTRLMEAIDSNRGLFAYRQVKPIDTVIARAMLEISLQSIVYLIALGTLGWLGFHFLPVRALELAGV
SAVLIMLGASLGLFFAVVTNEIPQARAIVRISLLPLYFVSGVIFPVHTIPPQYLPLLQLNPVLHLIELSRASFFPQYRVL
QGINLAYPAGFALLSLFLALMLYRLRRHQLASVV
;
C,D
3 'polypeptide(L)'
;MGKIHMKLVSRLTAKRLQWALVYLPMLVATVYFLVFSADRYVSESVITVRQTSSNAPTGGMSGAALLLAGLTPASREDTC
YLQTYIHSMGLLQKLDQQLKLREHFGTPLRDPLFRLWGGTSQEWFLEYYRSRVEVLMDDICGLLTVRVQGFEPEFAQALN
RAILEESERFVNELSHRMAREQGQFAEAELERATARLQEAKRQLIAFQAKHKLLDPLAQAQATGTLTAELQAALTRQEAE
LRNALTYLNEDSYQVKALRSQINALRQQIDEERLRATAGKNGDRINAVAAEFHDLQLQVGFAEDAYKLALAAVESARIEA
TRKLKSLVVVEPPVLPEIAEYPRRWYNLATLLVVCCLIYGVVSLVVATIRDHQDGSGSGSHHHHHHHHHH
;
E,F,G,H,I,J,K,L
#
# COMPACT_ATOMS: atom_id res chain seq x y z
N MET A 1 46.63 54.74 -1.84
CA MET A 1 47.24 53.43 -2.00
C MET A 1 46.30 52.47 -2.72
N ILE A 2 45.00 52.75 -2.63
CA ILE A 2 44.03 51.96 -3.39
C ILE A 2 44.25 52.18 -4.87
N GLU A 3 44.35 51.09 -5.62
CA GLU A 3 44.66 51.13 -7.04
C GLU A 3 43.77 50.14 -7.78
N LEU A 4 43.54 50.42 -9.05
CA LEU A 4 42.75 49.56 -9.92
C LEU A 4 43.62 49.07 -11.07
N ARG A 5 43.59 47.76 -11.33
CA ARG A 5 44.43 47.13 -12.34
C ARG A 5 43.56 46.31 -13.29
N ASN A 6 43.10 46.96 -14.36
CA ASN A 6 42.41 46.28 -15.46
C ASN A 6 41.12 45.60 -15.01
N LEU A 7 40.26 46.36 -14.33
CA LEU A 7 38.95 45.86 -13.97
C LEU A 7 38.08 45.73 -15.21
N THR A 8 37.25 44.68 -15.23
CA THR A 8 36.17 44.56 -16.19
C THR A 8 35.01 43.87 -15.48
N LYS A 9 33.85 44.54 -15.44
CA LYS A 9 32.68 44.01 -14.75
C LYS A 9 31.48 44.09 -15.68
N TRP A 10 30.81 42.95 -15.87
CA TRP A 10 29.62 42.85 -16.69
C TRP A 10 28.58 42.02 -15.94
N TYR A 11 27.40 41.90 -16.55
CA TYR A 11 26.29 41.20 -15.94
C TYR A 11 25.62 40.31 -16.97
N PRO A 12 25.03 39.18 -16.54
CA PRO A 12 24.39 38.25 -17.49
C PRO A 12 23.00 38.69 -17.93
N THR A 13 22.97 39.64 -18.86
CA THR A 13 21.72 40.08 -19.45
C THR A 13 21.22 39.09 -20.49
N PRO A 14 19.92 39.06 -20.77
CA PRO A 14 19.43 38.22 -21.88
C PRO A 14 20.03 38.59 -23.22
N HIS A 15 20.25 39.89 -23.47
CA HIS A 15 20.81 40.36 -24.73
C HIS A 15 22.32 40.55 -24.57
N GLY A 16 23.03 39.43 -24.58
CA GLY A 16 24.47 39.48 -24.41
C GLY A 16 24.86 39.87 -23.00
N ARG A 17 26.10 40.35 -22.86
CA ARG A 17 26.63 40.79 -21.58
C ARG A 17 26.77 42.31 -21.59
N ARG A 18 26.12 42.97 -20.64
CA ARG A 18 26.18 44.42 -20.53
C ARG A 18 27.40 44.78 -19.71
N TYR A 19 28.45 45.24 -20.39
CA TYR A 19 29.72 45.54 -19.72
C TYR A 19 29.56 46.87 -18.99
N VAL A 20 29.32 46.80 -17.69
CA VAL A 20 29.23 48.02 -16.89
C VAL A 20 30.57 48.74 -16.86
N PHE A 21 31.65 47.99 -16.66
CA PHE A 21 32.99 48.56 -16.62
C PHE A 21 33.90 47.81 -17.58
N ARG A 22 34.53 48.56 -18.48
CA ARG A 22 35.56 48.03 -19.36
C ARG A 22 36.91 48.20 -18.67
N ASN A 23 38.00 47.92 -19.37
CA ASN A 23 39.34 47.93 -18.81
C ASN A 23 39.65 49.27 -18.15
N LEU A 24 39.88 49.24 -16.84
CA LEU A 24 40.15 50.43 -16.05
C LEU A 24 41.49 50.29 -15.35
N ASN A 25 42.35 51.30 -15.50
CA ASN A 25 43.65 51.34 -14.84
C ASN A 25 43.77 52.56 -13.94
N PHE A 26 42.65 52.98 -13.36
CA PHE A 26 42.63 54.18 -12.53
C PHE A 26 43.41 53.96 -11.24
N ARG A 27 44.10 55.01 -10.79
CA ARG A 27 44.78 55.02 -9.51
C ARG A 27 44.17 56.13 -8.65
N PHE A 28 43.64 55.74 -7.50
CA PHE A 28 42.97 56.70 -6.63
C PHE A 28 44.00 57.60 -5.94
N PRO A 29 43.62 58.81 -5.56
CA PRO A 29 44.54 59.68 -4.81
C PRO A 29 44.75 59.20 -3.39
N ASP A 30 45.52 59.96 -2.59
CA ASP A 30 45.86 59.57 -1.23
C ASP A 30 45.62 60.74 -0.29
N ASP A 31 45.25 60.41 0.95
CA ASP A 31 45.07 61.38 2.03
C ASP A 31 44.02 62.45 1.69
N VAL A 32 42.99 62.07 0.93
CA VAL A 32 41.90 62.97 0.60
C VAL A 32 40.58 62.21 0.67
N SER A 33 39.49 62.96 0.78
CA SER A 33 38.15 62.41 0.75
C SER A 33 37.57 62.59 -0.65
N ILE A 34 37.12 61.49 -1.23
CA ILE A 34 36.75 61.44 -2.65
C ILE A 34 35.24 61.51 -2.79
N GLY A 35 34.80 62.26 -3.79
CA GLY A 35 33.40 62.29 -4.16
C GLY A 35 33.16 61.63 -5.50
N LEU A 36 32.47 60.50 -5.49
CA LEU A 36 32.10 59.80 -6.71
C LEU A 36 30.81 60.41 -7.23
N ILE A 37 30.91 61.18 -8.31
CA ILE A 37 29.79 61.99 -8.77
C ILE A 37 28.92 61.17 -9.72
N GLY A 38 29.49 60.73 -10.85
CA GLY A 38 28.79 59.89 -11.80
C GLY A 38 27.45 60.41 -12.29
N ARG A 39 26.60 59.51 -12.79
CA ARG A 39 25.26 59.85 -13.24
C ARG A 39 24.42 58.58 -13.20
N ASN A 40 23.13 58.73 -13.54
CA ASN A 40 22.23 57.59 -13.56
C ASN A 40 22.65 56.60 -14.64
N GLY A 41 22.64 55.31 -14.30
CA GLY A 41 23.05 54.28 -15.23
C GLY A 41 24.54 54.05 -15.29
N ALA A 42 25.34 54.83 -14.56
CA ALA A 42 26.78 54.66 -14.52
C ALA A 42 27.12 53.53 -13.54
N GLY A 43 28.39 53.40 -13.19
CA GLY A 43 28.79 52.34 -12.30
C GLY A 43 29.26 52.78 -10.94
N LYS A 44 28.58 53.77 -10.34
CA LYS A 44 28.98 54.24 -9.02
C LYS A 44 28.71 53.19 -7.95
N SER A 45 27.50 52.65 -7.92
CA SER A 45 27.15 51.65 -6.91
C SER A 45 27.96 50.38 -7.09
N THR A 46 28.17 49.96 -8.34
CA THR A 46 29.02 48.81 -8.60
C THR A 46 30.45 49.08 -8.16
N LEU A 47 30.95 50.30 -8.38
CA LEU A 47 32.28 50.65 -7.94
C LEU A 47 32.40 50.58 -6.43
N MET A 48 31.39 51.08 -5.71
CA MET A 48 31.44 51.04 -4.25
C MET A 48 31.29 49.61 -3.73
N ARG A 49 30.57 48.76 -4.46
CA ARG A 49 30.50 47.35 -4.08
C ARG A 49 31.84 46.66 -4.29
N LEU A 50 32.49 46.92 -5.43
CA LEU A 50 33.79 46.32 -5.71
C LEU A 50 34.85 46.79 -4.72
N LEU A 51 34.83 48.08 -4.37
CA LEU A 51 35.82 48.62 -3.44
C LEU A 51 35.66 48.02 -2.05
N GLY A 52 34.44 47.65 -1.67
CA GLY A 52 34.19 47.04 -0.39
C GLY A 52 34.37 45.54 -0.35
N GLY A 53 34.83 44.93 -1.44
CA GLY A 53 34.99 43.49 -1.48
C GLY A 53 33.69 42.72 -1.50
N ILE A 54 32.59 43.37 -1.90
CA ILE A 54 31.30 42.70 -1.88
C ILE A 54 31.23 41.64 -2.97
N GLU A 55 31.63 42.01 -4.19
CA GLU A 55 31.68 41.08 -5.31
C GLU A 55 33.01 41.23 -6.02
N ALA A 56 33.51 40.13 -6.55
CA ALA A 56 34.80 40.16 -7.23
C ALA A 56 34.64 40.71 -8.65
N PRO A 57 35.61 41.47 -9.14
CA PRO A 57 35.56 41.90 -10.55
C PRO A 57 35.59 40.70 -11.48
N ASN A 58 34.86 40.81 -12.59
CA ASN A 58 34.73 39.69 -13.52
C ASN A 58 36.08 39.34 -14.14
N GLU A 59 36.82 40.34 -14.59
CA GLU A 59 38.11 40.13 -15.24
C GLU A 59 39.14 41.15 -14.77
N GLY A 60 39.19 41.38 -13.46
CA GLY A 60 40.15 42.34 -12.94
C GLY A 60 40.59 42.08 -11.51
N GLU A 61 41.32 43.03 -10.93
CA GLU A 61 41.78 42.94 -9.55
C GLU A 61 41.78 44.32 -8.94
N VAL A 62 41.43 44.40 -7.67
CA VAL A 62 41.39 45.66 -6.92
C VAL A 62 42.37 45.52 -5.77
N VAL A 63 43.60 45.98 -5.97
CA VAL A 63 44.62 45.91 -4.95
C VAL A 63 44.41 47.03 -3.94
N THR A 64 44.36 46.67 -2.66
CA THR A 64 44.10 47.63 -1.59
C THR A 64 44.92 47.24 -0.38
N ASP A 65 45.97 48.02 -0.08
CA ASP A 65 46.75 47.81 1.14
C ASP A 65 46.24 48.68 2.27
N VAL A 66 44.93 48.60 2.52
CA VAL A 66 44.29 49.42 3.54
C VAL A 66 42.93 48.80 3.86
N SER A 67 42.39 49.13 5.02
CA SER A 67 41.09 48.63 5.44
C SER A 67 39.99 49.56 4.94
N ILE A 68 39.02 48.98 4.25
CA ILE A 68 37.92 49.73 3.64
C ILE A 68 36.61 49.18 4.19
N SER A 69 35.76 50.08 4.69
CA SER A 69 34.49 49.67 5.27
C SER A 69 33.54 49.16 4.18
N TRP A 70 32.56 48.37 4.60
CA TRP A 70 31.58 47.85 3.68
C TRP A 70 30.68 48.98 3.19
N PRO A 71 30.13 48.86 1.97
CA PRO A 71 29.24 49.91 1.45
C PRO A 71 27.95 49.97 2.26
N VAL A 72 27.68 51.14 2.83
CA VAL A 72 26.48 51.30 3.66
C VAL A 72 25.23 51.23 2.79
N GLY A 73 25.26 51.82 1.61
CA GLY A 73 24.15 51.73 0.67
C GLY A 73 22.90 52.44 1.16
N LEU A 74 21.82 52.21 0.41
CA LEU A 74 20.49 52.70 0.77
C LEU A 74 19.46 51.59 0.91
N SER A 75 19.77 50.39 0.42
CA SER A 75 18.89 49.24 0.58
C SER A 75 19.73 48.01 0.89
N GLY A 76 19.13 47.08 1.63
CA GLY A 76 19.83 45.87 2.00
C GLY A 76 20.91 46.12 3.05
N GLY A 77 21.76 45.11 3.21
CA GLY A 77 22.82 45.15 4.18
C GLY A 77 22.42 44.78 5.60
N PHE A 78 21.14 44.50 5.83
CA PHE A 78 20.65 44.14 7.15
C PHE A 78 19.82 42.88 7.06
N GLN A 79 19.71 42.18 8.18
CA GLN A 79 18.99 40.92 8.25
C GLN A 79 17.52 41.16 8.54
N GLY A 80 16.66 40.44 7.84
CA GLY A 80 15.23 40.55 8.05
C GLY A 80 14.77 39.88 9.33
N SER A 81 13.61 40.34 9.82
CA SER A 81 12.98 39.82 11.03
C SER A 81 13.88 39.93 12.25
N LEU A 82 14.77 40.92 12.25
CA LEU A 82 15.72 41.12 13.34
C LEU A 82 15.71 42.59 13.74
N THR A 83 15.96 42.83 15.03
CA THR A 83 16.12 44.20 15.50
C THR A 83 17.51 44.71 15.17
N ALA A 84 17.70 46.02 15.33
CA ALA A 84 19.03 46.60 15.10
C ALA A 84 20.03 46.10 16.12
N ARG A 85 19.56 45.79 17.33
CA ARG A 85 20.46 45.30 18.38
C ARG A 85 21.15 44.00 17.95
N GLU A 86 20.36 43.01 17.55
CA GLU A 86 20.94 41.73 17.15
C GLU A 86 21.72 41.85 15.85
N ASN A 87 21.34 42.78 14.98
CA ASN A 87 22.15 43.05 13.79
C ASN A 87 23.54 43.56 14.18
N VAL A 88 23.60 44.45 15.17
CA VAL A 88 24.90 44.95 15.62
C VAL A 88 25.71 43.83 16.29
N LYS A 89 25.06 42.98 17.08
CA LYS A 89 25.79 41.83 17.63
C LYS A 89 26.33 40.93 16.52
N PHE A 90 25.54 40.68 15.48
CA PHE A 90 26.01 39.86 14.37
C PHE A 90 27.23 40.50 13.70
N VAL A 91 27.15 41.81 13.43
CA VAL A 91 28.24 42.49 12.73
C VAL A 91 29.51 42.47 13.56
N CYS A 92 29.39 42.74 14.87
CA CYS A 92 30.59 42.73 15.70
C CYS A 92 31.09 41.32 16.00
N ARG A 93 30.23 40.31 15.87
CA ARG A 93 30.66 38.93 16.01
C ARG A 93 31.41 38.45 14.77
N ILE A 94 31.07 39.00 13.61
CA ILE A 94 31.81 38.66 12.39
C ILE A 94 33.28 39.04 12.53
N TYR A 95 33.56 40.19 13.13
CA TYR A 95 34.92 40.70 13.22
C TYR A 95 35.71 40.12 14.38
N GLY A 96 35.11 39.25 15.20
CA GLY A 96 35.82 38.62 16.28
C GLY A 96 36.21 39.59 17.39
N THR A 97 35.22 40.11 18.09
CA THR A 97 35.43 41.12 19.11
C THR A 97 35.04 40.59 20.49
N SER A 98 35.73 41.09 21.52
CA SER A 98 35.44 40.71 22.89
C SER A 98 34.09 41.25 23.33
N HIS A 99 33.55 40.67 24.40
CA HIS A 99 32.18 40.99 24.81
C HIS A 99 32.07 42.42 25.32
N GLU A 100 33.08 42.91 26.05
CA GLU A 100 32.99 44.25 26.62
C GLU A 100 32.95 45.32 25.54
N ASP A 101 33.88 45.26 24.58
CA ASP A 101 33.86 46.22 23.48
C ASP A 101 32.67 45.97 22.57
N MET A 102 32.15 44.73 22.52
CA MET A 102 30.93 44.47 21.78
C MET A 102 29.75 45.22 22.38
N LEU A 103 29.60 45.17 23.70
CA LEU A 103 28.54 45.93 24.35
C LEU A 103 28.77 47.42 24.23
N ARG A 104 30.03 47.86 24.26
CA ARG A 104 30.31 49.28 24.06
C ARG A 104 29.91 49.73 22.66
N LYS A 105 30.19 48.91 21.65
CA LYS A 105 29.79 49.22 20.28
C LYS A 105 28.27 49.25 20.14
N VAL A 106 27.58 48.31 20.79
CA VAL A 106 26.12 48.32 20.76
C VAL A 106 25.58 49.59 21.39
N ARG A 107 26.17 50.00 22.53
CA ARG A 107 25.74 51.23 23.18
C ARG A 107 25.99 52.45 22.29
N PHE A 108 27.15 52.48 21.62
CA PHE A 108 27.46 53.60 20.73
C PHE A 108 26.47 53.67 19.57
N VAL A 109 26.16 52.52 18.97
CA VAL A 109 25.20 52.49 17.86
C VAL A 109 23.83 52.94 18.35
N GLU A 110 23.41 52.48 19.53
CA GLU A 110 22.11 52.86 20.06
C GLU A 110 22.04 54.35 20.35
N GLU A 111 23.11 54.93 20.90
CA GLU A 111 23.10 56.34 21.24
C GLU A 111 23.31 57.24 20.03
N PHE A 112 23.87 56.72 18.93
CA PHE A 112 24.00 57.54 17.73
C PHE A 112 22.65 57.74 17.06
N ALA A 113 21.84 56.68 16.98
CA ALA A 113 20.52 56.77 16.38
C ALA A 113 19.52 57.25 17.43
N GLU A 114 18.80 58.33 17.11
CA GLU A 114 17.79 58.88 18.02
C GLU A 114 16.51 58.07 17.93
N ILE A 115 16.63 56.79 18.22
CA ILE A 115 15.55 55.81 18.11
C ILE A 115 15.18 55.32 19.49
N GLY A 116 13.89 55.28 19.79
CA GLY A 116 13.42 54.86 21.09
C GLY A 116 13.27 53.35 21.20
N GLU A 117 12.08 52.88 21.55
CA GLU A 117 11.83 51.46 21.68
C GLU A 117 11.99 50.72 20.35
N HIS A 118 11.90 51.43 19.23
CA HIS A 118 12.03 50.80 17.92
C HIS A 118 13.37 50.11 17.73
N PHE A 119 14.38 50.49 18.52
CA PHE A 119 15.68 49.83 18.46
C PHE A 119 15.57 48.35 18.79
N ASP A 120 14.58 47.98 19.62
CA ASP A 120 14.32 46.58 19.93
C ASP A 120 13.11 46.05 19.18
N LEU A 121 12.93 46.51 17.94
CA LEU A 121 11.88 46.08 17.04
C LEU A 121 12.50 45.70 15.70
N PRO A 122 11.85 44.83 14.93
CA PRO A 122 12.42 44.41 13.65
C PRO A 122 12.55 45.56 12.66
N MET A 123 13.47 45.39 11.71
CA MET A 123 13.81 46.45 10.77
C MET A 123 12.63 46.85 9.87
N LYS A 124 11.62 45.98 9.75
CA LYS A 124 10.44 46.33 8.96
C LYS A 124 9.67 47.47 9.61
N THR A 125 9.59 47.48 10.93
CA THR A 125 8.92 48.56 11.64
C THR A 125 9.65 49.89 11.49
N TYR A 126 10.90 49.87 11.06
CA TYR A 126 11.67 51.11 10.91
C TYR A 126 11.15 51.94 9.75
N SER A 127 11.32 53.24 9.86
CA SER A 127 11.05 54.14 8.75
C SER A 127 12.17 54.02 7.71
N SER A 128 11.94 54.62 6.55
CA SER A 128 12.92 54.55 5.47
C SER A 128 14.19 55.33 5.80
N GLY A 129 14.14 56.25 6.75
CA GLY A 129 15.32 57.03 7.09
C GLY A 129 15.92 56.67 8.43
N MET A 130 15.21 55.86 9.22
CA MET A 130 15.75 55.39 10.49
C MET A 130 16.82 54.33 10.29
N ARG A 131 16.59 53.44 9.32
CA ARG A 131 17.60 52.42 9.00
C ARG A 131 18.88 53.06 8.48
N SER A 132 18.78 54.24 7.87
CA SER A 132 19.99 54.95 7.46
C SER A 132 20.80 55.41 8.66
N ARG A 133 20.13 55.93 9.70
CA ARG A 133 20.83 56.29 10.92
C ARG A 133 21.46 55.06 11.57
N VAL A 134 20.73 53.94 11.59
CA VAL A 134 21.27 52.72 12.17
C VAL A 134 22.51 52.26 11.40
N ALA A 135 22.44 52.28 10.07
CA ALA A 135 23.56 51.84 9.25
C ALA A 135 24.76 52.77 9.43
N PHE A 136 24.53 54.08 9.47
CA PHE A 136 25.63 55.02 9.65
C PHE A 136 26.29 54.83 11.01
N GLY A 137 25.48 54.64 12.06
CA GLY A 137 26.04 54.39 13.37
C GLY A 137 26.84 53.10 13.44
N LEU A 138 26.32 52.03 12.82
CA LEU A 138 27.04 50.77 12.81
C LEU A 138 28.35 50.89 12.05
N SER A 139 28.33 51.57 10.90
CA SER A 139 29.54 51.74 10.11
C SER A 139 30.58 52.58 10.85
N MET A 140 30.13 53.63 11.56
CA MET A 140 31.06 54.48 12.28
C MET A 140 31.46 53.93 13.63
N ALA A 141 30.81 52.84 14.09
CA ALA A 141 31.22 52.22 15.34
C ALA A 141 32.59 51.57 15.22
N PHE A 142 32.88 50.97 14.07
CA PHE A 142 34.13 50.27 13.85
C PHE A 142 35.22 51.23 13.38
N ASP A 143 36.45 50.77 13.44
CA ASP A 143 37.61 51.57 13.05
C ASP A 143 38.05 51.14 11.65
N PHE A 144 38.11 52.09 10.72
CA PHE A 144 38.51 51.84 9.35
C PHE A 144 39.44 52.96 8.92
N ASP A 145 39.74 53.00 7.62
CA ASP A 145 40.47 54.12 7.02
C ASP A 145 39.77 54.74 5.84
N TYR A 146 38.80 54.06 5.23
CA TYR A 146 38.07 54.59 4.08
C TYR A 146 36.62 54.16 4.21
N TYR A 147 35.78 55.04 4.73
CA TYR A 147 34.36 54.74 4.87
C TYR A 147 33.65 54.97 3.54
N LEU A 148 32.99 53.93 3.05
CA LEU A 148 32.23 54.00 1.80
C LEU A 148 30.80 54.40 2.11
N ILE A 149 30.39 55.56 1.63
CA ILE A 149 29.05 56.08 1.87
C ILE A 149 28.34 56.20 0.53
N ASP A 150 27.20 55.53 0.40
CA ASP A 150 26.45 55.45 -0.85
C ASP A 150 25.05 56.00 -0.61
N GLN A 151 24.91 57.32 -0.71
CA GLN A 151 23.63 58.03 -0.65
C GLN A 151 22.87 57.74 0.65
N ALA A 152 23.54 57.23 1.67
CA ALA A 152 22.84 56.80 2.89
C ALA A 152 22.23 57.98 3.63
N MET A 153 22.95 59.09 3.72
CA MET A 153 22.50 60.25 4.48
C MET A 153 21.53 61.14 3.70
N ALA A 154 20.98 60.66 2.60
CA ALA A 154 20.03 61.43 1.82
C ALA A 154 18.62 61.45 2.42
N VAL A 155 18.35 60.60 3.40
CA VAL A 155 17.01 60.47 3.96
C VAL A 155 17.02 60.77 5.45
N GLY A 156 17.91 61.68 5.87
CA GLY A 156 17.99 62.03 7.28
C GLY A 156 17.67 63.49 7.56
N ASP A 157 17.23 63.77 8.78
CA ASP A 157 16.91 65.14 9.17
C ASP A 157 18.19 65.98 9.28
N ALA A 158 18.00 67.27 9.53
CA ALA A 158 19.15 68.15 9.78
C ALA A 158 19.90 67.73 11.03
N GLN A 159 19.18 67.17 12.02
CA GLN A 159 19.86 66.62 13.19
C GLN A 159 20.77 65.45 12.80
N PHE A 160 20.31 64.61 11.87
CA PHE A 160 21.15 63.49 11.44
C PHE A 160 22.40 63.99 10.72
N ARG A 161 22.26 64.99 9.86
CA ARG A 161 23.43 65.55 9.19
C ARG A 161 24.39 66.17 10.19
N ALA A 162 23.87 66.90 11.17
CA ALA A 162 24.73 67.49 12.20
C ALA A 162 25.46 66.43 13.00
N LYS A 163 24.75 65.36 13.38
CA LYS A 163 25.38 64.28 14.13
C LYS A 163 26.47 63.59 13.30
N SER A 164 26.19 63.31 12.02
CA SER A 164 27.18 62.67 11.17
C SER A 164 28.42 63.55 11.00
N ARG A 165 28.21 64.85 10.79
CA ARG A 165 29.33 65.78 10.66
C ARG A 165 30.15 65.83 11.95
N ALA A 166 29.47 65.88 13.10
CA ALA A 166 30.16 65.95 14.38
C ALA A 166 30.98 64.69 14.63
N VAL A 167 30.41 63.51 14.36
CA VAL A 167 31.14 62.28 14.60
C VAL A 167 32.31 62.13 13.63
N PHE A 168 32.13 62.54 12.37
CA PHE A 168 33.24 62.49 11.42
C PHE A 168 34.35 63.46 11.83
N ASP A 169 33.98 64.63 12.33
CA ASP A 169 34.99 65.55 12.85
C ASP A 169 35.70 64.95 14.06
N SER A 170 34.96 64.23 14.91
CA SER A 170 35.58 63.48 16.00
C SER A 170 36.52 62.40 15.48
N ARG A 171 36.30 61.91 14.25
CA ARG A 171 37.17 60.94 13.61
C ARG A 171 38.09 61.58 12.58
N VAL A 172 38.31 62.89 12.66
CA VAL A 172 39.18 63.56 11.70
C VAL A 172 40.63 63.23 12.00
N GLY A 173 41.48 63.29 10.98
CA GLY A 173 42.90 63.05 11.13
C GLY A 173 43.32 61.60 11.15
N GLN A 174 42.37 60.66 11.07
CA GLN A 174 42.72 59.25 11.10
C GLN A 174 42.00 58.40 10.06
N ALA A 175 40.94 58.90 9.42
CA ALA A 175 40.17 58.11 8.47
C ALA A 175 39.73 58.99 7.31
N ASN A 176 39.36 58.35 6.22
CA ASN A 176 38.96 59.04 5.01
C ASN A 176 37.57 58.59 4.57
N MET A 177 37.06 59.25 3.53
CA MET A 177 35.68 59.10 3.10
C MET A 177 35.63 58.95 1.59
N ILE A 178 34.82 58.02 1.10
CA ILE A 178 34.46 57.94 -0.30
C ILE A 178 32.94 58.05 -0.35
N LEU A 179 32.44 59.19 -0.81
CA LEU A 179 31.02 59.52 -0.75
C LEU A 179 30.47 59.63 -2.15
N VAL A 180 29.37 58.92 -2.42
CA VAL A 180 28.67 59.04 -3.70
C VAL A 180 27.25 59.48 -3.43
N SER A 181 26.87 60.62 -4.01
CA SER A 181 25.55 61.19 -3.83
C SER A 181 25.27 62.15 -4.96
N HIS A 182 23.99 62.46 -5.14
CA HIS A 182 23.55 63.44 -6.14
C HIS A 182 23.19 64.78 -5.51
N ASN A 183 23.48 64.97 -4.22
CA ASN A 183 23.30 66.24 -3.54
C ASN A 183 24.64 66.96 -3.57
N MET A 184 24.72 68.05 -4.33
CA MET A 184 26.01 68.64 -4.64
C MET A 184 26.60 69.45 -3.50
N ASN A 185 25.78 70.06 -2.65
CA ASN A 185 26.33 70.76 -1.50
C ASN A 185 26.95 69.78 -0.51
N ASP A 186 26.40 68.58 -0.42
CA ASP A 186 27.00 67.54 0.41
C ASP A 186 28.40 67.19 -0.09
N ILE A 187 28.55 67.04 -1.40
CA ILE A 187 29.87 66.77 -1.98
C ILE A 187 30.79 67.96 -1.77
N LYS A 188 30.25 69.18 -1.84
CA LYS A 188 31.06 70.37 -1.65
C LYS A 188 31.60 70.46 -0.24
N GLU A 189 30.79 70.11 0.75
CA GLU A 189 31.20 70.23 2.15
C GLU A 189 31.88 68.98 2.69
N TYR A 190 31.84 67.85 1.98
CA TYR A 190 32.35 66.60 2.52
C TYR A 190 33.56 66.04 1.78
N CYS A 191 33.81 66.46 0.55
CA CYS A 191 34.83 65.84 -0.28
C CYS A 191 35.83 66.88 -0.79
N ASP A 192 37.08 66.43 -0.95
CA ASP A 192 38.17 67.29 -1.41
C ASP A 192 38.54 67.08 -2.86
N VAL A 193 38.37 65.87 -3.39
CA VAL A 193 38.63 65.58 -4.80
C VAL A 193 37.38 64.92 -5.38
N VAL A 194 37.30 64.91 -6.70
CA VAL A 194 36.13 64.39 -7.40
C VAL A 194 36.60 63.30 -8.35
N VAL A 195 35.89 62.17 -8.35
CA VAL A 195 36.08 61.12 -9.34
C VAL A 195 34.76 60.96 -10.09
N LEU A 196 34.77 61.23 -11.38
CA LEU A 196 33.59 61.21 -12.22
C LEU A 196 33.67 60.01 -13.14
N VAL A 197 32.65 59.15 -13.09
CA VAL A 197 32.57 58.00 -13.98
C VAL A 197 31.69 58.38 -15.17
N ASP A 198 32.11 57.94 -16.36
CA ASP A 198 31.46 58.33 -17.60
C ASP A 198 31.78 57.29 -18.65
N GLN A 199 30.76 56.60 -19.16
CA GLN A 199 30.92 55.55 -20.16
C GLN A 199 31.91 54.49 -19.69
N GLY A 200 31.89 54.20 -18.40
CA GLY A 200 32.77 53.21 -17.81
C GLY A 200 34.17 53.68 -17.52
N GLN A 201 34.48 54.96 -17.72
CA GLN A 201 35.82 55.50 -17.50
C GLN A 201 35.78 56.50 -16.35
N ALA A 202 36.72 56.36 -15.42
CA ALA A 202 36.80 57.24 -14.26
C ALA A 202 37.87 58.30 -14.50
N THR A 203 37.49 59.56 -14.30
CA THR A 203 38.39 60.70 -14.46
C THR A 203 38.44 61.49 -13.16
N LEU A 204 39.64 61.95 -12.80
CA LEU A 204 39.87 62.63 -11.54
C LEU A 204 39.97 64.13 -11.74
N TYR A 205 39.23 64.88 -10.93
CA TYR A 205 39.36 66.33 -10.81
C TYR A 205 39.88 66.66 -9.43
N GLU A 206 41.01 67.37 -9.37
CA GLU A 206 41.56 67.81 -8.09
C GLU A 206 40.74 68.95 -7.49
N ASP A 207 39.81 69.51 -8.24
CA ASP A 207 38.94 70.58 -7.76
C ASP A 207 37.50 70.10 -7.81
N VAL A 208 36.72 70.45 -6.78
CA VAL A 208 35.32 70.08 -6.72
C VAL A 208 34.53 70.76 -7.84
N GLU A 209 34.81 72.05 -8.06
CA GLU A 209 33.97 72.85 -8.95
C GLU A 209 34.06 72.39 -10.40
N ALA A 210 35.26 72.02 -10.87
CA ALA A 210 35.40 71.61 -12.26
C ALA A 210 34.63 70.33 -12.55
N GLY A 211 34.79 69.32 -11.70
CA GLY A 211 34.02 68.09 -11.87
C GLY A 211 32.53 68.29 -11.70
N ILE A 212 32.14 69.16 -10.76
CA ILE A 212 30.73 69.41 -10.54
C ILE A 212 30.12 70.11 -11.76
N ALA A 213 30.87 71.02 -12.39
CA ALA A 213 30.38 71.71 -13.58
C ALA A 213 30.31 70.76 -14.76
N ALA A 214 31.27 69.85 -14.88
CA ALA A 214 31.15 68.80 -15.89
C ALA A 214 29.93 67.92 -15.63
N TYR A 215 29.60 67.71 -14.36
CA TYR A 215 28.40 66.94 -14.03
C TYR A 215 27.13 67.67 -14.47
N GLN A 216 27.03 68.97 -14.21
CA GLN A 216 25.81 69.70 -14.55
C GLN A 216 25.54 69.66 -16.05
N GLY A 217 26.58 69.87 -16.86
CA GLY A 217 26.42 69.84 -18.30
C GLY A 217 27.17 68.70 -18.97
N MET B 1 -7.80 70.90 -0.11
CA MET B 1 -9.18 70.50 0.10
C MET B 1 -9.20 69.27 0.99
N ILE B 2 -8.24 68.36 0.77
CA ILE B 2 -8.12 67.10 1.48
C ILE B 2 -8.15 67.35 2.98
N GLU B 3 -9.12 66.74 3.66
CA GLU B 3 -9.36 67.02 5.08
C GLU B 3 -9.33 65.72 5.87
N LEU B 4 -8.89 65.83 7.12
CA LEU B 4 -8.80 64.69 8.02
C LEU B 4 -9.93 64.76 9.04
N ARG B 5 -10.34 63.60 9.55
CA ARG B 5 -11.54 63.49 10.38
C ARG B 5 -11.27 62.68 11.64
N ASN B 6 -10.27 63.08 12.43
CA ASN B 6 -9.93 62.45 13.71
C ASN B 6 -9.36 61.05 13.51
N LEU B 7 -8.62 60.86 12.43
CA LEU B 7 -8.10 59.54 12.08
C LEU B 7 -6.88 59.20 12.95
N THR B 8 -6.83 57.94 13.38
CA THR B 8 -5.74 57.41 14.17
C THR B 8 -5.15 56.20 13.45
N LYS B 9 -3.82 56.12 13.43
CA LYS B 9 -3.14 55.01 12.78
C LYS B 9 -2.21 54.32 13.78
N TRP B 10 -2.19 52.99 13.73
CA TRP B 10 -1.34 52.21 14.61
C TRP B 10 -0.94 50.92 13.92
N TYR B 11 0.10 50.30 14.44
CA TYR B 11 0.66 49.07 13.89
C TYR B 11 0.76 48.01 14.98
N PRO B 12 0.64 46.73 14.61
CA PRO B 12 0.73 45.66 15.61
C PRO B 12 2.18 45.42 16.02
N THR B 13 2.47 45.66 17.30
CA THR B 13 3.76 45.40 17.89
C THR B 13 3.57 44.58 19.17
N PRO B 14 4.57 43.77 19.54
CA PRO B 14 4.45 43.02 20.81
C PRO B 14 4.30 43.91 22.03
N HIS B 15 4.85 45.12 22.00
CA HIS B 15 4.76 46.05 23.12
C HIS B 15 3.47 46.86 23.11
N GLY B 16 2.64 46.74 22.07
CA GLY B 16 1.42 47.52 21.98
C GLY B 16 1.16 48.01 20.57
N ARG B 17 0.46 49.13 20.44
CA ARG B 17 0.18 49.74 19.14
C ARG B 17 0.69 51.18 19.18
N ARG B 18 1.81 51.42 18.52
CA ARG B 18 2.36 52.77 18.45
C ARG B 18 1.48 53.64 17.58
N TYR B 19 1.08 54.80 18.11
CA TYR B 19 0.15 55.69 17.43
C TYR B 19 0.93 56.68 16.57
N VAL B 20 0.96 56.43 15.26
CA VAL B 20 1.56 57.40 14.34
C VAL B 20 0.70 58.67 14.28
N PHE B 21 -0.62 58.50 14.27
CA PHE B 21 -1.55 59.62 14.31
C PHE B 21 -2.64 59.32 15.31
N ARG B 22 -3.02 60.33 16.10
CA ARG B 22 -4.02 60.19 17.16
C ARG B 22 -4.98 61.38 17.08
N ASN B 23 -6.18 61.12 16.57
CA ASN B 23 -7.25 62.11 16.49
C ASN B 23 -6.78 63.38 15.76
N LEU B 24 -6.45 63.21 14.49
CA LEU B 24 -5.87 64.28 13.70
C LEU B 24 -6.93 64.96 12.86
N ASN B 25 -7.05 66.28 13.01
CA ASN B 25 -7.92 67.10 12.20
C ASN B 25 -7.06 68.12 11.48
N PHE B 26 -7.10 68.10 10.15
CA PHE B 26 -6.27 69.00 9.35
C PHE B 26 -6.98 69.29 8.04
N ARG B 27 -6.68 70.46 7.47
CA ARG B 27 -7.27 70.90 6.22
C ARG B 27 -6.16 71.45 5.34
N PHE B 28 -5.84 70.73 4.27
CA PHE B 28 -4.77 71.16 3.37
C PHE B 28 -5.23 72.35 2.55
N PRO B 29 -4.45 73.44 2.50
CA PRO B 29 -4.85 74.60 1.70
C PRO B 29 -4.93 74.27 0.21
N ASP B 30 -5.84 74.96 -0.47
CA ASP B 30 -6.09 74.70 -1.89
C ASP B 30 -5.22 75.61 -2.76
N ASP B 31 -5.09 75.22 -4.03
CA ASP B 31 -4.44 76.00 -5.08
C ASP B 31 -2.98 76.30 -4.78
N VAL B 32 -2.36 75.55 -3.87
CA VAL B 32 -0.95 75.74 -3.54
C VAL B 32 -0.27 74.38 -3.49
N SER B 33 1.05 74.40 -3.61
CA SER B 33 1.87 73.21 -3.47
C SER B 33 2.33 73.09 -2.03
N ILE B 34 2.10 71.93 -1.43
CA ILE B 34 2.28 71.74 0.01
C ILE B 34 3.59 71.02 0.25
N GLY B 35 4.45 71.61 1.07
CA GLY B 35 5.66 70.95 1.53
C GLY B 35 5.44 70.24 2.85
N LEU B 36 5.42 68.91 2.82
CA LEU B 36 5.16 68.09 4.00
C LEU B 36 6.52 67.64 4.53
N ILE B 37 6.96 68.25 5.63
CA ILE B 37 8.28 68.01 6.18
C ILE B 37 8.13 67.51 7.62
N GLY B 38 9.22 66.99 8.16
CA GLY B 38 9.22 66.50 9.52
C GLY B 38 10.43 65.66 9.81
N ARG B 39 10.63 65.40 11.11
CA ARG B 39 11.73 64.59 11.58
C ARG B 39 11.54 63.13 11.18
N ASN B 40 12.65 62.39 11.08
CA ASN B 40 12.62 60.98 10.72
C ASN B 40 11.68 60.21 11.63
N GLY B 41 10.95 59.27 11.03
CA GLY B 41 10.04 58.42 11.78
C GLY B 41 8.83 59.15 12.34
N ALA B 42 8.43 60.24 11.71
CA ALA B 42 7.26 61.03 12.15
C ALA B 42 6.38 61.31 10.93
N GLY B 43 5.45 60.40 10.64
CA GLY B 43 4.48 60.60 9.59
C GLY B 43 5.12 60.70 8.22
N LYS B 44 4.46 61.45 7.34
CA LYS B 44 4.97 61.85 6.02
C LYS B 44 5.02 60.69 5.04
N SER B 45 4.82 59.49 5.50
CA SER B 45 4.74 58.32 4.64
C SER B 45 3.50 57.49 4.91
N THR B 46 3.11 57.34 6.18
CA THR B 46 1.77 56.89 6.48
C THR B 46 0.75 57.91 6.01
N LEU B 47 1.06 59.19 6.16
CA LEU B 47 0.16 60.24 5.68
C LEU B 47 -0.05 60.14 4.18
N MET B 48 1.03 59.96 3.42
CA MET B 48 0.90 59.86 1.97
C MET B 48 0.30 58.53 1.55
N ARG B 49 0.48 57.48 2.36
CA ARG B 49 -0.21 56.23 2.09
C ARG B 49 -1.72 56.38 2.25
N LEU B 50 -2.15 57.09 3.29
CA LEU B 50 -3.57 57.34 3.49
C LEU B 50 -4.13 58.28 2.42
N LEU B 51 -3.33 59.25 1.99
CA LEU B 51 -3.79 60.18 0.97
C LEU B 51 -4.01 59.46 -0.36
N GLY B 52 -3.13 58.52 -0.70
CA GLY B 52 -3.24 57.77 -1.94
C GLY B 52 -4.13 56.57 -1.89
N GLY B 53 -4.79 56.31 -0.77
CA GLY B 53 -5.66 55.15 -0.67
C GLY B 53 -4.95 53.84 -0.47
N ILE B 54 -3.68 53.87 -0.02
CA ILE B 54 -2.94 52.63 0.21
C ILE B 54 -3.61 51.81 1.30
N GLU B 55 -3.96 52.46 2.41
CA GLU B 55 -4.56 51.78 3.55
C GLU B 55 -5.59 52.70 4.18
N ALA B 56 -6.44 52.11 5.01
CA ALA B 56 -7.46 52.98 5.61
C ALA B 56 -7.14 53.26 7.07
N PRO B 57 -7.47 54.45 7.55
CA PRO B 57 -7.30 54.74 8.98
C PRO B 57 -8.20 53.85 9.83
N ASN B 58 -7.70 53.49 11.02
CA ASN B 58 -8.43 52.57 11.86
C ASN B 58 -9.70 53.20 12.43
N GLU B 59 -9.62 54.47 12.86
CA GLU B 59 -10.77 55.18 13.41
C GLU B 59 -10.70 56.63 12.91
N GLY B 60 -11.36 56.87 11.77
CA GLY B 60 -11.35 58.18 11.16
C GLY B 60 -11.44 58.03 9.66
N GLU B 61 -11.31 59.16 8.97
CA GLU B 61 -11.37 59.13 7.51
C GLU B 61 -10.69 60.36 6.93
N VAL B 62 -10.42 60.27 5.63
CA VAL B 62 -9.90 61.36 4.82
C VAL B 62 -10.95 61.70 3.78
N VAL B 63 -11.41 62.95 3.77
CA VAL B 63 -12.45 63.39 2.85
C VAL B 63 -11.82 64.28 1.78
N THR B 64 -12.04 63.91 0.52
CA THR B 64 -11.57 64.67 -0.64
C THR B 64 -12.64 64.62 -1.72
N ASP B 65 -12.51 65.53 -2.69
CA ASP B 65 -13.27 65.47 -3.93
C ASP B 65 -12.37 65.71 -5.12
N VAL B 66 -11.07 65.45 -4.95
CA VAL B 66 -10.05 65.73 -5.96
C VAL B 66 -9.23 64.46 -6.19
N SER B 67 -8.99 64.15 -7.45
CA SER B 67 -8.20 62.97 -7.79
C SER B 67 -6.78 63.09 -7.25
N ILE B 68 -6.30 62.01 -6.63
CA ILE B 68 -4.98 61.98 -6.00
C ILE B 68 -4.18 60.84 -6.63
N SER B 69 -2.94 61.13 -6.99
CA SER B 69 -2.06 60.13 -7.57
C SER B 69 -1.58 59.15 -6.51
N TRP B 70 -1.07 58.02 -6.97
CA TRP B 70 -0.51 57.04 -6.05
C TRP B 70 0.81 57.55 -5.47
N PRO B 71 1.14 57.17 -4.23
CA PRO B 71 2.32 57.74 -3.57
C PRO B 71 3.64 57.19 -4.10
N VAL B 72 4.14 57.79 -5.19
CA VAL B 72 5.43 57.39 -5.72
C VAL B 72 6.53 57.72 -4.71
N GLY B 73 7.37 56.74 -4.43
CA GLY B 73 8.44 56.93 -3.45
C GLY B 73 9.72 56.22 -3.81
N LEU B 74 10.54 55.91 -2.80
CA LEU B 74 11.81 55.24 -3.03
C LEU B 74 11.66 53.74 -3.27
N SER B 75 10.48 53.17 -3.01
CA SER B 75 10.28 51.75 -3.22
C SER B 75 8.79 51.49 -3.40
N GLY B 76 8.48 50.31 -3.92
CA GLY B 76 7.10 49.89 -4.09
C GLY B 76 6.48 50.45 -5.36
N GLY B 77 5.28 49.96 -5.65
CA GLY B 77 4.53 50.38 -6.81
C GLY B 77 4.88 49.68 -8.10
N PHE B 78 5.89 48.81 -8.09
CA PHE B 78 6.31 48.09 -9.28
C PHE B 78 6.54 46.63 -8.93
N GLN B 79 6.43 45.77 -9.93
CA GLN B 79 6.62 44.34 -9.74
C GLN B 79 7.97 43.91 -10.30
N GLY B 80 8.74 43.20 -9.49
CA GLY B 80 10.01 42.67 -9.95
C GLY B 80 9.82 41.57 -10.97
N SER B 81 10.91 41.27 -11.69
CA SER B 81 10.94 40.33 -12.81
C SER B 81 9.98 40.72 -13.92
N LEU B 82 9.54 41.98 -13.96
CA LEU B 82 8.63 42.48 -14.97
C LEU B 82 9.27 43.67 -15.67
N THR B 83 9.16 43.70 -16.99
CA THR B 83 9.71 44.81 -17.76
C THR B 83 8.95 46.09 -17.42
N ALA B 84 9.69 47.21 -17.36
CA ALA B 84 9.07 48.49 -17.06
C ALA B 84 7.97 48.83 -18.06
N ARG B 85 8.16 48.43 -19.32
CA ARG B 85 7.15 48.68 -20.35
C ARG B 85 5.83 48.00 -20.00
N GLU B 86 5.88 46.72 -19.64
CA GLU B 86 4.64 46.03 -19.30
C GLU B 86 4.10 46.42 -17.93
N ASN B 87 4.95 46.95 -17.03
CA ASN B 87 4.43 47.55 -15.80
C ASN B 87 3.60 48.79 -16.13
N VAL B 88 4.11 49.65 -17.01
CA VAL B 88 3.34 50.81 -17.46
C VAL B 88 2.07 50.35 -18.16
N LYS B 89 2.16 49.26 -18.94
CA LYS B 89 0.98 48.71 -19.61
C LYS B 89 -0.07 48.26 -18.60
N PHE B 90 0.36 47.58 -17.54
CA PHE B 90 -0.58 47.14 -16.50
C PHE B 90 -1.22 48.33 -15.80
N VAL B 91 -0.42 49.37 -15.50
CA VAL B 91 -0.96 50.55 -14.86
C VAL B 91 -2.00 51.23 -15.75
N CYS B 92 -1.70 51.32 -17.06
CA CYS B 92 -2.64 51.92 -17.99
C CYS B 92 -3.91 51.09 -18.10
N ARG B 93 -3.77 49.75 -18.10
CA ARG B 93 -4.95 48.89 -18.17
C ARG B 93 -5.79 48.97 -16.92
N ILE B 94 -5.17 49.28 -15.77
CA ILE B 94 -5.92 49.42 -14.53
C ILE B 94 -6.94 50.54 -14.64
N TYR B 95 -6.54 51.67 -15.20
CA TYR B 95 -7.41 52.83 -15.35
C TYR B 95 -8.32 52.72 -16.58
N GLY B 96 -8.28 51.60 -17.29
CA GLY B 96 -9.17 51.37 -18.42
C GLY B 96 -8.92 52.31 -19.60
N THR B 97 -7.67 52.49 -19.97
CA THR B 97 -7.34 53.33 -21.11
C THR B 97 -7.48 52.55 -22.41
N SER B 98 -7.76 53.28 -23.49
CA SER B 98 -7.84 52.67 -24.80
C SER B 98 -6.44 52.27 -25.28
N HIS B 99 -6.42 51.43 -26.33
CA HIS B 99 -5.15 50.90 -26.82
C HIS B 99 -4.24 52.00 -27.35
N GLU B 100 -4.80 52.94 -28.10
CA GLU B 100 -3.98 54.04 -28.62
C GLU B 100 -3.50 54.95 -27.50
N ASP B 101 -4.36 55.25 -26.53
CA ASP B 101 -3.94 56.06 -25.39
C ASP B 101 -2.92 55.34 -24.54
N MET B 102 -3.09 54.02 -24.38
CA MET B 102 -2.10 53.23 -23.65
C MET B 102 -0.75 53.26 -24.34
N LEU B 103 -0.74 53.12 -25.67
CA LEU B 103 0.51 53.21 -26.42
C LEU B 103 1.12 54.61 -26.30
N ARG B 104 0.29 55.65 -26.33
CA ARG B 104 0.79 57.02 -26.17
C ARG B 104 1.42 57.23 -24.81
N LYS B 105 0.79 56.72 -23.75
CA LYS B 105 1.36 56.85 -22.41
C LYS B 105 2.65 56.06 -22.29
N VAL B 106 2.72 54.86 -22.90
CA VAL B 106 3.94 54.08 -22.88
C VAL B 106 5.06 54.85 -23.57
N ARG B 107 4.76 55.45 -24.72
CA ARG B 107 5.77 56.21 -25.46
C ARG B 107 6.21 57.44 -24.66
N PHE B 108 5.28 58.11 -23.99
CA PHE B 108 5.63 59.27 -23.18
C PHE B 108 6.54 58.88 -22.03
N VAL B 109 6.23 57.76 -21.35
CA VAL B 109 7.08 57.30 -20.26
C VAL B 109 8.46 56.92 -20.79
N GLU B 110 8.52 56.24 -21.93
CA GLU B 110 9.80 55.83 -22.49
C GLU B 110 10.65 57.03 -22.89
N GLU B 111 10.03 58.05 -23.49
CA GLU B 111 10.81 59.22 -23.90
C GLU B 111 11.18 60.09 -22.71
N PHE B 112 10.38 60.09 -21.65
CA PHE B 112 10.73 60.84 -20.45
C PHE B 112 11.91 60.18 -19.73
N ALA B 113 11.83 58.87 -19.52
CA ALA B 113 12.91 58.13 -18.86
C ALA B 113 13.97 57.81 -19.90
N GLU B 114 15.06 58.57 -19.89
CA GLU B 114 16.09 58.41 -20.91
C GLU B 114 16.89 57.14 -20.68
N ILE B 115 16.24 55.99 -20.84
CA ILE B 115 16.85 54.69 -20.65
C ILE B 115 16.80 53.94 -21.98
N GLY B 116 17.87 53.23 -22.29
CA GLY B 116 17.98 52.54 -23.57
C GLY B 116 17.42 51.13 -23.53
N GLU B 117 18.29 50.14 -23.75
CA GLU B 117 17.85 48.76 -23.77
C GLU B 117 17.26 48.32 -22.44
N HIS B 118 17.71 48.93 -21.33
CA HIS B 118 17.24 48.52 -20.01
C HIS B 118 15.74 48.75 -19.83
N PHE B 119 15.12 49.58 -20.68
CA PHE B 119 13.67 49.75 -20.62
C PHE B 119 12.93 48.46 -20.95
N ASP B 120 13.58 47.52 -21.63
CA ASP B 120 12.98 46.24 -21.99
C ASP B 120 13.59 45.10 -21.17
N LEU B 121 13.86 45.36 -19.90
CA LEU B 121 14.42 44.40 -18.97
C LEU B 121 13.61 44.41 -17.69
N PRO B 122 13.67 43.34 -16.90
CA PRO B 122 12.92 43.31 -15.64
C PRO B 122 13.34 44.44 -14.71
N MET B 123 12.37 44.92 -13.91
CA MET B 123 12.62 46.07 -13.04
C MET B 123 13.55 45.75 -11.88
N LYS B 124 13.81 44.47 -11.59
CA LYS B 124 14.73 44.14 -10.50
C LYS B 124 16.17 44.54 -10.83
N THR B 125 16.57 44.44 -12.10
CA THR B 125 17.90 44.85 -12.53
C THR B 125 17.95 46.31 -12.96
N TYR B 126 17.45 47.17 -12.08
CA TYR B 126 17.46 48.61 -12.27
C TYR B 126 18.21 49.28 -11.14
N SER B 127 18.99 50.30 -11.48
CA SER B 127 19.56 51.17 -10.47
C SER B 127 18.46 52.05 -9.87
N SER B 128 18.78 52.69 -8.76
CA SER B 128 17.80 53.53 -8.08
C SER B 128 17.37 54.70 -8.95
N GLY B 129 18.32 55.33 -9.64
CA GLY B 129 17.98 56.50 -10.44
C GLY B 129 17.04 56.20 -11.58
N MET B 130 17.29 55.11 -12.31
CA MET B 130 16.42 54.78 -13.43
C MET B 130 15.05 54.32 -12.98
N ARG B 131 14.96 53.60 -11.85
CA ARG B 131 13.67 53.25 -11.29
C ARG B 131 12.90 54.51 -10.88
N SER B 132 13.59 55.49 -10.28
CA SER B 132 12.96 56.75 -9.93
C SER B 132 12.48 57.49 -11.18
N ARG B 133 13.27 57.46 -12.25
CA ARG B 133 12.88 58.11 -13.49
C ARG B 133 11.62 57.47 -14.07
N VAL B 134 11.58 56.13 -14.08
CA VAL B 134 10.40 55.43 -14.59
C VAL B 134 9.18 55.74 -13.75
N ALA B 135 9.34 55.74 -12.42
CA ALA B 135 8.22 56.02 -11.53
C ALA B 135 7.70 57.45 -11.73
N PHE B 136 8.60 58.42 -11.83
CA PHE B 136 8.18 59.80 -12.02
C PHE B 136 7.49 59.99 -13.36
N GLY B 137 8.01 59.37 -14.42
CA GLY B 137 7.35 59.44 -15.71
C GLY B 137 5.97 58.82 -15.70
N LEU B 138 5.85 57.66 -15.04
CA LEU B 138 4.54 57.00 -14.94
C LEU B 138 3.56 57.88 -14.17
N SER B 139 4.00 58.50 -13.08
CA SER B 139 3.12 59.38 -12.32
C SER B 139 2.70 60.59 -13.14
N MET B 140 3.64 61.18 -13.89
CA MET B 140 3.34 62.36 -14.69
C MET B 140 2.58 62.03 -15.98
N ALA B 141 2.46 60.74 -16.33
CA ALA B 141 1.77 60.37 -17.55
C ALA B 141 0.25 60.33 -17.39
N PHE B 142 -0.28 60.54 -16.18
CA PHE B 142 -1.70 60.49 -15.92
C PHE B 142 -2.22 61.86 -15.51
N ASP B 143 -3.45 62.15 -15.90
CA ASP B 143 -4.08 63.45 -15.65
C ASP B 143 -4.70 63.45 -14.26
N PHE B 144 -3.87 63.77 -13.27
CA PHE B 144 -4.31 63.95 -11.90
C PHE B 144 -4.34 65.44 -11.56
N ASP B 145 -4.65 65.74 -10.30
CA ASP B 145 -4.61 67.10 -9.80
C ASP B 145 -3.65 67.30 -8.63
N TYR B 146 -3.34 66.24 -7.88
CA TYR B 146 -2.35 66.29 -6.81
C TYR B 146 -1.43 65.08 -6.95
N TYR B 147 -0.13 65.31 -6.86
CA TYR B 147 0.87 64.26 -7.03
C TYR B 147 1.59 64.03 -5.71
N LEU B 148 1.73 62.76 -5.34
CA LEU B 148 2.29 62.37 -4.04
C LEU B 148 3.70 61.81 -4.28
N ILE B 149 4.69 62.69 -4.21
CA ILE B 149 6.09 62.30 -4.41
C ILE B 149 6.70 62.07 -3.02
N ASP B 150 7.02 60.81 -2.72
CA ASP B 150 7.56 60.45 -1.42
C ASP B 150 9.08 60.36 -1.53
N GLN B 151 9.71 61.54 -1.55
CA GLN B 151 11.16 61.74 -1.69
C GLN B 151 11.80 60.79 -2.70
N ALA B 152 11.12 60.56 -3.82
CA ALA B 152 11.65 59.70 -4.87
C ALA B 152 12.62 60.42 -5.80
N MET B 153 12.83 61.72 -5.60
CA MET B 153 13.71 62.50 -6.44
C MET B 153 15.08 62.73 -5.82
N ALA B 154 15.37 62.08 -4.69
CA ALA B 154 16.65 62.24 -4.03
C ALA B 154 17.78 61.48 -4.71
N VAL B 155 17.47 60.62 -5.69
CA VAL B 155 18.46 59.78 -6.34
C VAL B 155 18.51 60.08 -7.83
N GLY B 156 18.22 61.33 -8.20
CA GLY B 156 18.17 61.72 -9.60
C GLY B 156 19.27 62.71 -9.94
N ASP B 157 19.74 62.63 -11.19
CA ASP B 157 20.81 63.49 -11.65
C ASP B 157 20.28 64.91 -11.87
N ALA B 158 21.17 65.78 -12.33
CA ALA B 158 20.74 67.12 -12.74
C ALA B 158 19.81 67.05 -13.95
N GLN B 159 20.07 66.10 -14.85
CA GLN B 159 19.20 65.92 -16.01
C GLN B 159 17.80 65.53 -15.59
N PHE B 160 17.68 64.58 -14.65
CA PHE B 160 16.36 64.15 -14.19
C PHE B 160 15.63 65.28 -13.47
N ARG B 161 16.34 66.04 -12.64
CA ARG B 161 15.70 67.14 -11.94
C ARG B 161 15.24 68.23 -12.91
N ALA B 162 16.07 68.55 -13.90
CA ALA B 162 15.68 69.54 -14.90
C ALA B 162 14.46 69.07 -15.70
N LYS B 163 14.45 67.80 -16.11
CA LYS B 163 13.32 67.27 -16.87
C LYS B 163 12.06 67.25 -16.01
N SER B 164 12.18 66.91 -14.74
CA SER B 164 11.02 66.91 -13.84
C SER B 164 10.48 68.31 -13.66
N ARG B 165 11.37 69.30 -13.47
CA ARG B 165 10.93 70.68 -13.33
C ARG B 165 10.22 71.16 -14.59
N ALA B 166 10.78 70.83 -15.76
CA ALA B 166 10.15 71.24 -17.02
C ALA B 166 8.79 70.58 -17.20
N VAL B 167 8.69 69.28 -16.91
CA VAL B 167 7.44 68.57 -17.12
C VAL B 167 6.39 69.02 -16.11
N PHE B 168 6.80 69.46 -14.93
CA PHE B 168 5.83 70.00 -13.98
C PHE B 168 5.40 71.41 -14.36
N ASP B 169 6.32 72.23 -14.88
CA ASP B 169 5.95 73.55 -15.37
C ASP B 169 5.07 73.46 -16.60
N SER B 170 5.15 72.37 -17.36
CA SER B 170 4.28 72.21 -18.52
C SER B 170 2.81 72.13 -18.11
N ARG B 171 2.52 71.60 -16.92
CA ARG B 171 1.15 71.46 -16.43
C ARG B 171 1.04 72.03 -15.02
N VAL B 172 1.59 73.22 -14.81
CA VAL B 172 1.56 73.87 -13.50
C VAL B 172 0.28 74.67 -13.27
N GLY B 173 -0.49 74.96 -14.33
CA GLY B 173 -1.68 75.79 -14.16
C GLY B 173 -2.77 75.11 -13.35
N GLN B 174 -2.99 73.83 -13.58
CA GLN B 174 -4.10 73.10 -12.95
C GLN B 174 -3.66 72.10 -11.90
N ALA B 175 -2.57 71.39 -12.12
CA ALA B 175 -2.12 70.39 -11.16
C ALA B 175 -1.44 71.04 -9.96
N ASN B 176 -1.21 70.25 -8.92
CA ASN B 176 -0.58 70.73 -7.70
C ASN B 176 0.48 69.73 -7.26
N MET B 177 1.01 69.92 -6.06
CA MET B 177 2.21 69.23 -5.63
C MET B 177 2.19 69.03 -4.12
N ILE B 178 2.17 67.78 -3.69
CA ILE B 178 2.39 67.43 -2.28
C ILE B 178 3.67 66.60 -2.24
N LEU B 179 4.72 67.17 -1.65
CA LEU B 179 6.05 66.58 -1.69
C LEU B 179 6.63 66.50 -0.29
N VAL B 180 7.15 65.33 0.07
CA VAL B 180 7.94 65.16 1.29
C VAL B 180 9.39 65.01 0.89
N SER B 181 10.27 65.71 1.61
CA SER B 181 11.70 65.67 1.32
C SER B 181 12.45 66.17 2.54
N HIS B 182 13.70 65.74 2.66
CA HIS B 182 14.60 66.26 3.67
C HIS B 182 15.60 67.26 3.12
N ASN B 183 15.82 67.26 1.81
CA ASN B 183 16.56 68.34 1.18
C ASN B 183 15.69 69.59 1.17
N MET B 184 16.33 70.75 1.20
CA MET B 184 15.62 72.00 1.40
C MET B 184 15.46 72.85 0.14
N ASN B 185 16.41 72.81 -0.78
CA ASN B 185 16.32 73.68 -1.96
C ASN B 185 15.17 73.27 -2.87
N ASP B 186 14.96 71.96 -3.05
CA ASP B 186 13.85 71.51 -3.89
C ASP B 186 12.50 71.90 -3.27
N ILE B 187 12.39 71.78 -1.95
CA ILE B 187 11.16 72.14 -1.27
C ILE B 187 10.87 73.63 -1.43
N LYS B 188 11.91 74.46 -1.29
CA LYS B 188 11.74 75.90 -1.50
C LYS B 188 11.34 76.21 -2.94
N GLU B 189 11.95 75.51 -3.90
CA GLU B 189 11.71 75.81 -5.32
C GLU B 189 10.42 75.21 -5.85
N TYR B 190 9.79 74.28 -5.13
CA TYR B 190 8.55 73.66 -5.59
C TYR B 190 7.32 74.06 -4.77
N CYS B 191 7.43 74.07 -3.44
CA CYS B 191 6.27 74.24 -2.58
C CYS B 191 6.03 75.71 -2.25
N ASP B 192 4.76 76.03 -1.97
CA ASP B 192 4.36 77.39 -1.61
C ASP B 192 4.05 77.57 -0.12
N VAL B 193 3.61 76.51 0.56
CA VAL B 193 3.40 76.53 1.99
C VAL B 193 4.11 75.32 2.58
N VAL B 194 4.00 75.16 3.91
CA VAL B 194 4.68 74.08 4.62
C VAL B 194 3.71 73.43 5.58
N VAL B 195 3.74 72.10 5.64
CA VAL B 195 3.02 71.35 6.65
C VAL B 195 4.04 70.55 7.45
N LEU B 196 4.13 70.83 8.74
CA LEU B 196 5.10 70.21 9.63
C LEU B 196 4.37 69.25 10.56
N VAL B 197 4.82 68.00 10.61
CA VAL B 197 4.32 67.02 11.56
C VAL B 197 5.43 66.70 12.55
N ASP B 198 5.10 66.74 13.84
CA ASP B 198 6.11 66.60 14.88
C ASP B 198 5.92 65.33 15.71
N GLN B 199 4.76 65.16 16.36
CA GLN B 199 4.51 63.96 17.15
C GLN B 199 3.29 63.19 16.62
N GLY B 200 2.12 63.81 16.61
CA GLY B 200 0.93 63.23 16.03
C GLY B 200 0.04 64.28 15.41
N GLN B 201 0.56 65.51 15.35
CA GLN B 201 -0.21 66.66 14.90
C GLN B 201 0.50 67.35 13.75
N ALA B 202 -0.28 67.94 12.87
CA ALA B 202 0.24 68.70 11.72
C ALA B 202 -0.06 70.18 11.93
N THR B 203 0.90 71.01 11.50
CA THR B 203 0.78 72.46 11.63
C THR B 203 1.11 73.09 10.29
N LEU B 204 0.40 74.17 9.96
CA LEU B 204 0.53 74.83 8.67
C LEU B 204 1.31 76.12 8.83
N TYR B 205 2.34 76.28 8.00
CA TYR B 205 3.12 77.51 7.92
C TYR B 205 2.90 78.11 6.53
N GLU B 206 2.18 79.23 6.48
CA GLU B 206 1.94 79.91 5.21
C GLU B 206 3.24 80.41 4.60
N ASP B 207 4.22 80.75 5.43
CA ASP B 207 5.55 81.10 4.96
C ASP B 207 6.40 79.84 4.93
N VAL B 208 7.08 79.61 3.79
CA VAL B 208 7.94 78.43 3.66
C VAL B 208 9.10 78.51 4.64
N GLU B 209 9.71 79.69 4.75
CA GLU B 209 10.92 79.84 5.57
C GLU B 209 10.62 79.64 7.04
N ALA B 210 9.45 80.08 7.51
CA ALA B 210 9.10 79.89 8.91
C ALA B 210 8.98 78.41 9.25
N GLY B 211 8.31 77.64 8.40
CA GLY B 211 8.19 76.21 8.63
C GLY B 211 9.53 75.50 8.52
N ILE B 212 10.36 75.92 7.56
CA ILE B 212 11.69 75.33 7.41
C ILE B 212 12.53 75.57 8.65
N ALA B 213 12.49 76.80 9.18
CA ALA B 213 13.24 77.11 10.39
C ALA B 213 12.71 76.34 11.59
N ALA B 214 11.38 76.21 11.70
CA ALA B 214 10.80 75.47 12.81
C ALA B 214 11.19 73.99 12.75
N TYR B 215 11.19 73.40 11.56
CA TYR B 215 11.57 72.00 11.43
C TYR B 215 13.06 71.80 11.68
N GLN B 216 13.90 72.71 11.17
CA GLN B 216 15.34 72.58 11.38
C GLN B 216 15.71 72.71 12.85
N GLY B 217 15.08 73.64 13.56
CA GLY B 217 15.36 73.85 14.97
C GLY B 217 14.23 73.39 15.87
N VAL C 15 46.01 39.51 14.88
CA VAL C 15 46.73 40.33 13.92
C VAL C 15 46.12 40.17 12.53
N LYS C 16 46.69 39.25 11.74
CA LYS C 16 46.19 39.00 10.40
C LYS C 16 44.87 38.25 10.37
N ARG C 17 44.54 37.53 11.44
CA ARG C 17 43.29 36.78 11.55
C ARG C 17 43.16 35.77 10.40
N SER C 18 44.05 34.77 10.45
CA SER C 18 44.16 33.66 9.49
C SER C 18 42.79 33.14 9.09
N PRO C 19 42.62 32.71 7.83
CA PRO C 19 41.26 32.43 7.32
C PRO C 19 40.48 31.39 8.10
N TRP C 20 41.16 30.48 8.81
CA TRP C 20 40.43 29.53 9.65
C TRP C 20 39.70 30.24 10.78
N GLN C 21 40.36 31.23 11.41
CA GLN C 21 39.72 31.98 12.48
C GLN C 21 38.53 32.77 11.96
N ILE C 22 38.67 33.41 10.80
CA ILE C 22 37.57 34.15 10.20
C ILE C 22 36.41 33.20 9.89
N GLN C 23 36.72 32.04 9.32
CA GLN C 23 35.68 31.07 8.99
C GLN C 23 34.95 30.59 10.23
N GLN C 24 35.68 30.28 11.30
CA GLN C 24 35.03 29.78 12.51
C GLN C 24 34.21 30.86 13.20
N ALA C 25 34.69 32.11 13.17
CA ALA C 25 33.91 33.21 13.74
C ALA C 25 32.62 33.44 12.95
N VAL C 26 32.72 33.42 11.62
CA VAL C 26 31.53 33.58 10.78
C VAL C 26 30.55 32.43 11.02
N LEU C 27 31.07 31.21 11.13
CA LEU C 27 30.22 30.06 11.36
C LEU C 27 29.50 30.16 12.70
N PHE C 28 30.22 30.59 13.75
CA PHE C 28 29.59 30.73 15.06
C PHE C 28 28.52 31.82 15.04
N ALA C 29 28.81 32.95 14.40
CA ALA C 29 27.82 34.03 14.31
C ALA C 29 26.59 33.60 13.53
N LEU C 30 26.79 32.89 12.42
CA LEU C 30 25.67 32.40 11.64
C LEU C 30 24.86 31.37 12.42
N PHE C 31 25.54 30.50 13.17
CA PHE C 31 24.87 29.54 14.02
C PHE C 31 23.97 30.25 15.03
N LEU C 32 24.51 31.26 15.71
CA LEU C 32 23.72 32.01 16.68
C LEU C 32 22.56 32.73 16.01
N ARG C 33 22.76 33.23 14.78
CA ARG C 33 21.71 33.94 14.08
C ARG C 33 20.55 33.01 13.72
N GLU C 34 20.85 31.88 13.08
CA GLU C 34 19.78 30.98 12.66
C GLU C 34 19.25 30.10 13.79
N LEU C 35 19.89 30.09 14.95
CA LEU C 35 19.32 29.38 16.09
C LEU C 35 17.98 29.98 16.49
N LYS C 36 17.88 31.32 16.51
CA LYS C 36 16.62 31.96 16.83
C LYS C 36 15.55 31.64 15.78
N THR C 37 15.92 31.65 14.50
CA THR C 37 14.94 31.43 13.44
C THR C 37 14.55 29.97 13.30
N ARG C 38 15.35 29.03 13.78
CA ARG C 38 15.04 27.63 13.56
C ARG C 38 13.97 27.13 14.52
N LEU C 39 14.27 27.09 15.81
CA LEU C 39 13.32 26.60 16.81
C LEU C 39 12.53 27.73 17.45
N GLY C 40 11.94 28.59 16.62
CA GLY C 40 11.11 29.68 17.11
C GLY C 40 11.86 30.77 17.84
N GLY C 41 11.28 31.98 17.88
CA GLY C 41 11.89 33.06 18.61
C GLY C 41 11.70 32.99 20.11
N ARG C 42 10.73 32.21 20.57
CA ARG C 42 10.44 32.05 21.99
C ARG C 42 10.56 30.58 22.41
N TRP C 43 11.40 29.82 21.70
CA TRP C 43 11.60 28.38 21.95
C TRP C 43 10.29 27.61 21.86
N LEU C 44 9.43 28.01 20.91
CA LEU C 44 8.17 27.32 20.69
C LEU C 44 8.28 26.20 19.67
N GLY C 45 9.42 26.05 19.02
CA GLY C 45 9.59 25.01 18.02
C GLY C 45 10.31 23.78 18.53
N VAL C 46 11.09 23.94 19.60
CA VAL C 46 11.84 22.81 20.14
C VAL C 46 10.89 21.73 20.66
N PHE C 47 9.81 22.14 21.33
CA PHE C 47 8.81 21.17 21.76
C PHE C 47 8.13 20.51 20.56
N TRP C 48 7.93 21.26 19.48
CA TRP C 48 7.30 20.70 18.29
C TRP C 48 8.16 19.57 17.72
N VAL C 49 9.47 19.81 17.56
CA VAL C 49 10.35 18.76 17.06
C VAL C 49 10.56 17.67 18.11
N LEU C 50 10.28 17.95 19.37
CA LEU C 50 10.35 16.90 20.39
C LEU C 50 9.18 15.93 20.25
N LEU C 51 7.96 16.45 20.08
CA LEU C 51 6.78 15.59 20.04
C LEU C 51 6.39 15.17 18.63
N GLU C 52 7.08 15.66 17.60
CA GLU C 52 6.81 15.19 16.25
C GLU C 52 7.11 13.71 16.05
N PRO C 53 8.27 13.17 16.46
CA PRO C 53 8.49 11.72 16.29
C PRO C 53 7.47 10.87 17.03
N VAL C 54 7.09 11.26 18.24
CA VAL C 54 6.10 10.46 18.97
C VAL C 54 4.74 10.56 18.28
N ALA C 55 4.43 11.70 17.68
CA ALA C 55 3.19 11.84 16.92
C ALA C 55 3.21 10.93 15.70
N HIS C 56 4.36 10.78 15.06
CA HIS C 56 4.49 9.85 13.94
C HIS C 56 4.29 8.41 14.40
N ILE C 57 5.03 7.99 15.43
CA ILE C 57 4.99 6.59 15.84
C ILE C 57 3.63 6.22 16.43
N ALA C 58 2.92 7.16 17.06
CA ALA C 58 1.62 6.83 17.63
C ALA C 58 0.68 6.32 16.55
N VAL C 59 0.49 7.10 15.49
CA VAL C 59 -0.39 6.68 14.40
C VAL C 59 0.19 5.49 13.65
N MET C 60 1.52 5.44 13.51
CA MET C 60 2.14 4.34 12.77
C MET C 60 1.86 2.99 13.43
N THR C 61 2.15 2.87 14.73
CA THR C 61 1.81 1.63 15.43
C THR C 61 0.30 1.43 15.49
N THR C 62 -0.47 2.51 15.67
CA THR C 62 -1.91 2.38 15.76
C THR C 62 -2.49 1.69 14.52
N LEU C 63 -1.95 1.99 13.34
CA LEU C 63 -2.47 1.38 12.13
C LEU C 63 -1.60 0.23 11.59
N PHE C 64 -0.48 -0.11 12.24
CA PHE C 64 0.36 -1.18 11.70
C PHE C 64 0.92 -2.15 12.73
N SER C 65 0.40 -2.18 13.97
CA SER C 65 0.98 -3.05 14.99
C SER C 65 0.85 -4.52 14.61
N LEU C 66 -0.37 -4.96 14.28
CA LEU C 66 -0.57 -6.36 13.93
C LEU C 66 0.11 -6.70 12.61
N ALA C 67 0.14 -5.75 11.68
CA ALA C 67 0.84 -5.98 10.41
C ALA C 67 2.33 -6.22 10.63
N HIS C 68 2.96 -5.42 11.49
CA HIS C 68 4.38 -5.64 11.78
C HIS C 68 4.61 -6.91 12.58
N ARG C 69 3.68 -7.24 13.49
CA ARG C 69 3.81 -8.48 14.24
C ARG C 69 3.76 -9.69 13.33
N ALA C 70 2.85 -9.68 12.35
CA ALA C 70 2.78 -10.77 11.38
C ALA C 70 3.97 -10.75 10.43
N ALA C 71 4.46 -9.57 10.07
CA ALA C 71 5.58 -9.48 9.14
C ALA C 71 6.86 -10.06 9.74
N MET C 72 7.21 -9.65 10.95
CA MET C 72 8.38 -10.19 11.62
C MET C 72 8.25 -10.06 13.14
N PRO C 73 8.40 -11.16 13.87
CA PRO C 73 8.47 -11.07 15.33
C PRO C 73 9.87 -10.73 15.81
N SER C 74 10.08 -10.75 17.13
CA SER C 74 11.34 -10.53 17.82
C SER C 74 11.84 -9.09 17.70
N ILE C 75 11.12 -8.21 17.01
CA ILE C 75 11.48 -6.80 16.91
C ILE C 75 10.25 -5.99 17.27
N GLU C 76 10.35 -5.16 18.30
CA GLU C 76 9.24 -4.31 18.70
C GLU C 76 9.06 -3.18 17.68
N TYR C 77 7.80 -2.92 17.33
CA TYR C 77 7.51 -1.88 16.34
C TYR C 77 7.98 -0.49 16.73
N PRO C 78 7.81 -0.01 17.98
CA PRO C 78 8.36 1.32 18.30
C PRO C 78 9.86 1.44 18.07
N VAL C 79 10.64 0.42 18.42
CA VAL C 79 12.07 0.49 18.21
C VAL C 79 12.41 0.46 16.72
N PHE C 80 11.70 -0.38 15.96
CA PHE C 80 11.92 -0.44 14.52
C PHE C 80 11.61 0.91 13.86
N LEU C 81 10.54 1.58 14.30
CA LEU C 81 10.20 2.87 13.75
C LEU C 81 11.20 3.94 14.17
N ILE C 82 11.66 3.89 15.42
CA ILE C 82 12.60 4.88 15.92
C ILE C 82 13.94 4.76 15.19
N THR C 83 14.39 3.54 14.94
CA THR C 83 15.68 3.33 14.29
C THR C 83 15.69 3.80 12.83
N GLY C 84 14.54 4.11 12.25
CA GLY C 84 14.49 4.57 10.88
C GLY C 84 13.96 5.99 10.72
N LEU C 85 13.26 6.48 11.74
CA LEU C 85 12.67 7.82 11.64
C LEU C 85 13.73 8.90 11.78
N ILE C 86 14.45 8.90 12.90
CA ILE C 86 15.39 10.00 13.18
C ILE C 86 16.48 10.12 12.12
N PRO C 87 17.10 9.05 11.62
CA PRO C 87 18.01 9.23 10.46
C PRO C 87 17.31 9.85 9.26
N PHE C 88 16.08 9.46 8.99
CA PHE C 88 15.35 10.07 7.88
C PHE C 88 14.99 11.52 8.18
N PHE C 89 14.70 11.85 9.45
CA PHE C 89 14.49 13.24 9.82
C PHE C 89 15.76 14.05 9.60
N MET C 90 16.92 13.50 9.98
CA MET C 90 18.20 14.12 9.69
C MET C 90 18.35 14.41 8.21
N PHE C 91 18.11 13.39 7.38
CA PHE C 91 18.30 13.55 5.93
C PHE C 91 17.36 14.60 5.35
N ARG C 92 16.08 14.51 5.68
CA ARG C 92 15.08 15.42 5.13
C ARG C 92 15.35 16.86 5.57
N GLY C 93 15.58 17.06 6.86
CA GLY C 93 15.85 18.40 7.34
C GLY C 93 17.15 18.95 6.81
N LEU C 94 18.16 18.09 6.65
CA LEU C 94 19.42 18.52 6.04
C LEU C 94 19.17 19.06 4.65
N VAL C 95 18.42 18.31 3.83
CA VAL C 95 18.13 18.77 2.48
C VAL C 95 17.40 20.11 2.51
N THR C 96 16.34 20.20 3.33
CA THR C 96 15.50 21.40 3.34
C THR C 96 16.27 22.63 3.80
N ARG C 97 16.92 22.54 4.97
CA ARG C 97 17.61 23.70 5.51
C ARG C 97 18.84 24.06 4.69
N LEU C 98 19.56 23.06 4.15
CA LEU C 98 20.68 23.33 3.28
C LEU C 98 20.22 24.07 2.03
N MET C 99 19.04 23.72 1.50
CA MET C 99 18.48 24.46 0.38
C MET C 99 18.16 25.90 0.76
N GLU C 100 17.44 26.09 1.86
CA GLU C 100 16.93 27.42 2.19
C GLU C 100 17.99 28.34 2.80
N ALA C 101 19.15 27.81 3.18
CA ALA C 101 20.16 28.64 3.85
C ALA C 101 20.67 29.76 2.95
N ILE C 102 20.88 29.47 1.66
CA ILE C 102 21.50 30.45 0.77
C ILE C 102 20.56 31.63 0.53
N ASP C 103 19.27 31.36 0.33
CA ASP C 103 18.30 32.42 0.11
C ASP C 103 17.81 33.06 1.39
N SER C 104 18.05 32.44 2.55
CA SER C 104 17.60 33.03 3.81
C SER C 104 18.40 34.27 4.17
N ASN C 105 19.70 34.29 3.85
CA ASN C 105 20.56 35.37 4.28
C ASN C 105 21.11 36.16 3.09
N ARG C 106 20.24 36.51 2.15
CA ARG C 106 20.67 37.28 0.98
C ARG C 106 21.23 38.64 1.39
N GLY C 107 20.56 39.31 2.33
CA GLY C 107 21.03 40.61 2.78
C GLY C 107 22.29 40.56 3.60
N LEU C 108 22.59 39.42 4.23
CA LEU C 108 23.79 39.30 5.04
C LEU C 108 25.06 39.18 4.22
N PHE C 109 24.95 38.99 2.90
CA PHE C 109 26.12 38.94 2.04
C PHE C 109 26.62 40.34 1.74
N ALA C 110 26.91 41.11 2.81
CA ALA C 110 27.34 42.50 2.64
C ALA C 110 28.48 42.86 3.58
N TYR C 111 29.29 41.89 4.01
CA TYR C 111 30.33 42.17 4.99
C TYR C 111 31.67 41.54 4.65
N ARG C 112 31.88 41.11 3.40
CA ARG C 112 33.14 40.62 2.85
C ARG C 112 33.58 39.29 3.45
N GLN C 113 32.85 38.75 4.42
CA GLN C 113 33.24 37.50 5.07
C GLN C 113 32.15 36.46 5.12
N VAL C 114 30.89 36.82 4.88
CA VAL C 114 29.78 35.86 4.93
C VAL C 114 29.67 35.25 3.54
N LYS C 115 30.49 34.23 3.30
CA LYS C 115 30.40 33.50 2.05
C LYS C 115 29.13 32.63 2.05
N PRO C 116 28.57 32.36 0.87
CA PRO C 116 27.34 31.55 0.81
C PRO C 116 27.48 30.15 1.40
N ILE C 117 28.67 29.55 1.29
CA ILE C 117 28.86 28.21 1.83
C ILE C 117 28.77 28.21 3.35
N ASP C 118 29.13 29.33 3.99
CA ASP C 118 29.11 29.39 5.45
C ASP C 118 27.70 29.25 6.01
N THR C 119 26.70 29.79 5.31
CA THR C 119 25.33 29.68 5.77
C THR C 119 24.89 28.21 5.83
N VAL C 120 25.15 27.46 4.77
CA VAL C 120 24.74 26.06 4.75
C VAL C 120 25.57 25.25 5.74
N ILE C 121 26.85 25.59 5.92
CA ILE C 121 27.68 24.86 6.89
C ILE C 121 27.17 25.09 8.30
N ALA C 122 26.83 26.34 8.65
CA ALA C 122 26.29 26.63 9.96
C ALA C 122 24.93 25.96 10.18
N ARG C 123 24.09 25.96 9.16
CA ARG C 123 22.79 25.28 9.28
C ARG C 123 22.97 23.80 9.55
N ALA C 124 23.87 23.15 8.80
CA ALA C 124 24.13 21.73 9.01
C ALA C 124 24.70 21.47 10.40
N MET C 125 25.65 22.30 10.84
CA MET C 125 26.28 22.08 12.13
C MET C 125 25.33 22.31 13.29
N LEU C 126 24.33 23.19 13.11
CA LEU C 126 23.30 23.36 14.13
C LEU C 126 22.35 22.16 14.13
N GLU C 127 21.90 21.75 12.95
CA GLU C 127 20.80 20.79 12.91
C GLU C 127 21.27 19.38 13.20
N ILE C 128 22.50 19.00 12.84
CA ILE C 128 22.99 17.68 13.21
C ILE C 128 23.11 17.56 14.72
N SER C 129 23.50 18.65 15.39
CA SER C 129 23.53 18.64 16.85
C SER C 129 22.12 18.52 17.44
N LEU C 130 21.16 19.26 16.89
CA LEU C 130 19.79 19.15 17.37
C LEU C 130 19.23 17.74 17.18
N GLN C 131 19.51 17.14 16.02
CA GLN C 131 19.01 15.80 15.75
C GLN C 131 19.70 14.74 16.60
N SER C 132 21.00 14.93 16.89
CA SER C 132 21.67 14.03 17.82
C SER C 132 21.05 14.14 19.21
N ILE C 133 20.71 15.35 19.63
CA ILE C 133 20.07 15.54 20.93
C ILE C 133 18.73 14.80 20.98
N VAL C 134 17.90 14.99 19.95
CA VAL C 134 16.58 14.36 20.00
C VAL C 134 16.71 12.84 19.85
N TYR C 135 17.72 12.36 19.12
CA TYR C 135 17.99 10.92 19.07
C TYR C 135 18.35 10.38 20.45
N LEU C 136 19.20 11.10 21.19
CA LEU C 136 19.55 10.67 22.54
C LEU C 136 18.32 10.64 23.44
N ILE C 137 17.46 11.66 23.35
CA ILE C 137 16.25 11.68 24.17
C ILE C 137 15.32 10.53 23.80
N ALA C 138 15.19 10.25 22.50
CA ALA C 138 14.33 9.16 22.06
C ALA C 138 14.85 7.81 22.54
N LEU C 139 16.17 7.61 22.47
CA LEU C 139 16.76 6.37 22.96
C LEU C 139 16.54 6.23 24.47
N GLY C 140 16.72 7.31 25.21
CA GLY C 140 16.46 7.27 26.65
C GLY C 140 15.02 6.96 26.97
N THR C 141 14.08 7.56 26.23
CA THR C 141 12.66 7.28 26.43
C THR C 141 12.33 5.84 26.13
N LEU C 142 12.88 5.30 25.03
CA LEU C 142 12.64 3.89 24.70
C LEU C 142 13.20 2.97 25.77
N GLY C 143 14.39 3.30 26.29
CA GLY C 143 14.94 2.52 27.39
C GLY C 143 14.13 2.60 28.66
N TRP C 144 13.51 3.76 28.92
CA TRP C 144 12.70 3.92 30.12
C TRP C 144 11.43 3.09 30.09
N LEU C 145 10.97 2.70 28.90
CA LEU C 145 9.75 1.91 28.76
C LEU C 145 10.02 0.42 28.68
N GLY C 146 11.27 -0.01 28.90
CA GLY C 146 11.61 -1.42 28.85
C GLY C 146 11.93 -1.96 27.48
N PHE C 147 11.88 -1.12 26.45
CA PHE C 147 12.20 -1.57 25.11
C PHE C 147 13.70 -1.75 24.93
N HIS C 148 14.09 -2.44 23.87
CA HIS C 148 15.49 -2.56 23.53
C HIS C 148 15.98 -1.26 22.92
N PHE C 149 17.05 -0.71 23.48
CA PHE C 149 17.55 0.59 23.07
C PHE C 149 19.05 0.65 22.83
N LEU C 150 19.83 -0.26 23.41
CA LEU C 150 21.28 -0.26 23.20
C LEU C 150 21.63 -1.02 21.94
N PRO C 151 22.30 -0.41 20.97
CA PRO C 151 22.69 -1.14 19.76
C PRO C 151 23.71 -2.21 20.05
N VAL C 152 23.64 -3.30 19.29
CA VAL C 152 24.60 -4.39 19.46
C VAL C 152 25.98 -3.97 18.97
N ARG C 153 26.06 -3.28 17.83
CA ARG C 153 27.31 -2.83 17.23
C ARG C 153 27.18 -1.34 16.95
N ALA C 154 27.59 -0.52 17.91
CA ALA C 154 27.41 0.92 17.81
C ALA C 154 28.39 1.58 16.85
N LEU C 155 29.58 0.99 16.67
CA LEU C 155 30.58 1.61 15.81
C LEU C 155 30.14 1.59 14.34
N GLU C 156 29.65 0.44 13.88
CA GLU C 156 29.19 0.35 12.49
C GLU C 156 27.95 1.20 12.28
N LEU C 157 27.07 1.28 13.29
CA LEU C 157 25.91 2.17 13.20
C LEU C 157 26.34 3.62 13.09
N ALA C 158 27.35 4.02 13.86
CA ALA C 158 27.87 5.38 13.78
C ALA C 158 28.47 5.66 12.41
N GLY C 159 29.20 4.69 11.84
CA GLY C 159 29.76 4.86 10.51
C GLY C 159 28.68 5.03 9.46
N VAL C 160 27.64 4.19 9.50
CA VAL C 160 26.54 4.30 8.55
C VAL C 160 25.84 5.65 8.72
N SER C 161 25.62 6.07 9.96
CA SER C 161 24.98 7.36 10.21
C SER C 161 25.81 8.51 9.68
N ALA C 162 27.14 8.44 9.84
CA ALA C 162 28.01 9.49 9.32
C ALA C 162 27.95 9.54 7.79
N VAL C 163 27.95 8.38 7.15
CA VAL C 163 27.86 8.35 5.69
C VAL C 163 26.54 8.95 5.23
N LEU C 164 25.44 8.60 5.91
CA LEU C 164 24.14 9.17 5.57
C LEU C 164 24.12 10.68 5.79
N ILE C 165 24.71 11.15 6.88
CA ILE C 165 24.73 12.58 7.19
C ILE C 165 25.48 13.33 6.11
N MET C 166 26.65 12.83 5.70
CA MET C 166 27.44 13.56 4.73
C MET C 166 26.80 13.47 3.34
N LEU C 167 26.12 12.36 3.04
CA LEU C 167 25.33 12.29 1.80
C LEU C 167 24.23 13.33 1.79
N GLY C 168 23.50 13.47 2.91
CA GLY C 168 22.44 14.46 2.98
C GLY C 168 22.96 15.88 2.85
N ALA C 169 24.09 16.18 3.52
CA ALA C 169 24.69 17.50 3.40
C ALA C 169 25.13 17.78 1.97
N SER C 170 25.72 16.78 1.31
CA SER C 170 26.12 16.94 -0.08
C SER C 170 24.92 17.24 -0.98
N LEU C 171 23.85 16.47 -0.84
CA LEU C 171 22.68 16.68 -1.67
C LEU C 171 22.05 18.04 -1.41
N GLY C 172 22.02 18.46 -0.14
CA GLY C 172 21.50 19.78 0.19
C GLY C 172 22.32 20.89 -0.42
N LEU C 173 23.65 20.77 -0.35
CA LEU C 173 24.51 21.80 -0.96
C LEU C 173 24.33 21.84 -2.47
N PHE C 174 24.24 20.67 -3.11
CA PHE C 174 24.02 20.65 -4.56
C PHE C 174 22.71 21.30 -4.94
N PHE C 175 21.64 20.98 -4.21
CA PHE C 175 20.35 21.60 -4.49
C PHE C 175 20.38 23.10 -4.23
N ALA C 176 21.07 23.53 -3.18
CA ALA C 176 21.17 24.95 -2.88
C ALA C 176 21.90 25.70 -3.99
N VAL C 177 22.97 25.11 -4.52
CA VAL C 177 23.75 25.83 -5.53
C VAL C 177 23.06 25.77 -6.89
N VAL C 178 22.24 24.74 -7.14
CA VAL C 178 21.60 24.62 -8.45
C VAL C 178 20.29 25.40 -8.49
N THR C 179 19.40 25.13 -7.55
CA THR C 179 18.03 25.65 -7.61
C THR C 179 17.96 27.14 -7.35
N ASN C 180 19.03 27.73 -6.80
CA ASN C 180 19.01 29.13 -6.35
C ASN C 180 18.53 30.08 -7.46
N GLU C 181 18.88 29.79 -8.71
CA GLU C 181 18.39 30.60 -9.81
C GLU C 181 16.94 30.29 -10.19
N ILE C 182 16.38 29.20 -9.70
CA ILE C 182 15.00 28.81 -10.02
C ILE C 182 14.22 28.71 -8.72
N PRO C 183 13.58 29.80 -8.26
CA PRO C 183 12.93 29.77 -6.94
C PRO C 183 11.81 28.74 -6.83
N GLN C 184 11.08 28.47 -7.91
CA GLN C 184 9.98 27.53 -7.84
C GLN C 184 10.42 26.07 -7.90
N ALA C 185 11.73 25.82 -8.08
CA ALA C 185 12.22 24.44 -8.10
C ALA C 185 12.26 23.82 -6.71
N ARG C 186 12.37 24.65 -5.66
CA ARG C 186 12.49 24.13 -4.30
C ARG C 186 11.31 23.23 -3.96
N ALA C 187 10.10 23.69 -4.25
CA ALA C 187 8.91 22.88 -3.99
C ALA C 187 8.99 21.55 -4.72
N ILE C 188 9.55 21.55 -5.93
CA ILE C 188 9.66 20.33 -6.72
C ILE C 188 10.48 19.28 -5.97
N VAL C 189 11.44 19.72 -5.16
CA VAL C 189 12.20 18.80 -4.30
C VAL C 189 11.82 18.93 -2.84
N ARG C 190 10.89 19.84 -2.50
CA ARG C 190 10.36 19.86 -1.14
C ARG C 190 9.32 18.78 -0.91
N ILE C 191 8.54 18.45 -1.94
CA ILE C 191 7.55 17.39 -1.83
C ILE C 191 8.13 16.03 -2.17
N SER C 192 9.19 15.98 -2.97
CA SER C 192 9.77 14.72 -3.40
C SER C 192 10.34 13.92 -2.23
N LEU C 193 10.57 14.56 -1.08
CA LEU C 193 11.02 13.83 0.09
C LEU C 193 9.92 12.92 0.63
N LEU C 194 8.65 13.30 0.47
CA LEU C 194 7.57 12.47 0.99
C LEU C 194 7.49 11.08 0.38
N PRO C 195 7.62 10.88 -0.94
CA PRO C 195 7.72 9.50 -1.43
C PRO C 195 8.90 8.74 -0.88
N LEU C 196 10.03 9.42 -0.62
CA LEU C 196 11.18 8.76 -0.02
C LEU C 196 10.86 8.25 1.38
N TYR C 197 9.88 8.86 2.05
CA TYR C 197 9.42 8.40 3.36
C TYR C 197 8.64 7.09 3.27
N PHE C 198 8.27 6.65 2.07
CA PHE C 198 7.50 5.44 1.90
C PHE C 198 8.20 4.39 1.03
N VAL C 199 9.36 4.70 0.47
CA VAL C 199 10.10 3.77 -0.37
C VAL C 199 11.46 3.40 0.22
N SER C 200 11.85 4.00 1.35
CA SER C 200 13.12 3.71 1.99
C SER C 200 13.02 2.61 3.04
N GLY C 201 11.84 2.01 3.21
CA GLY C 201 11.67 0.96 4.19
C GLY C 201 11.58 1.43 5.62
N VAL C 202 11.48 2.74 5.85
CA VAL C 202 11.40 3.26 7.21
C VAL C 202 10.05 2.89 7.84
N ILE C 203 8.96 3.05 7.09
CA ILE C 203 7.63 2.81 7.64
C ILE C 203 7.40 1.32 7.89
N PHE C 204 7.73 0.49 6.90
CA PHE C 204 7.48 -0.94 6.97
C PHE C 204 8.72 -1.71 6.53
N PRO C 205 8.93 -2.91 7.07
CA PRO C 205 10.05 -3.73 6.61
C PRO C 205 9.95 -4.07 5.14
N VAL C 206 11.10 -4.13 4.46
CA VAL C 206 11.13 -4.40 3.03
C VAL C 206 11.04 -5.88 2.72
N HIS C 207 11.11 -6.74 3.75
CA HIS C 207 11.02 -8.18 3.53
C HIS C 207 9.69 -8.62 2.93
N THR C 208 8.65 -7.79 3.06
CA THR C 208 7.33 -8.11 2.53
C THR C 208 7.08 -7.53 1.14
N ILE C 209 8.06 -6.86 0.54
CA ILE C 209 7.89 -6.26 -0.77
C ILE C 209 7.91 -7.38 -1.81
N PRO C 210 7.16 -7.26 -2.91
CA PRO C 210 7.27 -8.24 -3.99
C PRO C 210 8.66 -8.25 -4.57
N PRO C 211 9.20 -9.44 -4.88
CA PRO C 211 10.58 -9.52 -5.41
C PRO C 211 10.82 -8.75 -6.70
N GLN C 212 9.83 -8.72 -7.60
CA GLN C 212 10.06 -8.11 -8.92
C GLN C 212 10.29 -6.61 -8.83
N TYR C 213 9.86 -5.96 -7.75
CA TYR C 213 10.13 -4.55 -7.54
C TYR C 213 11.41 -4.30 -6.77
N LEU C 214 12.08 -5.35 -6.32
CA LEU C 214 13.28 -5.22 -5.48
C LEU C 214 14.45 -4.51 -6.17
N PRO C 215 14.85 -4.87 -7.40
CA PRO C 215 16.05 -4.21 -7.97
C PRO C 215 15.87 -2.70 -8.16
N LEU C 216 14.76 -2.28 -8.77
CA LEU C 216 14.52 -0.85 -8.96
C LEU C 216 14.42 -0.12 -7.64
N LEU C 217 13.89 -0.77 -6.61
CA LEU C 217 13.82 -0.15 -5.29
C LEU C 217 15.21 -0.07 -4.65
N GLN C 218 16.13 -0.92 -5.08
CA GLN C 218 17.47 -0.90 -4.50
C GLN C 218 18.31 0.25 -5.03
N LEU C 219 17.81 0.97 -6.04
CA LEU C 219 18.55 2.12 -6.57
C LEU C 219 18.64 3.26 -5.57
N ASN C 220 17.77 3.29 -4.56
CA ASN C 220 17.77 4.34 -3.54
C ASN C 220 18.86 4.06 -2.52
N PRO C 221 19.87 4.94 -2.40
CA PRO C 221 20.89 4.73 -1.38
C PRO C 221 20.38 4.89 0.04
N VAL C 222 19.30 5.67 0.22
CA VAL C 222 18.75 5.87 1.56
C VAL C 222 18.21 4.56 2.10
N LEU C 223 17.62 3.73 1.23
CA LEU C 223 17.16 2.41 1.65
C LEU C 223 18.31 1.56 2.14
N HIS C 224 19.43 1.56 1.41
CA HIS C 224 20.59 0.80 1.82
C HIS C 224 21.12 1.29 3.15
N LEU C 225 21.19 2.60 3.34
CA LEU C 225 21.72 3.15 4.58
C LEU C 225 20.80 2.84 5.76
N ILE C 226 19.48 2.92 5.56
CA ILE C 226 18.55 2.59 6.63
C ILE C 226 18.66 1.11 7.00
N GLU C 227 18.74 0.24 6.00
CA GLU C 227 18.86 -1.19 6.28
C GLU C 227 20.17 -1.51 7.00
N LEU C 228 21.26 -0.87 6.59
CA LEU C 228 22.55 -1.10 7.24
C LEU C 228 22.54 -0.59 8.68
N SER C 229 21.93 0.58 8.91
CA SER C 229 21.85 1.11 10.27
C SER C 229 21.00 0.22 11.16
N ARG C 230 19.89 -0.31 10.62
CA ARG C 230 19.06 -1.22 11.40
C ARG C 230 19.78 -2.53 11.67
N ALA C 231 20.58 -3.00 10.72
CA ALA C 231 21.32 -4.24 10.90
C ALA C 231 22.36 -4.14 12.01
N SER C 232 22.82 -2.94 12.33
CA SER C 232 23.79 -2.74 13.41
C SER C 232 23.13 -2.41 14.73
N PHE C 233 21.81 -2.34 14.78
CA PHE C 233 21.07 -2.03 16.00
C PHE C 233 20.51 -3.26 16.68
N PHE C 234 19.91 -4.19 15.92
CA PHE C 234 19.33 -5.38 16.51
C PHE C 234 20.16 -6.61 16.15
N PRO C 235 20.17 -7.64 17.00
CA PRO C 235 20.82 -8.89 16.63
C PRO C 235 19.99 -9.66 15.61
N GLN C 236 20.68 -10.56 14.90
CA GLN C 236 20.10 -11.52 13.95
C GLN C 236 19.20 -10.85 12.90
N TYR C 237 19.34 -9.54 12.69
CA TYR C 237 18.54 -8.83 11.71
C TYR C 237 19.06 -9.15 10.31
N ARG C 238 18.25 -9.84 9.52
CA ARG C 238 18.64 -10.21 8.17
C ARG C 238 18.60 -9.01 7.25
N VAL C 239 19.42 -9.05 6.20
CA VAL C 239 19.56 -7.96 5.25
C VAL C 239 19.25 -8.49 3.85
N LEU C 240 18.54 -7.69 3.06
CA LEU C 240 18.19 -8.09 1.70
C LEU C 240 19.44 -8.30 0.86
N GLN C 241 19.36 -9.26 -0.07
CA GLN C 241 20.47 -9.52 -0.97
C GLN C 241 20.68 -8.35 -1.90
N GLY C 242 21.94 -8.01 -2.14
CA GLY C 242 22.29 -6.88 -2.97
C GLY C 242 22.34 -5.55 -2.25
N ILE C 243 22.02 -5.50 -0.97
CA ILE C 243 22.09 -4.27 -0.19
C ILE C 243 23.47 -4.19 0.45
N ASN C 244 24.20 -3.12 0.15
CA ASN C 244 25.58 -2.97 0.59
C ASN C 244 25.83 -1.51 0.97
N LEU C 245 27.05 -1.25 1.43
CA LEU C 245 27.49 0.10 1.78
C LEU C 245 28.34 0.76 0.71
N ALA C 246 28.94 -0.04 -0.19
CA ALA C 246 29.79 0.52 -1.23
C ALA C 246 29.01 1.42 -2.18
N TYR C 247 27.81 1.00 -2.56
CA TYR C 247 26.99 1.83 -3.45
C TYR C 247 26.60 3.15 -2.81
N PRO C 248 26.05 3.21 -1.59
CA PRO C 248 25.80 4.53 -0.97
C PRO C 248 27.07 5.33 -0.75
N ALA C 249 28.19 4.68 -0.42
CA ALA C 249 29.43 5.41 -0.20
C ALA C 249 29.89 6.09 -1.49
N GLY C 250 29.87 5.36 -2.61
CA GLY C 250 30.25 5.94 -3.88
C GLY C 250 29.29 7.02 -4.33
N PHE C 251 27.99 6.78 -4.17
CA PHE C 251 26.98 7.79 -4.49
C PHE C 251 27.24 9.08 -3.73
N ALA C 252 27.44 8.97 -2.41
CA ALA C 252 27.62 10.15 -1.58
C ALA C 252 28.93 10.86 -1.89
N LEU C 253 30.01 10.11 -2.12
CA LEU C 253 31.30 10.75 -2.42
C LEU C 253 31.26 11.48 -3.75
N LEU C 254 30.69 10.84 -4.78
CA LEU C 254 30.57 11.49 -6.08
C LEU C 254 29.68 12.71 -6.00
N SER C 255 28.57 12.61 -5.25
CA SER C 255 27.68 13.77 -5.10
C SER C 255 28.39 14.91 -4.39
N LEU C 256 29.18 14.61 -3.35
CA LEU C 256 29.91 15.66 -2.64
C LEU C 256 30.93 16.33 -3.55
N PHE C 257 31.67 15.53 -4.32
CA PHE C 257 32.65 16.10 -5.23
C PHE C 257 31.98 17.00 -6.27
N LEU C 258 30.87 16.53 -6.85
CA LEU C 258 30.18 17.31 -7.87
C LEU C 258 29.58 18.58 -7.29
N ALA C 259 29.01 18.50 -6.09
CA ALA C 259 28.44 19.68 -5.45
C ALA C 259 29.51 20.70 -5.12
N LEU C 260 30.65 20.26 -4.60
CA LEU C 260 31.74 21.18 -4.30
C LEU C 260 32.25 21.86 -5.58
N MET C 261 32.40 21.08 -6.65
CA MET C 261 32.83 21.68 -7.93
C MET C 261 31.81 22.68 -8.45
N LEU C 262 30.52 22.35 -8.35
CA LEU C 262 29.50 23.25 -8.86
C LEU C 262 29.41 24.53 -8.05
N TYR C 263 29.61 24.43 -6.72
CA TYR C 263 29.71 25.65 -5.93
C TYR C 263 30.94 26.45 -6.30
N ARG C 264 32.05 25.77 -6.61
CA ARG C 264 33.26 26.48 -7.02
C ARG C 264 33.04 27.25 -8.33
N LEU C 265 32.32 26.65 -9.28
CA LEU C 265 32.08 27.32 -10.55
C LEU C 265 31.19 28.55 -10.38
N ARG C 266 30.05 28.39 -9.69
CA ARG C 266 29.07 29.46 -9.54
C ARG C 266 29.19 30.18 -8.19
N ARG C 267 30.41 30.28 -7.66
CA ARG C 267 30.60 30.90 -6.35
C ARG C 267 30.23 32.38 -6.37
N HIS C 268 30.61 33.09 -7.43
CA HIS C 268 30.35 34.53 -7.49
C HIS C 268 28.89 34.84 -7.81
N GLN C 269 28.21 33.95 -8.54
CA GLN C 269 26.81 34.19 -8.88
C GLN C 269 25.91 34.20 -7.65
N LEU C 270 26.24 33.38 -6.65
CA LEU C 270 25.40 33.24 -5.47
C LEU C 270 25.46 34.46 -4.55
N ALA C 271 26.40 35.38 -4.76
CA ALA C 271 26.52 36.58 -3.94
C ALA C 271 25.99 37.82 -4.65
N SER C 272 25.04 37.63 -5.57
CA SER C 272 24.50 38.77 -6.31
C SER C 272 23.67 39.69 -5.43
N VAL C 273 23.03 39.14 -4.41
CA VAL C 273 22.17 39.89 -3.48
C VAL C 273 21.05 40.60 -4.23
N ARG D 17 -16.22 55.86 -12.46
CA ARG D 17 -16.89 54.71 -13.06
C ARG D 17 -17.59 53.86 -12.00
N SER D 18 -18.43 52.94 -12.45
CA SER D 18 -19.09 52.03 -11.53
C SER D 18 -18.08 51.06 -10.92
N PRO D 19 -18.28 50.66 -9.67
CA PRO D 19 -17.34 49.72 -9.04
C PRO D 19 -17.21 48.41 -9.78
N TRP D 20 -18.28 47.92 -10.40
CA TRP D 20 -18.21 46.66 -11.13
C TRP D 20 -17.27 46.77 -12.33
N GLN D 21 -17.33 47.88 -13.06
CA GLN D 21 -16.44 48.07 -14.20
C GLN D 21 -14.98 48.16 -13.77
N ILE D 22 -14.73 48.85 -12.65
CA ILE D 22 -13.37 48.95 -12.12
C ILE D 22 -12.86 47.56 -11.74
N GLN D 23 -13.69 46.78 -11.05
CA GLN D 23 -13.29 45.43 -10.67
C GLN D 23 -13.02 44.56 -11.89
N GLN D 24 -13.87 44.68 -12.92
CA GLN D 24 -13.68 43.90 -14.14
C GLN D 24 -12.38 44.26 -14.83
N ALA D 25 -12.08 45.56 -14.94
CA ALA D 25 -10.83 45.99 -15.56
C ALA D 25 -9.62 45.52 -14.76
N VAL D 26 -9.70 45.62 -13.43
CA VAL D 26 -8.59 45.17 -12.59
C VAL D 26 -8.38 43.67 -12.74
N LEU D 27 -9.47 42.90 -12.79
CA LEU D 27 -9.35 41.46 -12.96
C LEU D 27 -8.75 41.11 -14.32
N PHE D 28 -9.15 41.83 -15.37
CA PHE D 28 -8.59 41.58 -16.69
C PHE D 28 -7.09 41.88 -16.72
N ALA D 29 -6.69 43.00 -16.12
CA ALA D 29 -5.27 43.35 -16.08
C ALA D 29 -4.47 42.32 -15.27
N LEU D 30 -5.02 41.88 -14.14
CA LEU D 30 -4.35 40.88 -13.32
C LEU D 30 -4.23 39.55 -14.05
N PHE D 31 -5.28 39.17 -14.79
CA PHE D 31 -5.21 37.94 -15.59
C PHE D 31 -4.13 38.04 -16.66
N LEU D 32 -4.06 39.19 -17.35
CA LEU D 32 -3.04 39.38 -18.37
C LEU D 32 -1.65 39.31 -17.76
N ARG D 33 -1.45 39.93 -16.60
CA ARG D 33 -0.15 39.87 -15.93
C ARG D 33 0.19 38.45 -15.49
N GLU D 34 -0.80 37.73 -14.96
CA GLU D 34 -0.53 36.41 -14.39
C GLU D 34 -0.30 35.35 -15.45
N LEU D 35 -0.89 35.53 -16.63
CA LEU D 35 -0.74 34.52 -17.68
C LEU D 35 0.71 34.37 -18.11
N LYS D 36 1.42 35.49 -18.27
CA LYS D 36 2.81 35.44 -18.73
C LYS D 36 3.69 34.72 -17.74
N THR D 37 3.51 34.98 -16.45
CA THR D 37 4.35 34.35 -15.43
C THR D 37 3.98 32.89 -15.22
N ARG D 38 2.68 32.56 -15.28
CA ARG D 38 2.26 31.18 -15.11
C ARG D 38 2.72 30.32 -16.27
N LEU D 39 2.63 30.83 -17.49
CA LEU D 39 2.97 30.04 -18.67
C LEU D 39 4.48 30.04 -18.91
N GLY D 40 5.07 31.23 -19.04
CA GLY D 40 6.50 31.33 -19.27
C GLY D 40 6.85 32.39 -20.29
N GLY D 41 8.13 32.76 -20.36
CA GLY D 41 8.56 33.76 -21.33
C GLY D 41 8.36 33.29 -22.76
N ARG D 42 8.70 32.04 -23.06
CA ARG D 42 8.47 31.44 -24.35
C ARG D 42 7.27 30.50 -24.35
N TRP D 43 6.42 30.60 -23.33
CA TRP D 43 5.24 29.74 -23.17
C TRP D 43 5.63 28.26 -23.15
N LEU D 44 6.74 27.97 -22.49
CA LEU D 44 7.17 26.57 -22.34
C LEU D 44 6.25 25.79 -21.40
N GLY D 45 5.47 26.50 -20.58
CA GLY D 45 4.59 25.82 -19.64
C GLY D 45 3.53 24.96 -20.33
N VAL D 46 3.12 25.35 -21.54
CA VAL D 46 2.16 24.54 -22.28
C VAL D 46 2.78 23.19 -22.66
N PHE D 47 4.11 23.13 -22.76
CA PHE D 47 4.78 21.85 -23.00
C PHE D 47 4.84 21.00 -21.74
N TRP D 48 4.52 21.57 -20.58
CA TRP D 48 4.51 20.87 -19.31
C TRP D 48 3.11 20.49 -18.86
N VAL D 49 2.20 21.45 -18.81
CA VAL D 49 0.85 21.18 -18.31
C VAL D 49 0.14 20.16 -19.21
N LEU D 50 0.31 20.29 -20.52
CA LEU D 50 -0.23 19.27 -21.43
C LEU D 50 0.42 17.93 -21.18
N LEU D 51 1.71 17.92 -20.89
CA LEU D 51 2.40 16.71 -20.48
C LEU D 51 2.22 16.40 -19.00
N GLU D 52 1.52 17.26 -18.27
CA GLU D 52 1.32 17.03 -16.84
C GLU D 52 0.57 15.75 -16.52
N PRO D 53 -0.62 15.47 -17.10
CA PRO D 53 -1.35 14.26 -16.67
C PRO D 53 -0.76 12.99 -17.27
N VAL D 54 -0.27 13.07 -18.51
CA VAL D 54 0.20 11.87 -19.22
C VAL D 54 1.31 11.19 -18.42
N ALA D 55 2.28 11.99 -17.94
CA ALA D 55 3.38 11.42 -17.15
C ALA D 55 2.87 10.68 -15.93
N HIS D 56 1.75 11.10 -15.36
CA HIS D 56 1.16 10.34 -14.26
C HIS D 56 0.50 9.06 -14.76
N ILE D 57 -0.24 9.12 -15.87
CA ILE D 57 -1.03 7.96 -16.25
C ILE D 57 -0.15 6.79 -16.66
N ALA D 58 0.91 7.06 -17.44
CA ALA D 58 1.66 5.98 -18.10
C ALA D 58 2.26 5.03 -17.07
N VAL D 59 2.88 5.57 -16.01
CA VAL D 59 3.49 4.72 -15.01
C VAL D 59 2.46 3.85 -14.32
N MET D 60 1.25 4.39 -14.07
CA MET D 60 0.21 3.55 -13.48
C MET D 60 -0.26 2.45 -14.43
N THR D 61 -0.08 2.60 -15.75
CA THR D 61 -0.36 1.48 -16.64
C THR D 61 0.64 0.36 -16.46
N THR D 62 1.82 0.65 -15.92
CA THR D 62 2.84 -0.35 -15.65
C THR D 62 2.83 -0.85 -14.21
N LEU D 63 1.89 -0.37 -13.39
CA LEU D 63 1.87 -0.69 -11.97
C LEU D 63 0.66 -1.54 -11.57
N PHE D 64 -0.55 -1.07 -11.84
CA PHE D 64 -1.76 -1.74 -11.34
C PHE D 64 -2.79 -1.95 -12.44
N SER D 65 -2.36 -2.10 -13.69
CA SER D 65 -3.29 -2.38 -14.76
C SER D 65 -3.99 -3.72 -14.55
N LEU D 66 -3.20 -4.78 -14.35
CA LEU D 66 -3.78 -6.10 -14.11
C LEU D 66 -4.52 -6.14 -12.78
N ALA D 67 -4.00 -5.43 -11.77
CA ALA D 67 -4.68 -5.36 -10.49
C ALA D 67 -6.04 -4.69 -10.63
N HIS D 68 -6.12 -3.63 -11.42
CA HIS D 68 -7.40 -2.96 -11.65
C HIS D 68 -8.34 -3.85 -12.44
N ARG D 69 -7.83 -4.57 -13.44
CA ARG D 69 -8.67 -5.48 -14.21
C ARG D 69 -9.24 -6.59 -13.31
N ALA D 70 -8.43 -7.07 -12.36
CA ALA D 70 -8.93 -8.01 -11.37
C ALA D 70 -9.97 -7.36 -10.46
N ALA D 71 -9.74 -6.11 -10.08
CA ALA D 71 -10.67 -5.42 -9.19
C ALA D 71 -11.99 -5.14 -9.90
N MET D 72 -11.95 -4.36 -10.98
CA MET D 72 -13.13 -4.12 -11.79
C MET D 72 -12.78 -4.22 -13.26
N PRO D 73 -13.38 -5.16 -13.99
CA PRO D 73 -13.03 -5.33 -15.41
C PRO D 73 -13.97 -4.58 -16.35
N SER D 74 -15.02 -3.98 -15.79
CA SER D 74 -15.99 -3.26 -16.63
C SER D 74 -15.38 -2.04 -17.28
N ILE D 75 -14.57 -1.28 -16.54
CA ILE D 75 -13.95 -0.07 -17.04
C ILE D 75 -12.45 -0.29 -17.17
N GLU D 76 -11.78 0.70 -17.78
CA GLU D 76 -10.37 0.59 -18.11
C GLU D 76 -9.59 1.72 -17.44
N TYR D 77 -8.33 1.41 -17.12
CA TYR D 77 -7.46 2.40 -16.49
C TYR D 77 -7.27 3.70 -17.28
N PRO D 78 -7.05 3.70 -18.60
CA PRO D 78 -6.82 4.99 -19.29
C PRO D 78 -7.96 5.99 -19.15
N VAL D 79 -9.19 5.53 -18.92
CA VAL D 79 -10.32 6.42 -18.73
C VAL D 79 -10.62 6.64 -17.25
N PHE D 80 -10.50 5.58 -16.45
CA PHE D 80 -10.74 5.69 -15.01
C PHE D 80 -9.75 6.66 -14.36
N LEU D 81 -8.49 6.60 -14.78
CA LEU D 81 -7.48 7.51 -14.26
C LEU D 81 -7.76 8.96 -14.67
N ILE D 82 -8.15 9.15 -15.94
CA ILE D 82 -8.38 10.51 -16.44
C ILE D 82 -9.59 11.14 -15.77
N THR D 83 -10.63 10.33 -15.51
CA THR D 83 -11.86 10.85 -14.92
C THR D 83 -11.64 11.38 -13.50
N GLY D 84 -10.54 11.00 -12.85
CA GLY D 84 -10.30 11.45 -11.49
C GLY D 84 -9.02 12.24 -11.32
N LEU D 85 -8.15 12.24 -12.33
CA LEU D 85 -6.87 12.94 -12.23
C LEU D 85 -7.03 14.43 -12.49
N ILE D 86 -7.49 14.79 -13.69
CA ILE D 86 -7.60 16.20 -14.06
C ILE D 86 -8.50 16.98 -13.12
N PRO D 87 -9.66 16.48 -12.68
CA PRO D 87 -10.39 17.21 -11.62
C PRO D 87 -9.58 17.39 -10.35
N PHE D 88 -8.84 16.36 -9.92
CA PHE D 88 -7.99 16.53 -8.74
C PHE D 88 -6.83 17.48 -9.02
N PHE D 89 -6.23 17.36 -10.20
CA PHE D 89 -5.16 18.29 -10.57
C PHE D 89 -5.65 19.72 -10.58
N MET D 90 -6.90 19.92 -11.01
CA MET D 90 -7.44 21.27 -11.10
C MET D 90 -7.79 21.82 -9.73
N PHE D 91 -8.33 20.97 -8.85
CA PHE D 91 -8.54 21.37 -7.46
C PHE D 91 -7.21 21.74 -6.79
N ARG D 92 -6.19 20.91 -6.99
CA ARG D 92 -4.89 21.17 -6.38
C ARG D 92 -4.27 22.45 -6.94
N GLY D 93 -4.38 22.66 -8.25
CA GLY D 93 -3.87 23.88 -8.84
C GLY D 93 -4.59 25.11 -8.33
N LEU D 94 -5.91 25.04 -8.20
CA LEU D 94 -6.67 26.14 -7.61
C LEU D 94 -6.16 26.45 -6.21
N VAL D 95 -6.06 25.43 -5.35
CA VAL D 95 -5.64 25.65 -3.97
C VAL D 95 -4.23 26.24 -3.93
N THR D 96 -3.29 25.65 -4.66
CA THR D 96 -1.91 26.08 -4.61
C THR D 96 -1.74 27.50 -5.16
N ARG D 97 -2.27 27.75 -6.37
CA ARG D 97 -2.06 29.05 -6.99
C ARG D 97 -2.79 30.16 -6.23
N LEU D 98 -3.95 29.85 -5.66
CA LEU D 98 -4.65 30.87 -4.86
C LEU D 98 -3.95 31.09 -3.52
N MET D 99 -3.25 30.07 -3.01
CA MET D 99 -2.52 30.26 -1.76
C MET D 99 -1.29 31.14 -1.95
N GLU D 100 -0.62 31.04 -3.10
CA GLU D 100 0.58 31.81 -3.37
C GLU D 100 0.29 33.24 -3.83
N ALA D 101 -0.98 33.65 -3.85
CA ALA D 101 -1.35 34.98 -4.30
C ALA D 101 -1.03 36.00 -3.21
N ILE D 102 -1.49 37.24 -3.40
CA ILE D 102 -1.27 38.35 -2.48
C ILE D 102 0.22 38.68 -2.40
N ASP D 103 1.02 37.73 -1.93
CA ASP D 103 2.46 37.94 -1.81
C ASP D 103 3.08 38.21 -3.18
N SER D 104 2.77 37.37 -4.17
CA SER D 104 3.35 37.53 -5.49
C SER D 104 2.93 38.82 -6.17
N ASN D 105 1.86 39.47 -5.68
CA ASN D 105 1.44 40.77 -6.17
C ASN D 105 1.53 41.83 -5.07
N ARG D 106 2.36 41.60 -4.06
CA ARG D 106 2.44 42.52 -2.93
C ARG D 106 2.87 43.91 -3.37
N GLY D 107 3.79 43.99 -4.33
CA GLY D 107 4.21 45.29 -4.85
C GLY D 107 3.16 45.99 -5.67
N LEU D 108 2.15 45.25 -6.16
CA LEU D 108 1.11 45.83 -6.99
C LEU D 108 -0.03 46.43 -6.17
N PHE D 109 -0.01 46.28 -4.84
CA PHE D 109 -1.05 46.86 -3.99
C PHE D 109 -0.76 48.33 -3.72
N ALA D 110 -0.56 49.11 -4.78
CA ALA D 110 -0.18 50.51 -4.64
C ALA D 110 -1.04 51.44 -5.50
N TYR D 111 -2.22 51.01 -5.93
CA TYR D 111 -3.01 51.79 -6.87
C TYR D 111 -4.46 51.96 -6.43
N ARG D 112 -4.83 51.47 -5.24
CA ARG D 112 -6.11 51.76 -4.60
C ARG D 112 -7.27 51.02 -5.29
N GLN D 113 -6.99 50.42 -6.45
CA GLN D 113 -7.98 49.64 -7.17
C GLN D 113 -7.62 48.16 -7.23
N VAL D 114 -6.41 47.78 -6.84
CA VAL D 114 -5.98 46.39 -6.82
C VAL D 114 -6.10 45.90 -5.38
N LYS D 115 -7.11 45.10 -5.12
CA LYS D 115 -7.38 44.55 -3.79
C LYS D 115 -6.93 43.11 -3.73
N PRO D 116 -6.61 42.61 -2.53
CA PRO D 116 -6.08 41.23 -2.42
C PRO D 116 -7.02 40.15 -2.95
N ILE D 117 -8.32 40.38 -2.93
CA ILE D 117 -9.25 39.38 -3.44
C ILE D 117 -9.15 39.26 -4.96
N ASP D 118 -8.79 40.34 -5.65
CA ASP D 118 -8.73 40.32 -7.10
C ASP D 118 -7.64 39.40 -7.61
N THR D 119 -6.51 39.33 -6.89
CA THR D 119 -5.43 38.45 -7.32
C THR D 119 -5.85 36.99 -7.28
N VAL D 120 -6.48 36.57 -6.18
CA VAL D 120 -6.92 35.18 -6.09
C VAL D 120 -8.03 34.91 -7.09
N ILE D 121 -8.91 35.88 -7.36
CA ILE D 121 -9.97 35.68 -8.34
C ILE D 121 -9.37 35.47 -9.72
N ALA D 122 -8.41 36.32 -10.11
CA ALA D 122 -7.81 36.22 -11.43
C ALA D 122 -7.03 34.90 -11.58
N ARG D 123 -6.31 34.50 -10.54
CA ARG D 123 -5.64 33.21 -10.58
C ARG D 123 -6.64 32.07 -10.70
N ALA D 124 -7.82 32.22 -10.07
CA ALA D 124 -8.85 31.21 -10.20
C ALA D 124 -9.33 31.09 -11.65
N MET D 125 -9.58 32.23 -12.30
CA MET D 125 -10.02 32.17 -13.70
C MET D 125 -8.94 31.54 -14.57
N LEU D 126 -7.68 31.90 -14.35
CA LEU D 126 -6.60 31.35 -15.17
C LEU D 126 -6.49 29.84 -15.00
N GLU D 127 -6.51 29.37 -13.75
CA GLU D 127 -6.40 27.94 -13.50
C GLU D 127 -7.60 27.18 -14.06
N ILE D 128 -8.80 27.74 -13.89
CA ILE D 128 -10.00 27.07 -14.40
C ILE D 128 -9.93 26.95 -15.92
N SER D 129 -9.54 28.03 -16.61
CA SER D 129 -9.45 27.97 -18.06
C SER D 129 -8.40 26.97 -18.52
N LEU D 130 -7.22 26.97 -17.89
CA LEU D 130 -6.16 26.05 -18.29
C LEU D 130 -6.60 24.61 -18.09
N GLN D 131 -7.21 24.31 -16.95
CA GLN D 131 -7.59 22.93 -16.67
C GLN D 131 -8.79 22.48 -17.49
N SER D 132 -9.70 23.40 -17.83
CA SER D 132 -10.78 23.06 -18.75
C SER D 132 -10.25 22.73 -20.14
N ILE D 133 -9.27 23.51 -20.61
CA ILE D 133 -8.63 23.20 -21.88
C ILE D 133 -7.95 21.84 -21.83
N VAL D 134 -7.28 21.54 -20.71
CA VAL D 134 -6.63 20.24 -20.54
C VAL D 134 -7.65 19.12 -20.56
N TYR D 135 -8.78 19.30 -19.88
CA TYR D 135 -9.84 18.30 -19.89
C TYR D 135 -10.37 18.05 -21.30
N LEU D 136 -10.63 19.14 -22.05
CA LEU D 136 -11.14 18.99 -23.41
C LEU D 136 -10.14 18.24 -24.29
N ILE D 137 -8.86 18.59 -24.20
CA ILE D 137 -7.84 17.94 -25.01
C ILE D 137 -7.71 16.47 -24.63
N ALA D 138 -7.76 16.17 -23.32
CA ALA D 138 -7.65 14.78 -22.88
C ALA D 138 -8.82 13.94 -23.36
N LEU D 139 -10.04 14.48 -23.27
CA LEU D 139 -11.20 13.75 -23.77
C LEU D 139 -11.11 13.55 -25.28
N GLY D 140 -10.65 14.57 -26.01
CA GLY D 140 -10.51 14.43 -27.45
C GLY D 140 -9.51 13.36 -27.83
N THR D 141 -8.35 13.35 -27.16
CA THR D 141 -7.34 12.36 -27.49
C THR D 141 -7.69 10.97 -26.95
N LEU D 142 -8.56 10.88 -25.95
CA LEU D 142 -9.05 9.58 -25.51
C LEU D 142 -10.06 9.02 -26.50
N GLY D 143 -10.95 9.86 -27.02
CA GLY D 143 -11.84 9.43 -28.08
C GLY D 143 -11.13 9.15 -29.39
N TRP D 144 -9.97 9.77 -29.61
CA TRP D 144 -9.17 9.48 -30.80
C TRP D 144 -8.65 8.05 -30.76
N LEU D 145 -8.30 7.55 -29.58
CA LEU D 145 -7.75 6.21 -29.43
C LEU D 145 -8.83 5.12 -29.35
N GLY D 146 -10.10 5.49 -29.43
CA GLY D 146 -11.19 4.53 -29.40
C GLY D 146 -11.73 4.22 -28.03
N PHE D 147 -11.15 4.78 -26.97
CA PHE D 147 -11.65 4.54 -25.63
C PHE D 147 -12.98 5.27 -25.41
N HIS D 148 -13.74 4.80 -24.43
CA HIS D 148 -14.99 5.46 -24.05
C HIS D 148 -14.68 6.82 -23.45
N PHE D 149 -15.26 7.87 -24.03
CA PHE D 149 -14.94 9.23 -23.62
C PHE D 149 -16.16 10.13 -23.41
N LEU D 150 -17.31 9.80 -23.98
CA LEU D 150 -18.49 10.65 -23.80
C LEU D 150 -19.14 10.37 -22.45
N PRO D 151 -19.37 11.39 -21.63
CA PRO D 151 -20.03 11.16 -20.34
C PRO D 151 -21.47 10.72 -20.51
N VAL D 152 -21.95 9.94 -19.54
CA VAL D 152 -23.33 9.46 -19.59
C VAL D 152 -24.29 10.54 -19.11
N ARG D 153 -24.05 11.08 -17.91
CA ARG D 153 -24.88 12.13 -17.34
C ARG D 153 -24.01 13.39 -17.24
N ALA D 154 -24.03 14.19 -18.31
CA ALA D 154 -23.16 15.35 -18.39
C ALA D 154 -23.56 16.43 -17.38
N LEU D 155 -24.87 16.62 -17.17
CA LEU D 155 -25.32 17.67 -16.26
C LEU D 155 -24.90 17.39 -14.82
N GLU D 156 -25.04 16.14 -14.37
CA GLU D 156 -24.60 15.79 -13.03
C GLU D 156 -23.10 15.95 -12.88
N LEU D 157 -22.34 15.57 -13.91
CA LEU D 157 -20.90 15.76 -13.89
C LEU D 157 -20.54 17.23 -13.78
N ALA D 158 -21.25 18.08 -14.53
CA ALA D 158 -21.00 19.53 -14.45
C ALA D 158 -21.34 20.06 -13.07
N GLY D 159 -22.43 19.60 -12.47
CA GLY D 159 -22.77 20.05 -11.13
C GLY D 159 -21.73 19.65 -10.09
N VAL D 160 -21.28 18.40 -10.15
CA VAL D 160 -20.26 17.93 -9.21
C VAL D 160 -18.95 18.69 -9.43
N SER D 161 -18.60 18.95 -10.69
CA SER D 161 -17.41 19.72 -10.98
C SER D 161 -17.51 21.13 -10.45
N ALA D 162 -18.69 21.75 -10.56
CA ALA D 162 -18.88 23.09 -10.01
C ALA D 162 -18.76 23.10 -8.50
N VAL D 163 -19.30 22.06 -7.85
CA VAL D 163 -19.15 21.96 -6.39
C VAL D 163 -17.68 21.83 -6.02
N LEU D 164 -16.94 21.02 -6.77
CA LEU D 164 -15.50 20.89 -6.52
C LEU D 164 -14.77 22.21 -6.75
N ILE D 165 -15.17 22.96 -7.78
CA ILE D 165 -14.58 24.26 -8.05
C ILE D 165 -14.79 25.20 -6.87
N MET D 166 -16.03 25.25 -6.37
CA MET D 166 -16.34 26.13 -5.25
C MET D 166 -15.56 25.73 -4.01
N LEU D 167 -15.48 24.43 -3.73
CA LEU D 167 -14.73 23.97 -2.56
C LEU D 167 -13.24 24.31 -2.69
N GLY D 168 -12.66 24.10 -3.87
CA GLY D 168 -11.26 24.40 -4.06
C GLY D 168 -10.94 25.87 -3.96
N ALA D 169 -11.77 26.72 -4.58
CA ALA D 169 -11.57 28.15 -4.47
C ALA D 169 -11.73 28.63 -3.04
N SER D 170 -12.71 28.08 -2.32
CA SER D 170 -12.90 28.43 -0.92
C SER D 170 -11.68 28.06 -0.08
N LEU D 171 -11.17 26.84 -0.26
CA LEU D 171 -9.99 26.43 0.50
C LEU D 171 -8.78 27.27 0.16
N GLY D 172 -8.60 27.59 -1.12
CA GLY D 172 -7.49 28.45 -1.51
C GLY D 172 -7.57 29.83 -0.90
N LEU D 173 -8.76 30.44 -0.93
CA LEU D 173 -8.91 31.76 -0.32
C LEU D 173 -8.69 31.71 1.18
N PHE D 174 -9.22 30.68 1.85
CA PHE D 174 -9.05 30.56 3.30
C PHE D 174 -7.58 30.40 3.66
N PHE D 175 -6.85 29.55 2.93
CA PHE D 175 -5.45 29.36 3.24
C PHE D 175 -4.62 30.59 2.89
N ALA D 176 -4.97 31.31 1.82
CA ALA D 176 -4.26 32.54 1.49
C ALA D 176 -4.45 33.59 2.57
N VAL D 177 -5.68 33.70 3.10
CA VAL D 177 -5.94 34.69 4.14
C VAL D 177 -5.25 34.29 5.45
N VAL D 178 -5.34 33.02 5.82
CA VAL D 178 -4.90 32.60 7.15
C VAL D 178 -3.38 32.43 7.23
N THR D 179 -2.67 32.33 6.11
CA THR D 179 -1.23 32.15 6.14
C THR D 179 -0.45 33.45 6.07
N ASN D 180 -1.14 34.59 6.07
CA ASN D 180 -0.45 35.88 5.97
C ASN D 180 0.49 36.11 7.13
N GLU D 181 0.05 35.78 8.35
CA GLU D 181 0.91 35.95 9.52
C GLU D 181 2.01 34.89 9.58
N ILE D 182 1.68 33.64 9.21
CA ILE D 182 2.61 32.53 9.34
C ILE D 182 2.91 31.95 7.97
N PRO D 183 3.92 32.47 7.25
CA PRO D 183 4.23 31.91 5.92
C PRO D 183 4.65 30.45 5.94
N GLN D 184 5.36 30.00 6.98
CA GLN D 184 5.88 28.64 6.99
C GLN D 184 4.74 27.61 6.98
N ALA D 185 3.66 27.89 7.68
CA ALA D 185 2.50 26.99 7.67
C ALA D 185 1.91 26.84 6.29
N ARG D 186 2.21 27.77 5.37
CA ARG D 186 1.81 27.59 3.99
C ARG D 186 2.45 26.36 3.38
N ALA D 187 3.77 26.19 3.61
CA ALA D 187 4.53 25.17 2.89
C ALA D 187 3.99 23.77 3.17
N ILE D 188 3.75 23.47 4.45
CA ILE D 188 3.25 22.14 4.81
C ILE D 188 1.90 21.88 4.15
N VAL D 189 1.11 22.94 3.92
CA VAL D 189 -0.17 22.76 3.24
C VAL D 189 0.05 22.17 1.86
N ARG D 190 1.06 22.67 1.13
CA ARG D 190 1.41 22.07 -0.14
C ARG D 190 1.79 20.60 0.03
N ILE D 191 2.58 20.31 1.08
CA ILE D 191 2.91 18.93 1.39
C ILE D 191 1.64 18.13 1.66
N SER D 192 0.67 18.75 2.35
CA SER D 192 -0.58 18.08 2.66
C SER D 192 -1.40 17.76 1.41
N LEU D 193 -1.06 18.35 0.27
CA LEU D 193 -1.76 17.99 -0.96
C LEU D 193 -1.32 16.62 -1.47
N LEU D 194 -0.11 16.18 -1.11
CA LEU D 194 0.37 14.87 -1.58
C LEU D 194 -0.45 13.71 -1.02
N PRO D 195 -0.71 13.59 0.28
CA PRO D 195 -1.47 12.42 0.76
C PRO D 195 -2.88 12.33 0.20
N LEU D 196 -3.51 13.46 -0.09
CA LEU D 196 -4.87 13.43 -0.63
C LEU D 196 -4.91 12.69 -1.97
N TYR D 197 -3.91 12.92 -2.82
CA TYR D 197 -3.82 12.21 -4.09
C TYR D 197 -3.78 10.70 -3.88
N PHE D 198 -3.27 10.26 -2.73
CA PHE D 198 -3.20 8.83 -2.43
C PHE D 198 -4.42 8.31 -1.70
N VAL D 199 -5.27 9.19 -1.15
CA VAL D 199 -6.41 8.77 -0.35
C VAL D 199 -7.74 9.16 -0.95
N SER D 200 -7.74 9.88 -2.07
CA SER D 200 -8.99 10.26 -2.72
C SER D 200 -9.48 9.22 -3.73
N GLY D 201 -8.77 8.10 -3.86
CA GLY D 201 -9.18 7.07 -4.78
C GLY D 201 -8.93 7.39 -6.23
N VAL D 202 -8.06 8.37 -6.52
CA VAL D 202 -7.78 8.74 -7.90
C VAL D 202 -7.01 7.63 -8.62
N ILE D 203 -5.94 7.15 -7.99
CA ILE D 203 -5.08 6.17 -8.64
C ILE D 203 -5.77 4.82 -8.74
N PHE D 204 -6.41 4.39 -7.66
CA PHE D 204 -7.01 3.06 -7.58
C PHE D 204 -8.45 3.17 -7.09
N PRO D 205 -9.33 2.27 -7.53
CA PRO D 205 -10.69 2.27 -7.00
C PRO D 205 -10.70 2.03 -5.50
N VAL D 206 -11.62 2.72 -4.81
CA VAL D 206 -11.70 2.67 -3.36
C VAL D 206 -12.55 1.50 -2.87
N HIS D 207 -13.16 0.72 -3.78
CA HIS D 207 -13.90 -0.46 -3.38
C HIS D 207 -13.00 -1.52 -2.76
N THR D 208 -11.70 -1.48 -3.04
CA THR D 208 -10.75 -2.44 -2.49
C THR D 208 -10.30 -2.09 -1.07
N ILE D 209 -10.65 -0.90 -0.58
CA ILE D 209 -10.26 -0.51 0.78
C ILE D 209 -11.03 -1.36 1.78
N PRO D 210 -10.39 -1.83 2.85
CA PRO D 210 -11.09 -2.65 3.83
C PRO D 210 -12.21 -1.86 4.48
N PRO D 211 -13.29 -2.53 4.88
CA PRO D 211 -14.47 -1.81 5.39
C PRO D 211 -14.23 -0.96 6.63
N GLN D 212 -13.34 -1.39 7.53
CA GLN D 212 -13.12 -0.61 8.75
C GLN D 212 -12.32 0.66 8.48
N TYR D 213 -11.74 0.82 7.29
CA TYR D 213 -10.99 2.02 6.95
C TYR D 213 -11.83 3.07 6.23
N LEU D 214 -12.91 2.67 5.57
CA LEU D 214 -13.71 3.63 4.81
C LEU D 214 -14.36 4.72 5.65
N PRO D 215 -14.96 4.47 6.83
CA PRO D 215 -15.66 5.57 7.52
C PRO D 215 -14.76 6.75 7.88
N LEU D 216 -13.49 6.50 8.18
CA LEU D 216 -12.56 7.61 8.38
C LEU D 216 -12.36 8.39 7.09
N LEU D 217 -12.30 7.70 5.95
CA LEU D 217 -12.10 8.37 4.68
C LEU D 217 -13.36 9.10 4.20
N GLN D 218 -14.54 8.75 4.73
CA GLN D 218 -15.77 9.41 4.32
C GLN D 218 -15.80 10.88 4.71
N LEU D 219 -14.97 11.29 5.67
CA LEU D 219 -14.90 12.69 6.05
C LEU D 219 -14.20 13.56 5.01
N ASN D 220 -13.57 12.96 4.01
CA ASN D 220 -12.90 13.72 2.96
C ASN D 220 -13.90 14.04 1.86
N PRO D 221 -14.27 15.31 1.64
CA PRO D 221 -15.26 15.61 0.60
C PRO D 221 -14.74 15.41 -0.80
N VAL D 222 -13.43 15.50 -1.02
CA VAL D 222 -12.87 15.31 -2.36
C VAL D 222 -13.10 13.88 -2.83
N LEU D 223 -13.03 12.91 -1.91
CA LEU D 223 -13.33 11.53 -2.27
C LEU D 223 -14.77 11.38 -2.73
N HIS D 224 -15.71 11.99 -2.00
CA HIS D 224 -17.11 11.94 -2.41
C HIS D 224 -17.32 12.59 -3.77
N LEU D 225 -16.69 13.74 -4.00
CA LEU D 225 -16.87 14.43 -5.27
C LEU D 225 -16.28 13.63 -6.42
N ILE D 226 -15.10 13.01 -6.22
CA ILE D 226 -14.50 12.19 -7.26
C ILE D 226 -15.37 10.98 -7.56
N GLU D 227 -15.89 10.33 -6.51
CA GLU D 227 -16.76 9.18 -6.71
C GLU D 227 -18.02 9.56 -7.47
N LEU D 228 -18.62 10.70 -7.13
CA LEU D 228 -19.84 11.13 -7.81
C LEU D 228 -19.56 11.51 -9.26
N SER D 229 -18.42 12.15 -9.52
CA SER D 229 -18.05 12.47 -10.89
C SER D 229 -17.86 11.21 -11.72
N ARG D 230 -17.18 10.22 -11.16
CA ARG D 230 -16.98 8.96 -11.88
C ARG D 230 -18.32 8.24 -12.11
N ALA D 231 -19.22 8.30 -11.13
CA ALA D 231 -20.54 7.71 -11.29
C ALA D 231 -21.33 8.39 -12.40
N SER D 232 -21.25 9.72 -12.46
CA SER D 232 -21.94 10.46 -13.52
C SER D 232 -21.28 10.26 -14.87
N PHE D 233 -20.00 9.89 -14.91
CA PHE D 233 -19.31 9.72 -16.18
C PHE D 233 -19.55 8.33 -16.78
N PHE D 234 -19.17 7.28 -16.05
CA PHE D 234 -19.24 5.93 -16.57
C PHE D 234 -20.67 5.39 -16.52
N PRO D 235 -21.03 4.49 -17.45
CA PRO D 235 -22.33 3.81 -17.34
C PRO D 235 -22.23 2.64 -16.36
N GLN D 236 -23.20 2.57 -15.44
CA GLN D 236 -23.26 1.55 -14.40
C GLN D 236 -21.97 1.53 -13.58
N TYR D 237 -21.73 2.65 -12.89
CA TYR D 237 -20.66 2.75 -11.91
C TYR D 237 -21.30 2.85 -10.53
N ARG D 238 -20.97 1.92 -9.65
CA ARG D 238 -21.62 1.84 -8.35
C ARG D 238 -21.02 2.85 -7.38
N VAL D 239 -21.83 3.25 -6.41
CA VAL D 239 -21.45 4.22 -5.39
C VAL D 239 -21.55 3.54 -4.03
N LEU D 240 -20.49 3.64 -3.24
CA LEU D 240 -20.46 3.00 -1.93
C LEU D 240 -21.42 3.70 -0.98
N GLN D 241 -21.76 3.00 0.11
CA GLN D 241 -22.64 3.56 1.12
C GLN D 241 -21.93 4.69 1.86
N GLY D 242 -22.70 5.73 2.21
CA GLY D 242 -22.16 6.90 2.86
C GLY D 242 -21.63 7.96 1.92
N ILE D 243 -21.61 7.70 0.62
CA ILE D 243 -21.15 8.68 -0.37
C ILE D 243 -22.35 9.47 -0.85
N ASN D 244 -22.30 10.80 -0.68
CA ASN D 244 -23.40 11.67 -1.06
C ASN D 244 -22.84 13.01 -1.51
N LEU D 245 -23.73 13.86 -2.02
CA LEU D 245 -23.39 15.21 -2.42
C LEU D 245 -23.70 16.25 -1.34
N ALA D 246 -24.63 15.93 -0.43
CA ALA D 246 -25.02 16.90 0.59
C ALA D 246 -23.86 17.27 1.50
N TYR D 247 -23.09 16.28 1.95
CA TYR D 247 -21.94 16.57 2.81
C TYR D 247 -20.88 17.41 2.13
N PRO D 248 -20.40 17.08 0.92
CA PRO D 248 -19.45 18.00 0.26
C PRO D 248 -20.04 19.37 -0.03
N ALA D 249 -21.32 19.44 -0.39
CA ALA D 249 -21.93 20.74 -0.66
C ALA D 249 -21.96 21.61 0.59
N GLY D 250 -22.36 21.01 1.72
CA GLY D 250 -22.36 21.77 2.97
C GLY D 250 -20.96 22.15 3.42
N PHE D 251 -19.99 21.26 3.24
CA PHE D 251 -18.62 21.57 3.58
C PHE D 251 -18.12 22.75 2.75
N ALA D 252 -18.38 22.73 1.44
CA ALA D 252 -17.94 23.82 0.58
C ALA D 252 -18.63 25.12 0.94
N LEU D 253 -19.93 25.08 1.21
CA LEU D 253 -20.66 26.31 1.55
C LEU D 253 -20.15 26.90 2.86
N LEU D 254 -19.99 26.06 3.89
CA LEU D 254 -19.51 26.54 5.18
C LEU D 254 -18.10 27.09 5.07
N SER D 255 -17.22 26.38 4.35
CA SER D 255 -15.85 26.85 4.20
C SER D 255 -15.78 28.16 3.42
N LEU D 256 -16.60 28.29 2.38
CA LEU D 256 -16.62 29.53 1.60
C LEU D 256 -17.12 30.70 2.44
N PHE D 257 -18.18 30.48 3.23
CA PHE D 257 -18.69 31.54 4.09
C PHE D 257 -17.64 31.96 5.11
N LEU D 258 -16.98 30.99 5.75
CA LEU D 258 -15.96 31.30 6.74
C LEU D 258 -14.78 32.02 6.12
N ALA D 259 -14.33 31.56 4.93
CA ALA D 259 -13.20 32.20 4.28
C ALA D 259 -13.51 33.63 3.88
N LEU D 260 -14.70 33.86 3.32
CA LEU D 260 -15.09 35.22 2.95
C LEU D 260 -15.19 36.11 4.19
N MET D 261 -15.74 35.59 5.28
CA MET D 261 -15.91 36.41 6.47
C MET D 261 -14.56 36.72 7.10
N LEU D 262 -13.63 35.76 7.07
CA LEU D 262 -12.29 36.00 7.59
C LEU D 262 -11.52 37.00 6.73
N TYR D 263 -11.70 36.93 5.41
CA TYR D 263 -11.11 37.95 4.55
C TYR D 263 -11.69 39.32 4.85
N ARG D 264 -12.99 39.38 5.14
CA ARG D 264 -13.61 40.63 5.56
C ARG D 264 -12.99 41.13 6.86
N LEU D 265 -12.67 40.21 7.77
CA LEU D 265 -12.03 40.60 9.04
C LEU D 265 -10.66 41.23 8.80
N ARG D 266 -9.80 40.55 8.05
CA ARG D 266 -8.43 40.98 7.80
C ARG D 266 -8.30 41.68 6.45
N ARG D 267 -9.32 42.46 6.08
CA ARG D 267 -9.32 43.12 4.78
C ARG D 267 -8.18 44.12 4.65
N HIS D 268 -7.81 44.79 5.74
CA HIS D 268 -6.78 45.81 5.68
C HIS D 268 -5.39 45.31 6.11
N GLN D 269 -5.32 44.20 6.84
CA GLN D 269 -4.01 43.68 7.25
C GLN D 269 -3.20 43.21 6.05
N LEU D 270 -3.84 42.55 5.09
CA LEU D 270 -3.14 42.07 3.91
C LEU D 270 -2.60 43.22 3.07
N ALA D 271 -3.41 44.28 2.91
CA ALA D 271 -3.00 45.43 2.12
C ALA D 271 -1.98 46.28 2.87
N THR E 13 4.65 34.55 43.67
CA THR E 13 5.71 34.85 42.70
C THR E 13 6.03 33.63 41.86
N ALA E 14 6.92 33.80 40.88
CA ALA E 14 7.32 32.68 40.03
C ALA E 14 8.05 31.61 40.83
N LYS E 15 8.93 32.02 41.76
CA LYS E 15 9.63 31.05 42.59
C LYS E 15 8.66 30.28 43.48
N ARG E 16 7.67 30.97 44.05
CA ARG E 16 6.69 30.27 44.87
C ARG E 16 5.76 29.40 44.02
N LEU E 17 5.45 29.83 42.79
CA LEU E 17 4.67 28.99 41.89
C LEU E 17 5.42 27.70 41.56
N GLN E 18 6.71 27.81 41.27
CA GLN E 18 7.51 26.62 41.01
C GLN E 18 7.60 25.73 42.24
N TRP E 19 7.78 26.33 43.41
CA TRP E 19 7.83 25.57 44.66
C TRP E 19 6.54 24.80 44.86
N ALA E 20 5.39 25.46 44.71
CA ALA E 20 4.11 24.80 44.88
C ALA E 20 3.90 23.69 43.85
N LEU E 21 4.31 23.95 42.60
CA LEU E 21 4.04 22.99 41.54
C LEU E 21 4.96 21.77 41.62
N VAL E 22 6.15 21.91 42.19
CA VAL E 22 7.16 20.85 42.19
C VAL E 22 7.29 20.19 43.56
N TYR E 23 7.67 20.97 44.58
CA TYR E 23 8.15 20.38 45.83
C TYR E 23 7.05 19.66 46.58
N LEU E 24 5.89 20.30 46.77
CA LEU E 24 4.83 19.68 47.56
C LEU E 24 4.34 18.37 46.98
N PRO E 25 3.94 18.26 45.71
CA PRO E 25 3.57 16.93 45.20
C PRO E 25 4.69 15.92 45.29
N MET E 26 5.93 16.35 45.03
CA MET E 26 7.07 15.45 45.14
C MET E 26 7.28 14.99 46.58
N LEU E 27 7.17 15.90 47.54
CA LEU E 27 7.37 15.52 48.94
C LEU E 27 6.29 14.56 49.42
N VAL E 28 5.02 14.83 49.09
CA VAL E 28 3.96 13.92 49.54
C VAL E 28 4.07 12.58 48.83
N ALA E 29 4.42 12.57 47.55
CA ALA E 29 4.60 11.29 46.85
C ALA E 29 5.76 10.50 47.43
N THR E 30 6.87 11.17 47.74
CA THR E 30 8.03 10.50 48.28
C THR E 30 7.74 9.93 49.67
N VAL E 31 7.09 10.71 50.53
CA VAL E 31 6.80 10.20 51.88
C VAL E 31 5.80 9.06 51.82
N TYR E 32 4.82 9.15 50.90
CA TYR E 32 3.89 8.03 50.74
C TYR E 32 4.59 6.78 50.25
N PHE E 33 5.52 6.93 49.31
CA PHE E 33 6.18 5.76 48.72
C PHE E 33 7.12 5.11 49.72
N LEU E 34 7.94 5.89 50.43
CA LEU E 34 8.88 5.27 51.36
C LEU E 34 8.22 4.81 52.65
N VAL E 35 7.21 5.52 53.13
CA VAL E 35 6.65 5.26 54.45
C VAL E 35 5.35 4.47 54.39
N PHE E 36 4.43 4.84 53.51
CA PHE E 36 3.07 4.33 53.58
C PHE E 36 2.76 3.21 52.61
N SER E 37 3.35 3.22 51.41
CA SER E 37 3.03 2.20 50.42
C SER E 37 3.48 0.82 50.89
N ALA E 38 2.61 -0.16 50.72
CA ALA E 38 2.87 -1.53 51.14
C ALA E 38 3.43 -2.34 49.97
N ASP E 39 3.96 -3.51 50.29
CA ASP E 39 4.60 -4.37 49.30
C ASP E 39 3.58 -5.30 48.66
N ARG E 40 3.63 -5.38 47.33
CA ARG E 40 2.75 -6.26 46.56
C ARG E 40 3.61 -7.26 45.79
N TYR E 41 3.34 -8.54 46.01
CA TYR E 41 4.09 -9.62 45.39
C TYR E 41 3.34 -10.15 44.18
N VAL E 42 4.07 -10.39 43.09
CA VAL E 42 3.49 -10.82 41.82
C VAL E 42 3.86 -12.28 41.59
N SER E 43 2.86 -13.10 41.31
CA SER E 43 3.06 -14.49 40.92
C SER E 43 2.63 -14.66 39.47
N GLU E 44 3.52 -15.20 38.66
CA GLU E 44 3.33 -15.26 37.21
C GLU E 44 3.27 -16.70 36.74
N SER E 45 2.34 -16.98 35.82
CA SER E 45 2.21 -18.29 35.21
C SER E 45 1.93 -18.13 33.73
N VAL E 46 2.29 -19.15 32.95
CA VAL E 46 2.10 -19.14 31.51
C VAL E 46 1.41 -20.44 31.11
N ILE E 47 0.28 -20.33 30.40
CA ILE E 47 -0.58 -21.45 30.08
C ILE E 47 -1.10 -21.30 28.66
N THR E 48 -1.80 -22.34 28.20
CA THR E 48 -2.59 -22.36 26.98
C THR E 48 -3.47 -23.60 27.02
N VAL E 49 -4.48 -23.64 26.16
CA VAL E 49 -5.48 -24.70 26.16
C VAL E 49 -5.28 -25.56 24.92
N ARG E 50 -5.24 -26.88 25.11
CA ARG E 50 -5.07 -27.83 24.02
C ARG E 50 -6.17 -28.88 24.10
N GLN E 51 -6.74 -29.22 22.94
CA GLN E 51 -7.73 -30.28 22.86
C GLN E 51 -7.05 -31.63 22.99
N THR E 52 -7.58 -32.49 23.85
CA THR E 52 -6.97 -33.80 24.12
C THR E 52 -7.52 -34.83 23.13
N SER E 53 -6.94 -34.81 21.94
CA SER E 53 -7.29 -35.75 20.86
C SER E 53 -8.78 -35.72 20.53
N ALA E 74 -10.14 -24.21 17.71
CA ALA E 74 -10.40 -24.84 19.00
C ALA E 74 -9.53 -24.20 20.09
N SER E 75 -8.25 -23.99 19.77
CA SER E 75 -7.34 -23.38 20.74
C SER E 75 -7.62 -21.89 20.91
N ARG E 76 -7.82 -21.18 19.79
CA ARG E 76 -8.03 -19.74 19.86
C ARG E 76 -9.33 -19.39 20.57
N GLU E 77 -10.40 -20.13 20.28
CA GLU E 77 -11.68 -19.85 20.94
C GLU E 77 -11.60 -20.14 22.44
N ASP E 78 -10.92 -21.23 22.81
CA ASP E 78 -10.74 -21.53 24.23
C ASP E 78 -9.91 -20.46 24.93
N THR E 79 -8.88 -19.96 24.25
CA THR E 79 -8.05 -18.90 24.83
C THR E 79 -8.85 -17.61 24.98
N CYS E 80 -9.71 -17.30 24.03
CA CYS E 80 -10.60 -16.15 24.17
C CYS E 80 -11.56 -16.33 25.34
N TYR E 81 -12.12 -17.53 25.48
CA TYR E 81 -13.02 -17.80 26.59
C TYR E 81 -12.31 -17.63 27.92
N LEU E 82 -11.05 -18.07 28.00
CA LEU E 82 -10.29 -17.89 29.23
C LEU E 82 -9.94 -16.43 29.47
N GLN E 83 -9.61 -15.69 28.41
CA GLN E 83 -9.29 -14.28 28.56
C GLN E 83 -10.49 -13.50 29.09
N THR E 84 -11.68 -13.80 28.58
CA THR E 84 -12.88 -13.11 29.06
C THR E 84 -13.29 -13.61 30.44
N TYR E 85 -13.15 -14.92 30.68
CA TYR E 85 -13.67 -15.53 31.90
C TYR E 85 -12.83 -15.20 33.12
N ILE E 86 -11.52 -14.98 32.95
CA ILE E 86 -10.67 -14.70 34.11
C ILE E 86 -11.04 -13.36 34.74
N HIS E 87 -11.40 -12.38 33.92
CA HIS E 87 -11.83 -11.08 34.40
C HIS E 87 -13.34 -11.01 34.61
N SER E 88 -14.04 -12.12 34.49
CA SER E 88 -15.48 -12.13 34.69
C SER E 88 -15.82 -11.95 36.17
N MET E 89 -17.12 -11.91 36.47
CA MET E 89 -17.58 -11.60 37.81
C MET E 89 -17.97 -12.85 38.60
N GLY E 90 -18.52 -13.87 37.92
CA GLY E 90 -18.82 -15.12 38.61
C GLY E 90 -17.57 -15.83 39.09
N LEU E 91 -16.49 -15.77 38.31
CA LEU E 91 -15.21 -16.28 38.78
C LEU E 91 -14.75 -15.52 40.02
N LEU E 92 -14.98 -14.21 40.06
CA LEU E 92 -14.67 -13.44 41.25
C LEU E 92 -15.51 -13.90 42.44
N GLN E 93 -16.79 -14.24 42.21
CA GLN E 93 -17.62 -14.79 43.28
C GLN E 93 -17.03 -16.08 43.82
N LYS E 94 -16.64 -16.99 42.92
CA LYS E 94 -16.07 -18.26 43.35
C LYS E 94 -14.76 -18.05 44.11
N LEU E 95 -13.92 -17.15 43.61
CA LEU E 95 -12.64 -16.89 44.26
C LEU E 95 -12.83 -16.28 45.64
N ASP E 96 -13.79 -15.36 45.78
CA ASP E 96 -14.07 -14.79 47.10
C ASP E 96 -14.66 -15.83 48.04
N GLN E 97 -15.49 -16.74 47.52
CA GLN E 97 -16.03 -17.80 48.36
C GLN E 97 -14.94 -18.74 48.84
N GLN E 98 -13.94 -19.00 48.00
CA GLN E 98 -12.91 -19.98 48.34
C GLN E 98 -11.78 -19.39 49.18
N LEU E 99 -11.24 -18.23 48.79
CA LEU E 99 -10.01 -17.71 49.37
C LEU E 99 -10.21 -16.43 50.17
N LYS E 100 -11.42 -15.89 50.24
CA LYS E 100 -11.73 -14.67 50.99
C LYS E 100 -10.82 -13.50 50.54
N LEU E 101 -11.04 -13.12 49.28
CA LEU E 101 -10.22 -12.08 48.67
C LEU E 101 -10.38 -10.74 49.37
N ARG E 102 -11.60 -10.41 49.80
CA ARG E 102 -11.85 -9.11 50.44
C ARG E 102 -11.05 -8.96 51.72
N GLU E 103 -11.03 -10.01 52.56
CA GLU E 103 -10.32 -9.94 53.83
C GLU E 103 -8.83 -9.74 53.61
N HIS E 104 -8.24 -10.46 52.66
CA HIS E 104 -6.81 -10.29 52.38
C HIS E 104 -6.52 -8.91 51.83
N PHE E 105 -7.31 -8.45 50.85
CA PHE E 105 -7.02 -7.18 50.21
C PHE E 105 -7.35 -5.99 51.09
N GLY E 106 -8.07 -6.19 52.19
CA GLY E 106 -8.32 -5.11 53.13
C GLY E 106 -7.32 -4.97 54.26
N THR E 107 -6.34 -5.88 54.36
CA THR E 107 -5.41 -5.86 55.49
C THR E 107 -4.52 -4.62 55.55
N PRO E 108 -3.88 -4.13 54.44
CA PRO E 108 -2.92 -3.03 54.62
C PRO E 108 -3.59 -1.70 54.91
N LEU E 109 -3.92 -1.46 56.17
CA LEU E 109 -4.57 -0.21 56.56
C LEU E 109 -3.69 1.00 56.33
N ARG E 110 -2.37 0.83 56.28
CA ARG E 110 -1.46 1.96 56.18
C ARG E 110 -1.27 2.44 54.74
N ASP E 111 -1.88 1.78 53.76
CA ASP E 111 -1.77 2.16 52.36
C ASP E 111 -3.15 2.60 51.86
N PRO E 112 -3.46 3.90 51.90
CA PRO E 112 -4.79 4.34 51.46
C PRO E 112 -5.09 4.08 49.99
N LEU E 113 -4.06 4.08 49.13
CA LEU E 113 -4.31 4.01 47.70
C LEU E 113 -4.58 2.58 47.24
N PHE E 114 -3.60 1.69 47.39
CA PHE E 114 -3.71 0.33 46.88
C PHE E 114 -4.25 -0.64 47.92
N ARG E 115 -5.40 -0.33 48.49
CA ARG E 115 -6.07 -1.25 49.41
C ARG E 115 -7.56 -1.25 49.11
N LEU E 116 -8.22 -2.34 49.48
CA LEU E 116 -9.66 -2.49 49.28
C LEU E 116 -10.37 -2.06 50.55
N TRP E 117 -10.99 -0.89 50.52
CA TRP E 117 -11.69 -0.38 51.69
C TRP E 117 -12.90 -1.25 52.01
N GLY E 118 -13.23 -1.31 53.29
CA GLY E 118 -14.37 -2.14 53.71
C GLY E 118 -15.69 -1.56 53.25
N GLY E 119 -16.63 -2.45 52.95
CA GLY E 119 -17.96 -2.05 52.53
C GLY E 119 -17.99 -1.30 51.22
N THR E 120 -17.27 -1.80 50.23
CA THR E 120 -17.26 -1.17 48.91
C THR E 120 -18.27 -1.85 47.98
N SER E 121 -18.58 -1.17 46.88
CA SER E 121 -19.53 -1.69 45.91
C SER E 121 -18.95 -2.89 45.17
N GLN E 122 -19.85 -3.71 44.63
CA GLN E 122 -19.43 -4.88 43.87
C GLN E 122 -18.70 -4.49 42.61
N GLU E 123 -19.15 -3.41 41.95
CA GLU E 123 -18.47 -2.94 40.75
C GLU E 123 -17.05 -2.48 41.05
N TRP E 124 -16.86 -1.77 42.16
CA TRP E 124 -15.52 -1.36 42.55
C TRP E 124 -14.66 -2.56 42.92
N PHE E 125 -15.25 -3.56 43.56
CA PHE E 125 -14.51 -4.79 43.86
C PHE E 125 -14.05 -5.47 42.57
N LEU E 126 -14.93 -5.53 41.57
CA LEU E 126 -14.56 -6.14 40.29
C LEU E 126 -13.46 -5.35 39.61
N GLU E 127 -13.54 -4.02 39.63
CA GLU E 127 -12.50 -3.19 39.04
C GLU E 127 -11.16 -3.37 39.75
N TYR E 128 -11.19 -3.43 41.08
CA TYR E 128 -9.98 -3.66 41.85
C TYR E 128 -9.37 -5.01 41.53
N TYR E 129 -10.20 -6.05 41.44
CA TYR E 129 -9.71 -7.38 41.11
C TYR E 129 -9.10 -7.41 39.70
N ARG E 130 -9.74 -6.73 38.75
CA ARG E 130 -9.18 -6.64 37.41
C ARG E 130 -7.87 -5.87 37.40
N SER E 131 -7.71 -4.91 38.31
CA SER E 131 -6.45 -4.18 38.39
C SER E 131 -5.35 -5.05 39.00
N ARG E 132 -5.69 -5.89 39.97
CA ARG E 132 -4.68 -6.71 40.63
C ARG E 132 -4.32 -7.97 39.87
N VAL E 133 -5.12 -8.38 38.88
CA VAL E 133 -4.85 -9.57 38.08
C VAL E 133 -4.70 -9.13 36.63
N GLU E 134 -3.54 -9.40 36.04
CA GLU E 134 -3.24 -8.99 34.69
C GLU E 134 -3.13 -10.21 33.79
N VAL E 135 -3.82 -10.17 32.64
CA VAL E 135 -3.80 -11.23 31.66
C VAL E 135 -3.26 -10.66 30.36
N LEU E 136 -2.24 -11.31 29.80
CA LEU E 136 -1.66 -10.89 28.54
C LEU E 136 -1.66 -12.05 27.57
N MET E 137 -1.90 -11.75 26.31
CA MET E 137 -2.00 -12.75 25.26
C MET E 137 -0.89 -12.53 24.24
N ASP E 138 -0.17 -13.60 23.91
CA ASP E 138 0.80 -13.61 22.83
C ASP E 138 0.16 -14.36 21.68
N ASP E 139 -0.28 -13.60 20.66
CA ASP E 139 -1.13 -14.10 19.60
C ASP E 139 -0.35 -14.77 18.46
N ILE E 140 0.97 -14.59 18.39
CA ILE E 140 1.73 -15.25 17.33
C ILE E 140 1.71 -16.76 17.53
N CYS E 141 1.69 -17.23 18.78
CA CYS E 141 1.56 -18.64 19.07
C CYS E 141 0.62 -18.90 20.24
N GLY E 142 -0.23 -17.91 20.56
CA GLY E 142 -1.32 -18.09 21.49
C GLY E 142 -0.97 -18.57 22.88
N LEU E 143 -0.23 -17.77 23.63
CA LEU E 143 0.13 -18.10 25.01
C LEU E 143 -0.48 -17.08 25.96
N LEU E 144 -1.16 -17.56 26.99
CA LEU E 144 -1.80 -16.70 27.98
C LEU E 144 -0.92 -16.63 29.22
N THR E 145 -0.42 -15.45 29.54
CA THR E 145 0.37 -15.25 30.74
C THR E 145 -0.45 -14.46 31.76
N VAL E 146 -0.50 -14.94 32.99
CA VAL E 146 -1.30 -14.36 34.06
C VAL E 146 -0.38 -13.97 35.19
N ARG E 147 -0.45 -12.70 35.59
CA ARG E 147 0.30 -12.18 36.73
C ARG E 147 -0.71 -11.74 37.79
N VAL E 148 -0.62 -12.35 38.96
CA VAL E 148 -1.56 -12.11 40.06
C VAL E 148 -0.81 -11.39 41.17
N GLN E 149 -1.33 -10.26 41.61
CA GLN E 149 -0.72 -9.50 42.68
C GLN E 149 -1.34 -9.84 44.03
N GLY E 150 -0.55 -9.65 45.07
CA GLY E 150 -1.02 -9.89 46.42
C GLY E 150 -0.20 -9.09 47.41
N PHE E 151 -0.47 -9.32 48.68
CA PHE E 151 0.30 -8.71 49.76
C PHE E 151 1.16 -9.70 50.51
N GLU E 152 0.95 -11.00 50.31
CA GLU E 152 1.84 -12.06 50.76
C GLU E 152 2.09 -13.00 49.59
N PRO E 153 3.33 -13.47 49.40
CA PRO E 153 3.62 -14.31 48.23
C PRO E 153 2.81 -15.60 48.18
N GLU E 154 2.56 -16.22 49.33
CA GLU E 154 1.80 -17.46 49.36
C GLU E 154 0.38 -17.24 48.87
N PHE E 155 -0.24 -16.11 49.26
CA PHE E 155 -1.58 -15.80 48.79
C PHE E 155 -1.61 -15.59 47.28
N ALA E 156 -0.60 -14.91 46.74
CA ALA E 156 -0.55 -14.71 45.29
C ALA E 156 -0.42 -16.04 44.56
N GLN E 157 0.44 -16.92 45.06
CA GLN E 157 0.58 -18.25 44.44
C GLN E 157 -0.73 -19.03 44.52
N ALA E 158 -1.39 -18.99 45.68
CA ALA E 158 -2.65 -19.70 45.84
C ALA E 158 -3.73 -19.14 44.91
N LEU E 159 -3.79 -17.82 44.77
CA LEU E 159 -4.79 -17.22 43.89
C LEU E 159 -4.53 -17.59 42.43
N ASN E 160 -3.25 -17.60 42.02
CA ASN E 160 -2.93 -18.02 40.65
C ASN E 160 -3.32 -19.48 40.42
N ARG E 161 -3.03 -20.35 41.38
CA ARG E 161 -3.39 -21.76 41.24
C ARG E 161 -4.90 -21.93 41.15
N ALA E 162 -5.64 -21.21 41.99
CA ALA E 162 -7.10 -21.29 41.96
C ALA E 162 -7.65 -20.79 40.64
N ILE E 163 -7.07 -19.70 40.11
CA ILE E 163 -7.52 -19.19 38.82
C ILE E 163 -7.31 -20.23 37.73
N LEU E 164 -6.13 -20.87 37.72
CA LEU E 164 -5.85 -21.89 36.70
C LEU E 164 -6.82 -23.06 36.81
N GLU E 165 -7.04 -23.55 38.03
CA GLU E 165 -7.93 -24.70 38.22
C GLU E 165 -9.37 -24.37 37.82
N GLU E 166 -9.85 -23.19 38.21
CA GLU E 166 -11.20 -22.79 37.83
C GLU E 166 -11.32 -22.61 36.33
N SER E 167 -10.27 -22.10 35.69
CA SER E 167 -10.29 -21.95 34.24
C SER E 167 -10.40 -23.30 33.55
N GLU E 168 -9.63 -24.29 34.01
CA GLU E 168 -9.72 -25.63 33.42
C GLU E 168 -11.11 -26.23 33.63
N ARG E 169 -11.66 -26.08 34.84
CA ARG E 169 -12.98 -26.62 35.12
C ARG E 169 -14.05 -25.98 34.23
N PHE E 170 -13.99 -24.65 34.07
CA PHE E 170 -14.94 -23.96 33.21
C PHE E 170 -14.80 -24.40 31.76
N VAL E 171 -13.56 -24.58 31.29
CA VAL E 171 -13.32 -25.02 29.92
C VAL E 171 -13.97 -26.37 29.68
N ASN E 172 -13.81 -27.30 30.62
CA ASN E 172 -14.46 -28.60 30.47
C ASN E 172 -15.98 -28.48 30.54
N GLU E 173 -16.48 -27.68 31.49
CA GLU E 173 -17.93 -27.59 31.70
C GLU E 173 -18.64 -27.00 30.50
N LEU E 174 -17.97 -26.12 29.75
CA LEU E 174 -18.60 -25.51 28.57
C LEU E 174 -19.07 -26.58 27.58
N SER E 175 -18.22 -27.55 27.27
CA SER E 175 -18.62 -28.64 26.38
C SER E 175 -19.48 -29.68 27.10
N HIS E 176 -19.27 -29.86 28.42
CA HIS E 176 -20.09 -30.81 29.15
C HIS E 176 -21.55 -30.39 29.15
N ARG E 177 -21.84 -29.10 29.08
CA ARG E 177 -23.23 -28.65 28.99
C ARG E 177 -23.91 -29.15 27.72
N MET E 178 -23.23 -28.98 26.58
CA MET E 178 -23.75 -29.51 25.32
C MET E 178 -23.94 -31.01 25.40
N ALA E 179 -22.94 -31.71 25.96
CA ALA E 179 -23.03 -33.17 26.05
C ALA E 179 -24.21 -33.60 26.91
N ARG E 180 -24.45 -32.90 28.02
CA ARG E 180 -25.55 -33.25 28.90
C ARG E 180 -26.91 -32.99 28.24
N GLU E 181 -27.05 -31.88 27.52
CA GLU E 181 -28.33 -31.64 26.85
C GLU E 181 -28.57 -32.64 25.73
N GLN E 182 -27.50 -33.04 25.02
CA GLN E 182 -27.64 -34.09 24.02
C GLN E 182 -28.03 -35.41 24.66
N GLY E 183 -27.47 -35.71 25.84
CA GLY E 183 -27.88 -36.92 26.54
C GLY E 183 -29.35 -36.88 26.96
N GLN E 184 -29.81 -35.72 27.40
CA GLN E 184 -31.23 -35.58 27.74
C GLN E 184 -32.12 -35.83 26.52
N PHE E 185 -31.73 -35.27 25.37
CA PHE E 185 -32.49 -35.51 24.14
C PHE E 185 -32.46 -37.00 23.78
N ALA E 186 -31.31 -37.65 23.94
CA ALA E 186 -31.19 -39.06 23.64
C ALA E 186 -32.10 -39.91 24.52
N GLU E 187 -32.16 -39.58 25.82
CA GLU E 187 -33.06 -40.32 26.71
C GLU E 187 -34.52 -40.07 26.38
N ALA E 188 -34.85 -38.84 25.97
CA ALA E 188 -36.22 -38.52 25.57
C ALA E 188 -36.62 -39.35 24.35
N GLU E 189 -35.71 -39.51 23.39
CA GLU E 189 -35.99 -40.41 22.27
C GLU E 189 -36.02 -41.87 22.71
N LEU E 190 -35.20 -42.23 23.70
CA LEU E 190 -35.08 -43.61 24.14
C LEU E 190 -36.37 -44.13 24.74
N GLU E 191 -37.02 -43.31 25.58
CA GLU E 191 -38.26 -43.77 26.21
C GLU E 191 -39.35 -44.04 25.17
N ARG E 192 -39.45 -43.16 24.16
CA ARG E 192 -40.43 -43.37 23.10
C ARG E 192 -40.09 -44.60 22.27
N ALA E 193 -38.79 -44.81 21.99
CA ALA E 193 -38.39 -46.00 21.25
C ALA E 193 -38.74 -47.28 22.02
N THR E 194 -38.50 -47.27 23.33
CA THR E 194 -38.85 -48.43 24.16
C THR E 194 -40.36 -48.68 24.16
N ALA E 195 -41.15 -47.61 24.26
CA ALA E 195 -42.61 -47.77 24.21
C ALA E 195 -43.05 -48.34 22.87
N ARG E 196 -42.48 -47.84 21.77
CA ARG E 196 -42.83 -48.36 20.45
C ARG E 196 -42.46 -49.83 20.32
N LEU E 197 -41.26 -50.21 20.81
CA LEU E 197 -40.84 -51.60 20.71
C LEU E 197 -41.74 -52.52 21.52
N GLN E 198 -42.10 -52.12 22.74
CA GLN E 198 -42.94 -52.98 23.56
C GLN E 198 -44.34 -53.09 22.97
N GLU E 199 -44.87 -52.00 22.40
CA GLU E 199 -46.17 -52.08 21.74
C GLU E 199 -46.14 -53.01 20.53
N ALA E 200 -45.08 -52.90 19.72
CA ALA E 200 -44.96 -53.80 18.56
C ALA E 200 -44.82 -55.25 19.00
N LYS E 201 -44.05 -55.51 20.05
CA LYS E 201 -43.90 -56.87 20.55
C LYS E 201 -45.22 -57.43 21.05
N ARG E 202 -45.99 -56.62 21.78
CA ARG E 202 -47.30 -57.06 22.25
C ARG E 202 -48.23 -57.35 21.08
N GLN E 203 -48.21 -56.49 20.06
CA GLN E 203 -49.04 -56.71 18.87
C GLN E 203 -48.66 -58.01 18.18
N LEU E 204 -47.36 -58.29 18.06
CA LEU E 204 -46.93 -59.51 17.38
C LEU E 204 -47.28 -60.75 18.20
N ILE E 205 -47.07 -60.72 19.52
CA ILE E 205 -47.35 -61.88 20.35
C ILE E 205 -48.84 -62.05 20.65
N ALA E 206 -49.68 -61.07 20.29
CA ALA E 206 -51.11 -61.24 20.45
C ALA E 206 -51.62 -62.39 19.59
N PHE E 207 -51.13 -62.52 18.37
CA PHE E 207 -51.51 -63.61 17.48
C PHE E 207 -50.63 -64.84 17.71
N PHE E 292 -48.96 -61.28 7.39
CA PHE E 292 -48.54 -61.71 8.71
C PHE E 292 -47.05 -61.48 8.91
N HIS E 293 -46.27 -61.74 7.87
CA HIS E 293 -44.82 -61.53 7.94
C HIS E 293 -44.48 -60.04 8.02
N ASP E 294 -45.34 -59.18 7.45
CA ASP E 294 -45.11 -57.74 7.53
C ASP E 294 -45.19 -57.24 8.96
N LEU E 295 -46.00 -57.89 9.81
CA LEU E 295 -46.00 -57.54 11.22
C LEU E 295 -44.66 -57.86 11.87
N GLN E 296 -44.06 -59.00 11.50
CA GLN E 296 -42.72 -59.31 12.00
C GLN E 296 -41.71 -58.31 11.50
N LEU E 297 -41.83 -57.87 10.24
CA LEU E 297 -40.94 -56.85 9.72
C LEU E 297 -41.09 -55.53 10.48
N GLN E 298 -42.33 -55.14 10.80
CA GLN E 298 -42.55 -53.93 11.58
C GLN E 298 -41.96 -54.05 12.97
N VAL E 299 -42.08 -55.22 13.60
CA VAL E 299 -41.47 -55.44 14.91
C VAL E 299 -39.95 -55.33 14.80
N GLY E 300 -39.38 -55.87 13.73
CA GLY E 300 -37.94 -55.73 13.52
C GLY E 300 -37.52 -54.28 13.33
N PHE E 301 -38.34 -53.50 12.61
CA PHE E 301 -38.03 -52.08 12.45
C PHE E 301 -38.07 -51.36 13.78
N ALA E 302 -39.06 -51.67 14.62
CA ALA E 302 -39.12 -51.07 15.95
C ALA E 302 -37.91 -51.47 16.79
N GLU E 303 -37.48 -52.72 16.67
CA GLU E 303 -36.29 -53.17 17.38
C GLU E 303 -35.05 -52.42 16.90
N ASP E 304 -34.94 -52.19 15.60
CA ASP E 304 -33.81 -51.43 15.06
C ASP E 304 -33.83 -50.00 15.57
N ALA E 305 -35.01 -49.40 15.65
CA ALA E 305 -35.13 -48.06 16.22
C ALA E 305 -34.68 -48.04 17.69
N TYR E 306 -35.07 -49.07 18.44
CA TYR E 306 -34.64 -49.17 19.83
C TYR E 306 -33.13 -49.32 19.93
N LYS E 307 -32.53 -50.09 19.04
CA LYS E 307 -31.07 -50.25 19.05
C LYS E 307 -30.35 -48.95 18.71
N LEU E 308 -30.86 -48.21 17.72
CA LEU E 308 -30.23 -46.93 17.39
C LEU E 308 -30.39 -45.93 18.53
N ALA E 309 -31.53 -45.97 19.22
CA ALA E 309 -31.70 -45.13 20.40
C ALA E 309 -30.71 -45.51 21.49
N LEU E 310 -30.49 -46.81 21.69
CA LEU E 310 -29.50 -47.26 22.66
C LEU E 310 -28.10 -46.76 22.30
N ALA E 311 -27.73 -46.87 21.02
CA ALA E 311 -26.42 -46.39 20.59
C ALA E 311 -26.29 -44.89 20.81
N ALA E 312 -27.32 -44.12 20.47
CA ALA E 312 -27.27 -42.68 20.64
C ALA E 312 -27.13 -42.31 22.11
N VAL E 313 -27.91 -42.96 22.99
CA VAL E 313 -27.83 -42.61 24.41
C VAL E 313 -26.50 -43.04 24.99
N GLU E 314 -25.93 -44.16 24.53
CA GLU E 314 -24.63 -44.58 25.02
C GLU E 314 -23.54 -43.60 24.62
N SER E 315 -23.56 -43.15 23.35
CA SER E 315 -22.58 -42.17 22.91
C SER E 315 -22.72 -40.85 23.65
N ALA E 316 -23.97 -40.41 23.85
CA ALA E 316 -24.20 -39.15 24.55
C ALA E 316 -23.75 -39.22 25.99
N ARG E 317 -24.00 -40.35 26.66
CA ARG E 317 -23.53 -40.52 28.03
C ARG E 317 -22.02 -40.63 28.10
N ILE E 318 -21.39 -41.20 27.07
CA ILE E 318 -19.93 -41.23 27.01
C ILE E 318 -19.38 -39.80 26.92
N GLU E 319 -19.97 -38.99 26.05
CA GLU E 319 -19.47 -37.64 25.83
C GLU E 319 -19.72 -36.70 27.02
N ALA E 320 -20.56 -37.08 27.96
CA ALA E 320 -20.95 -36.19 29.06
C ALA E 320 -20.01 -36.23 30.25
N THR E 321 -18.96 -37.06 30.20
CA THR E 321 -18.04 -37.18 31.33
C THR E 321 -16.57 -37.10 30.95
N ARG E 322 -16.20 -37.34 29.70
CA ARG E 322 -14.80 -37.32 29.30
C ARG E 322 -14.26 -35.90 29.31
N LYS E 323 -13.02 -35.75 29.79
CA LYS E 323 -12.34 -34.46 29.75
C LYS E 323 -11.90 -34.14 28.33
N LEU E 324 -12.74 -33.38 27.61
CA LEU E 324 -12.45 -33.12 26.20
C LEU E 324 -11.25 -32.19 26.03
N LYS E 325 -11.15 -31.15 26.84
CA LYS E 325 -10.10 -30.15 26.72
C LYS E 325 -9.33 -30.07 28.03
N SER E 326 -8.00 -30.00 27.94
CA SER E 326 -7.15 -29.83 29.09
C SER E 326 -6.35 -28.55 28.94
N LEU E 327 -5.91 -28.00 30.07
CA LEU E 327 -5.15 -26.77 30.12
C LEU E 327 -3.71 -27.11 30.47
N VAL E 328 -2.80 -26.96 29.51
CA VAL E 328 -1.40 -27.25 29.73
C VAL E 328 -0.74 -25.99 30.29
N VAL E 329 0.27 -26.20 31.14
CA VAL E 329 0.90 -25.13 31.89
C VAL E 329 2.36 -25.09 31.47
N VAL E 330 2.73 -24.10 30.65
CA VAL E 330 4.12 -23.93 30.25
C VAL E 330 4.97 -23.54 31.45
N GLU E 331 4.48 -22.61 32.27
CA GLU E 331 5.19 -22.20 33.49
C GLU E 331 4.19 -22.17 34.64
N PRO E 332 4.38 -23.00 35.67
CA PRO E 332 3.45 -23.01 36.79
C PRO E 332 3.57 -21.75 37.62
N PRO E 333 2.56 -21.45 38.45
CA PRO E 333 2.63 -20.23 39.29
C PRO E 333 3.83 -20.28 40.23
N VAL E 334 4.67 -19.26 40.12
CA VAL E 334 5.89 -19.19 40.91
C VAL E 334 5.57 -18.54 42.26
N LEU E 335 6.50 -18.72 43.20
CA LEU E 335 6.38 -18.09 44.52
C LEU E 335 7.36 -16.92 44.60
N PRO E 336 6.89 -15.68 44.59
CA PRO E 336 7.82 -14.55 44.64
C PRO E 336 8.56 -14.48 45.96
N GLU E 337 9.78 -13.95 45.90
CA GLU E 337 10.61 -13.76 47.08
C GLU E 337 10.61 -12.32 47.56
N ILE E 338 10.64 -11.35 46.65
CA ILE E 338 10.55 -9.94 47.00
C ILE E 338 9.35 -9.34 46.30
N ALA E 339 9.12 -8.05 46.51
CA ALA E 339 7.94 -7.37 45.98
C ALA E 339 8.31 -6.64 44.70
N GLU E 340 7.78 -7.11 43.57
CA GLU E 340 7.96 -6.41 42.30
C GLU E 340 7.27 -5.06 42.28
N TYR E 341 6.24 -4.87 43.12
CA TYR E 341 5.47 -3.64 43.15
C TYR E 341 5.39 -3.13 44.58
N PRO E 342 5.30 -1.80 44.76
CA PRO E 342 5.38 -0.75 43.73
C PRO E 342 6.83 -0.38 43.41
N ARG E 343 7.09 0.08 42.18
CA ARG E 343 8.43 0.53 41.79
C ARG E 343 8.62 1.92 42.37
N ARG E 344 9.24 2.01 43.55
CA ARG E 344 9.35 3.28 44.26
C ARG E 344 10.18 4.28 43.47
N TRP E 345 11.46 3.95 43.23
CA TRP E 345 12.37 4.90 42.60
C TRP E 345 12.00 5.19 41.16
N TYR E 346 11.49 4.18 40.43
CA TYR E 346 11.02 4.41 39.06
C TYR E 346 9.87 5.41 39.05
N ASN E 347 8.91 5.25 39.98
CA ASN E 347 7.80 6.18 40.06
C ASN E 347 8.27 7.57 40.45
N LEU E 348 9.23 7.66 41.38
CA LEU E 348 9.78 8.96 41.76
C LEU E 348 10.45 9.65 40.57
N ALA E 349 11.20 8.89 39.78
CA ALA E 349 11.89 9.47 38.63
C ALA E 349 10.89 9.95 37.57
N THR E 350 9.89 9.13 37.25
CA THR E 350 8.92 9.57 36.26
C THR E 350 8.08 10.74 36.77
N LEU E 351 7.84 10.80 38.09
CA LEU E 351 7.14 11.95 38.65
C LEU E 351 8.01 13.21 38.57
N LEU E 352 9.32 13.06 38.79
CA LEU E 352 10.24 14.17 38.60
C LEU E 352 10.17 14.70 37.17
N VAL E 353 10.21 13.79 36.20
CA VAL E 353 10.15 14.19 34.80
C VAL E 353 8.83 14.89 34.49
N VAL E 354 7.72 14.33 34.98
CA VAL E 354 6.40 14.91 34.72
C VAL E 354 6.29 16.29 35.34
N CYS E 355 6.76 16.45 36.58
CA CYS E 355 6.69 17.75 37.24
C CYS E 355 7.56 18.78 36.53
N CYS E 356 8.76 18.39 36.09
CA CYS E 356 9.61 19.32 35.36
C CYS E 356 8.95 19.76 34.05
N LEU E 357 8.37 18.80 33.32
CA LEU E 357 7.72 19.15 32.06
C LEU E 357 6.51 20.04 32.28
N ILE E 358 5.72 19.75 33.31
CA ILE E 358 4.53 20.57 33.57
C ILE E 358 4.93 21.96 34.04
N TYR E 359 6.02 22.09 34.81
CA TYR E 359 6.49 23.41 35.19
C TYR E 359 6.98 24.20 33.98
N GLY E 360 7.71 23.54 33.07
CA GLY E 360 8.12 24.22 31.86
C GLY E 360 6.94 24.68 31.02
N VAL E 361 5.92 23.83 30.89
CA VAL E 361 4.73 24.18 30.13
C VAL E 361 4.01 25.36 30.78
N VAL E 362 3.87 25.34 32.11
CA VAL E 362 3.21 26.42 32.82
C VAL E 362 3.97 27.73 32.64
N SER E 363 5.30 27.68 32.75
CA SER E 363 6.10 28.88 32.57
C SER E 363 5.96 29.44 31.16
N LEU E 364 5.99 28.56 30.15
CA LEU E 364 5.82 29.02 28.77
C LEU E 364 4.44 29.63 28.55
N VAL E 365 3.41 29.01 29.12
CA VAL E 365 2.04 29.53 28.96
C VAL E 365 1.93 30.90 29.62
N VAL E 366 2.48 31.06 30.82
CA VAL E 366 2.44 32.34 31.51
C VAL E 366 3.19 33.40 30.72
N ALA E 367 4.37 33.06 30.20
CA ALA E 367 5.15 34.01 29.41
C ALA E 367 4.40 34.43 28.15
N THR E 368 3.74 33.49 27.48
CA THR E 368 2.99 33.82 26.27
C THR E 368 1.78 34.69 26.59
N ILE E 369 1.06 34.38 27.68
CA ILE E 369 -0.14 35.14 28.01
C ILE E 369 0.19 36.51 28.60
N ARG E 370 1.40 36.70 29.14
CA ARG E 370 1.77 38.02 29.65
C ARG E 370 1.97 39.01 28.51
N ASP E 371 2.44 38.55 27.36
CA ASP E 371 2.66 39.40 26.18
C ASP E 371 3.60 40.56 26.47
N LYS F 7 29.15 33.43 37.93
CA LYS F 7 28.27 32.26 37.95
C LYS F 7 29.03 31.04 37.46
N LEU F 8 28.35 29.89 37.41
CA LEU F 8 28.98 28.65 36.96
C LEU F 8 29.29 28.65 35.47
N VAL F 9 28.62 29.51 34.69
CA VAL F 9 28.90 29.59 33.26
C VAL F 9 30.32 30.09 33.03
N SER F 10 30.79 31.01 33.87
CA SER F 10 32.17 31.46 33.80
C SER F 10 33.16 30.41 34.28
N ARG F 11 32.68 29.35 34.93
CA ARG F 11 33.55 28.30 35.43
C ARG F 11 33.75 27.18 34.41
N LEU F 12 32.72 26.86 33.62
CA LEU F 12 32.83 25.81 32.61
C LEU F 12 33.68 26.31 31.45
N THR F 13 34.84 25.70 31.24
CA THR F 13 35.78 26.12 30.21
C THR F 13 36.62 24.92 29.78
N ALA F 14 37.59 25.20 28.91
CA ALA F 14 38.52 24.17 28.47
C ALA F 14 39.42 23.73 29.61
N LYS F 15 39.94 22.51 29.48
CA LYS F 15 40.78 21.81 30.45
C LYS F 15 40.01 21.42 31.71
N ARG F 16 38.74 21.79 31.82
CA ARG F 16 37.87 21.32 32.89
C ARG F 16 36.66 20.58 32.35
N LEU F 17 35.99 21.12 31.33
CA LEU F 17 34.88 20.42 30.72
C LEU F 17 35.35 19.16 30.00
N GLN F 18 36.42 19.27 29.20
CA GLN F 18 36.95 18.10 28.53
C GLN F 18 37.67 17.17 29.50
N TRP F 19 38.21 17.72 30.59
CA TRP F 19 38.81 16.87 31.61
C TRP F 19 37.80 15.95 32.25
N ALA F 20 36.61 16.47 32.58
CA ALA F 20 35.60 15.74 33.32
C ALA F 20 34.50 15.16 32.44
N LEU F 21 34.57 15.35 31.12
CA LEU F 21 33.58 14.80 30.21
C LEU F 21 34.15 13.82 29.20
N VAL F 22 35.47 13.80 28.99
CA VAL F 22 36.08 12.88 28.04
C VAL F 22 37.14 12.05 28.74
N TYR F 23 38.17 12.71 29.28
CA TYR F 23 39.38 12.02 29.71
C TYR F 23 39.14 11.16 30.95
N LEU F 24 38.45 11.70 31.96
CA LEU F 24 38.22 10.93 33.18
C LEU F 24 37.33 9.72 32.94
N PRO F 25 36.16 9.82 32.27
CA PRO F 25 35.39 8.61 32.01
C PRO F 25 36.14 7.57 31.18
N MET F 26 36.92 8.01 30.20
CA MET F 26 37.74 7.07 29.44
C MET F 26 38.78 6.40 30.33
N LEU F 27 39.37 7.14 31.26
CA LEU F 27 40.35 6.56 32.18
C LEU F 27 39.72 5.48 33.04
N VAL F 28 38.55 5.78 33.63
CA VAL F 28 37.92 4.79 34.51
C VAL F 28 37.45 3.58 33.70
N ALA F 29 36.93 3.82 32.49
CA ALA F 29 36.48 2.71 31.66
C ALA F 29 37.64 1.82 31.24
N THR F 30 38.77 2.40 30.85
CA THR F 30 39.88 1.59 30.39
C THR F 30 40.54 0.85 31.54
N VAL F 31 40.62 1.46 32.73
CA VAL F 31 41.19 0.73 33.86
C VAL F 31 40.27 -0.40 34.29
N TYR F 32 38.94 -0.19 34.25
CA TYR F 32 38.02 -1.27 34.56
C TYR F 32 38.11 -2.39 33.53
N PHE F 33 38.22 -2.04 32.25
CA PHE F 33 38.21 -3.06 31.20
C PHE F 33 39.49 -3.89 31.20
N LEU F 34 40.65 -3.23 31.29
CA LEU F 34 41.92 -3.95 31.21
C LEU F 34 42.46 -4.39 32.56
N VAL F 35 41.78 -4.08 33.66
CA VAL F 35 42.23 -4.46 35.00
C VAL F 35 41.24 -5.38 35.70
N PHE F 36 39.98 -4.98 35.75
CA PHE F 36 39.00 -5.65 36.60
C PHE F 36 38.01 -6.54 35.85
N SER F 37 37.77 -6.28 34.57
CA SER F 37 36.73 -7.01 33.85
C SER F 37 37.09 -8.48 33.73
N ALA F 38 36.08 -9.34 33.90
CA ALA F 38 36.25 -10.78 33.81
C ALA F 38 35.71 -11.28 32.48
N ASP F 39 36.50 -12.11 31.81
CA ASP F 39 36.13 -12.61 30.49
C ASP F 39 35.11 -13.73 30.60
N ARG F 40 34.14 -13.71 29.69
CA ARG F 40 33.05 -14.68 29.68
C ARG F 40 33.08 -15.45 28.37
N TYR F 41 33.02 -16.78 28.47
CA TYR F 41 33.05 -17.67 27.32
C TYR F 41 31.62 -18.04 26.92
N VAL F 42 31.38 -18.08 25.62
CA VAL F 42 30.05 -18.30 25.05
C VAL F 42 30.02 -19.64 24.34
N SER F 43 29.02 -20.46 24.67
CA SER F 43 28.76 -21.71 23.97
C SER F 43 27.46 -21.58 23.20
N GLU F 44 27.50 -21.89 21.90
CA GLU F 44 26.38 -21.66 21.00
C GLU F 44 25.90 -22.99 20.45
N SER F 45 24.58 -23.17 20.45
CA SER F 45 23.96 -24.36 19.87
C SER F 45 22.72 -23.93 19.08
N VAL F 46 22.35 -24.73 18.09
CA VAL F 46 21.22 -24.45 17.22
C VAL F 46 20.34 -25.69 17.13
N ILE F 47 19.05 -25.53 17.47
CA ILE F 47 18.12 -26.64 17.56
C ILE F 47 16.79 -26.26 16.92
N THR F 48 15.90 -27.23 16.86
CA THR F 48 14.49 -27.05 16.50
C THR F 48 13.76 -28.33 16.88
N VAL F 49 12.42 -28.25 16.91
CA VAL F 49 11.57 -29.34 17.37
C VAL F 49 10.84 -29.93 16.17
N ARG F 50 10.76 -31.26 16.14
CA ARG F 50 10.07 -31.97 15.07
C ARG F 50 9.20 -33.07 15.67
N GLN F 51 8.19 -33.48 14.90
CA GLN F 51 7.25 -34.50 15.33
C GLN F 51 7.64 -35.84 14.71
N THR F 52 7.78 -36.87 15.55
CA THR F 52 8.17 -38.20 15.09
C THR F 52 6.92 -39.04 14.88
N SER F 53 6.34 -38.89 13.68
CA SER F 53 5.14 -39.62 13.27
C SER F 53 3.98 -39.44 14.25
N SER F 75 5.00 -27.58 14.89
CA SER F 75 6.13 -27.03 14.16
C SER F 75 6.56 -25.69 14.74
N ARG F 76 5.74 -24.65 14.52
CA ARG F 76 6.03 -23.31 15.02
C ARG F 76 5.47 -23.06 16.40
N GLU F 77 4.74 -24.02 16.97
CA GLU F 77 4.20 -23.91 18.32
C GLU F 77 5.16 -24.44 19.38
N ASP F 78 5.80 -25.57 19.09
CA ASP F 78 6.76 -26.14 20.04
C ASP F 78 7.97 -25.25 20.19
N THR F 79 8.37 -24.54 19.14
CA THR F 79 9.46 -23.58 19.26
C THR F 79 9.08 -22.43 20.19
N CYS F 80 7.84 -21.95 20.12
CA CYS F 80 7.36 -20.94 21.06
C CYS F 80 7.36 -21.46 22.48
N TYR F 81 6.87 -22.69 22.67
CA TYR F 81 6.90 -23.29 24.00
C TYR F 81 8.31 -23.39 24.54
N LEU F 82 9.26 -23.75 23.68
CA LEU F 82 10.65 -23.84 24.09
C LEU F 82 11.23 -22.47 24.44
N GLN F 83 10.92 -21.46 23.62
CA GLN F 83 11.42 -20.12 23.87
C GLN F 83 10.91 -19.58 25.19
N THR F 84 9.63 -19.84 25.51
CA THR F 84 9.09 -19.42 26.80
C THR F 84 9.66 -20.26 27.93
N TYR F 85 9.92 -21.54 27.70
CA TYR F 85 10.35 -22.44 28.76
C TYR F 85 11.81 -22.22 29.15
N ILE F 86 12.66 -21.85 28.19
CA ILE F 86 14.09 -21.71 28.48
C ILE F 86 14.33 -20.58 29.46
N HIS F 87 13.57 -19.49 29.35
CA HIS F 87 13.74 -18.32 30.19
C HIS F 87 12.75 -18.31 31.34
N SER F 88 12.43 -19.46 31.90
CA SER F 88 11.44 -19.58 32.97
C SER F 88 12.11 -19.96 34.28
N MET F 89 11.44 -19.62 35.39
CA MET F 89 11.95 -19.97 36.71
C MET F 89 11.86 -21.46 36.97
N GLY F 90 10.87 -22.14 36.37
CA GLY F 90 10.75 -23.57 36.56
C GLY F 90 11.95 -24.33 36.02
N LEU F 91 12.51 -23.86 34.90
CA LEU F 91 13.75 -24.44 34.40
C LEU F 91 14.95 -23.97 35.19
N LEU F 92 14.93 -22.73 35.66
CA LEU F 92 16.08 -22.18 36.38
C LEU F 92 16.32 -22.90 37.70
N GLN F 93 15.24 -23.24 38.42
CA GLN F 93 15.42 -23.96 39.68
C GLN F 93 16.02 -25.35 39.44
N LYS F 94 15.58 -26.03 38.39
CA LYS F 94 16.19 -27.32 38.04
C LYS F 94 17.65 -27.15 37.67
N LEU F 95 17.97 -26.11 36.90
CA LEU F 95 19.35 -25.87 36.50
C LEU F 95 20.23 -25.58 37.71
N ASP F 96 19.72 -24.83 38.68
CA ASP F 96 20.49 -24.57 39.89
C ASP F 96 20.66 -25.82 40.72
N GLN F 97 19.60 -26.62 40.86
CA GLN F 97 19.71 -27.87 41.60
C GLN F 97 20.65 -28.86 40.92
N GLN F 98 20.85 -28.73 39.61
CA GLN F 98 21.71 -29.66 38.88
C GLN F 98 23.17 -29.19 38.84
N LEU F 99 23.40 -27.91 38.52
CA LEU F 99 24.74 -27.42 38.26
C LEU F 99 25.23 -26.35 39.22
N LYS F 100 24.37 -25.86 40.13
CA LYS F 100 24.73 -24.82 41.10
C LYS F 100 25.24 -23.56 40.41
N LEU F 101 24.32 -22.94 39.66
CA LEU F 101 24.67 -21.72 38.94
C LEU F 101 25.00 -20.57 39.88
N ARG F 102 24.38 -20.53 41.06
CA ARG F 102 24.62 -19.44 42.00
C ARG F 102 26.08 -19.44 42.47
N GLU F 103 26.64 -20.62 42.74
CA GLU F 103 28.03 -20.70 43.15
C GLU F 103 28.97 -20.29 42.01
N HIS F 104 28.65 -20.70 40.78
CA HIS F 104 29.55 -20.42 39.67
C HIS F 104 29.54 -18.94 39.27
N PHE F 105 28.36 -18.32 39.26
CA PHE F 105 28.25 -16.95 38.79
C PHE F 105 28.71 -15.92 39.81
N GLY F 106 29.04 -16.34 41.02
CA GLY F 106 29.64 -15.47 42.01
C GLY F 106 31.14 -15.62 42.16
N THR F 107 31.77 -16.48 41.35
CA THR F 107 33.20 -16.72 41.47
C THR F 107 34.06 -15.48 41.23
N PRO F 108 33.87 -14.67 40.16
CA PRO F 108 34.80 -13.56 39.92
C PRO F 108 34.56 -12.41 40.88
N LEU F 109 35.47 -12.25 41.84
CA LEU F 109 35.37 -11.17 42.81
C LEU F 109 35.99 -9.87 42.32
N ARG F 110 36.75 -9.89 41.23
CA ARG F 110 37.43 -8.68 40.78
C ARG F 110 36.46 -7.68 40.18
N ASP F 111 35.53 -8.15 39.33
CA ASP F 111 34.59 -7.20 38.74
C ASP F 111 33.27 -7.27 39.47
N PRO F 112 32.69 -6.12 39.83
CA PRO F 112 31.38 -6.12 40.50
C PRO F 112 30.19 -6.00 39.56
N LEU F 113 30.40 -5.60 38.30
CA LEU F 113 29.29 -5.35 37.40
C LEU F 113 28.65 -6.64 36.90
N PHE F 114 29.47 -7.64 36.55
CA PHE F 114 28.97 -8.83 35.86
C PHE F 114 29.02 -10.08 36.73
N ARG F 115 29.11 -9.93 38.05
CA ARG F 115 29.11 -11.06 38.97
C ARG F 115 27.77 -11.12 39.70
N LEU F 116 27.40 -12.33 40.11
CA LEU F 116 26.17 -12.55 40.86
C LEU F 116 26.50 -12.43 42.35
N TRP F 117 26.09 -11.32 42.96
CA TRP F 117 26.36 -11.11 44.37
C TRP F 117 25.62 -12.14 45.22
N GLY F 118 26.27 -12.59 46.29
CA GLY F 118 25.65 -13.55 47.17
C GLY F 118 24.49 -12.95 47.94
N GLY F 119 23.50 -13.79 48.21
CA GLY F 119 22.32 -13.34 48.94
C GLY F 119 21.47 -12.33 48.19
N THR F 120 21.26 -12.55 46.90
CA THR F 120 20.40 -11.70 46.10
C THR F 120 19.02 -12.32 45.96
N SER F 121 18.06 -11.49 45.55
CA SER F 121 16.68 -11.94 45.42
C SER F 121 16.55 -12.95 44.28
N GLN F 122 15.56 -13.83 44.41
CA GLN F 122 15.29 -14.82 43.38
C GLN F 122 14.91 -14.15 42.06
N GLU F 123 14.17 -13.03 42.13
CA GLU F 123 13.85 -12.29 40.91
C GLU F 123 15.11 -11.76 40.24
N TRP F 124 16.06 -11.26 41.03
CA TRP F 124 17.32 -10.80 40.45
C TRP F 124 18.12 -11.96 39.86
N PHE F 125 18.07 -13.13 40.52
CA PHE F 125 18.74 -14.29 39.96
C PHE F 125 18.13 -14.70 38.62
N LEU F 126 16.79 -14.65 38.53
CA LEU F 126 16.13 -14.95 37.26
C LEU F 126 16.52 -13.95 36.18
N GLU F 127 16.58 -12.67 36.54
CA GLU F 127 16.99 -11.65 35.58
C GLU F 127 18.43 -11.86 35.12
N TYR F 128 19.32 -12.22 36.05
CA TYR F 128 20.71 -12.53 35.70
C TYR F 128 20.78 -13.71 34.76
N TYR F 129 20.03 -14.78 35.05
CA TYR F 129 20.03 -15.95 34.19
C TYR F 129 19.51 -15.62 32.79
N ARG F 130 18.45 -14.80 32.71
CA ARG F 130 17.95 -14.36 31.42
C ARG F 130 18.95 -13.46 30.70
N SER F 131 19.81 -12.75 31.45
CA SER F 131 20.83 -11.93 30.81
C SER F 131 21.95 -12.79 30.24
N ARG F 132 22.31 -13.85 30.97
CA ARG F 132 23.41 -14.76 30.52
C ARG F 132 22.93 -15.57 29.31
N VAL F 133 22.09 -16.58 29.54
CA VAL F 133 21.59 -17.45 28.44
C VAL F 133 20.87 -16.57 27.41
N GLU F 134 21.18 -16.74 26.12
CA GLU F 134 20.53 -15.96 25.05
C GLU F 134 19.82 -16.92 24.09
N VAL F 135 18.53 -16.66 23.80
CA VAL F 135 17.76 -17.53 22.86
C VAL F 135 17.37 -16.70 21.63
N LEU F 136 17.82 -17.10 20.45
CA LEU F 136 17.50 -16.37 19.20
C LEU F 136 16.75 -17.32 18.26
N MET F 137 15.79 -16.80 17.47
CA MET F 137 14.98 -17.66 16.58
C MET F 137 15.00 -17.11 15.16
N ASP F 138 15.33 -17.94 14.16
CA ASP F 138 15.30 -17.49 12.75
C ASP F 138 13.87 -17.65 12.22
N ASP F 139 13.13 -16.54 12.10
CA ASP F 139 11.71 -16.60 11.65
C ASP F 139 11.60 -17.47 10.39
N ILE F 140 12.28 -17.08 9.31
CA ILE F 140 12.15 -17.81 8.05
C ILE F 140 12.39 -19.30 8.27
N CYS F 141 13.35 -19.64 9.13
CA CYS F 141 13.83 -21.00 9.25
C CYS F 141 13.12 -21.80 10.34
N GLY F 142 12.59 -21.14 11.37
CA GLY F 142 12.09 -21.85 12.51
C GLY F 142 13.18 -22.54 13.31
N LEU F 143 14.34 -21.90 13.41
CA LEU F 143 15.49 -22.45 14.13
C LEU F 143 15.78 -21.59 15.35
N LEU F 144 16.08 -22.25 16.48
CA LEU F 144 16.30 -21.58 17.75
C LEU F 144 17.77 -21.74 18.13
N THR F 145 18.46 -20.62 18.31
CA THR F 145 19.87 -20.60 18.68
C THR F 145 19.99 -20.16 20.12
N VAL F 146 20.68 -20.97 20.92
CA VAL F 146 20.92 -20.68 22.33
C VAL F 146 22.40 -20.39 22.51
N ARG F 147 22.71 -19.22 23.06
CA ARG F 147 24.07 -18.81 23.38
C ARG F 147 24.16 -18.63 24.88
N VAL F 148 25.00 -19.43 25.52
CA VAL F 148 25.12 -19.45 26.98
C VAL F 148 26.46 -18.88 27.38
N GLN F 149 26.45 -17.87 28.24
CA GLN F 149 27.67 -17.28 28.78
C GLN F 149 28.07 -18.00 30.06
N GLY F 150 29.38 -18.05 30.29
CA GLY F 150 29.93 -18.62 31.50
C GLY F 150 31.25 -17.97 31.81
N PHE F 151 31.81 -18.32 32.97
CA PHE F 151 33.12 -17.83 33.34
C PHE F 151 34.22 -18.85 33.11
N GLU F 152 33.87 -20.07 32.73
CA GLU F 152 34.81 -21.10 32.30
C GLU F 152 34.29 -21.73 31.02
N PRO F 153 35.19 -22.12 30.11
CA PRO F 153 34.73 -22.66 28.82
C PRO F 153 33.91 -23.94 28.94
N GLU F 154 34.23 -24.81 29.90
CA GLU F 154 33.50 -26.06 30.03
C GLU F 154 32.13 -25.87 30.68
N PHE F 155 32.01 -24.92 31.59
CA PHE F 155 30.74 -24.71 32.28
C PHE F 155 29.65 -24.24 31.33
N ALA F 156 30.01 -23.39 30.36
CA ALA F 156 29.02 -22.94 29.39
C ALA F 156 28.50 -24.09 28.55
N GLN F 157 29.38 -24.99 28.10
CA GLN F 157 28.94 -26.15 27.36
C GLN F 157 28.07 -27.07 28.20
N ALA F 158 28.45 -27.26 29.47
CA ALA F 158 27.64 -28.09 30.36
C ALA F 158 26.25 -27.50 30.56
N LEU F 159 26.18 -26.19 30.75
CA LEU F 159 24.88 -25.52 30.91
C LEU F 159 24.04 -25.63 29.65
N ASN F 160 24.67 -25.49 28.47
CA ASN F 160 23.93 -25.64 27.22
C ASN F 160 23.39 -27.06 27.06
N ARG F 161 24.20 -28.07 27.39
CA ARG F 161 23.75 -29.44 27.31
C ARG F 161 22.58 -29.69 28.26
N ALA F 162 22.67 -29.17 29.48
CA ALA F 162 21.58 -29.32 30.44
C ALA F 162 20.31 -28.64 29.94
N ILE F 163 20.45 -27.46 29.35
CA ILE F 163 19.29 -26.75 28.81
C ILE F 163 18.61 -27.57 27.73
N LEU F 164 19.41 -28.13 26.81
CA LEU F 164 18.83 -28.91 25.72
C LEU F 164 18.12 -30.16 26.24
N GLU F 165 18.77 -30.87 27.16
CA GLU F 165 18.17 -32.09 27.71
C GLU F 165 16.87 -31.79 28.45
N GLU F 166 16.88 -30.75 29.28
CA GLU F 166 15.67 -30.37 30.00
C GLU F 166 14.56 -29.91 29.05
N SER F 167 14.93 -29.25 27.95
CA SER F 167 13.94 -28.84 26.96
C SER F 167 13.25 -30.04 26.34
N GLU F 168 14.03 -31.04 25.92
CA GLU F 168 13.45 -32.25 25.35
C GLU F 168 12.56 -32.96 26.36
N ARG F 169 13.03 -33.09 27.60
CA ARG F 169 12.24 -33.73 28.64
C ARG F 169 10.95 -32.97 28.90
N PHE F 170 11.00 -31.63 28.87
CA PHE F 170 9.82 -30.82 29.11
C PHE F 170 8.77 -31.04 28.03
N VAL F 171 9.20 -31.07 26.76
CA VAL F 171 8.24 -31.30 25.69
C VAL F 171 7.59 -32.68 25.84
N ASN F 172 8.41 -33.70 26.11
CA ASN F 172 7.88 -35.05 26.26
C ASN F 172 6.89 -35.13 27.42
N GLU F 173 7.24 -34.54 28.56
CA GLU F 173 6.36 -34.57 29.71
C GLU F 173 5.09 -33.77 29.47
N LEU F 174 5.17 -32.68 28.71
CA LEU F 174 3.98 -31.91 28.38
C LEU F 174 3.00 -32.75 27.57
N SER F 175 3.50 -33.57 26.65
CA SER F 175 2.61 -34.45 25.91
C SER F 175 2.07 -35.58 26.80
N HIS F 176 2.93 -36.17 27.62
CA HIS F 176 2.51 -37.29 28.46
C HIS F 176 1.48 -36.87 29.49
N ARG F 177 1.54 -35.63 29.97
CA ARG F 177 0.53 -35.15 30.91
C ARG F 177 -0.86 -35.17 30.29
N MET F 178 -0.98 -34.75 29.03
CA MET F 178 -2.25 -34.83 28.34
C MET F 178 -2.67 -36.28 28.12
N ALA F 179 -1.71 -37.16 27.82
CA ALA F 179 -2.05 -38.56 27.58
C ALA F 179 -2.59 -39.25 28.85
N ARG F 180 -2.05 -38.89 30.01
CA ARG F 180 -2.38 -39.61 31.25
C ARG F 180 -3.84 -39.46 31.64
N GLU F 181 -4.44 -38.30 31.37
CA GLU F 181 -5.84 -38.09 31.73
C GLU F 181 -6.76 -39.03 30.94
N GLN F 182 -6.52 -39.15 29.64
CA GLN F 182 -7.25 -40.13 28.84
C GLN F 182 -6.98 -41.55 29.34
N GLY F 183 -5.74 -41.82 29.76
CA GLY F 183 -5.43 -43.14 30.30
C GLY F 183 -6.29 -43.49 31.51
N GLN F 184 -6.38 -42.57 32.48
CA GLN F 184 -7.15 -42.86 33.68
C GLN F 184 -8.65 -42.86 33.41
N PHE F 185 -9.13 -42.01 32.49
CA PHE F 185 -10.54 -42.05 32.13
C PHE F 185 -10.89 -43.40 31.49
N ALA F 186 -10.03 -43.90 30.61
CA ALA F 186 -10.26 -45.21 30.01
C ALA F 186 -10.19 -46.32 31.05
N GLU F 187 -9.32 -46.16 32.06
CA GLU F 187 -9.28 -47.15 33.14
C GLU F 187 -10.60 -47.18 33.90
N ALA F 188 -11.17 -46.00 34.19
CA ALA F 188 -12.46 -45.97 34.87
C ALA F 188 -13.57 -46.59 34.02
N GLU F 189 -13.56 -46.28 32.72
CA GLU F 189 -14.55 -46.88 31.83
C GLU F 189 -14.40 -48.39 31.77
N LEU F 190 -13.16 -48.89 31.78
CA LEU F 190 -12.91 -50.33 31.78
C LEU F 190 -13.43 -50.97 33.06
N GLU F 191 -13.22 -50.31 34.21
CA GLU F 191 -13.75 -50.84 35.45
C GLU F 191 -15.27 -50.93 35.42
N ARG F 192 -15.93 -49.88 34.91
CA ARG F 192 -17.38 -49.92 34.82
C ARG F 192 -17.85 -51.03 33.87
N ALA F 193 -17.15 -51.20 32.75
CA ALA F 193 -17.52 -52.25 31.80
C ALA F 193 -17.34 -53.64 32.40
N THR F 194 -16.27 -53.84 33.18
CA THR F 194 -16.07 -55.12 33.85
C THR F 194 -17.19 -55.39 34.86
N ALA F 195 -17.59 -54.36 35.61
CA ALA F 195 -18.69 -54.53 36.54
C ALA F 195 -19.99 -54.88 35.81
N ARG F 196 -20.24 -54.23 34.68
CA ARG F 196 -21.44 -54.52 33.90
C ARG F 196 -21.42 -55.95 33.37
N LEU F 197 -20.27 -56.40 32.88
CA LEU F 197 -20.16 -57.79 32.41
C LEU F 197 -20.38 -58.78 33.54
N GLN F 198 -19.82 -58.48 34.72
CA GLN F 198 -20.03 -59.37 35.87
C GLN F 198 -21.50 -59.46 36.24
N GLU F 199 -22.19 -58.32 36.26
CA GLU F 199 -23.62 -58.34 36.59
C GLU F 199 -24.43 -59.09 35.54
N ALA F 200 -24.11 -58.88 34.25
CA ALA F 200 -24.83 -59.58 33.19
C ALA F 200 -24.60 -61.09 33.27
N LYS F 201 -23.37 -61.51 33.54
CA LYS F 201 -23.08 -62.94 33.67
C LYS F 201 -23.80 -63.52 34.88
N ARG F 202 -23.85 -62.77 35.99
CA ARG F 202 -24.57 -63.24 37.16
C ARG F 202 -26.05 -63.41 36.86
N GLN F 203 -26.65 -62.46 36.15
CA GLN F 203 -28.05 -62.58 35.77
C GLN F 203 -28.28 -63.78 34.86
N LEU F 204 -27.39 -63.99 33.89
CA LEU F 204 -27.53 -65.11 32.97
C LEU F 204 -27.41 -66.44 33.69
N ILE F 205 -26.46 -66.55 34.62
CA ILE F 205 -26.30 -67.81 35.35
C ILE F 205 -27.40 -68.00 36.39
N ALA F 206 -28.03 -66.92 36.84
CA ALA F 206 -29.16 -67.06 37.76
C ALA F 206 -30.43 -67.49 37.03
N PHE F 207 -30.63 -67.00 35.81
CA PHE F 207 -31.84 -67.32 35.05
C PHE F 207 -31.69 -68.57 34.19
N GLN F 208 -30.53 -69.24 34.23
CA GLN F 208 -30.38 -70.48 33.48
C GLN F 208 -31.31 -71.57 34.01
N ALA F 209 -31.45 -71.67 35.33
CA ALA F 209 -32.32 -72.66 35.94
C ALA F 209 -33.79 -72.30 35.71
N PHE F 292 -35.20 -66.39 25.58
CA PHE F 292 -33.94 -66.34 26.31
C PHE F 292 -32.89 -65.57 25.52
N HIS F 293 -33.28 -65.06 24.35
CA HIS F 293 -32.35 -64.31 23.52
C HIS F 293 -32.07 -62.91 24.07
N ASP F 294 -32.97 -62.38 24.90
CA ASP F 294 -32.75 -61.06 25.48
C ASP F 294 -31.52 -61.05 26.40
N LEU F 295 -31.40 -62.07 27.25
CA LEU F 295 -30.23 -62.16 28.13
C LEU F 295 -28.96 -62.39 27.34
N GLN F 296 -29.05 -63.19 26.28
CA GLN F 296 -27.89 -63.39 25.42
C GLN F 296 -27.44 -62.08 24.77
N LEU F 297 -28.40 -61.28 24.29
CA LEU F 297 -28.07 -59.98 23.72
C LEU F 297 -27.46 -59.06 24.77
N GLN F 298 -28.00 -59.09 25.99
CA GLN F 298 -27.48 -58.23 27.06
C GLN F 298 -26.04 -58.60 27.40
N VAL F 299 -25.77 -59.90 27.55
CA VAL F 299 -24.40 -60.30 27.89
C VAL F 299 -23.45 -60.07 26.72
N GLY F 300 -23.94 -60.17 25.48
CA GLY F 300 -23.13 -59.80 24.34
C GLY F 300 -22.77 -58.32 24.34
N PHE F 301 -23.75 -57.47 24.69
CA PHE F 301 -23.46 -56.04 24.80
C PHE F 301 -22.44 -55.77 25.91
N ALA F 302 -22.57 -56.47 27.03
CA ALA F 302 -21.60 -56.31 28.11
C ALA F 302 -20.20 -56.73 27.67
N GLU F 303 -20.10 -57.84 26.95
CA GLU F 303 -18.80 -58.30 26.47
C GLU F 303 -18.20 -57.32 25.47
N ASP F 304 -19.02 -56.78 24.56
CA ASP F 304 -18.53 -55.80 23.61
C ASP F 304 -18.06 -54.53 24.31
N ALA F 305 -18.81 -54.06 25.30
CA ALA F 305 -18.39 -52.89 26.05
C ALA F 305 -17.08 -53.14 26.77
N TYR F 306 -16.94 -54.33 27.37
CA TYR F 306 -15.70 -54.64 28.10
C TYR F 306 -14.50 -54.72 27.16
N LYS F 307 -14.66 -55.34 25.98
CA LYS F 307 -13.53 -55.46 25.08
C LYS F 307 -13.14 -54.11 24.48
N LEU F 308 -14.13 -53.28 24.13
CA LEU F 308 -13.79 -51.95 23.63
C LEU F 308 -13.15 -51.10 24.72
N ALA F 309 -13.60 -51.24 25.97
CA ALA F 309 -12.99 -50.50 27.06
C ALA F 309 -11.55 -50.94 27.31
N LEU F 310 -11.28 -52.25 27.26
CA LEU F 310 -9.91 -52.71 27.44
C LEU F 310 -9.02 -52.27 26.29
N ALA F 311 -9.55 -52.28 25.06
CA ALA F 311 -8.79 -51.76 23.93
C ALA F 311 -8.46 -50.28 24.11
N ALA F 312 -9.45 -49.49 24.57
CA ALA F 312 -9.22 -48.08 24.79
C ALA F 312 -8.17 -47.84 25.88
N VAL F 313 -8.25 -48.58 26.98
CA VAL F 313 -7.29 -48.37 28.06
C VAL F 313 -5.90 -48.81 27.64
N GLU F 314 -5.79 -49.90 26.86
CA GLU F 314 -4.50 -50.33 26.37
C GLU F 314 -3.90 -49.32 25.42
N SER F 315 -4.72 -48.78 24.51
CA SER F 315 -4.24 -47.77 23.57
C SER F 315 -3.77 -46.52 24.30
N ALA F 316 -4.54 -46.06 25.30
CA ALA F 316 -4.12 -44.90 26.07
C ALA F 316 -2.83 -45.18 26.83
N ARG F 317 -2.70 -46.39 27.38
CA ARG F 317 -1.48 -46.73 28.10
C ARG F 317 -0.26 -46.73 27.18
N ILE F 318 -0.38 -47.30 26.00
CA ILE F 318 0.80 -47.40 25.12
C ILE F 318 1.13 -46.01 24.57
N GLU F 319 0.11 -45.19 24.31
CA GLU F 319 0.34 -43.83 23.86
C GLU F 319 1.00 -42.98 24.94
N ALA F 320 0.67 -43.24 26.22
CA ALA F 320 1.15 -42.39 27.30
C ALA F 320 2.63 -42.53 27.57
N THR F 321 3.32 -43.50 26.96
CA THR F 321 4.74 -43.72 27.22
C THR F 321 5.63 -43.55 26.02
N ARG F 322 5.08 -43.48 24.81
CA ARG F 322 5.91 -43.37 23.62
C ARG F 322 6.56 -41.99 23.54
N LYS F 323 7.73 -41.93 22.89
CA LYS F 323 8.45 -40.69 22.67
C LYS F 323 7.85 -40.00 21.46
N LEU F 324 6.82 -39.18 21.70
CA LEU F 324 6.07 -38.60 20.59
C LEU F 324 6.89 -37.58 19.82
N LYS F 325 7.58 -36.68 20.53
CA LYS F 325 8.26 -35.56 19.91
C LYS F 325 9.73 -35.58 20.27
N SER F 326 10.58 -35.20 19.31
CA SER F 326 12.02 -35.20 19.49
C SER F 326 12.58 -33.83 19.17
N LEU F 327 13.72 -33.52 19.80
CA LEU F 327 14.43 -32.26 19.61
C LEU F 327 15.67 -32.55 18.78
N VAL F 328 15.66 -32.15 17.52
CA VAL F 328 16.80 -32.37 16.65
C VAL F 328 17.78 -31.21 16.84
N VAL F 329 19.07 -31.52 16.74
CA VAL F 329 20.13 -30.57 17.01
C VAL F 329 20.87 -30.33 15.71
N VAL F 330 20.64 -29.17 15.10
CA VAL F 330 21.38 -28.79 13.91
C VAL F 330 22.85 -28.57 14.24
N GLU F 331 23.11 -27.88 15.35
CA GLU F 331 24.47 -27.65 15.82
C GLU F 331 24.55 -27.94 17.31
N PRO F 332 25.30 -28.95 17.74
CA PRO F 332 25.42 -29.24 19.16
C PRO F 332 26.22 -28.17 19.86
N PRO F 333 26.11 -28.06 21.19
CA PRO F 333 26.88 -27.03 21.91
C PRO F 333 28.37 -27.20 21.69
N VAL F 334 29.05 -26.08 21.50
CA VAL F 334 30.48 -26.07 21.21
C VAL F 334 31.24 -25.74 22.49
N LEU F 335 32.52 -26.08 22.50
CA LEU F 335 33.38 -25.75 23.63
C LEU F 335 34.25 -24.56 23.23
N PRO F 336 34.00 -23.37 23.77
CA PRO F 336 34.77 -22.20 23.35
C PRO F 336 36.23 -22.30 23.78
N GLU F 337 37.09 -21.72 22.96
CA GLU F 337 38.53 -21.65 23.25
C GLU F 337 38.94 -20.30 23.81
N ILE F 338 38.41 -19.20 23.27
CA ILE F 338 38.67 -17.87 23.79
C ILE F 338 37.35 -17.27 24.28
N ALA F 339 37.40 -16.06 24.81
CA ALA F 339 36.24 -15.41 25.39
C ALA F 339 35.67 -14.40 24.41
N GLU F 340 34.38 -14.53 24.10
CA GLU F 340 33.72 -13.59 23.21
C GLU F 340 33.38 -12.27 23.88
N TYR F 341 33.29 -12.24 25.20
CA TYR F 341 32.97 -11.05 25.95
C TYR F 341 33.94 -10.87 27.11
N PRO F 342 34.20 -9.63 27.52
CA PRO F 342 33.74 -8.37 26.95
C PRO F 342 34.59 -7.90 25.78
N ARG F 343 34.00 -7.18 24.82
CA ARG F 343 34.76 -6.59 23.73
C ARG F 343 35.42 -5.32 24.26
N ARG F 344 36.66 -5.43 24.70
CA ARG F 344 37.32 -4.33 25.40
C ARG F 344 37.58 -3.16 24.47
N TRP F 345 38.35 -3.38 23.40
CA TRP F 345 38.73 -2.28 22.53
C TRP F 345 37.54 -1.75 21.73
N TYR F 346 36.62 -2.62 21.35
CA TYR F 346 35.42 -2.17 20.65
C TYR F 346 34.61 -1.21 21.52
N ASN F 347 34.37 -1.58 22.78
CA ASN F 347 33.66 -0.70 23.69
C ASN F 347 34.45 0.56 23.99
N LEU F 348 35.77 0.47 24.05
CA LEU F 348 36.59 1.67 24.28
C LEU F 348 36.45 2.65 23.13
N ALA F 349 36.49 2.15 21.89
CA ALA F 349 36.30 3.03 20.73
C ALA F 349 34.90 3.63 20.72
N THR F 350 33.89 2.82 21.04
CA THR F 350 32.52 3.33 21.12
C THR F 350 32.40 4.43 22.15
N LEU F 351 33.00 4.23 23.33
CA LEU F 351 32.95 5.26 24.37
C LEU F 351 33.71 6.51 23.96
N LEU F 352 34.82 6.34 23.24
CA LEU F 352 35.56 7.50 22.75
C LEU F 352 34.69 8.34 21.81
N VAL F 353 34.02 7.68 20.86
CA VAL F 353 33.16 8.40 19.93
C VAL F 353 32.01 9.07 20.67
N VAL F 354 31.37 8.35 21.60
CA VAL F 354 30.23 8.90 22.32
C VAL F 354 30.64 10.09 23.17
N CYS F 355 31.78 9.98 23.86
CA CYS F 355 32.26 11.08 24.69
C CYS F 355 32.63 12.29 23.84
N CYS F 356 33.25 12.08 22.69
CA CYS F 356 33.58 13.19 21.82
C CYS F 356 32.32 13.91 21.35
N LEU F 357 31.30 13.16 20.94
CA LEU F 357 30.05 13.78 20.48
C LEU F 357 29.37 14.53 21.62
N ILE F 358 29.33 13.93 22.81
CA ILE F 358 28.68 14.57 23.95
C ILE F 358 29.41 15.85 24.34
N TYR F 359 30.74 15.81 24.35
CA TYR F 359 31.51 16.99 24.68
C TYR F 359 31.29 18.10 23.65
N GLY F 360 31.26 17.75 22.37
CA GLY F 360 31.00 18.76 21.35
C GLY F 360 29.65 19.41 21.51
N VAL F 361 28.61 18.60 21.72
CA VAL F 361 27.26 19.15 21.87
C VAL F 361 27.17 20.02 23.12
N VAL F 362 27.75 19.56 24.23
CA VAL F 362 27.70 20.31 25.48
C VAL F 362 28.46 21.62 25.34
N SER F 363 29.61 21.61 24.68
CA SER F 363 30.37 22.84 24.47
C SER F 363 29.60 23.82 23.61
N LEU F 364 28.94 23.33 22.56
CA LEU F 364 28.13 24.22 21.73
C LEU F 364 27.00 24.85 22.53
N VAL F 365 26.31 24.04 23.34
CA VAL F 365 25.20 24.56 24.13
C VAL F 365 25.69 25.57 25.15
N VAL F 366 26.81 25.29 25.82
CA VAL F 366 27.32 26.20 26.83
C VAL F 366 27.82 27.49 26.20
N ALA F 367 28.39 27.43 24.99
CA ALA F 367 28.78 28.64 24.29
C ALA F 367 27.58 29.49 23.92
N THR F 368 26.51 28.83 23.45
CA THR F 368 25.27 29.55 23.14
C THR F 368 24.72 30.23 24.38
N ILE F 369 24.68 29.51 25.50
CA ILE F 369 24.14 30.07 26.73
C ILE F 369 25.00 31.23 27.21
N ARG F 370 26.33 31.08 27.17
CA ARG F 370 27.22 32.13 27.63
C ARG F 370 27.09 33.39 26.78
N ASP F 371 26.99 33.23 25.47
CA ASP F 371 26.90 34.40 24.60
C ASP F 371 25.54 35.07 24.70
N HIS F 372 24.46 34.28 24.75
CA HIS F 372 23.12 34.86 24.81
C HIS F 372 22.88 35.60 26.12
N GLN F 373 23.38 35.07 27.22
CA GLN F 373 23.16 35.66 28.55
C GLN F 373 24.01 36.90 28.80
N ASP F 374 24.66 37.45 27.78
CA ASP F 374 25.47 38.66 27.89
C ASP F 374 26.58 38.51 28.94
N LEU G 8 50.91 23.13 9.40
CA LEU G 8 49.54 23.37 9.87
C LEU G 8 48.57 23.44 8.69
N VAL G 9 47.49 24.20 8.87
CA VAL G 9 46.48 24.33 7.83
C VAL G 9 47.07 25.03 6.60
N SER G 10 47.84 26.10 6.82
CA SER G 10 48.47 26.82 5.71
C SER G 10 49.87 26.28 5.42
N ARG G 11 49.98 24.96 5.37
CA ARG G 11 51.23 24.30 5.00
C ARG G 11 51.05 23.15 4.02
N LEU G 12 49.82 22.67 3.79
CA LEU G 12 49.58 21.52 2.94
C LEU G 12 49.54 21.98 1.48
N THR G 13 50.71 21.98 0.85
CA THR G 13 50.80 22.34 -0.55
C THR G 13 50.25 21.20 -1.42
N ALA G 14 50.12 21.48 -2.72
CA ALA G 14 49.58 20.49 -3.64
C ALA G 14 50.48 19.26 -3.74
N LYS G 15 51.78 19.42 -3.52
CA LYS G 15 52.69 18.28 -3.54
C LYS G 15 52.38 17.31 -2.41
N ARG G 16 52.22 17.83 -1.19
CA ARG G 16 51.95 16.97 -0.05
C ARG G 16 50.58 16.32 -0.16
N LEU G 17 49.57 17.07 -0.64
CA LEU G 17 48.23 16.53 -0.77
C LEU G 17 48.19 15.39 -1.79
N GLN G 18 48.83 15.58 -2.94
CA GLN G 18 48.84 14.54 -3.96
C GLN G 18 49.60 13.31 -3.49
N TRP G 19 50.74 13.52 -2.82
CA TRP G 19 51.57 12.39 -2.42
C TRP G 19 50.94 11.58 -1.30
N ALA G 20 50.24 12.25 -0.37
CA ALA G 20 49.67 11.58 0.79
C ALA G 20 48.26 11.07 0.56
N LEU G 21 47.62 11.41 -0.57
CA LEU G 21 46.26 10.99 -0.83
C LEU G 21 46.10 10.19 -2.12
N VAL G 22 47.06 10.25 -3.05
CA VAL G 22 46.93 9.56 -4.32
C VAL G 22 48.11 8.64 -4.56
N TYR G 23 49.33 9.19 -4.44
CA TYR G 23 50.52 8.46 -4.85
C TYR G 23 50.83 7.32 -3.90
N LEU G 24 51.04 7.62 -2.62
CA LEU G 24 51.48 6.61 -1.66
C LEU G 24 50.48 5.46 -1.49
N PRO G 25 49.18 5.69 -1.28
CA PRO G 25 48.26 4.53 -1.16
C PRO G 25 48.24 3.68 -2.41
N MET G 26 48.24 4.29 -3.59
CA MET G 26 48.25 3.52 -4.83
C MET G 26 49.52 2.69 -4.95
N LEU G 27 50.68 3.28 -4.61
CA LEU G 27 51.93 2.55 -4.70
C LEU G 27 51.95 1.35 -3.76
N VAL G 28 51.55 1.55 -2.50
CA VAL G 28 51.61 0.44 -1.55
C VAL G 28 50.60 -0.64 -1.93
N ALA G 29 49.39 -0.24 -2.35
CA ALA G 29 48.38 -1.22 -2.71
C ALA G 29 48.77 -2.00 -3.95
N THR G 30 49.32 -1.34 -4.97
CA THR G 30 49.72 -2.05 -6.17
C THR G 30 50.93 -2.95 -5.90
N VAL G 31 51.82 -2.54 -5.00
CA VAL G 31 52.93 -3.40 -4.62
C VAL G 31 52.40 -4.66 -3.97
N TYR G 32 51.48 -4.51 -3.02
CA TYR G 32 50.90 -5.67 -2.35
C TYR G 32 50.17 -6.58 -3.34
N PHE G 33 49.39 -6.00 -4.24
CA PHE G 33 48.57 -6.79 -5.15
C PHE G 33 49.44 -7.54 -6.16
N LEU G 34 50.39 -6.85 -6.78
CA LEU G 34 51.18 -7.48 -7.84
C LEU G 34 52.24 -8.42 -7.28
N VAL G 35 52.85 -8.08 -6.15
CA VAL G 35 53.99 -8.81 -5.64
C VAL G 35 53.59 -9.84 -4.58
N PHE G 36 52.74 -9.44 -3.63
CA PHE G 36 52.52 -10.23 -2.42
C PHE G 36 51.26 -11.08 -2.45
N SER G 37 50.17 -10.57 -2.99
CA SER G 37 48.89 -11.24 -2.88
C SER G 37 48.90 -12.60 -3.57
N ALA G 38 48.39 -13.61 -2.87
CA ALA G 38 48.28 -14.96 -3.39
C ALA G 38 46.89 -15.20 -3.93
N ASP G 39 46.81 -15.92 -5.05
CA ASP G 39 45.54 -16.10 -5.76
C ASP G 39 44.76 -17.27 -5.17
N ARG G 40 43.43 -17.11 -5.16
CA ARG G 40 42.52 -18.07 -4.52
C ARG G 40 41.55 -18.61 -5.58
N TYR G 41 41.71 -19.88 -5.93
CA TYR G 41 40.79 -20.52 -6.86
C TYR G 41 39.45 -20.79 -6.19
N VAL G 42 38.38 -20.74 -6.99
CA VAL G 42 37.02 -20.91 -6.50
C VAL G 42 36.38 -22.08 -7.23
N SER G 43 35.77 -22.99 -6.47
CA SER G 43 35.03 -24.12 -7.02
C SER G 43 33.57 -23.99 -6.64
N GLU G 44 32.69 -24.14 -7.62
CA GLU G 44 31.26 -23.85 -7.46
C GLU G 44 30.43 -25.10 -7.67
N SER G 45 29.36 -25.24 -6.88
CA SER G 45 28.41 -26.33 -7.03
C SER G 45 27.02 -25.79 -6.73
N VAL G 46 26.01 -26.45 -7.32
CA VAL G 46 24.61 -26.05 -7.16
C VAL G 46 23.79 -27.29 -6.83
N ILE G 47 23.10 -27.27 -5.69
CA ILE G 47 22.38 -28.42 -5.17
C ILE G 47 21.01 -27.99 -4.66
N THR G 48 20.22 -28.99 -4.28
CA THR G 48 19.00 -28.81 -3.49
C THR G 48 18.62 -30.17 -2.91
N VAL G 49 17.77 -30.15 -1.90
CA VAL G 49 17.40 -31.35 -1.15
C VAL G 49 16.05 -31.85 -1.64
N ARG G 50 15.95 -33.16 -1.89
CA ARG G 50 14.71 -33.78 -2.33
C ARG G 50 14.44 -35.04 -1.52
N GLN G 51 13.16 -35.36 -1.35
CA GLN G 51 12.73 -36.50 -0.57
C GLN G 51 12.49 -37.70 -1.48
N THR G 52 13.08 -38.85 -1.12
CA THR G 52 12.97 -40.06 -1.93
C THR G 52 11.58 -40.68 -1.72
N SER G 53 10.61 -40.11 -2.41
CA SER G 53 9.22 -40.58 -2.38
C SER G 53 8.65 -40.62 -0.97
N ALA G 74 7.93 -26.75 -0.30
CA ALA G 74 7.54 -28.01 0.32
C ALA G 74 8.74 -28.64 1.05
N SER G 75 9.92 -28.51 0.46
CA SER G 75 11.15 -29.05 1.04
C SER G 75 12.13 -27.95 1.42
N ARG G 76 11.64 -26.77 1.80
CA ARG G 76 12.53 -25.68 2.20
C ARG G 76 13.22 -25.97 3.53
N GLU G 77 12.64 -26.84 4.35
CA GLU G 77 13.16 -27.06 5.69
C GLU G 77 14.56 -27.65 5.66
N ASP G 78 14.78 -28.67 4.81
CA ASP G 78 16.08 -29.31 4.78
C ASP G 78 17.13 -28.43 4.12
N THR G 79 16.74 -27.60 3.15
CA THR G 79 17.69 -26.67 2.55
C THR G 79 18.08 -25.59 3.56
N CYS G 80 17.15 -25.16 4.40
CA CYS G 80 17.50 -24.25 5.50
C CYS G 80 18.42 -24.93 6.50
N TYR G 81 18.15 -26.20 6.81
CA TYR G 81 19.03 -26.96 7.69
C TYR G 81 20.43 -27.03 7.13
N LEU G 82 20.55 -27.25 5.82
CA LEU G 82 21.87 -27.29 5.19
C LEU G 82 22.54 -25.93 5.18
N GLN G 83 21.75 -24.87 4.97
CA GLN G 83 22.30 -23.52 5.00
C GLN G 83 22.90 -23.21 6.37
N THR G 84 22.23 -23.64 7.44
CA THR G 84 22.77 -23.43 8.77
C THR G 84 23.95 -24.37 9.05
N TYR G 85 23.87 -25.61 8.55
CA TYR G 85 24.84 -26.64 8.89
C TYR G 85 26.20 -26.41 8.25
N ILE G 86 26.23 -25.83 7.05
CA ILE G 86 27.49 -25.68 6.32
C ILE G 86 28.43 -24.74 7.07
N HIS G 87 27.87 -23.71 7.70
CA HIS G 87 28.66 -22.69 8.40
C HIS G 87 28.73 -22.97 9.89
N SER G 88 28.81 -24.23 10.28
CA SER G 88 28.81 -24.63 11.69
C SER G 88 30.15 -25.24 12.08
N MET G 89 30.50 -25.09 13.35
CA MET G 89 31.73 -25.68 13.86
C MET G 89 31.68 -27.20 13.86
N GLY G 90 30.48 -27.77 13.97
CA GLY G 90 30.36 -29.22 13.93
C GLY G 90 30.82 -29.82 12.61
N LEU G 91 30.45 -29.16 11.50
CA LEU G 91 30.95 -29.60 10.20
C LEU G 91 32.42 -29.25 10.02
N LEU G 92 32.84 -28.09 10.54
CA LEU G 92 34.21 -27.66 10.38
C LEU G 92 35.19 -28.59 11.08
N GLN G 93 34.81 -29.14 12.24
CA GLN G 93 35.69 -30.08 12.93
C GLN G 93 35.94 -31.32 12.08
N LYS G 94 34.88 -31.89 11.52
CA LYS G 94 35.03 -33.06 10.64
C LYS G 94 35.84 -32.70 9.40
N LEU G 95 35.58 -31.53 8.83
CA LEU G 95 36.28 -31.13 7.61
C LEU G 95 37.77 -30.96 7.86
N ASP G 96 38.12 -30.35 9.00
CA ASP G 96 39.54 -30.18 9.32
C ASP G 96 40.20 -31.50 9.69
N GLN G 97 39.47 -32.41 10.33
CA GLN G 97 40.05 -33.71 10.65
C GLN G 97 40.26 -34.54 9.39
N GLN G 98 39.40 -34.36 8.39
CA GLN G 98 39.47 -35.16 7.16
C GLN G 98 40.38 -34.57 6.10
N LEU G 99 40.50 -33.25 6.02
CA LEU G 99 41.21 -32.60 4.94
C LEU G 99 42.36 -31.71 5.37
N LYS G 100 42.52 -31.45 6.68
CA LYS G 100 43.59 -30.61 7.22
C LYS G 100 43.52 -29.21 6.61
N LEU G 101 42.42 -28.52 6.93
CA LEU G 101 42.18 -27.19 6.38
C LEU G 101 43.24 -26.20 6.86
N ARG G 102 43.66 -26.32 8.13
CA ARG G 102 44.62 -25.37 8.70
C ARG G 102 45.95 -25.42 7.95
N GLU G 103 46.45 -26.62 7.66
CA GLU G 103 47.72 -26.75 6.95
C GLU G 103 47.64 -26.14 5.55
N HIS G 104 46.54 -26.38 4.84
CA HIS G 104 46.40 -25.83 3.50
C HIS G 104 46.29 -24.32 3.53
N PHE G 105 45.51 -23.78 4.47
CA PHE G 105 45.27 -22.34 4.49
C PHE G 105 46.42 -21.56 5.11
N GLY G 106 47.34 -22.21 5.83
CA GLY G 106 48.51 -21.53 6.32
C GLY G 106 49.69 -21.50 5.37
N THR G 107 49.59 -22.17 4.23
CA THR G 107 50.71 -22.26 3.30
C THR G 107 51.15 -20.92 2.70
N PRO G 108 50.26 -20.05 2.17
CA PRO G 108 50.76 -18.88 1.44
C PRO G 108 51.39 -17.83 2.33
N LEU G 109 52.67 -18.03 2.67
CA LEU G 109 53.38 -17.10 3.53
C LEU G 109 53.62 -15.75 2.87
N ARG G 110 53.49 -15.66 1.55
CA ARG G 110 53.81 -14.42 0.84
C ARG G 110 52.86 -13.29 1.23
N ASP G 111 51.56 -13.57 1.32
CA ASP G 111 50.67 -12.49 1.72
C ASP G 111 50.10 -12.75 3.11
N PRO G 112 50.05 -11.73 3.96
CA PRO G 112 49.55 -11.93 5.33
C PRO G 112 48.09 -11.58 5.49
N LEU G 113 47.49 -10.98 4.46
CA LEU G 113 46.11 -10.53 4.57
C LEU G 113 45.11 -11.68 4.45
N PHE G 114 45.42 -12.70 3.66
CA PHE G 114 44.47 -13.76 3.35
C PHE G 114 45.08 -15.13 3.62
N ARG G 115 45.72 -15.29 4.78
CA ARG G 115 46.25 -16.57 5.19
C ARG G 115 45.91 -16.81 6.65
N LEU G 116 45.83 -18.08 7.02
CA LEU G 116 45.47 -18.48 8.38
C LEU G 116 46.74 -18.56 9.21
N TRP G 117 46.95 -17.56 10.06
CA TRP G 117 48.13 -17.54 10.92
C TRP G 117 48.09 -18.68 11.92
N GLY G 118 49.25 -19.25 12.22
CA GLY G 118 49.32 -20.34 13.16
C GLY G 118 49.08 -19.87 14.59
N GLY G 119 48.54 -20.77 15.41
CA GLY G 119 48.25 -20.46 16.79
C GLY G 119 47.01 -19.64 17.02
N THR G 120 46.21 -19.39 15.98
CA THR G 120 45.01 -18.60 16.13
C THR G 120 43.93 -19.38 16.85
N SER G 121 42.94 -18.65 17.35
CA SER G 121 41.86 -19.25 18.13
C SER G 121 40.94 -20.08 17.25
N GLN G 122 40.16 -20.95 17.91
CA GLN G 122 39.17 -21.74 17.20
C GLN G 122 38.08 -20.85 16.61
N GLU G 123 37.68 -19.81 17.33
CA GLU G 123 36.67 -18.89 16.82
C GLU G 123 37.16 -18.18 15.56
N TRP G 124 38.42 -17.76 15.55
CA TRP G 124 38.97 -17.13 14.35
C TRP G 124 39.07 -18.12 13.20
N PHE G 125 39.36 -19.39 13.51
CA PHE G 125 39.35 -20.41 12.47
C PHE G 125 37.96 -20.56 11.87
N LEU G 126 36.92 -20.55 12.71
CA LEU G 126 35.56 -20.63 12.20
C LEU G 126 35.21 -19.41 11.36
N GLU G 127 35.63 -18.23 11.80
CA GLU G 127 35.37 -17.01 11.03
C GLU G 127 36.06 -17.07 9.68
N TYR G 128 37.31 -17.52 9.64
CA TYR G 128 38.04 -17.64 8.38
C TYR G 128 37.36 -18.65 7.45
N TYR G 129 36.94 -19.80 8.01
CA TYR G 129 36.27 -20.80 7.18
C TYR G 129 34.95 -20.27 6.63
N ARG G 130 34.20 -19.54 7.44
CA ARG G 130 32.96 -18.93 6.96
C ARG G 130 33.24 -17.89 5.88
N SER G 131 34.35 -17.18 6.00
CA SER G 131 34.73 -16.22 4.96
C SER G 131 35.07 -16.93 3.65
N ARG G 132 35.75 -18.07 3.73
CA ARG G 132 36.19 -18.75 2.52
C ARG G 132 35.05 -19.43 1.79
N VAL G 133 34.12 -20.04 2.53
CA VAL G 133 33.01 -20.79 1.95
C VAL G 133 31.78 -19.89 1.91
N GLU G 134 31.23 -19.68 0.72
CA GLU G 134 30.06 -18.81 0.54
C GLU G 134 28.88 -19.65 0.11
N VAL G 135 27.74 -19.46 0.78
CA VAL G 135 26.50 -20.18 0.50
C VAL G 135 25.43 -19.16 0.13
N LEU G 136 24.79 -19.38 -1.00
CA LEU G 136 23.75 -18.48 -1.48
C LEU G 136 22.47 -19.27 -1.77
N MET G 137 21.35 -18.60 -1.54
CA MET G 137 20.02 -19.19 -1.66
C MET G 137 19.25 -18.56 -2.81
N ASP G 138 18.45 -19.38 -3.50
CA ASP G 138 17.50 -18.91 -4.50
C ASP G 138 16.13 -19.41 -4.07
N ASP G 139 15.34 -18.51 -3.47
CA ASP G 139 14.02 -18.87 -2.97
C ASP G 139 13.01 -19.05 -4.09
N ILE G 140 13.05 -18.17 -5.10
CA ILE G 140 12.11 -18.27 -6.20
C ILE G 140 12.34 -19.57 -6.99
N CYS G 141 13.57 -20.08 -6.97
CA CYS G 141 13.91 -21.33 -7.62
C CYS G 141 14.25 -22.44 -6.63
N GLY G 142 14.49 -22.09 -5.36
CA GLY G 142 14.75 -23.08 -4.33
C GLY G 142 16.05 -23.85 -4.50
N LEU G 143 17.14 -23.16 -4.84
CA LEU G 143 18.41 -23.82 -5.11
C LEU G 143 19.51 -23.20 -4.26
N LEU G 144 20.40 -24.04 -3.73
CA LEU G 144 21.50 -23.60 -2.89
C LEU G 144 22.80 -23.74 -3.66
N THR G 145 23.53 -22.64 -3.81
CA THR G 145 24.80 -22.65 -4.52
C THR G 145 25.94 -22.39 -3.55
N VAL G 146 26.98 -23.20 -3.63
CA VAL G 146 28.12 -23.14 -2.72
C VAL G 146 29.37 -22.85 -3.53
N ARG G 147 30.10 -21.81 -3.14
CA ARG G 147 31.38 -21.47 -3.73
C ARG G 147 32.45 -21.60 -2.66
N VAL G 148 33.46 -22.43 -2.92
CA VAL G 148 34.51 -22.74 -1.96
C VAL G 148 35.81 -22.19 -2.50
N GLN G 149 36.49 -21.38 -1.69
CA GLN G 149 37.78 -20.82 -2.06
C GLN G 149 38.92 -21.71 -1.58
N GLY G 150 40.06 -21.57 -2.23
CA GLY G 150 41.24 -22.33 -1.86
C GLY G 150 42.46 -21.72 -2.52
N PHE G 151 43.61 -22.32 -2.22
CA PHE G 151 44.87 -21.91 -2.83
C PHE G 151 45.35 -22.89 -3.87
N GLU G 152 44.66 -24.02 -4.03
CA GLU G 152 44.88 -24.97 -5.12
C GLU G 152 43.52 -25.38 -5.67
N PRO G 153 43.43 -25.62 -6.97
CA PRO G 153 42.11 -26.00 -7.53
C PRO G 153 41.65 -27.37 -7.08
N GLU G 154 42.57 -28.34 -7.00
CA GLU G 154 42.20 -29.67 -6.55
C GLU G 154 41.69 -29.65 -5.12
N PHE G 155 42.32 -28.82 -4.27
CA PHE G 155 41.87 -28.72 -2.88
C PHE G 155 40.48 -28.10 -2.81
N ALA G 156 40.20 -27.08 -3.63
CA ALA G 156 38.87 -26.48 -3.63
C ALA G 156 37.82 -27.49 -4.07
N GLN G 157 38.11 -28.25 -5.12
CA GLN G 157 37.16 -29.27 -5.58
C GLN G 157 36.94 -30.33 -4.52
N ALA G 158 38.01 -30.78 -3.86
CA ALA G 158 37.88 -31.78 -2.81
C ALA G 158 37.08 -31.26 -1.62
N LEU G 159 37.30 -30.00 -1.24
CA LEU G 159 36.54 -29.41 -0.15
C LEU G 159 35.07 -29.31 -0.50
N ASN G 160 34.75 -28.92 -1.73
CA ASN G 160 33.35 -28.86 -2.15
C ASN G 160 32.71 -30.25 -2.12
N ARG G 161 33.43 -31.27 -2.62
CA ARG G 161 32.90 -32.62 -2.61
C ARG G 161 32.66 -33.12 -1.19
N ALA G 162 33.62 -32.87 -0.29
CA ALA G 162 33.46 -33.28 1.10
C ALA G 162 32.29 -32.56 1.75
N ILE G 163 32.11 -31.27 1.46
CA ILE G 163 30.99 -30.53 1.99
C ILE G 163 29.67 -31.16 1.55
N LEU G 164 29.56 -31.48 0.26
CA LEU G 164 28.33 -32.07 -0.25
C LEU G 164 28.06 -33.43 0.38
N GLU G 165 29.10 -34.26 0.50
CA GLU G 165 28.94 -35.60 1.07
C GLU G 165 28.50 -35.52 2.52
N GLU G 166 29.15 -34.65 3.31
CA GLU G 166 28.79 -34.50 4.71
C GLU G 166 27.39 -33.93 4.85
N SER G 167 27.00 -33.03 3.95
CA SER G 167 25.65 -32.46 3.99
C SER G 167 24.60 -33.54 3.78
N GLU G 168 24.80 -34.40 2.77
CA GLU G 168 23.85 -35.48 2.54
C GLU G 168 23.81 -36.44 3.71
N ARG G 169 24.98 -36.78 4.27
CA ARG G 169 25.02 -37.69 5.41
C ARG G 169 24.29 -37.11 6.61
N PHE G 170 24.47 -35.82 6.88
CA PHE G 170 23.77 -35.17 7.99
C PHE G 170 22.27 -35.13 7.75
N VAL G 171 21.85 -34.86 6.51
CA VAL G 171 20.42 -34.83 6.20
C VAL G 171 19.79 -36.18 6.47
N ASN G 172 20.46 -37.26 6.08
CA ASN G 172 19.91 -38.59 6.35
C ASN G 172 19.95 -38.91 7.85
N GLU G 173 21.03 -38.52 8.52
CA GLU G 173 21.17 -38.83 9.94
C GLU G 173 20.13 -38.12 10.78
N LEU G 174 19.66 -36.95 10.33
CA LEU G 174 18.63 -36.24 11.08
C LEU G 174 17.36 -37.06 11.22
N SER G 175 16.93 -37.72 10.15
CA SER G 175 15.76 -38.59 10.24
C SER G 175 16.08 -39.93 10.89
N HIS G 176 17.30 -40.45 10.68
CA HIS G 176 17.65 -41.71 11.32
C HIS G 176 17.66 -41.59 12.84
N ARG G 177 18.06 -40.44 13.36
CA ARG G 177 18.04 -40.23 14.81
C ARG G 177 16.61 -40.31 15.36
N MET G 178 15.65 -39.70 14.66
CA MET G 178 14.26 -39.80 15.08
C MET G 178 13.73 -41.22 14.94
N ALA G 179 14.25 -41.97 13.96
CA ALA G 179 13.78 -43.34 13.76
C ALA G 179 14.31 -44.30 14.82
N ARG G 180 15.53 -44.07 15.31
CA ARG G 180 16.14 -45.02 16.23
C ARG G 180 15.39 -45.11 17.56
N GLU G 181 14.94 -43.96 18.09
CA GLU G 181 14.19 -44.00 19.35
C GLU G 181 12.85 -44.71 19.17
N GLN G 182 12.21 -44.52 18.00
CA GLN G 182 11.00 -45.28 17.71
C GLN G 182 11.28 -46.77 17.66
N GLY G 183 12.42 -47.16 17.09
CA GLY G 183 12.80 -48.56 17.08
C GLY G 183 12.99 -49.13 18.48
N GLN G 184 13.66 -48.37 19.36
CA GLN G 184 13.84 -48.83 20.73
C GLN G 184 12.50 -48.96 21.45
N PHE G 185 11.62 -47.99 21.26
CA PHE G 185 10.30 -48.03 21.87
C PHE G 185 9.49 -49.23 21.38
N ALA G 186 9.54 -49.51 20.07
CA ALA G 186 8.84 -50.67 19.53
C ALA G 186 9.42 -51.97 20.07
N GLU G 187 10.74 -52.02 20.24
CA GLU G 187 11.37 -53.21 20.82
C GLU G 187 10.89 -53.44 22.24
N ALA G 188 10.80 -52.38 23.05
CA ALA G 188 10.32 -52.52 24.42
C ALA G 188 8.87 -52.98 24.45
N GLU G 189 8.03 -52.41 23.58
CA GLU G 189 6.63 -52.82 23.51
C GLU G 189 6.51 -54.29 23.10
N LEU G 190 7.31 -54.73 22.12
CA LEU G 190 7.30 -56.13 21.71
C LEU G 190 7.74 -57.03 22.86
N GLU G 191 8.73 -56.59 23.63
CA GLU G 191 9.21 -57.40 24.76
C GLU G 191 8.11 -57.58 25.80
N ARG G 192 7.41 -56.49 26.15
CA ARG G 192 6.36 -56.61 27.15
C ARG G 192 5.18 -57.44 26.63
N ALA G 193 4.86 -57.32 25.33
CA ALA G 193 3.80 -58.15 24.76
C ALA G 193 4.19 -59.62 24.77
N THR G 194 5.45 -59.93 24.48
CA THR G 194 5.93 -61.30 24.53
C THR G 194 5.85 -61.85 25.95
N ALA G 195 6.20 -61.03 26.94
CA ALA G 195 6.09 -61.47 28.33
C ALA G 195 4.65 -61.78 28.71
N ARG G 196 3.71 -60.91 28.29
CA ARG G 196 2.30 -61.17 28.59
C ARG G 196 1.81 -62.44 27.92
N LEU G 197 2.19 -62.65 26.65
CA LEU G 197 1.79 -63.85 25.95
C LEU G 197 2.36 -65.11 26.60
N GLN G 198 3.63 -65.03 27.06
CA GLN G 198 4.24 -66.17 27.73
C GLN G 198 3.53 -66.47 29.05
N GLU G 199 3.15 -65.43 29.80
CA GLU G 199 2.42 -65.66 31.04
C GLU G 199 1.06 -66.30 30.77
N ALA G 200 0.37 -65.85 29.72
CA ALA G 200 -0.92 -66.45 29.38
C ALA G 200 -0.76 -67.90 28.94
N LYS G 201 0.30 -68.20 28.17
CA LYS G 201 0.56 -69.58 27.79
C LYS G 201 0.87 -70.46 29.00
N ARG G 202 1.59 -69.90 29.97
CA ARG G 202 1.82 -70.61 31.23
C ARG G 202 0.50 -70.86 31.96
N GLN G 203 -0.42 -69.90 31.90
CA GLN G 203 -1.73 -70.10 32.52
C GLN G 203 -2.50 -71.24 31.86
N LEU G 204 -2.45 -71.32 30.53
CA LEU G 204 -3.03 -72.49 29.85
C LEU G 204 -2.34 -73.79 30.25
N ILE G 205 -1.00 -73.79 30.33
CA ILE G 205 -0.30 -75.01 30.67
C ILE G 205 -0.54 -75.41 32.13
N ALA G 206 -1.00 -74.47 32.95
CA ALA G 206 -1.39 -74.81 34.32
C ALA G 206 -2.71 -75.56 34.38
N PHE G 207 -3.51 -75.51 33.32
CA PHE G 207 -4.79 -76.21 33.28
C PHE G 207 -4.83 -77.25 32.18
N PHE G 292 -12.25 -72.38 30.92
CA PHE G 292 -10.90 -72.46 30.35
C PHE G 292 -10.88 -71.84 28.96
N HIS G 293 -12.06 -71.72 28.36
CA HIS G 293 -12.18 -71.13 27.03
C HIS G 293 -11.79 -69.66 27.03
N ASP G 294 -12.18 -68.92 28.06
CA ASP G 294 -11.89 -67.49 28.13
C ASP G 294 -10.38 -67.25 28.18
N LEU G 295 -9.64 -68.09 28.89
CA LEU G 295 -8.21 -67.94 28.98
C LEU G 295 -7.53 -68.32 27.66
N GLN G 296 -8.12 -69.28 26.92
CA GLN G 296 -7.67 -69.55 25.56
C GLN G 296 -7.87 -68.34 24.65
N LEU G 297 -9.02 -67.66 24.77
CA LEU G 297 -9.23 -66.43 24.01
C LEU G 297 -8.25 -65.34 24.45
N GLN G 298 -7.88 -65.33 25.73
CA GLN G 298 -6.88 -64.40 26.21
C GLN G 298 -5.54 -64.63 25.50
N VAL G 299 -5.12 -65.89 25.39
CA VAL G 299 -3.94 -66.22 24.59
C VAL G 299 -4.13 -65.79 23.14
N GLY G 300 -5.33 -65.97 22.61
CA GLY G 300 -5.58 -65.58 21.22
C GLY G 300 -5.33 -64.10 20.98
N PHE G 301 -5.95 -63.24 21.77
CA PHE G 301 -5.75 -61.81 21.51
C PHE G 301 -4.37 -61.33 21.96
N ALA G 302 -3.76 -61.99 22.95
CA ALA G 302 -2.38 -61.65 23.30
C ALA G 302 -1.43 -61.98 22.15
N GLU G 303 -1.63 -63.12 21.50
CA GLU G 303 -0.83 -63.48 20.34
C GLU G 303 -1.07 -62.52 19.18
N ASP G 304 -2.33 -62.09 18.99
CA ASP G 304 -2.60 -61.09 17.96
C ASP G 304 -1.86 -59.78 18.25
N ALA G 305 -1.89 -59.34 19.51
CA ALA G 305 -1.18 -58.11 19.87
C ALA G 305 0.32 -58.26 19.68
N TYR G 306 0.87 -59.42 20.03
CA TYR G 306 2.31 -59.66 19.88
C TYR G 306 2.71 -59.70 18.41
N LYS G 307 1.86 -60.27 17.56
CA LYS G 307 2.13 -60.24 16.12
C LYS G 307 2.07 -58.81 15.58
N LEU G 308 1.10 -58.03 16.05
CA LEU G 308 1.07 -56.62 15.67
C LEU G 308 2.32 -55.88 16.13
N ALA G 309 2.81 -56.22 17.31
CA ALA G 309 4.05 -55.62 17.81
C ALA G 309 5.24 -55.97 16.93
N LEU G 310 5.32 -57.24 16.50
CA LEU G 310 6.37 -57.64 15.57
C LEU G 310 6.29 -56.85 14.27
N ALA G 311 5.07 -56.71 13.72
CA ALA G 311 4.90 -55.96 12.48
C ALA G 311 5.30 -54.50 12.66
N ALA G 312 4.95 -53.91 13.79
CA ALA G 312 5.33 -52.52 14.06
C ALA G 312 6.83 -52.38 14.20
N VAL G 313 7.49 -53.35 14.84
CA VAL G 313 8.94 -53.33 14.98
C VAL G 313 9.60 -53.37 13.59
N GLU G 314 9.11 -54.27 12.74
CA GLU G 314 9.66 -54.37 11.38
C GLU G 314 9.44 -53.09 10.60
N SER G 315 8.23 -52.51 10.69
CA SER G 315 7.94 -51.28 9.96
C SER G 315 8.78 -50.12 10.46
N ALA G 316 9.07 -50.07 11.76
CA ALA G 316 9.93 -49.01 12.28
C ALA G 316 11.38 -49.20 11.82
N ARG G 317 11.88 -50.43 11.84
CA ARG G 317 13.28 -50.64 11.52
C ARG G 317 13.57 -50.53 10.02
N ILE G 318 12.61 -50.88 9.16
CA ILE G 318 12.82 -50.69 7.72
C ILE G 318 12.93 -49.20 7.40
N GLU G 319 12.16 -48.37 8.10
CA GLU G 319 12.24 -46.92 7.89
C GLU G 319 13.48 -46.35 8.57
N ALA G 320 13.95 -46.99 9.63
CA ALA G 320 15.19 -46.56 10.27
C ALA G 320 16.40 -46.82 9.39
N THR G 321 16.40 -47.93 8.66
CA THR G 321 17.54 -48.29 7.83
C THR G 321 17.53 -47.58 6.47
N ARG G 322 16.37 -47.16 5.99
CA ARG G 322 16.26 -46.61 4.65
C ARG G 322 16.83 -45.19 4.58
N LYS G 323 17.34 -44.83 3.40
CA LYS G 323 17.82 -43.47 3.12
C LYS G 323 16.64 -42.67 2.61
N LEU G 324 16.02 -41.89 3.50
CA LEU G 324 14.77 -41.22 3.17
C LEU G 324 14.98 -40.01 2.27
N LYS G 325 16.05 -39.25 2.48
CA LYS G 325 16.28 -38.01 1.75
C LYS G 325 17.60 -38.09 1.01
N SER G 326 17.62 -37.58 -0.22
CA SER G 326 18.80 -37.62 -1.07
C SER G 326 19.08 -36.23 -1.62
N LEU G 327 20.36 -35.99 -1.91
CA LEU G 327 20.80 -34.72 -2.48
C LEU G 327 20.87 -34.84 -4.00
N VAL G 328 20.26 -33.89 -4.69
CA VAL G 328 20.36 -33.81 -6.14
C VAL G 328 21.30 -32.66 -6.49
N VAL G 329 22.21 -32.92 -7.43
CA VAL G 329 23.25 -31.97 -7.79
C VAL G 329 22.92 -31.43 -9.18
N VAL G 330 22.40 -30.21 -9.22
CA VAL G 330 22.18 -29.55 -10.50
C VAL G 330 23.52 -29.26 -11.18
N GLU G 331 24.53 -28.91 -10.38
CA GLU G 331 25.88 -28.75 -10.91
C GLU G 331 26.88 -29.29 -9.91
N PRO G 332 27.60 -30.36 -10.26
CA PRO G 332 28.62 -30.90 -9.36
C PRO G 332 29.79 -29.95 -9.22
N PRO G 333 30.62 -30.11 -8.19
CA PRO G 333 31.77 -29.22 -8.03
C PRO G 333 32.69 -29.26 -9.23
N VAL G 334 33.18 -28.09 -9.62
CA VAL G 334 34.03 -27.94 -10.79
C VAL G 334 35.47 -27.79 -10.34
N LEU G 335 36.40 -28.08 -11.26
CA LEU G 335 37.80 -27.86 -11.01
C LEU G 335 38.23 -26.56 -11.68
N PRO G 336 38.51 -25.50 -10.93
CA PRO G 336 38.88 -24.24 -11.57
C PRO G 336 40.21 -24.32 -12.28
N GLU G 337 40.35 -23.51 -13.34
CA GLU G 337 41.58 -23.42 -14.11
C GLU G 337 42.40 -22.20 -13.75
N ILE G 338 41.75 -21.06 -13.51
CA ILE G 338 42.41 -19.85 -13.04
C ILE G 338 41.67 -19.34 -11.82
N ALA G 339 42.36 -18.53 -11.03
CA ALA G 339 41.83 -18.06 -9.75
C ALA G 339 41.02 -16.79 -9.96
N GLU G 340 39.77 -16.80 -9.50
CA GLU G 340 38.92 -15.63 -9.62
C GLU G 340 39.29 -14.56 -8.60
N TYR G 341 40.01 -14.91 -7.55
CA TYR G 341 40.41 -13.96 -6.50
C TYR G 341 41.91 -14.01 -6.29
N PRO G 342 42.53 -12.87 -5.98
CA PRO G 342 41.95 -11.53 -5.88
C PRO G 342 41.78 -10.88 -7.24
N ARG G 343 40.76 -10.05 -7.43
CA ARG G 343 40.58 -9.32 -8.67
C ARG G 343 41.46 -8.07 -8.60
N ARG G 344 42.66 -8.17 -9.16
CA ARG G 344 43.70 -7.18 -8.89
C ARG G 344 43.42 -5.87 -9.61
N TRP G 345 43.27 -5.92 -10.94
CA TRP G 345 43.26 -4.70 -11.73
C TRP G 345 41.98 -3.89 -11.52
N TYR G 346 40.83 -4.57 -11.38
CA TYR G 346 39.60 -3.85 -11.09
C TYR G 346 39.67 -3.16 -9.73
N ASN G 347 40.23 -3.84 -8.73
CA ASN G 347 40.41 -3.23 -7.42
C ASN G 347 41.33 -2.02 -7.50
N LEU G 348 42.42 -2.14 -8.27
CA LEU G 348 43.34 -1.01 -8.41
C LEU G 348 42.67 0.17 -9.09
N ALA G 349 41.89 -0.08 -10.14
CA ALA G 349 41.19 1.01 -10.82
C ALA G 349 40.17 1.68 -9.91
N THR G 350 39.39 0.88 -9.18
CA THR G 350 38.40 1.46 -8.26
C THR G 350 39.09 2.29 -7.18
N LEU G 351 40.20 1.78 -6.65
CA LEU G 351 40.95 2.53 -5.63
C LEU G 351 41.52 3.82 -6.20
N LEU G 352 41.98 3.78 -7.45
CA LEU G 352 42.49 4.99 -8.09
C LEU G 352 41.40 6.05 -8.23
N VAL G 353 40.21 5.64 -8.68
CA VAL G 353 39.11 6.59 -8.79
C VAL G 353 38.75 7.15 -7.42
N VAL G 354 38.70 6.29 -6.40
CA VAL G 354 38.33 6.75 -5.06
C VAL G 354 39.37 7.74 -4.52
N CYS G 355 40.66 7.44 -4.72
CA CYS G 355 41.72 8.33 -4.27
C CYS G 355 41.66 9.67 -4.99
N CYS G 356 41.41 9.66 -6.31
CA CYS G 356 41.30 10.91 -7.05
C CYS G 356 40.12 11.74 -6.55
N LEU G 357 38.98 11.10 -6.30
CA LEU G 357 37.82 11.82 -5.79
C LEU G 357 38.11 12.41 -4.42
N ILE G 358 38.75 11.64 -3.54
CA ILE G 358 39.05 12.13 -2.20
C ILE G 358 40.01 13.30 -2.25
N TYR G 359 41.05 13.21 -3.09
CA TYR G 359 42.00 14.30 -3.23
C TYR G 359 41.33 15.56 -3.77
N GLY G 360 40.45 15.39 -4.77
CA GLY G 360 39.73 16.55 -5.29
C GLY G 360 38.83 17.20 -4.26
N VAL G 361 38.12 16.38 -3.48
CA VAL G 361 37.25 16.92 -2.44
C VAL G 361 38.06 17.68 -1.39
N VAL G 362 39.20 17.11 -0.97
CA VAL G 362 40.04 17.78 0.03
C VAL G 362 40.58 19.09 -0.52
N SER G 363 41.03 19.09 -1.78
CA SER G 363 41.57 20.31 -2.39
C SER G 363 40.50 21.38 -2.49
N LEU G 364 39.29 21.01 -2.91
CA LEU G 364 38.20 21.98 -3.00
C LEU G 364 37.83 22.53 -1.62
N VAL G 365 37.83 21.66 -0.61
CA VAL G 365 37.50 22.12 0.75
C VAL G 365 38.54 23.10 1.25
N VAL G 366 39.83 22.80 1.04
CA VAL G 366 40.86 23.70 1.53
C VAL G 366 40.85 25.01 0.73
N ALA G 367 40.51 24.96 -0.55
CA ALA G 367 40.40 26.18 -1.34
C ALA G 367 39.24 27.04 -0.86
N THR G 368 38.12 26.41 -0.52
CA THR G 368 36.98 27.14 0.04
C THR G 368 37.34 27.78 1.37
N ILE G 369 38.08 27.05 2.21
CA ILE G 369 38.49 27.60 3.50
C ILE G 369 39.44 28.77 3.32
N ARG G 370 40.36 28.67 2.37
CA ARG G 370 41.43 29.66 2.24
C ARG G 370 40.94 31.03 1.81
N ASP G 371 39.83 31.09 1.08
CA ASP G 371 39.46 32.34 0.39
C ASP G 371 38.98 33.44 1.33
N HIS G 372 38.74 33.14 2.61
CA HIS G 372 38.19 34.12 3.55
C HIS G 372 39.28 35.10 3.94
N GLN G 373 39.26 36.29 3.35
CA GLN G 373 40.22 37.34 3.63
C GLN G 373 39.47 38.61 4.03
N ASP G 374 40.24 39.62 4.43
CA ASP G 374 39.68 40.90 4.82
C ASP G 374 39.94 41.96 3.76
N ALA H 14 40.30 24.01 -29.00
CA ALA H 14 39.56 23.00 -28.26
C ALA H 14 38.50 22.35 -29.13
N LYS H 15 38.07 23.06 -30.17
CA LYS H 15 37.09 22.51 -31.11
C LYS H 15 37.64 21.29 -31.82
N ARG H 16 38.91 21.36 -32.27
CA ARG H 16 39.55 20.19 -32.85
C ARG H 16 39.70 19.09 -31.82
N LEU H 17 40.06 19.44 -30.58
CA LEU H 17 40.16 18.44 -29.53
C LEU H 17 38.79 17.85 -29.21
N GLN H 18 37.74 18.68 -29.23
CA GLN H 18 36.39 18.18 -29.02
C GLN H 18 35.99 17.19 -30.11
N TRP H 19 36.35 17.48 -31.35
CA TRP H 19 36.08 16.53 -32.44
C TRP H 19 36.91 15.27 -32.28
N ALA H 20 38.15 15.40 -31.80
CA ALA H 20 39.01 14.24 -31.65
C ALA H 20 38.50 13.29 -30.56
N LEU H 21 38.01 13.84 -29.45
CA LEU H 21 37.59 13.01 -28.34
C LEU H 21 36.25 12.31 -28.57
N VAL H 22 35.50 12.68 -29.61
CA VAL H 22 34.16 12.16 -29.86
C VAL H 22 34.05 11.49 -31.22
N TYR H 23 34.53 12.18 -32.27
CA TYR H 23 34.33 11.67 -33.63
C TYR H 23 35.19 10.44 -33.90
N LEU H 24 36.42 10.41 -33.39
CA LEU H 24 37.32 9.29 -33.67
C LEU H 24 36.81 7.94 -33.17
N PRO H 25 36.28 7.80 -31.94
CA PRO H 25 35.66 6.51 -31.59
C PRO H 25 34.54 6.12 -32.52
N MET H 26 33.74 7.09 -32.97
CA MET H 26 32.72 6.78 -33.98
C MET H 26 33.34 6.26 -35.26
N LEU H 27 34.42 6.89 -35.72
CA LEU H 27 35.05 6.48 -36.97
C LEU H 27 35.59 5.06 -36.87
N VAL H 28 36.26 4.73 -35.76
CA VAL H 28 36.79 3.37 -35.63
C VAL H 28 35.66 2.37 -35.48
N ALA H 29 34.58 2.74 -34.77
CA ALA H 29 33.45 1.84 -34.62
C ALA H 29 32.80 1.53 -35.96
N THR H 30 32.61 2.55 -36.80
CA THR H 30 32.03 2.29 -38.12
C THR H 30 32.98 1.50 -39.00
N VAL H 31 34.27 1.82 -39.03
CA VAL H 31 35.16 1.08 -39.92
C VAL H 31 35.32 -0.35 -39.44
N TYR H 32 35.04 -0.64 -38.17
CA TYR H 32 35.09 -2.01 -37.69
C TYR H 32 33.79 -2.77 -37.92
N PHE H 33 32.64 -2.12 -37.77
CA PHE H 33 31.37 -2.84 -37.72
C PHE H 33 31.01 -3.44 -39.07
N LEU H 34 31.06 -2.65 -40.14
CA LEU H 34 30.63 -3.12 -41.45
C LEU H 34 31.76 -3.71 -42.29
N VAL H 35 32.95 -3.88 -41.71
CA VAL H 35 34.09 -4.44 -42.41
C VAL H 35 34.63 -5.68 -41.72
N PHE H 36 34.83 -5.61 -40.40
CA PHE H 36 35.54 -6.64 -39.67
C PHE H 36 34.63 -7.61 -38.92
N SER H 37 33.55 -7.11 -38.33
CA SER H 37 32.70 -7.95 -37.49
C SER H 37 32.07 -9.08 -38.30
N ALA H 38 31.97 -10.25 -37.68
CA ALA H 38 31.48 -11.45 -38.34
C ALA H 38 30.01 -11.69 -38.01
N ASP H 39 29.31 -12.30 -38.96
CA ASP H 39 27.89 -12.58 -38.80
C ASP H 39 27.66 -13.66 -37.74
N ARG H 40 26.56 -13.53 -37.01
CA ARG H 40 26.20 -14.44 -35.93
C ARG H 40 24.74 -14.85 -36.09
N TYR H 41 24.52 -15.97 -36.78
CA TYR H 41 23.17 -16.49 -36.96
C TYR H 41 22.61 -16.99 -35.64
N VAL H 42 21.33 -16.74 -35.40
CA VAL H 42 20.66 -17.08 -34.16
C VAL H 42 19.56 -18.10 -34.45
N SER H 43 19.55 -19.19 -33.70
CA SER H 43 18.52 -20.22 -33.81
C SER H 43 17.72 -20.25 -32.51
N GLU H 44 16.39 -20.23 -32.63
CA GLU H 44 15.50 -20.06 -31.48
C GLU H 44 14.59 -21.27 -31.33
N SER H 45 14.44 -21.74 -30.10
CA SER H 45 13.51 -22.81 -29.78
C SER H 45 12.75 -22.45 -28.51
N VAL H 46 11.54 -22.98 -28.39
CA VAL H 46 10.67 -22.70 -27.25
C VAL H 46 10.14 -24.03 -26.73
N ILE H 47 10.35 -24.29 -25.44
CA ILE H 47 10.03 -25.58 -24.82
C ILE H 47 9.46 -25.33 -23.43
N THR H 48 9.09 -26.43 -22.77
CA THR H 48 8.74 -26.49 -21.36
C THR H 48 8.71 -27.97 -20.96
N VAL H 49 8.73 -28.21 -19.66
CA VAL H 49 8.80 -29.57 -19.11
C VAL H 49 7.43 -29.97 -18.61
N ARG H 50 6.99 -31.18 -18.95
CA ARG H 50 5.72 -31.71 -18.52
C ARG H 50 5.91 -33.13 -18.00
N GLN H 51 5.07 -33.51 -17.03
CA GLN H 51 5.13 -34.83 -16.43
C GLN H 51 4.25 -35.78 -17.23
N THR H 52 4.81 -36.95 -17.59
CA THR H 52 4.11 -37.93 -18.41
C THR H 52 3.18 -38.75 -17.51
N SER H 53 2.03 -38.15 -17.20
CA SER H 53 1.00 -38.77 -16.36
C SER H 53 1.55 -39.18 -14.99
N ALA H 74 5.28 -27.42 -8.96
CA ALA H 74 5.59 -28.72 -9.54
C ALA H 74 6.23 -28.56 -10.91
N SER H 75 5.50 -27.91 -11.83
CA SER H 75 6.02 -27.72 -13.18
C SER H 75 7.16 -26.71 -13.21
N ARG H 76 7.11 -25.68 -12.36
CA ARG H 76 8.15 -24.65 -12.36
C ARG H 76 9.48 -25.16 -11.83
N GLU H 77 9.47 -26.26 -11.08
CA GLU H 77 10.72 -26.80 -10.54
C GLU H 77 11.65 -27.25 -11.64
N ASP H 78 11.11 -27.91 -12.67
CA ASP H 78 11.96 -28.40 -13.75
C ASP H 78 12.50 -27.25 -14.59
N THR H 79 11.70 -26.20 -14.80
CA THR H 79 12.21 -25.03 -15.50
C THR H 79 13.28 -24.32 -14.69
N CYS H 80 13.14 -24.30 -13.37
CA CYS H 80 14.19 -23.77 -12.50
C CYS H 80 15.47 -24.58 -12.64
N TYR H 81 15.35 -25.91 -12.70
CA TYR H 81 16.51 -26.75 -12.89
C TYR H 81 17.17 -26.48 -14.24
N LEU H 82 16.36 -26.32 -15.29
CA LEU H 82 16.90 -26.16 -16.64
C LEU H 82 17.57 -24.81 -16.82
N GLN H 83 17.00 -23.76 -16.22
CA GLN H 83 17.57 -22.42 -16.35
C GLN H 83 18.99 -22.37 -15.81
N THR H 84 19.31 -23.22 -14.83
CA THR H 84 20.66 -23.33 -14.30
C THR H 84 21.49 -24.35 -15.07
N TYR H 85 20.89 -25.46 -15.48
CA TYR H 85 21.64 -26.52 -16.16
C TYR H 85 22.15 -26.06 -17.51
N ILE H 86 21.35 -25.28 -18.25
CA ILE H 86 21.74 -24.87 -19.59
C ILE H 86 22.97 -23.97 -19.54
N HIS H 87 23.07 -23.13 -18.51
CA HIS H 87 24.20 -22.22 -18.34
C HIS H 87 25.23 -22.77 -17.36
N SER H 88 25.43 -24.09 -17.35
CA SER H 88 26.31 -24.74 -16.41
C SER H 88 27.53 -25.33 -17.11
N MET H 89 28.62 -25.48 -16.35
CA MET H 89 29.83 -26.07 -16.90
C MET H 89 29.65 -27.56 -17.19
N GLY H 90 28.81 -28.24 -16.42
CA GLY H 90 28.59 -29.66 -16.66
C GLY H 90 27.99 -29.95 -18.02
N LEU H 91 27.05 -29.11 -18.45
CA LEU H 91 26.52 -29.25 -19.81
C LEU H 91 27.52 -28.76 -20.85
N LEU H 92 28.28 -27.72 -20.51
CA LEU H 92 29.21 -27.14 -21.47
C LEU H 92 30.32 -28.12 -21.83
N GLN H 93 30.79 -28.92 -20.86
CA GLN H 93 31.81 -29.91 -21.16
C GLN H 93 31.29 -30.97 -22.14
N LYS H 94 30.06 -31.45 -21.90
CA LYS H 94 29.47 -32.42 -22.83
C LYS H 94 29.28 -31.81 -24.21
N LEU H 95 28.82 -30.56 -24.27
CA LEU H 95 28.60 -29.91 -25.55
C LEU H 95 29.91 -29.73 -26.31
N ASP H 96 30.98 -29.35 -25.60
CA ASP H 96 32.28 -29.21 -26.25
C ASP H 96 32.82 -30.55 -26.73
N GLN H 97 32.62 -31.61 -25.93
CA GLN H 97 33.05 -32.93 -26.35
C GLN H 97 32.25 -33.43 -27.54
N GLN H 98 31.00 -32.98 -27.69
CA GLN H 98 30.14 -33.45 -28.76
C GLN H 98 30.31 -32.67 -30.06
N LEU H 99 30.41 -31.35 -29.99
CA LEU H 99 30.39 -30.51 -31.19
C LEU H 99 31.64 -29.67 -31.38
N LYS H 100 32.60 -29.72 -30.46
CA LYS H 100 33.86 -28.95 -30.56
C LYS H 100 33.57 -27.45 -30.66
N LEU H 101 32.99 -26.93 -29.58
CA LEU H 101 32.60 -25.52 -29.54
C LEU H 101 33.81 -24.60 -29.63
N ARG H 102 34.93 -24.99 -29.01
CA ARG H 102 36.12 -24.15 -29.01
C ARG H 102 36.66 -23.97 -30.42
N GLU H 103 36.64 -25.04 -31.22
CA GLU H 103 37.09 -24.94 -32.60
C GLU H 103 36.19 -24.01 -33.42
N HIS H 104 34.88 -24.12 -33.23
CA HIS H 104 33.95 -23.33 -34.03
C HIS H 104 34.01 -21.85 -33.66
N PHE H 105 34.04 -21.54 -32.36
CA PHE H 105 33.96 -20.14 -31.95
C PHE H 105 35.28 -19.39 -32.14
N GLY H 106 36.35 -20.08 -32.52
CA GLY H 106 37.59 -19.43 -32.88
C GLY H 106 37.83 -19.31 -34.38
N THR H 107 36.87 -19.75 -35.20
CA THR H 107 37.06 -19.73 -36.65
C THR H 107 37.23 -18.33 -37.24
N PRO H 108 36.37 -17.32 -36.94
CA PRO H 108 36.52 -16.03 -37.64
C PRO H 108 37.66 -15.21 -37.07
N LEU H 109 38.76 -15.14 -37.82
CA LEU H 109 39.93 -14.37 -37.43
C LEU H 109 39.84 -12.90 -37.82
N ARG H 110 38.85 -12.52 -38.63
CA ARG H 110 38.76 -11.14 -39.09
C ARG H 110 38.46 -10.19 -37.93
N ASP H 111 37.56 -10.57 -37.03
CA ASP H 111 37.22 -9.73 -35.89
C ASP H 111 37.76 -10.34 -34.62
N PRO H 112 38.42 -9.56 -33.77
CA PRO H 112 38.93 -10.08 -32.48
C PRO H 112 38.02 -9.82 -31.29
N LEU H 113 36.93 -9.07 -31.45
CA LEU H 113 36.07 -8.70 -30.34
C LEU H 113 34.97 -9.73 -30.05
N PHE H 114 34.78 -10.72 -30.93
CA PHE H 114 33.75 -11.73 -30.71
C PHE H 114 34.22 -13.15 -30.93
N ARG H 115 35.38 -13.37 -31.55
CA ARG H 115 35.91 -14.72 -31.66
C ARG H 115 36.41 -15.21 -30.31
N LEU H 116 36.38 -16.52 -30.11
CA LEU H 116 36.92 -17.12 -28.90
C LEU H 116 38.41 -17.31 -29.10
N TRP H 117 39.21 -16.48 -28.44
CA TRP H 117 40.65 -16.54 -28.60
C TRP H 117 41.21 -17.86 -28.11
N GLY H 118 42.16 -18.41 -28.87
CA GLY H 118 42.76 -19.67 -28.48
C GLY H 118 43.59 -19.55 -27.22
N GLY H 119 43.70 -20.67 -26.51
CA GLY H 119 44.46 -20.70 -25.28
C GLY H 119 43.89 -19.84 -24.16
N THR H 120 42.58 -19.87 -23.98
CA THR H 120 41.92 -19.14 -22.92
C THR H 120 41.53 -20.07 -21.78
N SER H 121 41.29 -19.49 -20.61
CA SER H 121 40.94 -20.28 -19.44
C SER H 121 39.54 -20.86 -19.57
N GLN H 122 39.28 -21.89 -18.77
CA GLN H 122 37.96 -22.52 -18.78
C GLN H 122 36.88 -21.58 -18.27
N GLU H 123 37.21 -20.71 -17.31
CA GLU H 123 36.25 -19.73 -16.83
C GLU H 123 35.83 -18.77 -17.93
N TRP H 124 36.80 -18.31 -18.73
CA TRP H 124 36.47 -17.44 -19.86
C TRP H 124 35.64 -18.17 -20.90
N PHE H 125 35.92 -19.46 -21.12
CA PHE H 125 35.11 -20.24 -22.04
C PHE H 125 33.67 -20.35 -21.54
N LEU H 126 33.49 -20.55 -20.23
CA LEU H 126 32.16 -20.60 -19.66
C LEU H 126 31.44 -19.27 -19.83
N GLU H 127 32.13 -18.16 -19.58
CA GLU H 127 31.52 -16.85 -19.74
C GLU H 127 31.14 -16.59 -21.19
N TYR H 128 32.01 -16.99 -22.13
CA TYR H 128 31.72 -16.83 -23.55
C TYR H 128 30.50 -17.66 -23.95
N TYR H 129 30.41 -18.91 -23.47
CA TYR H 129 29.26 -19.74 -23.77
C TYR H 129 27.98 -19.15 -23.19
N ARG H 130 28.06 -18.62 -21.97
CA ARG H 130 26.89 -17.97 -21.38
C ARG H 130 26.49 -16.72 -22.16
N SER H 131 27.46 -16.06 -22.79
CA SER H 131 27.13 -14.90 -23.62
C SER H 131 26.52 -15.29 -24.95
N ARG H 132 26.94 -16.42 -25.52
CA ARG H 132 26.45 -16.85 -26.83
C ARG H 132 25.16 -17.67 -26.76
N VAL H 133 24.68 -18.01 -25.57
CA VAL H 133 23.43 -18.74 -25.41
C VAL H 133 22.55 -17.95 -24.44
N GLU H 134 21.36 -17.57 -24.89
CA GLU H 134 20.44 -16.78 -24.09
C GLU H 134 19.22 -17.61 -23.74
N VAL H 135 18.90 -17.66 -22.45
CA VAL H 135 17.77 -18.43 -21.94
C VAL H 135 16.79 -17.44 -21.30
N LEU H 136 15.58 -17.40 -21.82
CA LEU H 136 14.56 -16.50 -21.31
C LEU H 136 13.38 -17.30 -20.78
N MET H 137 12.74 -16.77 -19.75
CA MET H 137 11.69 -17.45 -19.02
C MET H 137 10.40 -16.63 -19.08
N ASP H 138 9.28 -17.31 -19.32
CA ASP H 138 7.95 -16.71 -19.24
C ASP H 138 7.25 -17.41 -18.09
N ASP H 139 7.22 -16.74 -16.93
CA ASP H 139 6.70 -17.30 -15.70
C ASP H 139 5.19 -17.21 -15.59
N ILE H 140 4.53 -16.39 -16.41
CA ILE H 140 3.08 -16.30 -16.34
C ILE H 140 2.45 -17.61 -16.80
N CYS H 141 3.11 -18.34 -17.72
CA CYS H 141 2.64 -19.66 -18.11
C CYS H 141 3.79 -20.63 -18.37
N GLY H 142 4.98 -20.36 -17.82
CA GLY H 142 6.04 -21.34 -17.76
C GLY H 142 6.62 -21.82 -19.08
N LEU H 143 7.00 -20.90 -19.96
CA LEU H 143 7.61 -21.26 -21.24
C LEU H 143 9.06 -20.80 -21.28
N LEU H 144 9.98 -21.71 -21.56
CA LEU H 144 11.39 -21.41 -21.59
C LEU H 144 11.86 -21.37 -23.04
N THR H 145 12.44 -20.25 -23.44
CA THR H 145 12.93 -20.08 -24.81
C THR H 145 14.45 -19.95 -24.82
N VAL H 146 15.09 -20.73 -25.68
CA VAL H 146 16.54 -20.77 -25.80
C VAL H 146 16.92 -20.25 -27.17
N ARG H 147 17.79 -19.24 -27.21
CA ARG H 147 18.32 -18.70 -28.44
C ARG H 147 19.83 -18.93 -28.45
N VAL H 148 20.32 -19.58 -29.51
CA VAL H 148 21.70 -20.01 -29.61
C VAL H 148 22.35 -19.27 -30.77
N GLN H 149 23.48 -18.62 -30.50
CA GLN H 149 24.23 -17.91 -31.52
C GLN H 149 25.28 -18.82 -32.14
N GLY H 150 25.66 -18.48 -33.36
CA GLY H 150 26.71 -19.20 -34.05
C GLY H 150 27.25 -18.38 -35.19
N PHE H 151 28.32 -18.88 -35.80
CA PHE H 151 28.89 -18.28 -36.99
C PHE H 151 28.44 -18.98 -38.26
N GLU H 152 27.50 -19.91 -38.15
CA GLU H 152 26.94 -20.64 -39.27
C GLU H 152 25.59 -21.20 -38.86
N PRO H 153 24.55 -21.01 -39.66
CA PRO H 153 23.19 -21.39 -39.22
C PRO H 153 23.04 -22.87 -38.87
N GLU H 154 23.67 -23.75 -39.65
CA GLU H 154 23.55 -25.18 -39.37
C GLU H 154 24.16 -25.54 -38.02
N PHE H 155 25.30 -24.93 -37.69
CA PHE H 155 25.92 -25.19 -36.40
C PHE H 155 25.05 -24.67 -35.26
N ALA H 156 24.42 -23.51 -35.44
CA ALA H 156 23.55 -22.98 -34.40
C ALA H 156 22.35 -23.91 -34.17
N GLN H 157 21.76 -24.41 -35.26
CA GLN H 157 20.64 -25.35 -35.11
C GLN H 157 21.10 -26.64 -34.44
N ALA H 158 22.27 -27.14 -34.82
CA ALA H 158 22.78 -28.36 -34.21
C ALA H 158 23.05 -28.18 -32.72
N LEU H 159 23.62 -27.03 -32.35
CA LEU H 159 23.88 -26.76 -30.94
C LEU H 159 22.57 -26.65 -30.16
N ASN H 160 21.56 -26.01 -30.74
CA ASN H 160 20.26 -25.94 -30.08
C ASN H 160 19.65 -27.32 -29.87
N ARG H 161 19.72 -28.17 -30.91
CA ARG H 161 19.21 -29.53 -30.78
C ARG H 161 19.95 -30.33 -29.72
N ALA H 162 21.27 -30.19 -29.68
CA ALA H 162 22.07 -30.88 -28.67
C ALA H 162 21.71 -30.39 -27.26
N ILE H 163 21.51 -29.09 -27.11
CA ILE H 163 21.11 -28.54 -25.81
C ILE H 163 19.78 -29.13 -25.38
N LEU H 164 18.81 -29.18 -26.29
CA LEU H 164 17.49 -29.72 -25.95
C LEU H 164 17.58 -31.20 -25.58
N GLU H 165 18.35 -31.98 -26.34
CA GLU H 165 18.46 -33.41 -26.07
C GLU H 165 19.13 -33.67 -24.73
N GLU H 166 20.24 -33.00 -24.46
CA GLU H 166 20.90 -33.16 -23.18
C GLU H 166 20.04 -32.66 -22.03
N SER H 167 19.24 -31.62 -22.27
CA SER H 167 18.32 -31.12 -21.25
C SER H 167 17.29 -32.18 -20.88
N GLU H 168 16.68 -32.81 -21.88
CA GLU H 168 15.71 -33.86 -21.61
C GLU H 168 16.36 -35.04 -20.88
N ARG H 169 17.57 -35.42 -21.32
CA ARG H 169 18.27 -36.53 -20.68
C ARG H 169 18.56 -36.22 -19.21
N PHE H 170 19.02 -35.00 -18.92
CA PHE H 170 19.29 -34.61 -17.54
C PHE H 170 18.02 -34.57 -16.71
N VAL H 171 16.92 -34.08 -17.28
CA VAL H 171 15.64 -34.06 -16.56
C VAL H 171 15.23 -35.46 -16.16
N ASN H 172 15.35 -36.42 -17.08
CA ASN H 172 15.02 -37.80 -16.74
C ASN H 172 15.99 -38.37 -15.70
N GLU H 173 17.29 -38.09 -15.86
CA GLU H 173 18.30 -38.69 -15.00
C GLU H 173 18.19 -38.20 -13.57
N LEU H 174 17.71 -36.96 -13.37
CA LEU H 174 17.61 -36.43 -12.01
C LEU H 174 16.70 -37.29 -11.13
N SER H 175 15.61 -37.80 -11.69
CA SER H 175 14.74 -38.71 -10.96
C SER H 175 15.18 -40.17 -11.09
N HIS H 176 15.84 -40.52 -12.21
CA HIS H 176 16.32 -41.88 -12.38
C HIS H 176 17.36 -42.26 -11.33
N ARG H 177 18.19 -41.30 -10.91
CA ARG H 177 19.18 -41.58 -9.87
C ARG H 177 18.50 -41.93 -8.55
N MET H 178 17.48 -41.17 -8.17
CA MET H 178 16.73 -41.44 -6.96
C MET H 178 16.04 -42.79 -7.03
N ALA H 179 15.44 -43.11 -8.18
CA ALA H 179 14.81 -44.40 -8.37
C ALA H 179 15.83 -45.54 -8.27
N ARG H 180 17.03 -45.32 -8.81
CA ARG H 180 18.07 -46.34 -8.72
C ARG H 180 18.50 -46.56 -7.27
N GLU H 181 18.61 -45.49 -6.49
CA GLU H 181 18.94 -45.64 -5.07
C GLU H 181 17.87 -46.44 -4.34
N GLN H 182 16.59 -46.13 -4.61
CA GLN H 182 15.50 -46.87 -3.98
C GLN H 182 15.53 -48.34 -4.40
N GLY H 183 15.82 -48.60 -5.67
CA GLY H 183 15.92 -49.98 -6.13
C GLY H 183 17.06 -50.73 -5.49
N GLN H 184 18.19 -50.05 -5.26
CA GLN H 184 19.32 -50.67 -4.58
C GLN H 184 18.92 -51.04 -3.16
N PHE H 185 18.22 -50.13 -2.46
CA PHE H 185 17.76 -50.46 -1.12
C PHE H 185 16.79 -51.64 -1.13
N ALA H 186 15.88 -51.67 -2.10
CA ALA H 186 14.91 -52.76 -2.19
C ALA H 186 15.61 -54.09 -2.44
N GLU H 187 16.60 -54.11 -3.34
CA GLU H 187 17.35 -55.34 -3.58
C GLU H 187 18.11 -55.77 -2.33
N ALA H 188 18.69 -54.82 -1.61
CA ALA H 188 19.44 -55.14 -0.40
C ALA H 188 18.53 -55.76 0.66
N GLU H 189 17.32 -55.19 0.83
CA GLU H 189 16.40 -55.77 1.80
C GLU H 189 15.77 -57.06 1.31
N LEU H 190 15.75 -57.30 0.00
CA LEU H 190 15.32 -58.59 -0.52
C LEU H 190 16.37 -59.67 -0.31
N GLU H 191 17.65 -59.28 -0.27
CA GLU H 191 18.71 -60.27 -0.09
C GLU H 191 18.55 -61.01 1.23
N ARG H 192 18.12 -60.30 2.28
CA ARG H 192 17.92 -60.90 3.59
C ARG H 192 16.62 -61.72 3.66
N ALA H 193 15.67 -61.46 2.77
CA ALA H 193 14.38 -62.15 2.83
C ALA H 193 14.55 -63.66 2.68
N THR H 194 15.38 -64.08 1.73
CA THR H 194 15.72 -65.49 1.64
C THR H 194 16.44 -65.97 2.89
N ALA H 195 17.34 -65.13 3.42
CA ALA H 195 18.12 -65.51 4.59
C ALA H 195 17.25 -65.78 5.81
N ARG H 196 16.03 -65.24 5.87
CA ARG H 196 15.11 -65.60 6.94
C ARG H 196 14.13 -66.68 6.53
N LEU H 197 13.67 -66.68 5.27
CA LEU H 197 12.67 -67.65 4.86
C LEU H 197 13.25 -69.06 4.80
N GLN H 198 14.43 -69.22 4.19
CA GLN H 198 15.06 -70.53 4.12
C GLN H 198 15.46 -71.01 5.51
N GLU H 199 15.91 -70.10 6.38
CA GLU H 199 16.25 -70.49 7.74
C GLU H 199 15.02 -70.97 8.50
N ALA H 200 13.89 -70.27 8.36
CA ALA H 200 12.66 -70.70 9.02
C ALA H 200 12.19 -72.05 8.48
N LYS H 201 12.28 -72.25 7.16
CA LYS H 201 11.90 -73.54 6.59
C LYS H 201 12.81 -74.65 7.10
N ARG H 202 14.11 -74.39 7.18
CA ARG H 202 15.04 -75.40 7.66
C ARG H 202 14.80 -75.75 9.13
N GLN H 203 14.53 -74.74 9.96
CA GLN H 203 14.22 -75.01 11.36
C GLN H 203 12.85 -75.66 11.53
N LEU H 204 11.95 -75.49 10.56
CA LEU H 204 10.66 -76.15 10.62
C LEU H 204 10.75 -77.62 10.25
N ILE H 205 11.35 -77.92 9.09
CA ILE H 205 11.42 -79.31 8.63
C ILE H 205 12.33 -80.16 9.50
N ALA H 206 13.25 -79.54 10.24
CA ALA H 206 14.09 -80.30 11.16
C ALA H 206 13.27 -80.91 12.29
N PHE H 207 12.30 -80.17 12.80
CA PHE H 207 11.45 -80.67 13.88
C PHE H 207 10.04 -80.95 13.37
N HIS H 293 2.53 -75.56 16.13
CA HIS H 293 1.99 -75.05 14.88
C HIS H 293 2.30 -73.56 14.71
N ASP H 294 2.82 -72.96 15.79
CA ASP H 294 3.18 -71.54 15.74
C ASP H 294 4.33 -71.29 14.78
N LEU H 295 5.27 -72.23 14.68
CA LEU H 295 6.38 -72.08 13.75
C LEU H 295 5.91 -72.06 12.31
N GLN H 296 4.85 -72.82 11.99
CA GLN H 296 4.30 -72.79 10.63
C GLN H 296 3.70 -71.42 10.32
N LEU H 297 3.00 -70.83 11.28
CA LEU H 297 2.47 -69.48 11.08
C LEU H 297 3.59 -68.46 10.96
N GLN H 298 4.68 -68.65 11.70
CA GLN H 298 5.84 -67.78 11.56
C GLN H 298 6.44 -67.88 10.16
N VAL H 299 6.54 -69.10 9.63
CA VAL H 299 7.05 -69.29 8.28
C VAL H 299 6.12 -68.64 7.26
N GLY H 300 4.81 -68.74 7.48
CA GLY H 300 3.86 -68.08 6.60
C GLY H 300 4.00 -66.57 6.63
N PHE H 301 4.20 -66.00 7.82
CA PHE H 301 4.44 -64.57 7.92
C PHE H 301 5.72 -64.16 7.21
N ALA H 302 6.77 -64.98 7.34
CA ALA H 302 8.01 -64.69 6.63
C ALA H 302 7.82 -64.74 5.12
N GLU H 303 7.02 -65.70 4.64
CA GLU H 303 6.73 -65.78 3.21
C GLU H 303 5.94 -64.57 2.73
N ASP H 304 4.99 -64.11 3.55
CA ASP H 304 4.24 -62.90 3.21
C ASP H 304 5.16 -61.68 3.13
N ALA H 305 6.09 -61.57 4.08
CA ALA H 305 7.08 -60.49 4.01
C ALA H 305 7.95 -60.62 2.78
N TYR H 306 8.29 -61.86 2.40
CA TYR H 306 9.10 -62.09 1.21
C TYR H 306 8.40 -61.62 -0.05
N LYS H 307 7.11 -61.95 -0.19
CA LYS H 307 6.40 -61.53 -1.39
C LYS H 307 6.14 -60.03 -1.39
N LEU H 308 5.92 -59.43 -0.22
CA LEU H 308 5.81 -57.97 -0.15
C LEU H 308 7.11 -57.30 -0.58
N ALA H 309 8.25 -57.84 -0.13
CA ALA H 309 9.54 -57.31 -0.54
C ALA H 309 9.76 -57.50 -2.04
N LEU H 310 9.31 -58.63 -2.59
CA LEU H 310 9.44 -58.84 -4.03
C LEU H 310 8.63 -57.81 -4.81
N ALA H 311 7.40 -57.52 -4.34
CA ALA H 311 6.60 -56.49 -4.97
C ALA H 311 7.28 -55.12 -4.89
N ALA H 312 7.87 -54.81 -3.73
CA ALA H 312 8.58 -53.55 -3.59
C ALA H 312 9.77 -53.46 -4.54
N VAL H 313 10.53 -54.56 -4.68
CA VAL H 313 11.66 -54.57 -5.60
C VAL H 313 11.19 -54.38 -7.03
N GLU H 314 10.10 -55.05 -7.41
CA GLU H 314 9.58 -54.89 -8.76
C GLU H 314 9.13 -53.46 -9.02
N SER H 315 8.43 -52.84 -8.06
CA SER H 315 7.99 -51.46 -8.25
C SER H 315 9.19 -50.51 -8.37
N ALA H 316 10.21 -50.71 -7.53
CA ALA H 316 11.41 -49.89 -7.64
C ALA H 316 12.12 -50.11 -8.98
N ARG H 317 12.01 -51.31 -9.54
CA ARG H 317 12.56 -51.55 -10.87
C ARG H 317 11.78 -50.80 -11.94
N ILE H 318 10.45 -50.73 -11.79
CA ILE H 318 9.65 -49.93 -12.72
C ILE H 318 10.05 -48.46 -12.64
N GLU H 319 10.24 -47.94 -11.43
CA GLU H 319 10.52 -46.51 -11.28
C GLU H 319 11.86 -46.10 -11.87
N ALA H 320 12.78 -47.05 -12.06
CA ALA H 320 14.12 -46.72 -12.54
C ALA H 320 14.27 -46.84 -14.06
N THR H 321 13.22 -47.19 -14.77
CA THR H 321 13.30 -47.38 -16.22
C THR H 321 12.31 -46.51 -16.99
N ARG H 322 11.12 -46.29 -16.45
CA ARG H 322 10.11 -45.51 -17.15
C ARG H 322 10.53 -44.05 -17.26
N LYS H 323 10.28 -43.45 -18.42
CA LYS H 323 10.55 -42.03 -18.63
C LYS H 323 9.45 -41.25 -17.95
N LEU H 324 9.76 -40.69 -16.77
CA LEU H 324 8.73 -40.04 -15.97
C LEU H 324 8.31 -38.71 -16.58
N LYS H 325 9.27 -37.90 -17.01
CA LYS H 325 9.01 -36.53 -17.42
C LYS H 325 9.55 -36.30 -18.82
N SER H 326 8.73 -35.71 -19.69
CA SER H 326 9.10 -35.39 -21.05
C SER H 326 9.35 -33.90 -21.18
N LEU H 327 9.72 -33.48 -22.39
CA LEU H 327 10.02 -32.09 -22.70
C LEU H 327 9.29 -31.74 -23.99
N VAL H 328 8.12 -31.11 -23.87
CA VAL H 328 7.37 -30.72 -25.05
C VAL H 328 8.06 -29.55 -25.72
N VAL H 329 7.95 -29.48 -27.04
CA VAL H 329 8.64 -28.48 -27.85
C VAL H 329 7.58 -27.67 -28.57
N VAL H 330 7.24 -26.50 -28.02
CA VAL H 330 6.28 -25.61 -28.67
C VAL H 330 6.83 -25.09 -29.99
N GLU H 331 8.13 -24.82 -30.04
CA GLU H 331 8.78 -24.41 -31.28
C GLU H 331 10.13 -25.10 -31.40
N PRO H 332 10.31 -25.95 -32.41
CA PRO H 332 11.59 -26.64 -32.58
C PRO H 332 12.69 -25.68 -33.01
N PRO H 333 13.95 -26.05 -32.85
CA PRO H 333 15.05 -25.15 -33.25
C PRO H 333 15.00 -24.85 -34.75
N VAL H 334 14.78 -23.58 -35.07
CA VAL H 334 14.66 -23.18 -36.46
C VAL H 334 16.05 -23.04 -37.08
N LEU H 335 16.09 -23.01 -38.42
CA LEU H 335 17.33 -22.82 -39.14
C LEU H 335 17.37 -21.39 -39.66
N PRO H 336 18.19 -20.51 -39.11
CA PRO H 336 18.22 -19.12 -39.58
C PRO H 336 18.71 -19.01 -41.01
N GLU H 337 18.21 -17.99 -41.71
CA GLU H 337 18.61 -17.70 -43.07
C GLU H 337 19.59 -16.55 -43.17
N ILE H 338 19.39 -15.49 -42.36
CA ILE H 338 20.31 -14.37 -42.33
C ILE H 338 20.83 -14.20 -40.91
N ALA H 339 21.69 -13.20 -40.70
CA ALA H 339 22.35 -12.98 -39.43
C ALA H 339 21.59 -11.93 -38.63
N GLU H 340 20.97 -12.35 -37.53
CA GLU H 340 20.32 -11.41 -36.63
C GLU H 340 21.35 -10.49 -35.97
N TYR H 341 22.50 -11.04 -35.59
CA TYR H 341 23.53 -10.32 -34.86
C TYR H 341 24.77 -10.12 -35.73
N PRO H 342 25.56 -9.07 -35.49
CA PRO H 342 25.37 -8.00 -34.49
C PRO H 342 24.47 -6.89 -34.98
N ARG H 343 23.82 -6.16 -34.07
CA ARG H 343 23.02 -4.99 -34.44
C ARG H 343 23.91 -3.75 -34.30
N ARG H 344 24.69 -3.50 -35.35
CA ARG H 344 25.71 -2.45 -35.30
C ARG H 344 25.08 -1.07 -35.10
N TRP H 345 24.00 -0.79 -35.84
CA TRP H 345 23.38 0.52 -35.80
C TRP H 345 22.71 0.82 -34.47
N TYR H 346 22.33 -0.23 -33.72
CA TYR H 346 21.82 0.00 -32.36
C TYR H 346 22.95 0.35 -31.40
N ASN H 347 24.09 -0.35 -31.52
CA ASN H 347 25.23 -0.05 -30.65
C ASN H 347 25.85 1.30 -30.96
N LEU H 348 25.68 1.80 -32.19
CA LEU H 348 26.24 3.11 -32.54
C LEU H 348 25.64 4.22 -31.68
N ALA H 349 24.33 4.18 -31.46
CA ALA H 349 23.68 5.22 -30.67
C ALA H 349 24.16 5.18 -29.22
N THR H 350 24.29 3.98 -28.65
CA THR H 350 24.79 3.85 -27.29
C THR H 350 26.22 4.38 -27.17
N LEU H 351 27.07 4.04 -28.15
CA LEU H 351 28.44 4.55 -28.13
C LEU H 351 28.46 6.07 -28.24
N LEU H 352 27.59 6.63 -29.08
CA LEU H 352 27.50 8.09 -29.20
C LEU H 352 27.09 8.74 -27.88
N VAL H 353 26.11 8.14 -27.20
CA VAL H 353 25.66 8.68 -25.91
C VAL H 353 26.78 8.64 -24.89
N VAL H 354 27.50 7.51 -24.83
CA VAL H 354 28.59 7.37 -23.88
C VAL H 354 29.69 8.38 -24.18
N CYS H 355 30.05 8.54 -25.45
CA CYS H 355 31.10 9.49 -25.83
C CYS H 355 30.69 10.92 -25.49
N CYS H 356 29.42 11.27 -25.75
CA CYS H 356 28.96 12.62 -25.43
C CYS H 356 29.00 12.89 -23.93
N LEU H 357 28.58 11.91 -23.13
CA LEU H 357 28.61 12.09 -21.68
C LEU H 357 30.05 12.23 -21.18
N ILE H 358 30.96 11.41 -21.71
CA ILE H 358 32.36 11.49 -21.30
C ILE H 358 32.95 12.84 -21.68
N TYR H 359 32.63 13.32 -22.90
CA TYR H 359 33.12 14.63 -23.33
C TYR H 359 32.59 15.74 -22.44
N GLY H 360 31.31 15.67 -22.07
CA GLY H 360 30.75 16.70 -21.20
C GLY H 360 31.41 16.72 -19.84
N VAL H 361 31.61 15.53 -19.24
CA VAL H 361 32.26 15.47 -17.93
C VAL H 361 33.70 15.98 -18.01
N VAL H 362 34.43 15.59 -19.06
CA VAL H 362 35.80 16.02 -19.22
C VAL H 362 35.87 17.53 -19.42
N SER H 363 34.96 18.08 -20.21
CA SER H 363 34.93 19.53 -20.43
C SER H 363 34.64 20.28 -19.13
N LEU H 364 33.69 19.77 -18.34
CA LEU H 364 33.38 20.43 -17.08
C LEU H 364 34.58 20.40 -16.13
N VAL H 365 35.25 19.26 -16.03
CA VAL H 365 36.39 19.16 -15.10
C VAL H 365 37.57 20.00 -15.60
N VAL H 366 37.78 20.07 -16.92
CA VAL H 366 38.90 20.86 -17.43
C VAL H 366 38.61 22.35 -17.29
N ALA H 367 37.35 22.75 -17.43
CA ALA H 367 36.99 24.15 -17.13
C ALA H 367 37.20 24.46 -15.66
N THR H 368 36.88 23.50 -14.78
CA THR H 368 37.13 23.68 -13.37
C THR H 368 38.62 23.88 -13.09
N ILE H 369 39.46 23.07 -13.72
CA ILE H 369 40.90 23.21 -13.54
C ILE H 369 41.39 24.53 -14.10
N ARG H 370 40.88 24.93 -15.27
CA ARG H 370 41.32 26.18 -15.89
C ARG H 370 40.95 27.39 -15.04
N ASP H 371 39.74 27.40 -14.48
CA ASP H 371 39.30 28.55 -13.67
C ASP H 371 39.97 28.57 -12.30
N HIS H 372 40.67 27.51 -11.91
CA HIS H 372 41.34 27.46 -10.62
C HIS H 372 42.52 28.43 -10.59
N THR I 13 14.91 29.85 -44.97
CA THR I 13 14.03 30.64 -44.13
C THR I 13 13.14 29.74 -43.26
N ALA I 14 12.64 30.31 -42.16
CA ALA I 14 11.76 29.55 -41.28
C ALA I 14 10.46 29.18 -41.97
N LYS I 15 9.90 30.12 -42.75
CA LYS I 15 8.67 29.83 -43.48
C LYS I 15 8.87 28.73 -44.50
N ARG I 16 9.97 28.77 -45.25
CA ARG I 16 10.26 27.70 -46.20
C ARG I 16 10.62 26.41 -45.49
N LEU I 17 11.22 26.50 -44.29
CA LEU I 17 11.44 25.30 -43.49
C LEU I 17 10.13 24.63 -43.12
N GLN I 18 9.13 25.43 -42.72
CA GLN I 18 7.81 24.89 -42.44
C GLN I 18 7.18 24.32 -43.71
N TRP I 19 7.35 25.01 -44.84
CA TRP I 19 6.76 24.55 -46.09
C TRP I 19 7.33 23.19 -46.51
N ALA I 20 8.63 23.02 -46.38
CA ALA I 20 9.29 21.75 -46.73
C ALA I 20 9.28 20.74 -45.59
N LEU I 21 8.76 21.11 -44.42
CA LEU I 21 8.70 20.22 -43.28
C LEU I 21 7.30 19.70 -43.00
N VAL I 22 6.26 20.37 -43.49
CA VAL I 22 4.88 20.01 -43.22
C VAL I 22 4.11 19.70 -44.51
N TYR I 23 4.17 20.62 -45.48
CA TYR I 23 3.35 20.48 -46.68
C TYR I 23 3.75 19.27 -47.51
N LEU I 24 5.04 19.15 -47.82
CA LEU I 24 5.50 18.05 -48.68
C LEU I 24 5.27 16.67 -48.08
N PRO I 25 5.56 16.41 -46.79
CA PRO I 25 5.23 15.09 -46.25
C PRO I 25 3.75 14.73 -46.35
N MET I 26 2.84 15.69 -46.15
CA MET I 26 1.44 15.34 -46.31
C MET I 26 1.04 15.20 -47.77
N LEU I 27 1.67 15.93 -48.68
CA LEU I 27 1.38 15.71 -50.10
C LEU I 27 1.76 14.30 -50.51
N VAL I 28 2.96 13.85 -50.11
CA VAL I 28 3.39 12.50 -50.50
C VAL I 28 2.57 11.45 -49.76
N ALA I 29 2.26 11.67 -48.49
CA ALA I 29 1.44 10.72 -47.74
C ALA I 29 0.04 10.61 -48.33
N THR I 30 -0.56 11.75 -48.70
CA THR I 30 -1.90 11.75 -49.27
C THR I 30 -1.92 11.05 -50.62
N VAL I 31 -0.94 11.32 -51.48
CA VAL I 31 -0.96 10.67 -52.78
C VAL I 31 -0.72 9.17 -52.63
N TYR I 32 0.15 8.76 -51.69
CA TYR I 32 0.37 7.34 -51.46
C TYR I 32 -0.89 6.66 -50.92
N PHE I 33 -1.59 7.31 -49.97
CA PHE I 33 -2.77 6.71 -49.38
C PHE I 33 -3.93 6.63 -50.37
N LEU I 34 -4.16 7.71 -51.13
CA LEU I 34 -5.32 7.73 -52.02
C LEU I 34 -5.08 6.92 -53.29
N VAL I 35 -3.86 6.94 -53.83
CA VAL I 35 -3.59 6.33 -55.12
C VAL I 35 -2.83 5.02 -55.01
N PHE I 36 -1.90 4.88 -54.06
CA PHE I 36 -1.00 3.73 -54.03
C PHE I 36 -1.32 2.73 -52.92
N SER I 37 -1.97 3.14 -51.85
CA SER I 37 -2.26 2.22 -50.75
C SER I 37 -3.26 1.16 -51.19
N ALA I 38 -3.05 -0.07 -50.73
CA ALA I 38 -3.87 -1.21 -51.10
C ALA I 38 -4.76 -1.63 -49.94
N ASP I 39 -5.93 -2.13 -50.27
CA ASP I 39 -6.89 -2.57 -49.26
C ASP I 39 -6.44 -3.87 -48.61
N ARG I 40 -6.74 -4.00 -47.31
CA ARG I 40 -6.39 -5.19 -46.53
C ARG I 40 -7.61 -5.61 -45.72
N TYR I 41 -8.34 -6.60 -46.24
CA TYR I 41 -9.52 -7.10 -45.54
C TYR I 41 -9.11 -7.90 -44.31
N VAL I 42 -9.88 -7.74 -43.24
CA VAL I 42 -9.59 -8.36 -41.96
C VAL I 42 -10.69 -9.38 -41.64
N SER I 43 -10.29 -10.60 -41.31
CA SER I 43 -11.20 -11.63 -40.84
C SER I 43 -10.91 -11.92 -39.38
N GLU I 44 -11.93 -11.84 -38.54
CA GLU I 44 -11.78 -11.93 -37.10
C GLU I 44 -12.53 -13.14 -36.57
N SER I 45 -11.88 -13.87 -35.66
CA SER I 45 -12.49 -15.02 -35.00
C SER I 45 -12.11 -15.01 -33.54
N VAL I 46 -12.93 -15.66 -32.71
CA VAL I 46 -12.72 -15.73 -31.27
C VAL I 46 -12.84 -17.18 -30.84
N ILE I 47 -11.81 -17.71 -30.20
CA ILE I 47 -11.73 -19.11 -29.82
C ILE I 47 -11.23 -19.22 -28.38
N THR I 48 -11.22 -20.45 -27.89
CA THR I 48 -10.52 -20.85 -26.67
C THR I 48 -10.40 -22.37 -26.70
N VAL I 49 -9.74 -22.93 -25.69
CA VAL I 49 -9.42 -24.35 -25.64
C VAL I 49 -10.05 -24.95 -24.40
N ARG I 50 -10.75 -26.07 -24.57
CA ARG I 50 -11.40 -26.78 -23.47
C ARG I 50 -11.07 -28.27 -23.54
N GLN I 51 -11.16 -28.92 -22.38
CA GLN I 51 -10.90 -30.35 -22.29
C GLN I 51 -12.14 -31.13 -22.73
N THR I 52 -11.93 -32.21 -23.47
CA THR I 52 -13.02 -33.04 -23.97
C THR I 52 -13.48 -33.98 -22.86
N SER I 53 -14.28 -33.42 -21.95
CA SER I 53 -14.83 -34.16 -20.81
C SER I 53 -13.74 -34.81 -19.96
N PRO I 73 -6.37 -21.73 -14.11
CA PRO I 73 -6.38 -23.19 -14.11
C PRO I 73 -5.58 -23.79 -15.27
N ALA I 74 -5.77 -25.08 -15.53
CA ALA I 74 -5.08 -25.74 -16.63
C ALA I 74 -5.60 -25.33 -17.99
N SER I 75 -6.77 -24.69 -18.06
CA SER I 75 -7.28 -24.21 -19.34
C SER I 75 -6.38 -23.13 -19.92
N ARG I 76 -5.88 -22.23 -19.07
CA ARG I 76 -4.97 -21.18 -19.52
C ARG I 76 -3.60 -21.74 -19.88
N GLU I 77 -3.27 -22.95 -19.43
CA GLU I 77 -1.97 -23.53 -19.73
C GLU I 77 -1.79 -23.77 -21.22
N ASP I 78 -2.84 -24.22 -21.90
CA ASP I 78 -2.77 -24.55 -23.31
C ASP I 78 -3.27 -23.40 -24.20
N THR I 79 -3.54 -22.24 -23.63
CA THR I 79 -3.79 -21.04 -24.42
C THR I 79 -2.51 -20.28 -24.71
N CYS I 80 -1.54 -20.31 -23.79
CA CYS I 80 -0.20 -19.82 -24.11
C CYS I 80 0.43 -20.62 -25.24
N TYR I 81 0.15 -21.92 -25.30
CA TYR I 81 0.67 -22.74 -26.39
C TYR I 81 0.17 -22.24 -27.73
N LEU I 82 -1.11 -21.85 -27.80
CA LEU I 82 -1.65 -21.30 -29.04
C LEU I 82 -1.14 -19.90 -29.30
N GLN I 83 -0.97 -19.10 -28.26
CA GLN I 83 -0.45 -17.75 -28.44
C GLN I 83 0.96 -17.77 -29.02
N THR I 84 1.81 -18.69 -28.53
CA THR I 84 3.16 -18.82 -29.06
C THR I 84 3.16 -19.51 -30.43
N TYR I 85 2.35 -20.55 -30.59
CA TYR I 85 2.39 -21.37 -31.80
C TYR I 85 1.91 -20.60 -33.02
N ILE I 86 0.92 -19.73 -32.86
CA ILE I 86 0.37 -19.01 -34.00
C ILE I 86 1.40 -18.08 -34.60
N HIS I 87 2.24 -17.47 -33.76
CA HIS I 87 3.29 -16.55 -34.21
C HIS I 87 4.64 -17.24 -34.33
N SER I 88 4.66 -18.50 -34.74
CA SER I 88 5.88 -19.29 -34.81
C SER I 88 6.23 -19.61 -36.25
N MET I 89 7.52 -19.93 -36.46
CA MET I 89 7.98 -20.30 -37.80
C MET I 89 7.52 -21.69 -38.19
N GLY I 90 7.33 -22.59 -37.22
CA GLY I 90 6.85 -23.91 -37.55
C GLY I 90 5.47 -23.90 -38.16
N LEU I 91 4.58 -23.06 -37.63
CA LEU I 91 3.26 -22.91 -38.23
C LEU I 91 3.33 -22.14 -39.55
N LEU I 92 4.23 -21.17 -39.63
CA LEU I 92 4.34 -20.37 -40.85
C LEU I 92 4.79 -21.22 -42.03
N GLN I 93 5.69 -22.18 -41.79
CA GLN I 93 6.13 -23.06 -42.86
C GLN I 93 4.97 -23.88 -43.41
N LYS I 94 4.16 -24.45 -42.50
CA LYS I 94 2.99 -25.22 -42.94
C LYS I 94 1.99 -24.34 -43.67
N LEU I 95 1.77 -23.12 -43.17
CA LEU I 95 0.81 -22.22 -43.81
C LEU I 95 1.28 -21.82 -45.21
N ASP I 96 2.58 -21.56 -45.38
CA ASP I 96 3.10 -21.21 -46.69
C ASP I 96 3.07 -22.41 -47.63
N GLN I 97 3.29 -23.62 -47.11
CA GLN I 97 3.17 -24.81 -47.95
C GLN I 97 1.72 -25.06 -48.35
N GLN I 98 0.77 -24.66 -47.51
CA GLN I 98 -0.64 -24.90 -47.78
C GLN I 98 -1.22 -23.86 -48.73
N LEU I 99 -1.19 -22.59 -48.34
CA LEU I 99 -1.93 -21.54 -49.02
C LEU I 99 -1.06 -20.61 -49.86
N LYS I 100 0.25 -20.87 -49.96
CA LYS I 100 1.18 -20.03 -50.74
C LYS I 100 1.08 -18.57 -50.32
N LEU I 101 1.46 -18.33 -49.07
CA LEU I 101 1.33 -17.00 -48.49
C LEU I 101 2.21 -15.98 -49.20
N ARG I 102 3.41 -16.38 -49.63
CA ARG I 102 4.34 -15.45 -50.28
C ARG I 102 3.75 -14.89 -51.56
N GLU I 103 3.18 -15.77 -52.40
CA GLU I 103 2.62 -15.33 -53.67
C GLU I 103 1.44 -14.40 -53.46
N HIS I 104 0.57 -14.71 -52.49
CA HIS I 104 -0.58 -13.85 -52.23
C HIS I 104 -0.13 -12.49 -51.70
N PHE I 105 0.82 -12.46 -50.78
CA PHE I 105 1.25 -11.20 -50.19
C PHE I 105 2.17 -10.40 -51.10
N GLY I 106 2.65 -10.99 -52.19
CA GLY I 106 3.39 -10.24 -53.17
C GLY I 106 2.58 -9.69 -54.33
N THR I 107 1.27 -9.93 -54.36
CA THR I 107 0.45 -9.50 -55.49
C THR I 107 0.37 -7.99 -55.68
N PRO I 108 0.10 -7.15 -54.65
CA PRO I 108 -0.10 -5.73 -54.94
C PRO I 108 1.20 -5.01 -55.29
N LEU I 109 1.38 -4.71 -56.58
CA LEU I 109 2.59 -4.05 -57.03
C LEU I 109 2.58 -2.56 -56.72
N ARG I 110 1.41 -1.92 -56.80
CA ARG I 110 1.32 -0.47 -56.61
C ARG I 110 1.55 -0.05 -55.16
N ASP I 111 1.52 -0.97 -54.21
CA ASP I 111 1.75 -0.63 -52.81
C ASP I 111 3.13 -1.13 -52.40
N PRO I 112 4.12 -0.25 -52.26
CA PRO I 112 5.47 -0.70 -51.88
C PRO I 112 5.75 -0.71 -50.39
N LEU I 113 4.83 -0.20 -49.56
CA LEU I 113 5.04 -0.13 -48.13
C LEU I 113 4.34 -1.23 -47.34
N PHE I 114 3.45 -1.99 -47.99
CA PHE I 114 2.72 -3.04 -47.29
C PHE I 114 2.65 -4.32 -48.12
N ARG I 115 3.65 -4.57 -48.97
CA ARG I 115 3.72 -5.78 -49.76
C ARG I 115 4.97 -6.56 -49.38
N LEU I 116 4.99 -7.83 -49.78
CA LEU I 116 6.11 -8.73 -49.50
C LEU I 116 6.99 -8.78 -50.74
N TRP I 117 8.13 -8.11 -50.68
CA TRP I 117 9.06 -8.11 -51.80
C TRP I 117 9.63 -9.50 -52.02
N GLY I 118 9.83 -9.85 -53.28
CA GLY I 118 10.38 -11.16 -53.60
C GLY I 118 11.84 -11.29 -53.20
N GLY I 119 12.24 -12.51 -52.87
CA GLY I 119 13.61 -12.79 -52.51
C GLY I 119 14.00 -12.38 -51.10
N THR I 120 13.05 -11.97 -50.27
CA THR I 120 13.37 -11.57 -48.91
C THR I 120 13.72 -12.77 -48.05
N SER I 121 14.37 -12.51 -46.93
CA SER I 121 14.85 -13.55 -46.05
C SER I 121 13.72 -14.18 -45.26
N GLN I 122 14.01 -15.33 -44.63
CA GLN I 122 13.03 -16.02 -43.82
C GLN I 122 12.65 -15.21 -42.59
N GLU I 123 13.62 -14.51 -42.00
CA GLU I 123 13.33 -13.69 -40.82
C GLU I 123 12.37 -12.56 -41.15
N TRP I 124 12.57 -11.90 -42.29
CA TRP I 124 11.66 -10.84 -42.70
C TRP I 124 10.28 -11.41 -43.03
N PHE I 125 10.24 -12.61 -43.62
CA PHE I 125 8.96 -13.25 -43.86
C PHE I 125 8.22 -13.51 -42.56
N LEU I 126 8.92 -14.00 -41.54
CA LEU I 126 8.30 -14.23 -40.25
C LEU I 126 7.82 -12.92 -39.62
N GLU I 127 8.62 -11.86 -39.72
CA GLU I 127 8.21 -10.56 -39.19
C GLU I 127 6.96 -10.05 -39.90
N TYR I 128 6.92 -10.17 -41.23
CA TYR I 128 5.75 -9.75 -41.99
C TYR I 128 4.51 -10.55 -41.60
N TYR I 129 4.66 -11.86 -41.46
CA TYR I 129 3.52 -12.70 -41.07
C TYR I 129 3.03 -12.34 -39.67
N ARG I 130 3.95 -12.10 -38.73
CA ARG I 130 3.55 -11.69 -37.40
C ARG I 130 2.88 -10.32 -37.42
N SER I 131 3.24 -9.47 -38.38
CA SER I 131 2.58 -8.17 -38.51
C SER I 131 1.17 -8.32 -39.07
N ARG I 132 0.97 -9.27 -40.00
CA ARG I 132 -0.33 -9.40 -40.66
C ARG I 132 -1.34 -10.21 -39.85
N VAL I 133 -0.93 -10.91 -38.81
CA VAL I 133 -1.83 -11.68 -37.97
C VAL I 133 -1.72 -11.15 -36.55
N GLU I 134 -2.85 -10.75 -35.98
CA GLU I 134 -2.89 -10.17 -34.64
C GLU I 134 -3.63 -11.12 -33.71
N VAL I 135 -2.98 -11.44 -32.59
CA VAL I 135 -3.54 -12.35 -31.58
C VAL I 135 -3.66 -11.58 -30.28
N LEU I 136 -4.86 -11.56 -29.71
CA LEU I 136 -5.09 -10.87 -28.44
C LEU I 136 -5.74 -11.82 -27.46
N MET I 137 -5.38 -11.66 -26.19
CA MET I 137 -5.88 -12.50 -25.10
C MET I 137 -6.74 -11.67 -24.18
N ASP I 138 -7.96 -12.14 -23.92
CA ASP I 138 -8.85 -11.53 -22.94
C ASP I 138 -8.72 -12.36 -21.67
N ASP I 139 -8.13 -11.75 -20.64
CA ASP I 139 -7.68 -12.50 -19.46
C ASP I 139 -8.81 -12.92 -18.54
N ILE I 140 -9.82 -12.06 -18.36
CA ILE I 140 -10.92 -12.40 -17.45
C ILE I 140 -11.69 -13.59 -17.96
N CYS I 141 -11.74 -13.78 -19.28
CA CYS I 141 -12.34 -14.95 -19.88
C CYS I 141 -11.34 -15.92 -20.47
N GLY I 142 -10.11 -15.49 -20.70
CA GLY I 142 -9.13 -16.33 -21.37
C GLY I 142 -9.54 -16.64 -22.78
N LEU I 143 -9.99 -15.62 -23.52
CA LEU I 143 -10.49 -15.79 -24.88
C LEU I 143 -9.45 -15.28 -25.86
N LEU I 144 -9.10 -16.11 -26.84
CA LEU I 144 -8.09 -15.77 -27.85
C LEU I 144 -8.80 -15.25 -29.08
N THR I 145 -8.63 -13.97 -29.39
CA THR I 145 -9.20 -13.38 -30.59
C THR I 145 -8.10 -13.18 -31.63
N VAL I 146 -8.32 -13.71 -32.82
CA VAL I 146 -7.35 -13.69 -33.90
C VAL I 146 -7.94 -12.90 -35.06
N ARG I 147 -7.20 -11.88 -35.51
CA ARG I 147 -7.57 -11.08 -36.67
C ARG I 147 -6.50 -11.29 -37.74
N VAL I 148 -6.94 -11.73 -38.92
CA VAL I 148 -6.04 -12.07 -40.02
C VAL I 148 -6.27 -11.09 -41.15
N GLN I 149 -5.19 -10.48 -41.62
CA GLN I 149 -5.25 -9.53 -42.73
C GLN I 149 -4.95 -10.23 -44.04
N GLY I 150 -5.57 -9.74 -45.11
CA GLY I 150 -5.34 -10.26 -46.43
C GLY I 150 -5.63 -9.18 -47.46
N PHE I 151 -5.43 -9.52 -48.72
CA PHE I 151 -5.76 -8.61 -49.81
C PHE I 151 -7.05 -8.99 -50.53
N GLU I 152 -7.57 -10.19 -50.26
CA GLU I 152 -8.91 -10.59 -50.68
C GLU I 152 -9.61 -11.24 -49.49
N PRO I 153 -10.90 -10.97 -49.31
CA PRO I 153 -11.59 -11.49 -48.12
C PRO I 153 -11.62 -13.01 -48.03
N GLU I 154 -11.74 -13.69 -49.18
CA GLU I 154 -11.75 -15.15 -49.16
C GLU I 154 -10.43 -15.71 -48.66
N PHE I 155 -9.31 -15.09 -49.06
CA PHE I 155 -8.01 -15.54 -48.57
C PHE I 155 -7.88 -15.32 -47.07
N ALA I 156 -8.37 -14.18 -46.56
CA ALA I 156 -8.31 -13.95 -45.12
C ALA I 156 -9.12 -14.98 -44.36
N GLN I 157 -10.33 -15.30 -44.84
CA GLN I 157 -11.14 -16.32 -44.20
C GLN I 157 -10.45 -17.68 -44.24
N ALA I 158 -9.86 -18.03 -45.38
CA ALA I 158 -9.16 -19.31 -45.51
C ALA I 158 -7.96 -19.37 -44.57
N LEU I 159 -7.21 -18.28 -44.47
CA LEU I 159 -6.06 -18.24 -43.58
C LEU I 159 -6.49 -18.40 -42.13
N ASN I 160 -7.58 -17.74 -41.73
CA ASN I 160 -8.08 -17.90 -40.37
C ASN I 160 -8.51 -19.33 -40.10
N ARG I 161 -9.21 -19.95 -41.04
CA ARG I 161 -9.63 -21.34 -40.87
C ARG I 161 -8.44 -22.28 -40.77
N ALA I 162 -7.42 -22.07 -41.61
CA ALA I 162 -6.23 -22.89 -41.56
C ALA I 162 -5.50 -22.73 -40.23
N ILE I 163 -5.41 -21.50 -39.73
CA ILE I 163 -4.76 -21.25 -38.44
C ILE I 163 -5.50 -21.99 -37.34
N LEU I 164 -6.83 -21.92 -37.34
CA LEU I 164 -7.61 -22.60 -36.31
C LEU I 164 -7.42 -24.11 -36.38
N GLU I 165 -7.49 -24.67 -37.58
CA GLU I 165 -7.37 -26.12 -37.74
C GLU I 165 -6.00 -26.61 -37.31
N GLU I 166 -4.94 -25.91 -37.74
CA GLU I 166 -3.59 -26.29 -37.35
C GLU I 166 -3.37 -26.13 -35.86
N SER I 167 -3.98 -25.11 -35.25
CA SER I 167 -3.88 -24.94 -33.81
C SER I 167 -4.50 -26.12 -33.06
N GLU I 168 -5.69 -26.54 -33.49
CA GLU I 168 -6.32 -27.69 -32.86
C GLU I 168 -5.49 -28.95 -33.03
N ARG I 169 -4.96 -29.17 -34.24
CA ARG I 169 -4.13 -30.34 -34.50
C ARG I 169 -2.88 -30.34 -33.63
N PHE I 170 -2.23 -29.19 -33.49
CA PHE I 170 -1.05 -29.08 -32.65
C PHE I 170 -1.39 -29.33 -31.18
N VAL I 171 -2.51 -28.80 -30.71
CA VAL I 171 -2.92 -29.01 -29.33
C VAL I 171 -3.10 -30.49 -29.04
N ASN I 172 -3.75 -31.21 -29.94
CA ASN I 172 -3.92 -32.66 -29.73
C ASN I 172 -2.60 -33.41 -29.85
N GLU I 173 -1.78 -33.05 -30.83
CA GLU I 173 -0.51 -33.74 -31.05
C GLU I 173 0.43 -33.60 -29.86
N LEU I 174 0.35 -32.47 -29.14
CA LEU I 174 1.24 -32.25 -28.02
C LEU I 174 1.08 -33.34 -26.95
N SER I 175 -0.17 -33.70 -26.64
CA SER I 175 -0.40 -34.78 -25.68
C SER I 175 -0.24 -36.15 -26.34
N HIS I 176 -0.58 -36.27 -27.63
CA HIS I 176 -0.46 -37.57 -28.29
C HIS I 176 0.99 -38.03 -28.36
N ARG I 177 1.95 -37.11 -28.42
CA ARG I 177 3.36 -37.50 -28.42
C ARG I 177 3.74 -38.20 -27.12
N MET I 178 3.34 -37.61 -25.98
CA MET I 178 3.62 -38.24 -24.70
C MET I 178 2.90 -39.57 -24.55
N ALA I 179 1.66 -39.64 -25.05
CA ALA I 179 0.94 -40.91 -25.02
C ALA I 179 1.68 -41.97 -25.84
N ARG I 180 2.21 -41.58 -27.00
CA ARG I 180 2.93 -42.52 -27.85
C ARG I 180 4.20 -43.02 -27.18
N GLU I 181 4.95 -42.12 -26.51
CA GLU I 181 6.17 -42.60 -25.84
C GLU I 181 5.83 -43.48 -24.64
N GLN I 182 4.73 -43.19 -23.93
CA GLN I 182 4.29 -44.08 -22.86
C GLN I 182 3.95 -45.46 -23.42
N GLY I 183 3.26 -45.51 -24.56
CA GLY I 183 3.01 -46.78 -25.21
C GLY I 183 4.27 -47.50 -25.65
N GLN I 184 5.28 -46.73 -26.07
CA GLN I 184 6.57 -47.33 -26.44
C GLN I 184 7.22 -48.00 -25.24
N PHE I 185 7.15 -47.37 -24.06
CA PHE I 185 7.63 -48.03 -22.85
C PHE I 185 6.78 -49.25 -22.54
N ALA I 186 5.46 -49.14 -22.74
CA ALA I 186 4.54 -50.21 -22.36
C ALA I 186 4.76 -51.47 -23.19
N GLU I 187 5.05 -51.33 -24.49
CA GLU I 187 5.23 -52.53 -25.30
C GLU I 187 6.51 -53.27 -24.93
N ALA I 188 7.56 -52.53 -24.55
CA ALA I 188 8.78 -53.18 -24.05
C ALA I 188 8.50 -53.91 -22.74
N GLU I 189 7.73 -53.28 -21.84
CA GLU I 189 7.33 -53.97 -20.62
C GLU I 189 6.55 -55.24 -20.94
N LEU I 190 5.66 -55.16 -21.93
CA LEU I 190 4.86 -56.32 -22.32
C LEU I 190 5.74 -57.45 -22.84
N GLU I 191 6.70 -57.13 -23.71
CA GLU I 191 7.53 -58.19 -24.27
C GLU I 191 8.42 -58.82 -23.20
N ARG I 192 8.91 -58.02 -22.25
CA ARG I 192 9.67 -58.58 -21.16
C ARG I 192 8.82 -59.52 -20.31
N ALA I 193 7.59 -59.10 -20.00
CA ALA I 193 6.69 -59.94 -19.21
C ALA I 193 6.34 -61.22 -19.95
N THR I 194 6.13 -61.12 -21.27
CA THR I 194 5.81 -62.30 -22.06
C THR I 194 6.99 -63.28 -22.12
N ALA I 195 8.21 -62.75 -22.25
CA ALA I 195 9.38 -63.62 -22.22
C ALA I 195 9.52 -64.32 -20.87
N ARG I 196 9.29 -63.59 -19.78
CA ARG I 196 9.37 -64.19 -18.46
C ARG I 196 8.30 -65.27 -18.28
N LEU I 197 7.08 -65.00 -18.75
CA LEU I 197 6.01 -65.98 -18.66
C LEU I 197 6.31 -67.21 -19.50
N GLN I 198 6.88 -67.03 -20.69
CA GLN I 198 7.24 -68.17 -21.53
C GLN I 198 8.32 -69.01 -20.86
N GLU I 199 9.30 -68.36 -20.24
CA GLU I 199 10.32 -69.10 -19.50
C GLU I 199 9.71 -69.87 -18.34
N ALA I 200 8.76 -69.25 -17.63
CA ALA I 200 8.08 -69.94 -16.53
C ALA I 200 7.33 -71.17 -17.04
N LYS I 201 6.63 -71.03 -18.18
CA LYS I 201 5.92 -72.18 -18.75
C LYS I 201 6.89 -73.28 -19.17
N ARG I 202 7.99 -72.92 -19.83
CA ARG I 202 8.93 -73.94 -20.30
C ARG I 202 9.64 -74.62 -19.13
N GLN I 203 9.76 -73.93 -18.00
CA GLN I 203 10.28 -74.59 -16.80
C GLN I 203 9.21 -75.47 -16.14
N LEU I 204 7.96 -75.05 -16.15
CA LEU I 204 6.90 -75.79 -15.48
C LEU I 204 6.54 -77.07 -16.22
N ILE I 205 6.59 -77.06 -17.55
CA ILE I 205 6.16 -78.22 -18.32
C ILE I 205 7.04 -79.43 -18.06
N ALA I 206 8.27 -79.22 -17.60
CA ALA I 206 9.14 -80.34 -17.24
C ALA I 206 8.67 -81.08 -16.00
N PHE I 207 7.76 -80.49 -15.22
CA PHE I 207 7.25 -81.14 -14.01
C PHE I 207 6.06 -82.04 -14.34
N ASP I 294 7.31 -74.88 -4.95
CA ASP I 294 6.00 -74.28 -5.19
C ASP I 294 6.02 -73.42 -6.45
N LEU I 295 6.27 -74.05 -7.60
CA LEU I 295 6.31 -73.32 -8.86
C LEU I 295 4.93 -72.90 -9.31
N GLN I 296 3.89 -73.68 -8.96
CA GLN I 296 2.53 -73.31 -9.32
C GLN I 296 2.11 -72.00 -8.65
N LEU I 297 2.70 -71.69 -7.49
CA LEU I 297 2.45 -70.38 -6.88
C LEU I 297 2.96 -69.26 -7.77
N GLN I 298 4.14 -69.44 -8.38
CA GLN I 298 4.65 -68.47 -9.34
C GLN I 298 3.76 -68.40 -10.58
N VAL I 299 3.28 -69.56 -11.03
CA VAL I 299 2.35 -69.62 -12.15
C VAL I 299 1.08 -68.81 -11.85
N GLY I 300 0.63 -68.84 -10.60
CA GLY I 300 -0.60 -68.15 -10.25
C GLY I 300 -0.56 -66.66 -10.52
N PHE I 301 0.57 -66.01 -10.20
CA PHE I 301 0.68 -64.58 -10.43
C PHE I 301 1.37 -64.22 -11.74
N ALA I 302 1.92 -65.20 -12.45
CA ALA I 302 2.46 -64.92 -13.78
C ALA I 302 1.37 -64.42 -14.72
N GLU I 303 0.21 -65.09 -14.72
CA GLU I 303 -0.90 -64.65 -15.57
C GLU I 303 -1.44 -63.30 -15.12
N ASP I 304 -1.42 -63.01 -13.81
CA ASP I 304 -1.85 -61.70 -13.33
C ASP I 304 -0.92 -60.61 -13.83
N ALA I 305 0.39 -60.85 -13.80
CA ALA I 305 1.33 -59.86 -14.33
C ALA I 305 1.14 -59.68 -15.83
N TYR I 306 0.91 -60.77 -16.56
CA TYR I 306 0.66 -60.66 -18.00
C TYR I 306 -0.60 -59.85 -18.28
N LYS I 307 -1.67 -60.09 -17.52
CA LYS I 307 -2.91 -59.34 -17.70
C LYS I 307 -2.71 -57.86 -17.37
N LEU I 308 -1.92 -57.57 -16.33
CA LEU I 308 -1.62 -56.18 -16.01
C LEU I 308 -0.85 -55.51 -17.14
N ALA I 309 0.10 -56.22 -17.74
CA ALA I 309 0.84 -55.66 -18.86
C ALA I 309 -0.09 -55.36 -20.04
N LEU I 310 -1.00 -56.28 -20.36
CA LEU I 310 -1.98 -56.02 -21.41
C LEU I 310 -2.88 -54.84 -21.07
N ALA I 311 -3.30 -54.72 -19.81
CA ALA I 311 -4.12 -53.59 -19.42
C ALA I 311 -3.37 -52.27 -19.62
N ALA I 312 -2.10 -52.23 -19.23
CA ALA I 312 -1.30 -51.02 -19.39
C ALA I 312 -1.12 -50.66 -20.85
N VAL I 313 -0.79 -51.64 -21.69
CA VAL I 313 -0.57 -51.34 -23.11
C VAL I 313 -1.87 -50.94 -23.78
N GLU I 314 -2.99 -51.53 -23.38
CA GLU I 314 -4.28 -51.15 -23.95
C GLU I 314 -4.65 -49.72 -23.55
N SER I 315 -4.41 -49.36 -22.28
CA SER I 315 -4.67 -47.99 -21.85
C SER I 315 -3.81 -47.01 -22.62
N ALA I 316 -2.54 -47.36 -22.84
CA ALA I 316 -1.67 -46.51 -23.66
C ALA I 316 -2.19 -46.37 -25.08
N ARG I 317 -2.70 -47.47 -25.66
CA ARG I 317 -3.22 -47.41 -27.02
C ARG I 317 -4.45 -46.52 -27.10
N ILE I 318 -5.34 -46.60 -26.11
CA ILE I 318 -6.51 -45.71 -26.09
C ILE I 318 -6.07 -44.26 -25.94
N GLU I 319 -5.12 -43.99 -25.04
CA GLU I 319 -4.69 -42.61 -24.83
C GLU I 319 -3.92 -42.05 -26.01
N ALA I 320 -3.33 -42.90 -26.85
CA ALA I 320 -2.53 -42.42 -27.97
C ALA I 320 -3.37 -41.83 -29.09
N THR I 321 -4.67 -42.12 -29.14
CA THR I 321 -5.49 -41.69 -30.27
C THR I 321 -6.72 -40.86 -29.89
N ARG I 322 -7.10 -40.81 -28.62
CA ARG I 322 -8.27 -40.04 -28.22
C ARG I 322 -8.01 -38.55 -28.37
N LYS I 323 -9.01 -37.83 -28.88
CA LYS I 323 -8.95 -36.37 -28.99
C LYS I 323 -9.19 -35.80 -27.61
N LEU I 324 -8.09 -35.58 -26.86
CA LEU I 324 -8.21 -35.17 -25.47
C LEU I 324 -8.69 -33.74 -25.32
N LYS I 325 -8.32 -32.86 -26.25
CA LYS I 325 -8.66 -31.45 -26.15
C LYS I 325 -9.31 -30.98 -27.44
N SER I 326 -10.22 -30.01 -27.30
CA SER I 326 -10.97 -29.48 -28.42
C SER I 326 -10.81 -27.97 -28.47
N LEU I 327 -10.99 -27.42 -29.67
CA LEU I 327 -10.87 -25.98 -29.91
C LEU I 327 -12.28 -25.43 -30.07
N VAL I 328 -12.87 -25.03 -28.95
CA VAL I 328 -14.20 -24.42 -28.99
C VAL I 328 -14.11 -23.03 -29.58
N VAL I 329 -14.98 -22.73 -30.54
CA VAL I 329 -14.94 -21.49 -31.32
C VAL I 329 -16.15 -20.67 -30.91
N VAL I 330 -15.92 -19.59 -30.16
CA VAL I 330 -17.01 -18.71 -29.79
C VAL I 330 -17.56 -17.96 -31.00
N GLU I 331 -16.66 -17.47 -31.86
CA GLU I 331 -17.06 -16.81 -33.10
C GLU I 331 -16.20 -17.34 -34.22
N PRO I 332 -16.79 -17.99 -35.23
CA PRO I 332 -16.00 -18.55 -36.33
C PRO I 332 -15.44 -17.45 -37.21
N PRO I 333 -14.45 -17.75 -38.06
CA PRO I 333 -13.91 -16.72 -38.95
C PRO I 333 -14.98 -16.15 -39.86
N VAL I 334 -14.99 -14.83 -39.98
CA VAL I 334 -16.00 -14.12 -40.74
C VAL I 334 -15.44 -13.78 -42.11
N LEU I 335 -16.35 -13.52 -43.05
CA LEU I 335 -15.96 -13.10 -44.38
C LEU I 335 -16.18 -11.60 -44.50
N PRO I 336 -15.12 -10.78 -44.52
CA PRO I 336 -15.31 -9.33 -44.60
C PRO I 336 -15.88 -8.91 -45.93
N GLU I 337 -16.59 -7.79 -45.92
CA GLU I 337 -17.16 -7.20 -47.13
C GLU I 337 -16.35 -6.02 -47.64
N ILE I 338 -15.89 -5.15 -46.74
CA ILE I 338 -15.00 -4.05 -47.08
C ILE I 338 -13.73 -4.19 -46.26
N ALA I 339 -12.72 -3.42 -46.65
CA ALA I 339 -11.41 -3.49 -46.02
C ALA I 339 -11.36 -2.57 -44.81
N GLU I 340 -11.03 -3.14 -43.65
CA GLU I 340 -10.85 -2.33 -42.45
C GLU I 340 -9.56 -1.51 -42.49
N TYR I 341 -8.60 -1.90 -43.31
CA TYR I 341 -7.31 -1.24 -43.40
C TYR I 341 -6.98 -0.90 -44.84
N PRO I 342 -6.22 0.17 -45.07
CA PRO I 342 -5.73 1.15 -44.10
C PRO I 342 -6.78 2.21 -43.79
N ARG I 343 -6.80 2.74 -42.56
CA ARG I 343 -7.68 3.85 -42.22
C ARG I 343 -7.03 5.12 -42.75
N ARG I 344 -7.35 5.46 -44.00
CA ARG I 344 -6.66 6.55 -44.68
C ARG I 344 -6.92 7.90 -44.02
N TRP I 345 -8.19 8.22 -43.77
CA TRP I 345 -8.51 9.54 -43.24
C TRP I 345 -8.05 9.69 -41.80
N TYR I 346 -8.21 8.64 -40.98
CA TYR I 346 -7.72 8.69 -39.61
C TYR I 346 -6.21 8.86 -39.57
N ASN I 347 -5.49 8.12 -40.43
CA ASN I 347 -4.05 8.24 -40.49
C ASN I 347 -3.64 9.65 -40.93
N LEU I 348 -4.33 10.20 -41.91
CA LEU I 348 -4.03 11.56 -42.36
C LEU I 348 -4.28 12.58 -41.25
N ALA I 349 -5.35 12.39 -40.48
CA ALA I 349 -5.66 13.34 -39.41
C ALA I 349 -4.63 13.28 -38.28
N THR I 350 -4.27 12.07 -37.84
CA THR I 350 -3.25 11.97 -36.80
C THR I 350 -1.89 12.43 -37.32
N LEU I 351 -1.64 12.25 -38.62
CA LEU I 351 -0.42 12.79 -39.21
C LEU I 351 -0.45 14.32 -39.20
N LEU I 352 -1.61 14.91 -39.48
CA LEU I 352 -1.78 16.36 -39.35
C LEU I 352 -1.41 16.83 -37.95
N VAL I 353 -1.95 16.14 -36.94
CA VAL I 353 -1.66 16.51 -35.55
C VAL I 353 -0.17 16.43 -35.28
N VAL I 354 0.48 15.35 -35.73
CA VAL I 354 1.89 15.18 -35.40
C VAL I 354 2.77 16.18 -36.15
N CYS I 355 2.43 16.50 -37.40
CA CYS I 355 3.30 17.44 -38.11
C CYS I 355 3.12 18.84 -37.54
N CYS I 356 1.89 19.20 -37.15
CA CYS I 356 1.69 20.50 -36.51
C CYS I 356 2.46 20.58 -35.20
N LEU I 357 2.43 19.50 -34.41
CA LEU I 357 3.16 19.50 -33.14
C LEU I 357 4.66 19.64 -33.35
N ILE I 358 5.23 18.84 -34.26
CA ILE I 358 6.67 18.90 -34.47
C ILE I 358 7.07 20.21 -35.13
N TYR I 359 6.23 20.77 -35.99
CA TYR I 359 6.52 22.08 -36.58
C TYR I 359 6.53 23.17 -35.52
N GLY I 360 5.57 23.14 -34.59
CA GLY I 360 5.59 24.09 -33.50
C GLY I 360 6.83 23.95 -32.64
N VAL I 361 7.21 22.70 -32.34
CA VAL I 361 8.40 22.48 -31.50
C VAL I 361 9.66 22.97 -32.20
N VAL I 362 9.81 22.66 -33.49
CA VAL I 362 11.01 23.07 -34.20
C VAL I 362 11.03 24.57 -34.44
N SER I 363 9.86 25.21 -34.60
CA SER I 363 9.81 26.66 -34.71
C SER I 363 10.22 27.32 -33.40
N LEU I 364 9.77 26.77 -32.27
CA LEU I 364 10.22 27.27 -30.98
C LEU I 364 11.72 27.09 -30.80
N VAL I 365 12.25 25.96 -31.27
CA VAL I 365 13.69 25.70 -31.14
C VAL I 365 14.48 26.69 -31.97
N VAL I 366 14.08 26.89 -33.23
CA VAL I 366 14.82 27.80 -34.11
C VAL I 366 14.64 29.25 -33.68
N ALA I 367 13.52 29.58 -33.04
CA ALA I 367 13.33 30.93 -32.52
C ALA I 367 14.29 31.22 -31.37
N THR I 368 14.53 30.24 -30.51
CA THR I 368 15.43 30.42 -29.37
C THR I 368 16.54 29.37 -29.40
N LEU J 12 -14.45 39.72 -36.53
CA LEU J 12 -14.61 38.87 -35.37
C LEU J 12 -15.65 39.44 -34.41
N THR J 13 -15.24 40.46 -33.65
CA THR J 13 -16.08 41.14 -32.68
C THR J 13 -16.68 40.17 -31.66
N ALA J 14 -17.74 40.58 -30.98
CA ALA J 14 -18.43 39.75 -30.00
C ALA J 14 -19.79 39.26 -30.47
N LYS J 15 -20.52 40.10 -31.21
CA LYS J 15 -21.84 39.69 -31.71
C LYS J 15 -21.73 38.51 -32.65
N ARG J 16 -20.83 38.60 -33.65
CA ARG J 16 -20.66 37.51 -34.60
C ARG J 16 -20.18 36.23 -33.92
N LEU J 17 -19.21 36.36 -33.01
CA LEU J 17 -18.67 35.19 -32.33
C LEU J 17 -19.73 34.52 -31.47
N GLN J 18 -20.49 35.30 -30.70
CA GLN J 18 -21.50 34.71 -29.83
C GLN J 18 -22.68 34.17 -30.64
N TRP J 19 -22.95 34.74 -31.82
CA TRP J 19 -23.99 34.18 -32.67
C TRP J 19 -23.55 32.86 -33.29
N ALA J 20 -22.31 32.79 -33.76
CA ALA J 20 -21.83 31.59 -34.43
C ALA J 20 -21.36 30.51 -33.48
N LEU J 21 -21.28 30.79 -32.18
CA LEU J 21 -20.83 29.79 -31.22
C LEU J 21 -21.84 29.49 -30.12
N VAL J 22 -22.91 30.27 -29.98
CA VAL J 22 -23.89 30.01 -28.93
C VAL J 22 -25.27 29.88 -29.55
N TYR J 23 -25.69 30.86 -30.35
CA TYR J 23 -27.03 30.84 -30.91
C TYR J 23 -27.13 29.87 -32.09
N LEU J 24 -26.25 30.00 -33.07
CA LEU J 24 -26.32 29.16 -34.26
C LEU J 24 -26.25 27.67 -33.96
N PRO J 25 -25.39 27.17 -33.05
CA PRO J 25 -25.41 25.71 -32.77
C PRO J 25 -26.61 25.28 -31.93
N MET J 26 -27.59 26.17 -31.73
CA MET J 26 -28.80 25.83 -30.99
C MET J 26 -30.04 25.70 -31.85
N LEU J 27 -30.21 26.54 -32.87
CA LEU J 27 -31.36 26.36 -33.75
C LEU J 27 -31.31 25.01 -34.45
N VAL J 28 -30.13 24.62 -34.95
CA VAL J 28 -29.99 23.33 -35.62
C VAL J 28 -30.28 22.19 -34.65
N ALA J 29 -29.74 22.28 -33.42
CA ALA J 29 -29.97 21.23 -32.44
C ALA J 29 -31.43 21.10 -32.07
N THR J 30 -32.12 22.23 -31.86
CA THR J 30 -33.51 22.15 -31.44
C THR J 30 -34.43 21.72 -32.59
N VAL J 31 -34.11 22.10 -33.83
CA VAL J 31 -34.96 21.64 -34.92
C VAL J 31 -34.69 20.18 -35.24
N TYR J 32 -33.49 19.67 -34.96
CA TYR J 32 -33.26 18.25 -35.13
C TYR J 32 -33.95 17.45 -34.04
N PHE J 33 -33.83 17.90 -32.78
CA PHE J 33 -34.38 17.14 -31.67
C PHE J 33 -35.90 17.18 -31.65
N LEU J 34 -36.48 18.37 -31.83
CA LEU J 34 -37.92 18.52 -31.67
C LEU J 34 -38.68 17.98 -32.88
N VAL J 35 -38.13 18.12 -34.08
CA VAL J 35 -38.83 17.82 -35.31
C VAL J 35 -38.31 16.55 -35.98
N PHE J 36 -36.99 16.47 -36.19
CA PHE J 36 -36.43 15.42 -37.03
C PHE J 36 -36.16 14.12 -36.28
N SER J 37 -35.71 14.21 -35.03
CA SER J 37 -35.26 13.01 -34.31
C SER J 37 -36.40 12.05 -34.07
N ALA J 38 -36.10 10.76 -34.20
CA ALA J 38 -37.07 9.69 -33.97
C ALA J 38 -36.88 9.12 -32.56
N ASP J 39 -37.95 8.51 -32.05
CA ASP J 39 -37.98 7.98 -30.69
C ASP J 39 -37.64 6.51 -30.69
N ARG J 40 -36.74 6.10 -29.81
CA ARG J 40 -36.21 4.73 -29.75
C ARG J 40 -36.58 4.11 -28.41
N TYR J 41 -37.60 3.27 -28.41
CA TYR J 41 -37.98 2.54 -27.21
C TYR J 41 -36.93 1.49 -26.87
N VAL J 42 -36.79 1.22 -25.56
CA VAL J 42 -35.76 0.34 -25.04
C VAL J 42 -36.43 -0.77 -24.24
N SER J 43 -36.05 -2.02 -24.53
CA SER J 43 -36.51 -3.18 -23.79
C SER J 43 -35.33 -3.76 -23.01
N GLU J 44 -35.53 -3.96 -21.71
CA GLU J 44 -34.45 -4.36 -20.82
C GLU J 44 -34.72 -5.74 -20.23
N SER J 45 -33.67 -6.54 -20.10
CA SER J 45 -33.76 -7.85 -19.48
C SER J 45 -32.48 -8.13 -18.70
N VAL J 46 -32.59 -8.97 -17.69
CA VAL J 46 -31.46 -9.33 -16.83
C VAL J 46 -31.41 -10.84 -16.71
N ILE J 47 -30.26 -11.43 -17.06
CA ILE J 47 -30.08 -12.87 -17.12
C ILE J 47 -28.75 -13.25 -16.48
N THR J 48 -28.55 -14.57 -16.36
CA THR J 48 -27.26 -15.17 -16.05
C THR J 48 -27.34 -16.64 -16.44
N VAL J 49 -26.18 -17.28 -16.54
CA VAL J 49 -26.08 -18.66 -16.99
C VAL J 49 -25.65 -19.54 -15.82
N ARG J 50 -26.42 -20.60 -15.58
CA ARG J 50 -26.12 -21.55 -14.52
C ARG J 50 -26.32 -22.97 -15.04
N GLN J 51 -25.38 -23.85 -14.74
CA GLN J 51 -25.44 -25.22 -15.25
C GLN J 51 -26.52 -26.01 -14.53
N THR J 52 -27.02 -27.05 -15.20
CA THR J 52 -28.08 -27.89 -14.65
C THR J 52 -27.49 -29.11 -13.98
N SER J 53 -27.97 -29.41 -12.77
CA SER J 53 -27.54 -30.58 -11.99
C SER J 53 -26.03 -30.59 -11.78
N PRO J 73 -17.47 -18.41 -10.34
CA PRO J 73 -16.57 -19.54 -10.53
C PRO J 73 -16.66 -20.11 -11.95
N ALA J 74 -17.16 -21.35 -12.05
CA ALA J 74 -17.31 -21.98 -13.36
C ALA J 74 -18.40 -21.32 -14.20
N SER J 75 -19.32 -20.58 -13.57
CA SER J 75 -20.34 -19.86 -14.30
C SER J 75 -19.84 -18.53 -14.87
N ARG J 76 -18.71 -18.03 -14.39
CA ARG J 76 -18.19 -16.75 -14.89
C ARG J 76 -17.80 -16.85 -16.35
N GLU J 77 -17.08 -17.91 -16.72
CA GLU J 77 -16.75 -18.12 -18.12
C GLU J 77 -17.99 -18.37 -18.95
N ASP J 78 -18.97 -19.09 -18.39
CA ASP J 78 -20.21 -19.35 -19.11
C ASP J 78 -20.95 -18.06 -19.44
N THR J 79 -21.03 -17.15 -18.48
CA THR J 79 -21.76 -15.90 -18.68
C THR J 79 -20.94 -14.83 -19.38
N CYS J 80 -19.61 -14.99 -19.47
CA CYS J 80 -18.82 -14.04 -20.24
C CYS J 80 -18.53 -14.51 -21.65
N TYR J 81 -18.80 -15.78 -21.96
CA TYR J 81 -18.88 -16.19 -23.36
C TYR J 81 -20.04 -15.48 -24.07
N LEU J 82 -21.16 -15.31 -23.36
CA LEU J 82 -22.31 -14.63 -23.92
C LEU J 82 -22.00 -13.16 -24.22
N GLN J 83 -21.18 -12.51 -23.40
CA GLN J 83 -20.82 -11.12 -23.65
C GLN J 83 -20.13 -10.96 -24.99
N THR J 84 -19.40 -11.99 -25.44
CA THR J 84 -18.80 -11.96 -26.77
C THR J 84 -19.78 -12.44 -27.83
N TYR J 85 -20.62 -13.41 -27.49
CA TYR J 85 -21.52 -13.99 -28.48
C TYR J 85 -22.65 -13.03 -28.85
N ILE J 86 -23.12 -12.22 -27.90
CA ILE J 86 -24.25 -11.33 -28.18
C ILE J 86 -23.86 -10.29 -29.22
N HIS J 87 -22.63 -9.81 -29.18
CA HIS J 87 -22.15 -8.83 -30.13
C HIS J 87 -21.47 -9.46 -31.35
N SER J 88 -21.51 -10.78 -31.47
CA SER J 88 -20.82 -11.47 -32.55
C SER J 88 -21.58 -11.31 -33.86
N MET J 89 -20.87 -11.58 -34.97
CA MET J 89 -21.46 -11.42 -36.29
C MET J 89 -22.40 -12.56 -36.65
N GLY J 90 -22.08 -13.79 -36.23
CA GLY J 90 -22.96 -14.91 -36.52
C GLY J 90 -24.34 -14.74 -35.91
N LEU J 91 -24.39 -14.30 -34.65
CA LEU J 91 -25.68 -13.99 -34.05
C LEU J 91 -26.37 -12.86 -34.79
N LEU J 92 -25.60 -11.87 -35.26
CA LEU J 92 -26.21 -10.76 -35.99
C LEU J 92 -26.88 -11.24 -37.27
N GLN J 93 -26.22 -12.11 -38.03
CA GLN J 93 -26.84 -12.58 -39.27
C GLN J 93 -27.99 -13.53 -38.99
N LYS J 94 -27.90 -14.34 -37.93
CA LYS J 94 -29.04 -15.16 -37.54
C LYS J 94 -30.25 -14.30 -37.20
N LEU J 95 -30.04 -13.24 -36.42
CA LEU J 95 -31.13 -12.36 -36.03
C LEU J 95 -31.67 -11.59 -37.23
N ASP J 96 -30.80 -11.19 -38.15
CA ASP J 96 -31.26 -10.49 -39.35
C ASP J 96 -32.10 -11.39 -40.23
N GLN J 97 -31.72 -12.66 -40.34
CA GLN J 97 -32.55 -13.61 -41.08
C GLN J 97 -33.88 -13.83 -40.38
N GLN J 98 -33.87 -13.91 -39.05
CA GLN J 98 -35.09 -14.24 -38.31
C GLN J 98 -36.08 -13.07 -38.30
N LEU J 99 -35.59 -11.86 -38.03
CA LEU J 99 -36.46 -10.73 -37.74
C LEU J 99 -36.34 -9.55 -38.69
N LYS J 100 -35.46 -9.63 -39.70
CA LYS J 100 -35.23 -8.55 -40.66
C LYS J 100 -34.90 -7.24 -39.95
N LEU J 101 -33.75 -7.24 -39.27
CA LEU J 101 -33.29 -6.04 -38.58
C LEU J 101 -33.02 -4.91 -39.56
N ARG J 102 -32.48 -5.25 -40.74
CA ARG J 102 -32.14 -4.23 -41.73
C ARG J 102 -33.38 -3.47 -42.20
N GLU J 103 -34.48 -4.18 -42.41
CA GLU J 103 -35.71 -3.52 -42.83
C GLU J 103 -36.27 -2.63 -41.72
N HIS J 104 -36.18 -3.08 -40.47
CA HIS J 104 -36.74 -2.30 -39.37
C HIS J 104 -35.93 -1.05 -39.10
N PHE J 105 -34.61 -1.17 -39.04
CA PHE J 105 -33.80 -0.02 -38.64
C PHE J 105 -33.71 1.06 -39.70
N GLY J 106 -34.08 0.75 -40.95
CA GLY J 106 -34.14 1.76 -41.98
C GLY J 106 -35.49 2.41 -42.16
N THR J 107 -36.47 2.07 -41.32
CA THR J 107 -37.81 2.62 -41.47
C THR J 107 -37.88 4.14 -41.27
N PRO J 108 -37.33 4.74 -40.20
CA PRO J 108 -37.56 6.18 -39.98
C PRO J 108 -36.71 7.03 -40.90
N LEU J 109 -37.34 7.63 -41.91
CA LEU J 109 -36.68 8.53 -42.83
C LEU J 109 -36.65 9.96 -42.34
N ARG J 110 -37.29 10.24 -41.20
CA ARG J 110 -37.33 11.61 -40.69
C ARG J 110 -35.94 12.11 -40.31
N ASP J 111 -35.15 11.27 -39.64
CA ASP J 111 -33.83 11.69 -39.21
C ASP J 111 -32.75 10.88 -39.92
N PRO J 112 -31.64 11.53 -40.31
CA PRO J 112 -30.54 10.81 -40.99
C PRO J 112 -29.40 10.38 -40.07
N LEU J 113 -29.54 10.53 -38.75
CA LEU J 113 -28.44 10.25 -37.84
C LEU J 113 -28.54 8.89 -37.17
N PHE J 114 -29.75 8.43 -36.83
CA PHE J 114 -29.92 7.18 -36.10
C PHE J 114 -30.67 6.13 -36.92
N ARG J 115 -30.61 6.22 -38.25
CA ARG J 115 -31.26 5.24 -39.11
C ARG J 115 -30.20 4.49 -39.92
N LEU J 116 -30.51 3.24 -40.26
CA LEU J 116 -29.60 2.40 -41.03
C LEU J 116 -29.83 2.69 -42.51
N TRP J 117 -28.89 3.40 -43.12
CA TRP J 117 -29.02 3.76 -44.52
C TRP J 117 -28.97 2.52 -45.41
N GLY J 118 -29.72 2.56 -46.51
CA GLY J 118 -29.76 1.44 -47.42
C GLY J 118 -28.42 1.24 -48.13
N GLY J 119 -28.10 -0.02 -48.40
CA GLY J 119 -26.86 -0.33 -49.11
C GLY J 119 -25.59 0.00 -48.36
N THR J 120 -25.55 -0.30 -47.07
CA THR J 120 -24.37 -0.09 -46.26
C THR J 120 -23.58 -1.37 -46.11
N SER J 121 -22.32 -1.22 -45.69
CA SER J 121 -21.42 -2.35 -45.58
C SER J 121 -21.82 -3.26 -44.41
N GLN J 122 -21.33 -4.50 -44.47
CA GLN J 122 -21.58 -5.45 -43.39
C GLN J 122 -20.91 -5.01 -42.09
N GLU J 123 -19.72 -4.44 -42.18
CA GLU J 123 -19.02 -3.96 -40.99
C GLU J 123 -19.80 -2.82 -40.32
N TRP J 124 -20.35 -1.91 -41.13
CA TRP J 124 -21.16 -0.84 -40.58
C TRP J 124 -22.43 -1.37 -39.97
N PHE J 125 -23.02 -2.40 -40.57
CA PHE J 125 -24.19 -3.05 -39.98
C PHE J 125 -23.85 -3.63 -38.61
N LEU J 126 -22.69 -4.29 -38.51
CA LEU J 126 -22.28 -4.85 -37.23
C LEU J 126 -22.07 -3.76 -36.19
N GLU J 127 -21.44 -2.65 -36.59
CA GLU J 127 -21.22 -1.55 -35.65
C GLU J 127 -22.54 -0.93 -35.20
N TYR J 128 -23.48 -0.77 -36.13
CA TYR J 128 -24.80 -0.25 -35.79
C TYR J 128 -25.52 -1.18 -34.82
N TYR J 129 -25.45 -2.48 -35.07
CA TYR J 129 -26.09 -3.45 -34.17
C TYR J 129 -25.47 -3.40 -32.79
N ARG J 130 -24.14 -3.28 -32.72
CA ARG J 130 -23.47 -3.17 -31.43
C ARG J 130 -23.85 -1.86 -30.74
N SER J 131 -24.18 -0.83 -31.51
CA SER J 131 -24.60 0.43 -30.92
C SER J 131 -26.01 0.35 -30.35
N ARG J 132 -26.91 -0.32 -31.06
CA ARG J 132 -28.31 -0.38 -30.65
C ARG J 132 -28.60 -1.46 -29.61
N VAL J 133 -27.62 -2.29 -29.27
CA VAL J 133 -27.80 -3.35 -28.28
C VAL J 133 -26.69 -3.18 -27.24
N GLU J 134 -27.06 -2.77 -26.04
CA GLU J 134 -26.09 -2.53 -24.98
C GLU J 134 -26.11 -3.70 -24.00
N VAL J 135 -24.93 -4.23 -23.69
CA VAL J 135 -24.78 -5.33 -22.74
C VAL J 135 -23.85 -4.87 -21.63
N LEU J 136 -24.33 -4.95 -20.39
CA LEU J 136 -23.52 -4.62 -19.23
C LEU J 136 -23.46 -5.83 -18.31
N MET J 137 -22.37 -5.94 -17.57
CA MET J 137 -22.18 -7.04 -16.64
C MET J 137 -21.88 -6.49 -15.26
N ASP J 138 -22.67 -6.91 -14.28
CA ASP J 138 -22.43 -6.54 -12.90
C ASP J 138 -21.61 -7.65 -12.25
N ASP J 139 -20.38 -7.31 -11.86
CA ASP J 139 -19.39 -8.32 -11.49
C ASP J 139 -19.68 -8.92 -10.11
N ILE J 140 -20.08 -8.09 -9.15
CA ILE J 140 -20.28 -8.56 -7.79
C ILE J 140 -21.37 -9.63 -7.74
N CYS J 141 -22.47 -9.39 -8.43
CA CYS J 141 -23.51 -10.39 -8.59
C CYS J 141 -23.32 -11.21 -9.87
N GLY J 142 -22.50 -10.75 -10.81
CA GLY J 142 -22.30 -11.49 -12.04
C GLY J 142 -23.55 -11.61 -12.88
N LEU J 143 -24.30 -10.52 -13.02
CA LEU J 143 -25.58 -10.52 -13.73
C LEU J 143 -25.41 -9.75 -15.03
N LEU J 144 -25.90 -10.31 -16.12
CA LEU J 144 -25.76 -9.70 -17.44
C LEU J 144 -27.09 -9.03 -17.81
N THR J 145 -27.05 -7.71 -17.99
CA THR J 145 -28.22 -6.93 -18.36
C THR J 145 -28.10 -6.50 -19.81
N VAL J 146 -29.17 -6.74 -20.57
CA VAL J 146 -29.22 -6.45 -22.00
C VAL J 146 -30.33 -5.42 -22.23
N ARG J 147 -29.98 -4.31 -22.86
CA ARG J 147 -30.94 -3.28 -23.24
C ARG J 147 -30.93 -3.16 -24.76
N VAL J 148 -32.08 -3.39 -25.37
CA VAL J 148 -32.21 -3.45 -26.82
C VAL J 148 -33.08 -2.29 -27.27
N GLN J 149 -32.57 -1.50 -28.22
CA GLN J 149 -33.31 -0.36 -28.73
C GLN J 149 -34.12 -0.75 -29.97
N GLY J 150 -35.13 0.05 -30.27
CA GLY J 150 -35.93 -0.18 -31.45
C GLY J 150 -36.79 1.03 -31.71
N PHE J 151 -37.35 1.08 -32.92
CA PHE J 151 -38.26 2.15 -33.30
C PHE J 151 -39.71 1.78 -33.08
N GLU J 152 -39.99 0.58 -32.60
CA GLU J 152 -41.33 0.18 -32.19
C GLU J 152 -41.24 -0.55 -30.86
N PRO J 153 -42.20 -0.35 -29.97
CA PRO J 153 -42.12 -1.00 -28.64
C PRO J 153 -42.13 -2.51 -28.70
N GLU J 154 -42.87 -3.11 -29.64
CA GLU J 154 -42.93 -4.56 -29.72
C GLU J 154 -41.68 -5.16 -30.33
N PHE J 155 -41.05 -4.47 -31.28
CA PHE J 155 -39.88 -5.00 -31.96
C PHE J 155 -38.70 -5.15 -31.00
N ALA J 156 -38.53 -4.20 -30.08
CA ALA J 156 -37.45 -4.32 -29.10
C ALA J 156 -37.62 -5.55 -28.23
N GLN J 157 -38.85 -5.81 -27.76
CA GLN J 157 -39.11 -7.00 -26.96
C GLN J 157 -38.88 -8.26 -27.77
N ALA J 158 -39.31 -8.28 -29.04
CA ALA J 158 -39.09 -9.46 -29.87
C ALA J 158 -37.61 -9.71 -30.08
N LEU J 159 -36.83 -8.65 -30.33
CA LEU J 159 -35.39 -8.80 -30.52
C LEU J 159 -34.71 -9.28 -29.24
N ASN J 160 -35.15 -8.77 -28.09
CA ASN J 160 -34.59 -9.23 -26.82
C ASN J 160 -34.88 -10.70 -26.58
N ARG J 161 -36.11 -11.13 -26.86
CA ARG J 161 -36.46 -12.54 -26.69
C ARG J 161 -35.64 -13.42 -27.63
N ALA J 162 -35.46 -12.98 -28.88
CA ALA J 162 -34.65 -13.74 -29.82
C ALA J 162 -33.20 -13.84 -29.35
N ILE J 163 -32.66 -12.74 -28.82
CA ILE J 163 -31.29 -12.75 -28.30
C ILE J 163 -31.17 -13.76 -27.16
N LEU J 164 -32.13 -13.75 -26.24
CA LEU J 164 -32.08 -14.67 -25.11
C LEU J 164 -32.14 -16.13 -25.57
N GLU J 165 -33.07 -16.43 -26.48
CA GLU J 165 -33.21 -17.80 -26.96
C GLU J 165 -31.96 -18.27 -27.69
N GLU J 166 -31.40 -17.42 -28.55
CA GLU J 166 -30.19 -17.79 -29.27
C GLU J 166 -29.01 -17.97 -28.32
N SER J 167 -28.93 -17.14 -27.28
CA SER J 167 -27.86 -17.29 -26.29
C SER J 167 -27.97 -18.63 -25.58
N GLU J 168 -29.18 -19.02 -25.17
CA GLU J 168 -29.36 -20.31 -24.52
C GLU J 168 -28.98 -21.46 -25.45
N ARG J 169 -29.43 -21.39 -26.71
CA ARG J 169 -29.14 -22.45 -27.66
C ARG J 169 -27.63 -22.57 -27.93
N PHE J 170 -26.95 -21.43 -28.07
CA PHE J 170 -25.51 -21.44 -28.28
C PHE J 170 -24.78 -22.01 -27.07
N VAL J 171 -25.22 -21.64 -25.87
CA VAL J 171 -24.59 -22.16 -24.66
C VAL J 171 -24.71 -23.68 -24.60
N ASN J 172 -25.87 -24.22 -24.96
CA ASN J 172 -26.03 -25.67 -24.98
C ASN J 172 -25.18 -26.32 -26.07
N GLU J 173 -25.21 -25.76 -27.28
CA GLU J 173 -24.49 -26.36 -28.40
C GLU J 173 -22.98 -26.37 -28.17
N LEU J 174 -22.47 -25.41 -27.39
CA LEU J 174 -21.05 -25.36 -27.09
C LEU J 174 -20.57 -26.66 -26.44
N SER J 175 -21.28 -27.12 -25.42
CA SER J 175 -20.93 -28.39 -24.79
C SER J 175 -21.37 -29.58 -25.63
N HIS J 176 -22.46 -29.44 -26.40
CA HIS J 176 -22.93 -30.53 -27.23
C HIS J 176 -21.89 -30.92 -28.29
N ARG J 177 -21.11 -29.96 -28.77
CA ARG J 177 -20.09 -30.28 -29.77
C ARG J 177 -19.02 -31.20 -29.20
N MET J 178 -18.52 -30.89 -28.00
CA MET J 178 -17.52 -31.76 -27.37
C MET J 178 -18.12 -33.11 -27.01
N ALA J 179 -19.38 -33.12 -26.58
CA ALA J 179 -20.05 -34.38 -26.32
C ALA J 179 -20.14 -35.23 -27.58
N ARG J 180 -20.42 -34.61 -28.72
CA ARG J 180 -20.47 -35.33 -29.99
C ARG J 180 -19.09 -35.85 -30.37
N GLU J 181 -18.04 -35.08 -30.10
CA GLU J 181 -16.69 -35.57 -30.37
C GLU J 181 -16.38 -36.82 -29.56
N GLN J 182 -16.72 -36.80 -28.26
CA GLN J 182 -16.55 -37.99 -27.44
C GLN J 182 -17.41 -39.15 -27.97
N GLY J 183 -18.61 -38.82 -28.47
CA GLY J 183 -19.47 -39.85 -29.02
C GLY J 183 -18.86 -40.54 -30.23
N GLN J 184 -18.29 -39.77 -31.15
CA GLN J 184 -17.64 -40.38 -32.31
C GLN J 184 -16.38 -41.14 -31.91
N PHE J 185 -15.68 -40.70 -30.86
CA PHE J 185 -14.54 -41.48 -30.37
C PHE J 185 -14.99 -42.85 -29.87
N ALA J 186 -16.05 -42.87 -29.05
CA ALA J 186 -16.58 -44.15 -28.56
C ALA J 186 -17.10 -45.01 -29.71
N GLU J 187 -17.72 -44.37 -30.71
CA GLU J 187 -18.15 -45.11 -31.89
C GLU J 187 -16.97 -45.73 -32.62
N ALA J 188 -15.87 -44.98 -32.75
CA ALA J 188 -14.67 -45.54 -33.38
C ALA J 188 -14.15 -46.75 -32.62
N GLU J 189 -14.23 -46.70 -31.27
CA GLU J 189 -13.87 -47.87 -30.48
C GLU J 189 -14.83 -49.03 -30.73
N LEU J 190 -16.09 -48.73 -31.06
CA LEU J 190 -17.13 -49.77 -31.11
C LEU J 190 -16.83 -50.84 -32.16
N GLU J 191 -16.57 -50.45 -33.41
CA GLU J 191 -16.38 -51.48 -34.43
C GLU J 191 -15.09 -52.26 -34.22
N ARG J 192 -14.05 -51.64 -33.66
CA ARG J 192 -12.85 -52.39 -33.33
C ARG J 192 -13.17 -53.48 -32.31
N ALA J 193 -13.92 -53.13 -31.26
CA ALA J 193 -14.29 -54.13 -30.26
C ALA J 193 -15.15 -55.23 -30.86
N THR J 194 -16.13 -54.86 -31.69
CA THR J 194 -17.04 -55.85 -32.27
C THR J 194 -16.29 -56.78 -33.23
N ALA J 195 -15.37 -56.23 -34.03
CA ALA J 195 -14.60 -57.07 -34.95
C ALA J 195 -13.69 -58.02 -34.18
N ARG J 196 -13.07 -57.55 -33.09
CA ARG J 196 -12.23 -58.43 -32.29
C ARG J 196 -13.07 -59.56 -31.69
N LEU J 197 -14.26 -59.23 -31.17
CA LEU J 197 -15.14 -60.26 -30.62
C LEU J 197 -15.59 -61.24 -31.69
N GLN J 198 -15.89 -60.74 -32.90
CA GLN J 198 -16.32 -61.62 -33.98
C GLN J 198 -15.20 -62.58 -34.39
N GLU J 199 -13.97 -62.08 -34.50
CA GLU J 199 -12.85 -62.96 -34.82
C GLU J 199 -12.62 -63.99 -33.71
N ALA J 200 -12.76 -63.57 -32.45
CA ALA J 200 -12.61 -64.50 -31.34
C ALA J 200 -13.66 -65.60 -31.38
N LYS J 201 -14.92 -65.23 -31.65
CA LYS J 201 -15.98 -66.23 -31.73
C LYS J 201 -15.79 -67.14 -32.94
N ARG J 202 -15.28 -66.60 -34.06
CA ARG J 202 -14.97 -67.46 -35.20
C ARG J 202 -13.88 -68.46 -34.86
N GLN J 203 -12.86 -68.02 -34.12
CA GLN J 203 -11.82 -68.95 -33.67
C GLN J 203 -12.40 -70.02 -32.76
N LEU J 204 -13.30 -69.64 -31.86
CA LEU J 204 -13.96 -70.62 -30.98
C LEU J 204 -14.78 -71.63 -31.77
N ILE J 205 -15.53 -71.16 -32.77
CA ILE J 205 -16.32 -72.08 -33.58
C ILE J 205 -15.43 -72.93 -34.48
N ALA J 206 -14.21 -72.47 -34.76
CA ALA J 206 -13.28 -73.28 -35.54
C ALA J 206 -12.71 -74.43 -34.73
N PHE J 207 -12.45 -74.20 -33.45
CA PHE J 207 -11.85 -75.22 -32.59
C PHE J 207 -12.50 -75.20 -31.20
N PHE J 292 -6.45 -75.12 -25.34
CA PHE J 292 -7.88 -74.80 -25.40
C PHE J 292 -8.22 -73.64 -24.48
N HIS J 293 -7.42 -73.46 -23.43
CA HIS J 293 -7.70 -72.40 -22.46
C HIS J 293 -7.30 -71.02 -22.98
N ASP J 294 -6.29 -70.95 -23.85
CA ASP J 294 -5.83 -69.67 -24.36
C ASP J 294 -6.92 -68.98 -25.17
N LEU J 295 -7.59 -69.73 -26.05
CA LEU J 295 -8.70 -69.17 -26.81
C LEU J 295 -9.89 -68.81 -25.92
N GLN J 296 -10.09 -69.55 -24.82
CA GLN J 296 -11.14 -69.17 -23.88
C GLN J 296 -10.84 -67.83 -23.22
N LEU J 297 -9.58 -67.63 -22.79
CA LEU J 297 -9.19 -66.33 -22.27
C LEU J 297 -9.30 -65.25 -23.34
N GLN J 298 -9.03 -65.61 -24.60
CA GLN J 298 -9.13 -64.64 -25.68
C GLN J 298 -10.57 -64.16 -25.89
N VAL J 299 -11.54 -65.08 -25.88
CA VAL J 299 -12.92 -64.64 -25.98
C VAL J 299 -13.35 -63.88 -24.73
N GLY J 300 -12.83 -64.24 -23.56
CA GLY J 300 -13.14 -63.45 -22.37
C GLY J 300 -12.66 -62.01 -22.50
N PHE J 301 -11.42 -61.83 -22.99
CA PHE J 301 -10.87 -60.50 -23.18
C PHE J 301 -11.67 -59.71 -24.21
N ALA J 302 -12.02 -60.37 -25.32
CA ALA J 302 -12.86 -59.73 -26.34
C ALA J 302 -14.20 -59.34 -25.75
N GLU J 303 -14.75 -60.17 -24.87
CA GLU J 303 -16.06 -59.89 -24.28
C GLU J 303 -16.03 -58.64 -23.40
N ASP J 304 -15.05 -58.55 -22.50
CA ASP J 304 -15.07 -57.37 -21.62
C ASP J 304 -14.69 -56.11 -22.39
N ALA J 305 -13.80 -56.24 -23.39
CA ALA J 305 -13.53 -55.09 -24.25
C ALA J 305 -14.79 -54.64 -24.98
N TYR J 306 -15.59 -55.60 -25.45
CA TYR J 306 -16.84 -55.30 -26.14
C TYR J 306 -17.81 -54.56 -25.22
N LYS J 307 -17.96 -55.03 -23.98
CA LYS J 307 -18.96 -54.38 -23.13
C LYS J 307 -18.46 -53.03 -22.61
N LEU J 308 -17.14 -52.85 -22.47
CA LEU J 308 -16.63 -51.51 -22.24
C LEU J 308 -16.92 -50.58 -23.41
N ALA J 309 -16.80 -51.09 -24.64
CA ALA J 309 -17.13 -50.27 -25.80
C ALA J 309 -18.61 -49.86 -25.79
N LEU J 310 -19.50 -50.81 -25.48
CA LEU J 310 -20.92 -50.48 -25.37
C LEU J 310 -21.18 -49.45 -24.28
N ALA J 311 -20.54 -49.61 -23.12
CA ALA J 311 -20.73 -48.65 -22.03
C ALA J 311 -20.28 -47.26 -22.46
N ALA J 312 -19.12 -47.16 -23.11
CA ALA J 312 -18.60 -45.87 -23.55
C ALA J 312 -19.52 -45.22 -24.57
N VAL J 313 -19.98 -46.00 -25.56
CA VAL J 313 -20.81 -45.41 -26.60
C VAL J 313 -22.17 -45.00 -26.04
N GLU J 314 -22.72 -45.79 -25.12
CA GLU J 314 -24.01 -45.43 -24.53
C GLU J 314 -23.89 -44.17 -23.69
N SER J 315 -22.84 -44.07 -22.86
CA SER J 315 -22.66 -42.89 -22.03
C SER J 315 -22.43 -41.64 -22.88
N ALA J 316 -21.59 -41.76 -23.92
CA ALA J 316 -21.34 -40.62 -24.79
C ALA J 316 -22.59 -40.23 -25.57
N ARG J 317 -23.46 -41.19 -25.89
CA ARG J 317 -24.69 -40.86 -26.60
C ARG J 317 -25.68 -40.14 -25.69
N ILE J 318 -25.86 -40.62 -24.45
CA ILE J 318 -26.85 -39.99 -23.57
C ILE J 318 -26.36 -38.61 -23.17
N GLU J 319 -25.06 -38.46 -22.93
CA GLU J 319 -24.52 -37.15 -22.55
C GLU J 319 -24.60 -36.12 -23.67
N ALA J 320 -24.76 -36.55 -24.92
CA ALA J 320 -24.69 -35.65 -26.07
C ALA J 320 -26.05 -35.14 -26.52
N THR J 321 -27.13 -35.45 -25.80
CA THR J 321 -28.45 -35.04 -26.22
C THR J 321 -29.25 -34.30 -25.16
N ARG J 322 -28.69 -34.08 -23.97
CA ARG J 322 -29.41 -33.44 -22.88
C ARG J 322 -29.03 -31.97 -22.78
N LYS J 323 -29.79 -31.25 -21.95
CA LYS J 323 -29.53 -29.84 -21.67
C LYS J 323 -28.62 -29.77 -20.45
N LEU J 324 -27.31 -29.68 -20.71
CA LEU J 324 -26.35 -29.60 -19.61
C LEU J 324 -26.38 -28.24 -18.93
N LYS J 325 -26.72 -27.19 -19.68
CA LYS J 325 -26.64 -25.83 -19.19
C LYS J 325 -27.91 -25.09 -19.53
N SER J 326 -28.38 -24.25 -18.61
CA SER J 326 -29.60 -23.48 -18.79
C SER J 326 -29.34 -22.02 -18.50
N LEU J 327 -30.21 -21.17 -19.03
CA LEU J 327 -30.10 -19.73 -18.88
C LEU J 327 -31.31 -19.24 -18.10
N VAL J 328 -31.08 -18.76 -16.88
CA VAL J 328 -32.16 -18.27 -16.03
C VAL J 328 -32.37 -16.80 -16.31
N VAL J 329 -33.62 -16.36 -16.18
CA VAL J 329 -34.01 -14.99 -16.46
C VAL J 329 -34.43 -14.34 -15.14
N VAL J 330 -33.55 -13.53 -14.57
CA VAL J 330 -33.91 -12.77 -13.39
C VAL J 330 -35.01 -11.77 -13.72
N GLU J 331 -34.89 -11.07 -14.85
CA GLU J 331 -35.92 -10.18 -15.34
C GLU J 331 -36.13 -10.48 -16.83
N PRO J 332 -37.31 -10.95 -17.22
CA PRO J 332 -37.58 -11.19 -18.64
C PRO J 332 -37.68 -9.89 -19.39
N PRO J 333 -37.58 -9.93 -20.73
CA PRO J 333 -37.68 -8.68 -21.50
C PRO J 333 -39.01 -7.98 -21.26
N VAL J 334 -38.95 -6.66 -21.12
CA VAL J 334 -40.12 -5.86 -20.81
C VAL J 334 -40.63 -5.22 -22.09
N LEU J 335 -41.90 -4.83 -22.08
CA LEU J 335 -42.50 -4.14 -23.22
C LEU J 335 -42.53 -2.66 -22.92
N PRO J 336 -41.71 -1.84 -23.59
CA PRO J 336 -41.69 -0.41 -23.28
C PRO J 336 -42.99 0.27 -23.64
N GLU J 337 -43.31 1.32 -22.89
CA GLU J 337 -44.49 2.15 -23.13
C GLU J 337 -44.15 3.51 -23.73
N ILE J 338 -43.06 4.12 -23.29
CA ILE J 338 -42.60 5.39 -23.82
C ILE J 338 -41.15 5.24 -24.26
N ALA J 339 -40.63 6.28 -24.90
CA ALA J 339 -39.30 6.26 -25.47
C ALA J 339 -38.28 6.74 -24.44
N GLU J 340 -37.29 5.89 -24.16
CA GLU J 340 -36.19 6.29 -23.28
C GLU J 340 -35.21 7.20 -23.98
N TYR J 341 -35.10 7.14 -25.31
CA TYR J 341 -34.17 7.94 -26.08
C TYR J 341 -34.89 8.58 -27.26
N PRO J 342 -34.40 9.73 -27.74
CA PRO J 342 -33.32 10.56 -27.18
C PRO J 342 -33.83 11.47 -26.07
N ARG J 343 -33.01 11.79 -25.08
CA ARG J 343 -33.38 12.75 -24.05
C ARG J 343 -33.20 14.14 -24.63
N ARG J 344 -34.31 14.73 -25.11
CA ARG J 344 -34.22 15.97 -25.87
C ARG J 344 -33.79 17.15 -25.00
N TRP J 345 -34.55 17.43 -23.94
CA TRP J 345 -34.25 18.59 -23.11
C TRP J 345 -32.94 18.41 -22.35
N TYR J 346 -32.63 17.19 -21.94
CA TYR J 346 -31.36 16.92 -21.26
C TYR J 346 -30.18 17.24 -22.17
N ASN J 347 -30.24 16.77 -23.41
CA ASN J 347 -29.16 17.04 -24.36
C ASN J 347 -29.09 18.52 -24.71
N LEU J 348 -30.25 19.19 -24.79
CA LEU J 348 -30.25 20.62 -25.07
C LEU J 348 -29.59 21.41 -23.93
N ALA J 349 -29.87 21.04 -22.69
CA ALA J 349 -29.23 21.71 -21.56
C ALA J 349 -27.73 21.44 -21.53
N THR J 350 -27.33 20.19 -21.82
CA THR J 350 -25.91 19.87 -21.88
C THR J 350 -25.21 20.70 -22.95
N LEU J 351 -25.83 20.81 -24.13
CA LEU J 351 -25.25 21.60 -25.20
C LEU J 351 -25.19 23.07 -24.82
N LEU J 352 -26.20 23.57 -24.10
CA LEU J 352 -26.17 24.95 -23.63
C LEU J 352 -24.97 25.20 -22.72
N VAL J 353 -24.76 24.32 -21.74
CA VAL J 353 -23.65 24.50 -20.82
C VAL J 353 -22.31 24.42 -21.56
N VAL J 354 -22.18 23.45 -22.46
CA VAL J 354 -20.94 23.29 -23.22
C VAL J 354 -20.67 24.51 -24.08
N CYS J 355 -21.71 25.01 -24.75
CA CYS J 355 -21.55 26.17 -25.63
C CYS J 355 -21.16 27.41 -24.83
N CYS J 356 -21.78 27.62 -23.66
CA CYS J 356 -21.41 28.76 -22.84
C CYS J 356 -19.95 28.68 -22.39
N LEU J 357 -19.52 27.49 -21.93
CA LEU J 357 -18.13 27.35 -21.49
C LEU J 357 -17.16 27.58 -22.65
N ILE J 358 -17.45 27.00 -23.82
CA ILE J 358 -16.58 27.16 -24.97
C ILE J 358 -16.51 28.63 -25.40
N TYR J 359 -17.66 29.30 -25.42
CA TYR J 359 -17.68 30.71 -25.81
C TYR J 359 -16.89 31.57 -24.84
N GLY J 360 -17.03 31.30 -23.53
CA GLY J 360 -16.25 32.06 -22.57
C GLY J 360 -14.75 31.88 -22.73
N VAL J 361 -14.32 30.62 -22.90
CA VAL J 361 -12.90 30.35 -23.04
C VAL J 361 -12.36 30.97 -24.33
N VAL J 362 -13.11 30.85 -25.43
CA VAL J 362 -12.63 31.40 -26.68
C VAL J 362 -12.66 32.92 -26.66
N SER J 363 -13.59 33.52 -25.92
CA SER J 363 -13.58 34.97 -25.77
C SER J 363 -12.37 35.44 -25.00
N LEU J 364 -12.00 34.72 -23.94
CA LEU J 364 -10.77 35.06 -23.21
C LEU J 364 -9.56 34.95 -24.12
N VAL J 365 -9.49 33.88 -24.90
CA VAL J 365 -8.34 33.68 -25.80
C VAL J 365 -8.30 34.78 -26.85
N VAL J 366 -9.46 35.14 -27.41
CA VAL J 366 -9.52 36.17 -28.44
C VAL J 366 -9.10 37.53 -27.86
N ALA J 367 -9.55 37.84 -26.64
CA ALA J 367 -9.14 39.10 -26.01
C ALA J 367 -7.64 39.14 -25.79
N THR J 368 -7.07 38.02 -25.31
CA THR J 368 -5.62 37.96 -25.11
C THR J 368 -4.88 38.15 -26.43
N ILE J 369 -5.35 37.50 -27.49
CA ILE J 369 -4.71 37.61 -28.80
C ILE J 369 -4.79 39.05 -29.32
N ARG J 370 -5.97 39.66 -29.23
CA ARG J 370 -6.15 41.02 -29.73
C ARG J 370 -5.30 42.01 -28.95
N ASP J 371 -5.17 41.82 -27.63
CA ASP J 371 -4.34 42.72 -26.85
C ASP J 371 -2.86 42.51 -27.14
N HIS J 372 -2.44 41.26 -27.36
CA HIS J 372 -1.03 40.99 -27.62
C HIS J 372 -0.62 41.39 -29.03
N GLN J 373 -1.51 41.21 -30.01
CA GLN J 373 -1.18 41.50 -31.40
C GLN J 373 -1.08 42.99 -31.70
N ASP J 374 -1.47 43.85 -30.77
CA ASP J 374 -1.42 45.30 -30.95
C ASP J 374 -2.21 45.76 -32.17
N ARG K 16 -34.36 44.18 0.94
CA ARG K 16 -34.60 43.87 -0.48
C ARG K 16 -34.28 42.41 -0.78
N LEU K 17 -32.99 42.11 -0.94
CA LEU K 17 -32.56 40.75 -1.25
C LEU K 17 -32.69 39.82 -0.05
N GLN K 18 -32.94 40.35 1.15
CA GLN K 18 -33.18 39.49 2.30
C GLN K 18 -34.48 38.70 2.12
N TRP K 19 -35.51 39.34 1.54
CA TRP K 19 -36.79 38.66 1.33
C TRP K 19 -36.66 37.50 0.35
N ALA K 20 -35.88 37.68 -0.70
CA ALA K 20 -35.82 36.71 -1.79
C ALA K 20 -34.84 35.56 -1.53
N LEU K 21 -34.22 35.53 -0.35
CA LEU K 21 -33.23 34.48 -0.07
C LEU K 21 -33.56 33.71 1.21
N VAL K 22 -34.14 34.39 2.20
CA VAL K 22 -34.37 33.78 3.50
C VAL K 22 -35.85 33.73 3.84
N TYR K 23 -36.63 34.67 3.29
CA TYR K 23 -38.03 34.79 3.71
C TYR K 23 -38.97 34.02 2.79
N LEU K 24 -38.98 34.35 1.49
CA LEU K 24 -39.92 33.71 0.58
C LEU K 24 -39.71 32.20 0.44
N PRO K 25 -38.50 31.67 0.18
CA PRO K 25 -38.37 30.21 0.11
C PRO K 25 -38.74 29.52 1.40
N MET K 26 -38.40 30.12 2.54
CA MET K 26 -38.77 29.53 3.83
C MET K 26 -40.28 29.51 4.00
N LEU K 27 -40.96 30.59 3.62
CA LEU K 27 -42.41 30.63 3.70
C LEU K 27 -43.04 29.55 2.82
N VAL K 28 -42.55 29.41 1.59
CA VAL K 28 -43.09 28.41 0.68
C VAL K 28 -42.89 27.00 1.24
N ALA K 29 -41.68 26.71 1.70
CA ALA K 29 -41.38 25.38 2.22
C ALA K 29 -42.20 25.07 3.47
N THR K 30 -42.30 26.04 4.38
CA THR K 30 -43.09 25.82 5.59
C THR K 30 -44.56 25.58 5.25
N VAL K 31 -45.11 26.38 4.33
CA VAL K 31 -46.51 26.21 3.96
C VAL K 31 -46.75 24.83 3.36
N TYR K 32 -45.88 24.42 2.43
CA TYR K 32 -46.07 23.11 1.80
C TYR K 32 -45.91 21.98 2.81
N PHE K 33 -44.91 22.06 3.67
CA PHE K 33 -44.64 20.98 4.61
C PHE K 33 -45.75 20.85 5.66
N LEU K 34 -46.19 21.99 6.22
CA LEU K 34 -47.17 21.94 7.30
C LEU K 34 -48.58 21.70 6.77
N VAL K 35 -48.92 22.27 5.62
CA VAL K 35 -50.30 22.27 5.14
C VAL K 35 -50.55 21.15 4.15
N PHE K 36 -49.69 21.01 3.15
CA PHE K 36 -50.00 20.17 1.99
C PHE K 36 -49.28 18.83 1.98
N SER K 37 -48.09 18.73 2.59
CA SER K 37 -47.31 17.51 2.49
C SER K 37 -48.04 16.34 3.16
N ALA K 38 -48.06 15.20 2.48
CA ALA K 38 -48.71 13.99 2.97
C ALA K 38 -47.67 13.07 3.59
N ASP K 39 -48.04 12.45 4.72
CA ASP K 39 -47.12 11.60 5.46
C ASP K 39 -47.12 10.19 4.88
N ARG K 40 -45.94 9.57 4.89
CA ARG K 40 -45.75 8.23 4.34
C ARG K 40 -45.21 7.32 5.43
N TYR K 41 -45.96 6.25 5.73
CA TYR K 41 -45.55 5.29 6.74
C TYR K 41 -44.62 4.25 6.14
N VAL K 42 -43.62 3.84 6.93
CA VAL K 42 -42.59 2.91 6.47
C VAL K 42 -42.72 1.62 7.28
N SER K 43 -42.77 0.50 6.57
CA SER K 43 -42.76 -0.83 7.18
C SER K 43 -41.46 -1.53 6.81
N GLU K 44 -40.73 -1.99 7.81
CA GLU K 44 -39.40 -2.54 7.63
C GLU K 44 -39.38 -4.03 7.94
N SER K 45 -38.60 -4.77 7.16
CA SER K 45 -38.39 -6.20 7.39
C SER K 45 -36.95 -6.55 7.05
N VAL K 46 -36.44 -7.60 7.67
CA VAL K 46 -35.06 -8.05 7.48
C VAL K 46 -35.08 -9.54 7.18
N ILE K 47 -34.51 -9.92 6.04
CA ILE K 47 -34.57 -11.29 5.54
C ILE K 47 -33.20 -11.72 5.04
N THR K 48 -33.10 -12.99 4.67
CA THR K 48 -31.98 -13.57 3.95
C THR K 48 -32.44 -14.91 3.40
N VAL K 49 -31.64 -15.48 2.49
CA VAL K 49 -32.00 -16.70 1.77
C VAL K 49 -31.13 -17.83 2.29
N ARG K 50 -31.75 -18.99 2.53
CA ARG K 50 -31.06 -20.18 2.99
C ARG K 50 -31.54 -21.39 2.22
N GLN K 51 -30.68 -22.40 2.13
CA GLN K 51 -30.97 -23.63 1.41
C GLN K 51 -31.45 -24.70 2.38
N THR K 52 -32.57 -25.36 2.04
CA THR K 52 -33.11 -26.43 2.87
C THR K 52 -32.57 -27.76 2.36
N SER K 53 -31.54 -28.25 3.03
CA SER K 53 -30.89 -29.53 2.70
C SER K 53 -30.43 -29.59 1.25
N ALA K 74 -21.87 -18.81 -1.27
CA ALA K 74 -22.83 -19.84 -1.64
C ALA K 74 -24.25 -19.29 -1.69
N SER K 75 -24.66 -18.65 -0.59
CA SER K 75 -25.98 -18.04 -0.50
C SER K 75 -25.99 -16.59 -0.97
N ARG K 76 -24.85 -16.04 -1.38
CA ARG K 76 -24.81 -14.66 -1.84
C ARG K 76 -25.51 -14.50 -3.18
N GLU K 77 -25.47 -15.53 -4.03
CA GLU K 77 -26.08 -15.42 -5.35
C GLU K 77 -27.59 -15.21 -5.25
N ASP K 78 -28.26 -15.94 -4.37
CA ASP K 78 -29.70 -15.78 -4.23
C ASP K 78 -30.06 -14.43 -3.61
N THR K 79 -29.24 -13.93 -2.69
CA THR K 79 -29.48 -12.60 -2.14
C THR K 79 -29.33 -11.53 -3.23
N CYS K 80 -28.33 -11.67 -4.11
CA CYS K 80 -28.18 -10.76 -5.23
C CYS K 80 -29.37 -10.86 -6.18
N TYR K 81 -29.83 -12.08 -6.44
CA TYR K 81 -31.00 -12.27 -7.30
C TYR K 81 -32.22 -11.59 -6.71
N LEU K 82 -32.41 -11.71 -5.39
CA LEU K 82 -33.54 -11.04 -4.74
C LEU K 82 -33.40 -9.53 -4.80
N GLN K 83 -32.17 -9.02 -4.61
CA GLN K 83 -31.95 -7.58 -4.68
C GLN K 83 -32.29 -7.04 -6.06
N THR K 84 -31.93 -7.78 -7.11
CA THR K 84 -32.27 -7.35 -8.46
C THR K 84 -33.77 -7.53 -8.75
N TYR K 85 -34.37 -8.59 -8.22
CA TYR K 85 -35.74 -8.94 -8.55
C TYR K 85 -36.77 -8.06 -7.84
N ILE K 86 -36.44 -7.55 -6.65
CA ILE K 86 -37.41 -6.75 -5.90
C ILE K 86 -37.76 -5.48 -6.68
N HIS K 87 -36.77 -4.89 -7.34
CA HIS K 87 -36.98 -3.68 -8.13
C HIS K 87 -37.30 -3.98 -9.60
N SER K 88 -37.56 -5.23 -9.94
CA SER K 88 -37.81 -5.60 -11.32
C SER K 88 -39.21 -5.18 -11.75
N MET K 89 -39.41 -5.17 -13.07
CA MET K 89 -40.71 -4.78 -13.64
C MET K 89 -41.75 -5.89 -13.51
N GLY K 90 -41.34 -7.16 -13.60
CA GLY K 90 -42.29 -8.24 -13.47
C GLY K 90 -42.91 -8.32 -12.09
N LEU K 91 -42.07 -8.17 -11.05
CA LEU K 91 -42.60 -8.16 -9.68
C LEU K 91 -43.54 -6.98 -9.47
N LEU K 92 -43.19 -5.81 -10.03
CA LEU K 92 -44.09 -4.67 -9.93
C LEU K 92 -45.41 -4.93 -10.62
N GLN K 93 -45.38 -5.62 -11.76
CA GLN K 93 -46.62 -5.94 -12.47
C GLN K 93 -47.50 -6.86 -11.62
N LYS K 94 -46.90 -7.91 -11.04
CA LYS K 94 -47.67 -8.80 -10.18
C LYS K 94 -48.21 -8.07 -8.96
N LEU K 95 -47.39 -7.22 -8.35
CA LEU K 95 -47.82 -6.49 -7.16
C LEU K 95 -48.94 -5.51 -7.48
N ASP K 96 -48.86 -4.84 -8.62
CA ASP K 96 -49.92 -3.90 -9.01
C ASP K 96 -51.21 -4.64 -9.33
N GLN K 97 -51.11 -5.81 -9.95
CA GLN K 97 -52.31 -6.61 -10.19
C GLN K 97 -52.93 -7.09 -8.89
N GLN K 98 -52.11 -7.50 -7.93
CA GLN K 98 -52.60 -8.10 -6.70
C GLN K 98 -53.14 -7.06 -5.72
N LEU K 99 -52.48 -5.90 -5.61
CA LEU K 99 -52.76 -4.95 -4.55
C LEU K 99 -53.23 -3.59 -5.04
N LYS K 100 -53.29 -3.35 -6.35
CA LYS K 100 -53.66 -2.06 -6.93
C LYS K 100 -52.79 -0.93 -6.37
N LEU K 101 -51.49 -1.02 -6.66
CA LEU K 101 -50.54 0.00 -6.21
C LEU K 101 -50.85 1.35 -6.86
N ARG K 102 -51.21 1.34 -8.14
CA ARG K 102 -51.46 2.60 -8.85
C ARG K 102 -52.62 3.36 -8.25
N GLU K 103 -53.70 2.67 -7.87
CA GLU K 103 -54.83 3.33 -7.24
C GLU K 103 -54.46 3.87 -5.87
N HIS K 104 -53.69 3.10 -5.08
CA HIS K 104 -53.35 3.52 -3.73
C HIS K 104 -52.44 4.75 -3.74
N PHE K 105 -51.38 4.71 -4.55
CA PHE K 105 -50.38 5.78 -4.50
C PHE K 105 -50.89 7.09 -5.07
N GLY K 106 -52.03 7.09 -5.75
CA GLY K 106 -52.65 8.31 -6.23
C GLY K 106 -53.72 8.88 -5.33
N THR K 107 -53.92 8.31 -4.15
CA THR K 107 -54.99 8.77 -3.26
C THR K 107 -54.80 10.20 -2.76
N PRO K 108 -53.63 10.63 -2.23
CA PRO K 108 -53.55 11.96 -1.61
C PRO K 108 -53.44 13.06 -2.65
N LEU K 109 -54.52 13.82 -2.84
CA LEU K 109 -54.50 14.94 -3.76
C LEU K 109 -53.81 16.17 -3.19
N ARG K 110 -53.62 16.23 -1.87
CA ARG K 110 -53.14 17.46 -1.24
C ARG K 110 -51.73 17.81 -1.68
N ASP K 111 -50.84 16.82 -1.74
CA ASP K 111 -49.50 17.16 -2.20
C ASP K 111 -49.23 16.57 -3.58
N PRO K 112 -48.62 17.36 -4.48
CA PRO K 112 -48.31 16.85 -5.81
C PRO K 112 -46.91 16.30 -5.97
N LEU K 113 -46.03 16.49 -4.98
CA LEU K 113 -44.64 16.06 -5.11
C LEU K 113 -44.51 14.54 -4.96
N PHE K 114 -45.26 13.94 -4.04
CA PHE K 114 -45.08 12.54 -3.69
C PHE K 114 -46.33 11.70 -3.96
N ARG K 115 -47.09 12.06 -4.99
CA ARG K 115 -48.25 11.28 -5.39
C ARG K 115 -48.09 10.82 -6.83
N LEU K 116 -48.76 9.72 -7.16
CA LEU K 116 -48.70 9.13 -8.50
C LEU K 116 -49.79 9.78 -9.34
N TRP K 117 -49.38 10.66 -10.25
CA TRP K 117 -50.33 11.31 -11.14
C TRP K 117 -50.94 10.28 -12.09
N GLY K 118 -52.22 10.50 -12.43
CA GLY K 118 -52.89 9.58 -13.33
C GLY K 118 -52.39 9.73 -14.75
N GLY K 119 -52.43 8.61 -15.49
CA GLY K 119 -52.02 8.60 -16.87
C GLY K 119 -50.52 8.61 -17.10
N THR K 120 -49.72 8.41 -16.06
CA THR K 120 -48.28 8.42 -16.21
C THR K 120 -47.81 7.16 -16.93
N SER K 121 -46.58 7.19 -17.42
CA SER K 121 -46.02 6.09 -18.17
C SER K 121 -45.65 4.92 -17.26
N GLN K 122 -45.44 3.76 -17.87
CA GLN K 122 -45.03 2.58 -17.12
C GLN K 122 -43.63 2.76 -16.56
N GLU K 123 -42.74 3.43 -17.30
CA GLU K 123 -41.39 3.68 -16.81
C GLU K 123 -41.41 4.59 -15.59
N TRP K 124 -42.25 5.63 -15.61
CA TRP K 124 -42.35 6.52 -14.45
C TRP K 124 -42.97 5.78 -13.27
N PHE K 125 -43.93 4.88 -13.53
CA PHE K 125 -44.48 4.07 -12.46
C PHE K 125 -43.40 3.18 -11.84
N LEU K 126 -42.54 2.60 -12.68
CA LEU K 126 -41.45 1.78 -12.16
C LEU K 126 -40.49 2.62 -11.32
N GLU K 127 -40.18 3.83 -11.78
CA GLU K 127 -39.29 4.71 -11.01
C GLU K 127 -39.92 5.11 -9.68
N TYR K 128 -41.22 5.40 -9.69
CA TYR K 128 -41.93 5.73 -8.46
C TYR K 128 -41.90 4.56 -7.48
N TYR K 129 -42.16 3.35 -7.98
CA TYR K 129 -42.12 2.17 -7.13
C TYR K 129 -40.73 1.94 -6.56
N ARG K 130 -39.69 2.12 -7.39
CA ARG K 130 -38.32 1.97 -6.92
C ARG K 130 -37.97 3.01 -5.87
N SER K 131 -38.57 4.21 -5.97
CA SER K 131 -38.35 5.22 -4.96
C SER K 131 -39.05 4.87 -3.66
N ARG K 132 -40.25 4.29 -3.74
CA ARG K 132 -41.00 3.97 -2.54
C ARG K 132 -40.41 2.79 -1.79
N VAL K 133 -40.03 1.74 -2.50
CA VAL K 133 -39.48 0.53 -1.88
C VAL K 133 -37.95 0.64 -1.88
N GLU K 134 -37.35 0.60 -0.71
CA GLU K 134 -35.90 0.72 -0.56
C GLU K 134 -35.33 -0.59 -0.06
N VAL K 135 -34.24 -1.04 -0.70
CA VAL K 135 -33.59 -2.29 -0.36
C VAL K 135 -32.14 -1.98 0.01
N LEU K 136 -31.74 -2.37 1.21
CA LEU K 136 -30.36 -2.20 1.65
C LEU K 136 -29.74 -3.57 1.91
N MET K 137 -28.43 -3.65 1.69
CA MET K 137 -27.71 -4.91 1.69
C MET K 137 -26.56 -4.81 2.68
N ASP K 138 -26.52 -5.75 3.63
CA ASP K 138 -25.45 -5.83 4.62
C ASP K 138 -24.53 -6.96 4.19
N ASP K 139 -23.34 -6.60 3.72
CA ASP K 139 -22.43 -7.54 3.08
C ASP K 139 -21.46 -8.21 4.04
N ILE K 140 -21.37 -7.73 5.29
CA ILE K 140 -20.45 -8.35 6.24
C ILE K 140 -20.83 -9.80 6.50
N CYS K 141 -22.13 -10.09 6.62
CA CYS K 141 -22.59 -11.46 6.67
C CYS K 141 -23.91 -11.67 5.94
N GLY K 142 -24.31 -10.75 5.06
CA GLY K 142 -25.38 -11.00 4.12
C GLY K 142 -26.81 -10.94 4.64
N LEU K 143 -27.29 -9.73 4.96
CA LEU K 143 -28.68 -9.54 5.36
C LEU K 143 -29.34 -8.49 4.48
N LEU K 144 -30.52 -8.80 3.94
CA LEU K 144 -31.23 -7.90 3.06
C LEU K 144 -32.40 -7.27 3.82
N THR K 145 -32.39 -5.96 3.95
CA THR K 145 -33.45 -5.24 4.66
C THR K 145 -34.28 -4.43 3.68
N VAL K 146 -35.60 -4.56 3.77
CA VAL K 146 -36.53 -3.92 2.86
C VAL K 146 -37.42 -2.98 3.65
N ARG K 147 -37.46 -1.72 3.24
CA ARG K 147 -38.35 -0.72 3.82
C ARG K 147 -39.34 -0.27 2.76
N VAL K 148 -40.62 -0.48 3.02
CA VAL K 148 -41.69 -0.20 2.07
C VAL K 148 -42.48 0.99 2.58
N GLN K 149 -42.63 2.01 1.73
CA GLN K 149 -43.40 3.20 2.06
C GLN K 149 -44.82 3.08 1.55
N GLY K 150 -45.74 3.71 2.27
CA GLY K 150 -47.13 3.74 1.88
C GLY K 150 -47.78 4.97 2.46
N PHE K 151 -49.07 5.15 2.14
CA PHE K 151 -49.84 6.23 2.72
C PHE K 151 -50.75 5.77 3.86
N GLU K 152 -50.83 4.46 4.09
CA GLU K 152 -51.50 3.88 5.25
C GLU K 152 -50.61 2.77 5.77
N PRO K 153 -50.50 2.62 7.10
CA PRO K 153 -49.61 1.57 7.64
C PRO K 153 -50.01 0.16 7.24
N GLU K 154 -51.31 -0.12 7.17
CA GLU K 154 -51.76 -1.44 6.79
C GLU K 154 -51.35 -1.78 5.36
N PHE K 155 -51.45 -0.79 4.46
CA PHE K 155 -51.03 -1.02 3.09
C PHE K 155 -49.53 -1.27 2.99
N ALA K 156 -48.74 -0.53 3.78
CA ALA K 156 -47.30 -0.76 3.78
C ALA K 156 -46.95 -2.16 4.26
N GLN K 157 -47.59 -2.61 5.35
CA GLN K 157 -47.32 -3.95 5.84
C GLN K 157 -47.75 -5.01 4.82
N ALA K 158 -48.91 -4.80 4.18
CA ALA K 158 -49.38 -5.76 3.18
C ALA K 158 -48.44 -5.83 1.99
N LEU K 159 -47.93 -4.67 1.54
CA LEU K 159 -46.99 -4.65 0.42
C LEU K 159 -45.70 -5.35 0.79
N ASN K 160 -45.20 -5.14 2.02
CA ASN K 160 -43.99 -5.84 2.46
C ASN K 160 -44.21 -7.35 2.49
N ARG K 161 -45.36 -7.79 3.01
CA ARG K 161 -45.66 -9.22 3.05
C ARG K 161 -45.73 -9.81 1.65
N ALA K 162 -46.39 -9.10 0.73
CA ALA K 162 -46.50 -9.59 -0.64
C ALA K 162 -45.14 -9.66 -1.30
N ILE K 163 -44.28 -8.66 -1.06
CA ILE K 163 -42.93 -8.68 -1.62
C ILE K 163 -42.18 -9.90 -1.12
N LEU K 164 -42.26 -10.19 0.18
CA LEU K 164 -41.56 -11.35 0.74
C LEU K 164 -42.08 -12.64 0.14
N GLU K 165 -43.40 -12.79 0.05
CA GLU K 165 -43.98 -14.02 -0.48
C GLU K 165 -43.59 -14.24 -1.94
N GLU K 166 -43.68 -13.19 -2.75
CA GLU K 166 -43.31 -13.31 -4.17
C GLU K 166 -41.82 -13.60 -4.32
N SER K 167 -40.99 -13.00 -3.47
CA SER K 167 -39.56 -13.26 -3.55
C SER K 167 -39.25 -14.73 -3.24
N GLU K 168 -39.89 -15.28 -2.20
CA GLU K 168 -39.70 -16.70 -1.89
C GLU K 168 -40.16 -17.58 -3.04
N ARG K 169 -41.33 -17.27 -3.61
CA ARG K 169 -41.85 -18.07 -4.71
C ARG K 169 -40.92 -18.02 -5.92
N PHE K 170 -40.39 -16.84 -6.24
CA PHE K 170 -39.46 -16.72 -7.37
C PHE K 170 -38.18 -17.49 -7.12
N VAL K 171 -37.65 -17.43 -5.89
CA VAL K 171 -36.42 -18.15 -5.57
C VAL K 171 -36.64 -19.65 -5.75
N ASN K 172 -37.78 -20.16 -5.30
CA ASN K 172 -38.08 -21.58 -5.50
C ASN K 172 -38.24 -21.92 -6.98
N GLU K 173 -38.95 -21.08 -7.73
CA GLU K 173 -39.24 -21.36 -9.13
C GLU K 173 -37.97 -21.36 -9.97
N LEU K 174 -36.96 -20.59 -9.57
CA LEU K 174 -35.72 -20.56 -10.34
C LEU K 174 -35.08 -21.95 -10.45
N SER K 175 -35.07 -22.70 -9.36
CA SER K 175 -34.58 -24.08 -9.41
C SER K 175 -35.64 -25.05 -9.92
N HIS K 176 -36.92 -24.74 -9.70
CA HIS K 176 -37.98 -25.61 -10.19
C HIS K 176 -37.97 -25.71 -11.71
N ARG K 177 -37.62 -24.63 -12.40
CA ARG K 177 -37.57 -24.68 -13.86
C ARG K 177 -36.50 -25.65 -14.36
N MET K 178 -35.30 -25.58 -13.76
CA MET K 178 -34.23 -26.51 -14.12
C MET K 178 -34.65 -27.95 -13.83
N ALA K 179 -35.27 -28.17 -12.67
CA ALA K 179 -35.72 -29.52 -12.32
C ALA K 179 -36.77 -30.02 -13.30
N ARG K 180 -37.67 -29.14 -13.73
CA ARG K 180 -38.72 -29.53 -14.67
C ARG K 180 -38.15 -29.92 -16.03
N GLU K 181 -37.21 -29.14 -16.56
CA GLU K 181 -36.62 -29.50 -17.85
C GLU K 181 -35.80 -30.78 -17.74
N GLN K 182 -35.10 -30.96 -16.62
CA GLN K 182 -34.38 -32.21 -16.40
C GLN K 182 -35.34 -33.40 -16.37
N GLY K 183 -36.48 -33.24 -15.72
CA GLY K 183 -37.47 -34.31 -15.70
C GLY K 183 -38.04 -34.60 -17.07
N GLN K 184 -38.25 -33.56 -17.88
CA GLN K 184 -38.73 -33.77 -19.24
C GLN K 184 -37.73 -34.59 -20.06
N PHE K 185 -36.45 -34.23 -19.97
CA PHE K 185 -35.42 -35.00 -20.66
C PHE K 185 -35.38 -36.44 -20.14
N ALA K 186 -35.48 -36.60 -18.82
CA ALA K 186 -35.43 -37.93 -18.24
C ALA K 186 -36.58 -38.80 -18.71
N GLU K 187 -37.80 -38.24 -18.77
CA GLU K 187 -38.93 -39.05 -19.19
C GLU K 187 -38.89 -39.37 -20.68
N ALA K 188 -38.33 -38.46 -21.50
CA ALA K 188 -38.13 -38.81 -22.91
C ALA K 188 -37.15 -39.97 -23.05
N GLU K 189 -36.04 -39.92 -22.31
CA GLU K 189 -35.07 -41.01 -22.36
C GLU K 189 -35.68 -42.30 -21.82
N LEU K 190 -36.57 -42.19 -20.83
CA LEU K 190 -37.27 -43.36 -20.31
C LEU K 190 -38.18 -43.97 -21.35
N GLU K 191 -38.88 -43.14 -22.12
CA GLU K 191 -39.70 -43.66 -23.21
C GLU K 191 -38.83 -44.39 -24.24
N ARG K 192 -37.68 -43.83 -24.57
CA ARG K 192 -36.76 -44.51 -25.48
C ARG K 192 -36.32 -45.86 -24.92
N ALA K 193 -35.97 -45.91 -23.64
CA ALA K 193 -35.52 -47.15 -23.03
C ALA K 193 -36.64 -48.18 -22.98
N THR K 194 -37.87 -47.74 -22.71
CA THR K 194 -39.01 -48.65 -22.70
C THR K 194 -39.25 -49.24 -24.09
N ALA K 195 -39.12 -48.41 -25.13
CA ALA K 195 -39.25 -48.93 -26.50
C ALA K 195 -38.17 -49.95 -26.80
N ARG K 196 -36.93 -49.67 -26.38
CA ARG K 196 -35.85 -50.62 -26.60
C ARG K 196 -36.10 -51.94 -25.87
N LEU K 197 -36.57 -51.88 -24.63
CA LEU K 197 -36.86 -53.09 -23.87
C LEU K 197 -37.99 -53.89 -24.51
N GLN K 198 -39.03 -53.19 -24.99
CA GLN K 198 -40.13 -53.88 -25.66
C GLN K 198 -39.65 -54.56 -26.95
N GLU K 199 -38.76 -53.89 -27.69
CA GLU K 199 -38.22 -54.51 -28.90
C GLU K 199 -37.39 -55.74 -28.56
N ALA K 200 -36.58 -55.67 -27.50
CA ALA K 200 -35.79 -56.82 -27.10
C ALA K 200 -36.68 -57.98 -26.66
N LYS K 201 -37.72 -57.69 -25.89
CA LYS K 201 -38.64 -58.74 -25.44
C LYS K 201 -39.37 -59.38 -26.62
N ARG K 202 -39.74 -58.57 -27.62
CA ARG K 202 -40.36 -59.12 -28.81
C ARG K 202 -39.38 -59.99 -29.60
N GLN K 203 -38.11 -59.57 -29.66
CA GLN K 203 -37.11 -60.36 -30.36
C GLN K 203 -36.82 -61.66 -29.62
N LEU K 204 -37.07 -61.69 -28.31
CA LEU K 204 -36.98 -62.95 -27.55
C LEU K 204 -37.97 -63.98 -28.07
N ILE K 205 -39.20 -63.57 -28.33
CA ILE K 205 -40.24 -64.50 -28.78
C ILE K 205 -41.15 -63.82 -29.79
N ASP K 294 -27.64 -66.81 -25.47
CA ASP K 294 -26.85 -65.71 -26.02
C ASP K 294 -27.54 -64.37 -25.80
N LEU K 295 -28.73 -64.21 -26.38
CA LEU K 295 -29.44 -62.94 -26.34
C LEU K 295 -30.08 -62.66 -24.98
N GLN K 296 -30.07 -63.64 -24.07
CA GLN K 296 -30.62 -63.41 -22.74
C GLN K 296 -29.84 -62.33 -22.01
N LEU K 297 -28.53 -62.29 -22.20
CA LEU K 297 -27.73 -61.20 -21.64
C LEU K 297 -28.15 -59.86 -22.22
N GLN K 298 -28.45 -59.83 -23.52
CA GLN K 298 -28.90 -58.59 -24.15
C GLN K 298 -30.24 -58.13 -23.57
N VAL K 299 -31.18 -59.05 -23.39
CA VAL K 299 -32.48 -58.65 -22.86
C VAL K 299 -32.35 -58.26 -21.38
N GLY K 300 -31.44 -58.89 -20.64
CA GLY K 300 -31.19 -58.45 -19.27
C GLY K 300 -30.58 -57.05 -19.22
N PHE K 301 -29.67 -56.76 -20.15
CA PHE K 301 -29.11 -55.41 -20.23
C PHE K 301 -30.19 -54.39 -20.58
N ALA K 302 -31.10 -54.75 -21.49
CA ALA K 302 -32.21 -53.84 -21.81
C ALA K 302 -33.10 -53.61 -20.61
N GLU K 303 -33.39 -54.66 -19.84
CA GLU K 303 -34.19 -54.50 -18.64
C GLU K 303 -33.50 -53.62 -17.61
N ASP K 304 -32.18 -53.80 -17.45
CA ASP K 304 -31.43 -52.96 -16.52
C ASP K 304 -31.41 -51.50 -16.97
N ALA K 305 -31.28 -51.27 -18.28
CA ALA K 305 -31.35 -49.91 -18.80
C ALA K 305 -32.70 -49.27 -18.55
N TYR K 306 -33.77 -50.04 -18.74
CA TYR K 306 -35.11 -49.52 -18.46
C TYR K 306 -35.28 -49.20 -16.98
N LYS K 307 -34.75 -50.06 -16.10
CA LYS K 307 -34.82 -49.81 -14.67
C LYS K 307 -34.04 -48.55 -14.29
N LEU K 308 -32.86 -48.37 -14.89
CA LEU K 308 -32.09 -47.15 -14.63
C LEU K 308 -32.83 -45.91 -15.13
N ALA K 309 -33.49 -46.02 -16.29
CA ALA K 309 -34.28 -44.89 -16.79
C ALA K 309 -35.43 -44.56 -15.85
N LEU K 310 -36.13 -45.58 -15.36
CA LEU K 310 -37.22 -45.35 -14.42
C LEU K 310 -36.71 -44.70 -13.14
N ALA K 311 -35.57 -45.16 -12.65
CA ALA K 311 -34.98 -44.55 -11.45
C ALA K 311 -34.59 -43.10 -11.71
N ALA K 312 -34.06 -42.81 -12.89
CA ALA K 312 -33.68 -41.43 -13.22
C ALA K 312 -34.89 -40.51 -13.24
N VAL K 313 -35.98 -40.94 -13.88
CA VAL K 313 -37.19 -40.11 -13.91
C VAL K 313 -37.77 -39.97 -12.52
N GLU K 314 -37.78 -41.05 -11.74
CA GLU K 314 -38.28 -40.98 -10.37
C GLU K 314 -37.49 -39.97 -9.55
N SER K 315 -36.16 -40.02 -9.65
CA SER K 315 -35.32 -39.08 -8.92
C SER K 315 -35.55 -37.65 -9.38
N ALA K 316 -35.67 -37.43 -10.69
CA ALA K 316 -35.93 -36.09 -11.20
C ALA K 316 -37.30 -35.57 -10.78
N ARG K 317 -38.23 -36.47 -10.43
CA ARG K 317 -39.57 -36.02 -10.05
C ARG K 317 -39.56 -35.17 -8.79
N ILE K 318 -38.76 -35.54 -7.79
CA ILE K 318 -38.77 -34.83 -6.51
C ILE K 318 -38.34 -33.37 -6.69
N GLU K 319 -37.26 -33.15 -7.46
CA GLU K 319 -36.65 -31.83 -7.51
C GLU K 319 -37.61 -30.78 -8.09
N ALA K 320 -38.54 -31.20 -8.93
CA ALA K 320 -39.52 -30.27 -9.50
C ALA K 320 -40.61 -29.89 -8.51
N THR K 321 -40.68 -30.56 -7.36
CA THR K 321 -41.72 -30.30 -6.37
C THR K 321 -41.18 -29.92 -5.00
N ARG K 322 -39.99 -30.40 -4.63
CA ARG K 322 -39.44 -30.10 -3.32
C ARG K 322 -39.06 -28.62 -3.21
N LYS K 323 -39.36 -28.03 -2.06
CA LYS K 323 -39.01 -26.64 -1.77
C LYS K 323 -37.53 -26.61 -1.40
N LEU K 324 -36.67 -26.37 -2.39
CA LEU K 324 -35.23 -26.43 -2.18
C LEU K 324 -34.75 -25.32 -1.27
N LYS K 325 -35.17 -24.08 -1.54
CA LYS K 325 -34.69 -22.91 -0.82
C LYS K 325 -35.84 -22.25 -0.08
N SER K 326 -35.56 -21.80 1.14
CA SER K 326 -36.54 -21.12 1.97
C SER K 326 -36.03 -19.73 2.32
N LEU K 327 -36.93 -18.75 2.27
CA LEU K 327 -36.61 -17.37 2.63
C LEU K 327 -36.87 -17.19 4.11
N VAL K 328 -35.80 -17.09 4.89
CA VAL K 328 -35.89 -16.99 6.34
C VAL K 328 -35.96 -15.51 6.74
N VAL K 329 -36.94 -15.18 7.55
CA VAL K 329 -37.20 -13.80 7.96
C VAL K 329 -36.60 -13.59 9.34
N VAL K 330 -35.56 -12.76 9.41
CA VAL K 330 -35.00 -12.37 10.71
C VAL K 330 -35.98 -11.46 11.45
N GLU K 331 -36.57 -10.51 10.74
CA GLU K 331 -37.59 -9.63 11.30
C GLU K 331 -38.73 -9.52 10.29
N PRO K 332 -39.94 -9.94 10.66
CA PRO K 332 -41.07 -9.86 9.72
C PRO K 332 -41.53 -8.42 9.55
N PRO K 333 -42.33 -8.13 8.53
CA PRO K 333 -42.84 -6.76 8.36
C PRO K 333 -43.62 -6.29 9.58
N VAL K 334 -43.38 -5.05 9.97
CA VAL K 334 -44.01 -4.47 11.14
C VAL K 334 -45.15 -3.57 10.69
N LEU K 335 -46.04 -3.25 11.63
CA LEU K 335 -47.11 -2.31 11.38
C LEU K 335 -46.71 -0.96 11.97
N PRO K 336 -46.38 0.03 11.16
CA PRO K 336 -45.97 1.33 11.71
C PRO K 336 -47.13 2.04 12.40
N GLU K 337 -46.80 2.85 13.39
CA GLU K 337 -47.77 3.66 14.10
C GLU K 337 -47.71 5.13 13.73
N ILE K 338 -46.52 5.66 13.48
CA ILE K 338 -46.31 7.05 13.10
C ILE K 338 -45.43 7.11 11.87
N ALA K 339 -45.82 7.92 10.90
CA ALA K 339 -45.09 8.01 9.64
C ALA K 339 -43.71 8.63 9.86
N GLU K 340 -42.69 7.98 9.30
CA GLU K 340 -41.32 8.49 9.39
C GLU K 340 -41.02 9.58 8.37
N TYR K 341 -41.87 9.73 7.35
CA TYR K 341 -41.64 10.70 6.30
C TYR K 341 -42.90 11.54 6.08
N PRO K 342 -42.75 12.82 5.74
CA PRO K 342 -41.49 13.57 5.63
C PRO K 342 -41.01 14.09 6.97
N ARG K 343 -39.70 14.29 7.14
CA ARG K 343 -39.17 14.90 8.35
C ARG K 343 -39.30 16.40 8.20
N ARG K 344 -40.46 16.92 8.62
CA ARG K 344 -40.81 18.31 8.34
C ARG K 344 -39.86 19.28 9.05
N TRP K 345 -39.69 19.13 10.36
CA TRP K 345 -38.93 20.12 11.13
C TRP K 345 -37.44 20.01 10.89
N TYR K 346 -36.92 18.79 10.71
CA TYR K 346 -35.51 18.62 10.37
C TYR K 346 -35.19 19.28 9.03
N ASN K 347 -36.06 19.06 8.04
CA ASN K 347 -35.86 19.70 6.74
C ASN K 347 -35.99 21.20 6.83
N LEU K 348 -36.93 21.70 7.63
CA LEU K 348 -37.08 23.14 7.79
C LEU K 348 -35.84 23.76 8.42
N ALA K 349 -35.28 23.13 9.45
CA ALA K 349 -34.07 23.65 10.06
C ALA K 349 -32.89 23.62 9.09
N THR K 350 -32.76 22.53 8.34
CA THR K 350 -31.68 22.44 7.36
C THR K 350 -31.81 23.54 6.30
N LEU K 351 -33.03 23.75 5.81
CA LEU K 351 -33.24 24.80 4.81
C LEU K 351 -32.99 26.18 5.38
N LEU K 352 -33.36 26.40 6.64
CA LEU K 352 -33.09 27.69 7.29
C LEU K 352 -31.60 27.95 7.35
N VAL K 353 -30.82 26.96 7.78
CA VAL K 353 -29.37 27.14 7.85
C VAL K 353 -28.78 27.39 6.48
N VAL K 354 -29.21 26.61 5.48
CA VAL K 354 -28.67 26.75 4.13
C VAL K 354 -29.00 28.12 3.55
N CYS K 355 -30.25 28.58 3.73
CA CYS K 355 -30.65 29.88 3.21
C CYS K 355 -29.90 31.01 3.91
N CYS K 356 -29.69 30.89 5.23
CA CYS K 356 -28.92 31.92 5.94
C CYS K 356 -27.49 31.99 5.43
N LEU K 357 -26.87 30.82 5.20
CA LEU K 357 -25.50 30.82 4.68
C LEU K 357 -25.46 31.40 3.27
N ILE K 358 -26.44 31.07 2.43
CA ILE K 358 -26.48 31.59 1.07
C ILE K 358 -26.61 33.11 1.10
N TYR K 359 -27.50 33.62 1.94
CA TYR K 359 -27.68 35.07 2.05
C TYR K 359 -26.42 35.75 2.54
N GLY K 360 -25.75 35.16 3.54
CA GLY K 360 -24.50 35.74 4.02
C GLY K 360 -23.44 35.78 2.96
N VAL K 361 -23.28 34.70 2.19
CA VAL K 361 -22.28 34.65 1.14
C VAL K 361 -22.60 35.68 0.05
N VAL K 362 -23.87 35.79 -0.33
CA VAL K 362 -24.25 36.74 -1.37
C VAL K 362 -23.99 38.17 -0.91
N SER K 363 -24.36 38.49 0.33
CA SER K 363 -24.14 39.83 0.86
C SER K 363 -22.65 40.15 0.94
N LEU K 364 -21.84 39.18 1.37
CA LEU K 364 -20.40 39.39 1.44
C LEU K 364 -19.81 39.64 0.05
N VAL K 365 -20.26 38.88 -0.95
CA VAL K 365 -19.76 39.07 -2.31
C VAL K 365 -20.15 40.44 -2.84
N VAL K 366 -21.39 40.87 -2.58
CA VAL K 366 -21.84 42.19 -3.04
C VAL K 366 -21.02 43.29 -2.36
N ALA K 367 -20.78 43.15 -1.06
CA ALA K 367 -20.00 44.16 -0.34
C ALA K 367 -18.57 44.21 -0.86
N THR K 368 -17.97 43.05 -1.15
CA THR K 368 -16.63 43.03 -1.73
C THR K 368 -16.61 43.69 -3.11
N ILE K 369 -17.65 43.46 -3.90
CA ILE K 369 -17.74 44.09 -5.22
C ILE K 369 -17.82 45.61 -5.08
N ARG K 370 -18.62 46.09 -4.13
CA ARG K 370 -18.77 47.53 -3.91
C ARG K 370 -17.51 48.18 -3.35
N ASP K 371 -16.52 47.40 -2.90
CA ASP K 371 -15.35 47.97 -2.26
C ASP K 371 -14.48 48.75 -3.24
N HIS K 372 -14.46 48.35 -4.51
CA HIS K 372 -13.61 49.01 -5.50
C HIS K 372 -14.11 50.43 -5.77
N GLN K 373 -13.27 51.41 -5.49
CA GLN K 373 -13.58 52.80 -5.78
C GLN K 373 -12.39 53.50 -6.42
N ASP K 374 -12.49 54.81 -6.62
CA ASP K 374 -11.42 55.59 -7.23
C ASP K 374 -10.98 56.72 -6.29
N THR L 13 -23.73 44.33 28.01
CA THR L 13 -22.28 44.13 28.10
C THR L 13 -21.90 42.69 27.75
N ALA L 14 -20.79 42.54 27.05
CA ALA L 14 -20.37 41.22 26.57
C ALA L 14 -20.07 40.27 27.74
N LYS L 15 -19.61 40.81 28.86
CA LYS L 15 -19.34 39.97 30.04
C LYS L 15 -20.62 39.35 30.56
N ARG L 16 -21.71 40.14 30.65
CA ARG L 16 -22.99 39.57 31.03
C ARG L 16 -23.55 38.65 29.97
N LEU L 17 -23.25 38.92 28.69
CA LEU L 17 -23.66 38.01 27.63
C LEU L 17 -23.00 36.65 27.79
N GLN L 18 -21.71 36.63 28.13
CA GLN L 18 -21.04 35.37 28.43
C GLN L 18 -21.63 34.74 29.68
N TRP L 19 -21.99 35.56 30.67
CA TRP L 19 -22.64 35.04 31.88
C TRP L 19 -23.96 34.35 31.55
N ALA L 20 -24.66 34.81 30.52
CA ALA L 20 -25.94 34.25 30.13
C ALA L 20 -25.81 33.10 29.14
N LEU L 21 -24.58 32.68 28.84
CA LEU L 21 -24.37 31.63 27.84
C LEU L 21 -23.44 30.51 28.29
N VAL L 22 -22.60 30.72 29.32
CA VAL L 22 -21.60 29.74 29.73
C VAL L 22 -21.95 29.10 31.06
N TYR L 23 -21.99 29.88 32.14
CA TYR L 23 -22.17 29.29 33.46
C TYR L 23 -23.59 28.84 33.71
N LEU L 24 -24.57 29.64 33.30
CA LEU L 24 -25.99 29.28 33.48
C LEU L 24 -26.24 27.86 32.98
N PRO L 25 -25.92 27.51 31.71
CA PRO L 25 -26.22 26.17 31.18
C PRO L 25 -25.61 25.03 32.01
N MET L 26 -24.34 25.16 32.39
CA MET L 26 -23.66 24.08 33.14
C MET L 26 -24.26 23.98 34.55
N LEU L 27 -24.47 25.13 35.21
CA LEU L 27 -25.02 25.14 36.59
C LEU L 27 -26.32 24.32 36.62
N VAL L 28 -27.26 24.64 35.72
CA VAL L 28 -28.58 23.94 35.72
C VAL L 28 -28.36 22.46 35.40
N ALA L 29 -27.40 22.15 34.52
CA ALA L 29 -27.10 20.74 34.17
C ALA L 29 -26.69 20.00 35.44
N THR L 30 -25.77 20.58 36.22
CA THR L 30 -25.35 19.94 37.50
C THR L 30 -26.56 19.79 38.42
N VAL L 31 -27.34 20.87 38.56
CA VAL L 31 -28.58 20.80 39.39
C VAL L 31 -29.36 19.55 38.99
N TYR L 32 -29.83 19.51 37.73
CA TYR L 32 -30.57 18.34 37.25
C TYR L 32 -29.81 17.05 37.54
N PHE L 33 -28.49 17.04 37.36
CA PHE L 33 -27.73 15.79 37.46
C PHE L 33 -27.64 15.29 38.89
N LEU L 34 -27.30 16.16 39.84
CA LEU L 34 -27.18 15.72 41.22
C LEU L 34 -28.41 16.00 42.06
N VAL L 35 -29.54 16.40 41.47
CA VAL L 35 -30.81 16.53 42.18
C VAL L 35 -31.91 15.73 41.51
N PHE L 36 -32.05 15.85 40.19
CA PHE L 36 -33.21 15.32 39.47
C PHE L 36 -32.95 13.99 38.78
N SER L 37 -31.78 13.80 38.17
CA SER L 37 -31.55 12.65 37.32
C SER L 37 -31.60 11.35 38.12
N ALA L 38 -32.29 10.36 37.57
CA ALA L 38 -32.35 9.04 38.17
C ALA L 38 -31.16 8.20 37.74
N ASP L 39 -30.89 7.14 38.51
CA ASP L 39 -29.75 6.28 38.30
C ASP L 39 -30.20 4.95 37.70
N ARG L 40 -29.47 4.48 36.70
CA ARG L 40 -29.84 3.28 35.94
C ARG L 40 -28.75 2.22 36.11
N TYR L 41 -29.10 1.13 36.79
CA TYR L 41 -28.20 0.00 36.93
C TYR L 41 -28.07 -0.75 35.61
N VAL L 42 -26.97 -1.47 35.46
CA VAL L 42 -26.65 -2.19 34.22
C VAL L 42 -26.33 -3.63 34.57
N SER L 43 -26.96 -4.58 33.87
CA SER L 43 -26.64 -5.99 33.96
C SER L 43 -25.99 -6.43 32.65
N GLU L 44 -24.82 -7.05 32.75
CA GLU L 44 -24.01 -7.35 31.58
C GLU L 44 -23.79 -8.86 31.47
N SER L 45 -23.91 -9.38 30.25
CA SER L 45 -23.67 -10.79 29.98
C SER L 45 -22.85 -10.92 28.72
N VAL L 46 -22.10 -12.02 28.62
CA VAL L 46 -21.24 -12.31 27.47
C VAL L 46 -21.54 -13.72 27.00
N ILE L 47 -21.87 -13.86 25.72
CA ILE L 47 -22.37 -15.10 25.15
C ILE L 47 -21.79 -15.29 23.75
N THR L 48 -22.11 -16.45 23.16
CA THR L 48 -21.89 -16.76 21.76
C THR L 48 -22.67 -18.04 21.47
N VAL L 49 -22.85 -18.34 20.19
CA VAL L 49 -23.68 -19.45 19.74
C VAL L 49 -22.81 -20.45 18.99
N ARG L 50 -22.91 -21.73 19.37
CA ARG L 50 -22.17 -22.80 18.73
C ARG L 50 -23.12 -23.97 18.44
N GLN L 51 -22.77 -24.73 17.40
CA GLN L 51 -23.58 -25.89 17.02
C GLN L 51 -23.33 -27.05 17.97
N THR L 52 -24.39 -27.81 18.26
CA THR L 52 -24.30 -28.99 19.13
C THR L 52 -23.87 -30.23 18.37
N SER L 53 -22.75 -30.13 17.65
CA SER L 53 -22.21 -31.22 16.84
C SER L 53 -23.23 -31.77 15.84
N ALA L 74 -19.46 -20.49 9.91
CA ALA L 74 -20.81 -19.91 9.90
C ALA L 74 -21.15 -19.30 11.25
N SER L 75 -20.12 -19.12 12.09
CA SER L 75 -20.35 -18.51 13.40
C SER L 75 -20.80 -17.06 13.26
N ARG L 76 -20.17 -16.30 12.37
CA ARG L 76 -20.60 -14.93 12.13
C ARG L 76 -22.01 -14.90 11.55
N GLU L 77 -22.31 -15.80 10.61
CA GLU L 77 -23.67 -15.90 10.10
C GLU L 77 -24.63 -16.33 11.20
N ASP L 78 -24.15 -17.12 12.16
CA ASP L 78 -24.96 -17.48 13.32
C ASP L 78 -25.27 -16.26 14.17
N THR L 79 -24.25 -15.44 14.46
CA THR L 79 -24.43 -14.37 15.49
C THR L 79 -24.93 -13.02 14.95
N CYS L 80 -24.61 -12.64 13.72
CA CYS L 80 -25.02 -11.29 13.27
C CYS L 80 -26.55 -11.21 13.19
N TYR L 81 -27.21 -12.34 12.92
CA TYR L 81 -28.70 -12.36 12.89
C TYR L 81 -29.22 -11.98 14.28
N LEU L 82 -28.69 -12.60 15.33
CA LEU L 82 -29.07 -12.22 16.72
C LEU L 82 -28.74 -10.74 16.92
N GLN L 83 -27.48 -10.33 16.65
CA GLN L 83 -27.14 -8.92 16.72
C GLN L 83 -28.29 -8.05 16.20
N THR L 84 -28.90 -8.45 15.09
CA THR L 84 -30.04 -7.73 14.54
C THR L 84 -31.31 -8.03 15.33
N TYR L 85 -31.49 -9.30 15.73
CA TYR L 85 -32.74 -9.71 16.38
C TYR L 85 -32.94 -9.05 17.74
N ILE L 86 -31.85 -8.81 18.48
CA ILE L 86 -31.98 -8.23 19.81
C ILE L 86 -32.55 -6.82 19.72
N HIS L 87 -32.14 -6.05 18.71
CA HIS L 87 -32.62 -4.69 18.52
C HIS L 87 -33.82 -4.62 17.58
N SER L 88 -34.63 -5.68 17.51
CA SER L 88 -35.77 -5.75 16.62
C SER L 88 -37.07 -5.56 17.38
N MET L 89 -38.12 -5.21 16.63
CA MET L 89 -39.43 -5.02 17.25
C MET L 89 -40.09 -6.35 17.58
N GLY L 90 -39.77 -7.41 16.85
CA GLY L 90 -40.36 -8.71 17.14
C GLY L 90 -39.99 -9.22 18.52
N LEU L 91 -38.74 -9.02 18.92
CA LEU L 91 -38.33 -9.37 20.28
C LEU L 91 -38.87 -8.37 21.29
N LEU L 92 -38.94 -7.09 20.90
CA LEU L 92 -39.40 -6.06 21.83
C LEU L 92 -40.85 -6.28 22.24
N GLN L 93 -41.69 -6.70 21.30
CA GLN L 93 -43.09 -6.97 21.63
C GLN L 93 -43.20 -8.12 22.63
N LYS L 94 -42.44 -9.20 22.42
CA LYS L 94 -42.46 -10.31 23.38
C LYS L 94 -41.95 -9.87 24.74
N LEU L 95 -40.89 -9.08 24.78
CA LEU L 95 -40.34 -8.62 26.05
C LEU L 95 -41.34 -7.72 26.78
N ASP L 96 -42.03 -6.85 26.05
CA ASP L 96 -43.02 -5.99 26.67
C ASP L 96 -44.21 -6.81 27.19
N GLN L 97 -44.63 -7.82 26.43
CA GLN L 97 -45.71 -8.68 26.90
C GLN L 97 -45.31 -9.47 28.14
N GLN L 98 -44.03 -9.84 28.25
CA GLN L 98 -43.58 -10.63 29.40
C GLN L 98 -43.35 -9.76 30.63
N LEU L 99 -42.45 -8.79 30.54
CA LEU L 99 -41.94 -8.07 31.70
C LEU L 99 -42.52 -6.67 31.86
N LYS L 100 -43.42 -6.24 30.98
CA LYS L 100 -44.05 -4.91 31.05
C LYS L 100 -42.99 -3.81 31.05
N LEU L 101 -42.26 -3.72 29.93
CA LEU L 101 -41.18 -2.74 29.82
C LEU L 101 -41.70 -1.31 29.87
N ARG L 102 -42.85 -1.06 29.23
CA ARG L 102 -43.42 0.28 29.20
C ARG L 102 -43.77 0.77 30.61
N GLU L 103 -44.35 -0.11 31.42
CA GLU L 103 -44.69 0.26 32.79
C GLU L 103 -43.45 0.53 33.62
N HIS L 104 -42.40 -0.28 33.46
CA HIS L 104 -41.21 -0.12 34.26
C HIS L 104 -40.45 1.15 33.89
N PHE L 105 -40.24 1.39 32.60
CA PHE L 105 -39.42 2.52 32.18
C PHE L 105 -40.11 3.86 32.38
N GLY L 106 -41.38 3.88 32.74
CA GLY L 106 -42.09 5.10 33.05
C GLY L 106 -42.19 5.42 34.53
N THR L 107 -41.66 4.56 35.39
CA THR L 107 -41.77 4.80 36.84
C THR L 107 -41.07 6.06 37.33
N PRO L 108 -39.80 6.37 36.95
CA PRO L 108 -39.14 7.54 37.55
C PRO L 108 -39.67 8.84 36.96
N LEU L 109 -40.47 9.56 37.74
CA LEU L 109 -41.04 10.82 37.32
C LEU L 109 -40.14 12.02 37.61
N ARG L 110 -39.04 11.83 38.34
CA ARG L 110 -38.19 12.95 38.71
C ARG L 110 -37.45 13.51 37.50
N ASP L 111 -36.92 12.64 36.65
CA ASP L 111 -36.15 13.09 35.50
C ASP L 111 -36.95 12.89 34.22
N PRO L 112 -37.34 13.95 33.53
CA PRO L 112 -38.09 13.80 32.27
C PRO L 112 -37.23 13.49 31.06
N LEU L 113 -35.94 13.23 31.23
CA LEU L 113 -35.05 12.98 30.11
C LEU L 113 -34.90 11.49 29.81
N PHE L 114 -34.61 10.69 30.84
CA PHE L 114 -34.37 9.26 30.67
C PHE L 114 -35.57 8.40 30.99
N ARG L 115 -36.71 8.99 31.31
CA ARG L 115 -37.93 8.23 31.55
C ARG L 115 -38.69 8.05 30.24
N LEU L 116 -39.47 6.98 30.17
CA LEU L 116 -40.31 6.69 29.01
C LEU L 116 -41.65 7.37 29.21
N TRP L 117 -41.89 8.44 28.45
CA TRP L 117 -43.13 9.19 28.58
C TRP L 117 -44.31 8.34 28.14
N GLY L 118 -45.39 8.40 28.93
CA GLY L 118 -46.57 7.63 28.59
C GLY L 118 -47.27 8.14 27.35
N GLY L 119 -47.93 7.23 26.66
CA GLY L 119 -48.67 7.58 25.46
C GLY L 119 -47.81 7.83 24.23
N THR L 120 -46.53 7.47 24.27
CA THR L 120 -45.66 7.70 23.13
C THR L 120 -45.95 6.68 22.03
N SER L 121 -45.34 6.91 20.87
CA SER L 121 -45.59 6.07 19.71
C SER L 121 -44.78 4.78 19.80
N GLN L 122 -44.97 3.90 18.81
CA GLN L 122 -44.26 2.63 18.78
C GLN L 122 -42.81 2.83 18.38
N GLU L 123 -42.55 3.72 17.42
CA GLU L 123 -41.18 3.93 16.94
C GLU L 123 -40.32 4.58 18.01
N TRP L 124 -40.89 5.51 18.78
CA TRP L 124 -40.13 6.10 19.88
C TRP L 124 -39.83 5.06 20.95
N PHE L 125 -40.76 4.15 21.22
CA PHE L 125 -40.51 3.07 22.16
C PHE L 125 -39.38 2.16 21.65
N LEU L 126 -39.38 1.87 20.35
CA LEU L 126 -38.30 1.06 19.79
C LEU L 126 -36.96 1.76 19.91
N GLU L 127 -36.92 3.07 19.63
CA GLU L 127 -35.67 3.82 19.77
C GLU L 127 -35.21 3.85 21.22
N TYR L 128 -36.14 4.03 22.16
CA TYR L 128 -35.79 4.02 23.57
C TYR L 128 -35.21 2.67 23.98
N TYR L 129 -35.84 1.57 23.55
CA TYR L 129 -35.35 0.24 23.87
C TYR L 129 -33.97 0.01 23.27
N ARG L 130 -33.75 0.45 22.03
CA ARG L 130 -32.43 0.31 21.42
C ARG L 130 -31.39 1.15 22.14
N SER L 131 -31.80 2.26 22.74
CA SER L 131 -30.86 3.07 23.51
C SER L 131 -30.54 2.41 24.85
N ARG L 132 -31.52 1.74 25.46
CA ARG L 132 -31.29 1.14 26.77
C ARG L 132 -30.48 -0.15 26.70
N VAL L 133 -30.64 -0.92 25.63
CA VAL L 133 -29.94 -2.20 25.47
C VAL L 133 -28.78 -1.99 24.50
N GLU L 134 -27.57 -2.31 24.94
CA GLU L 134 -26.37 -2.13 24.13
C GLU L 134 -25.77 -3.48 23.80
N VAL L 135 -25.52 -3.72 22.52
CA VAL L 135 -24.97 -4.99 22.03
C VAL L 135 -23.65 -4.70 21.35
N LEU L 136 -22.59 -5.37 21.80
CA LEU L 136 -21.26 -5.16 21.27
C LEU L 136 -20.68 -6.48 20.77
N MET L 137 -19.89 -6.39 19.70
CA MET L 137 -19.26 -7.52 19.05
C MET L 137 -17.76 -7.47 19.22
N ASP L 138 -17.18 -8.57 19.69
CA ASP L 138 -15.74 -8.79 19.59
C ASP L 138 -15.57 -9.75 18.44
N ASP L 139 -15.27 -9.20 17.25
CA ASP L 139 -15.17 -9.98 16.03
C ASP L 139 -13.81 -10.64 15.87
N ILE L 140 -12.86 -10.39 16.78
CA ILE L 140 -11.60 -11.12 16.75
C ILE L 140 -11.86 -12.61 16.95
N CYS L 141 -12.72 -12.94 17.92
CA CYS L 141 -13.13 -14.32 18.13
C CYS L 141 -14.62 -14.43 18.43
N GLY L 142 -15.42 -13.49 17.92
CA GLY L 142 -16.86 -13.61 17.89
C GLY L 142 -17.60 -13.74 19.21
N LEU L 143 -17.31 -12.86 20.16
CA LEU L 143 -18.01 -12.86 21.45
C LEU L 143 -18.99 -11.70 21.48
N LEU L 144 -20.26 -12.01 21.80
CA LEU L 144 -21.32 -11.01 21.82
C LEU L 144 -21.61 -10.64 23.26
N THR L 145 -21.44 -9.37 23.60
CA THR L 145 -21.71 -8.89 24.95
C THR L 145 -22.91 -7.95 24.95
N VAL L 146 -23.85 -8.22 25.86
CA VAL L 146 -25.10 -7.49 25.95
C VAL L 146 -25.16 -6.81 27.32
N ARG L 147 -25.39 -5.51 27.32
CA ARG L 147 -25.57 -4.72 28.53
C ARG L 147 -26.98 -4.17 28.55
N VAL L 148 -27.71 -4.44 29.62
CA VAL L 148 -29.12 -4.08 29.74
C VAL L 148 -29.25 -3.07 30.86
N GLN L 149 -29.89 -1.94 30.58
CA GLN L 149 -30.11 -0.89 31.55
C GLN L 149 -31.49 -1.03 32.18
N GLY L 150 -31.57 -0.73 33.47
CA GLY L 150 -32.84 -0.75 34.17
C GLY L 150 -32.81 0.21 35.34
N PHE L 151 -33.99 0.58 35.81
CA PHE L 151 -34.07 1.49 36.95
C PHE L 151 -34.01 0.78 38.29
N GLU L 152 -34.04 -0.56 38.30
CA GLU L 152 -33.85 -1.35 39.49
C GLU L 152 -32.78 -2.40 39.23
N PRO L 153 -32.01 -2.78 40.25
CA PRO L 153 -30.93 -3.75 40.03
C PRO L 153 -31.40 -5.09 39.51
N GLU L 154 -32.56 -5.58 39.96
CA GLU L 154 -33.01 -6.91 39.58
C GLU L 154 -33.74 -6.91 38.24
N PHE L 155 -34.35 -5.79 37.85
CA PHE L 155 -35.07 -5.75 36.59
C PHE L 155 -34.13 -5.87 35.40
N ALA L 156 -32.94 -5.26 35.50
CA ALA L 156 -31.96 -5.38 34.43
C ALA L 156 -31.52 -6.83 34.25
N GLN L 157 -31.28 -7.54 35.36
CA GLN L 157 -30.91 -8.94 35.27
C GLN L 157 -32.03 -9.79 34.69
N ALA L 158 -33.27 -9.50 35.09
CA ALA L 158 -34.42 -10.23 34.55
C ALA L 158 -34.56 -10.00 33.05
N LEU L 159 -34.39 -8.76 32.60
CA LEU L 159 -34.47 -8.46 31.18
C LEU L 159 -33.35 -9.12 30.41
N ASN L 160 -32.15 -9.16 30.98
CA ASN L 160 -31.04 -9.84 30.33
C ASN L 160 -31.31 -11.33 30.18
N ARG L 161 -31.83 -11.96 31.24
CA ARG L 161 -32.17 -13.38 31.16
C ARG L 161 -33.24 -13.64 30.10
N ALA L 162 -34.26 -12.78 30.05
CA ALA L 162 -35.31 -12.94 29.06
C ALA L 162 -34.75 -12.79 27.64
N ILE L 163 -33.86 -11.82 27.44
CA ILE L 163 -33.24 -11.64 26.13
C ILE L 163 -32.44 -12.87 25.73
N LEU L 164 -31.67 -13.42 26.67
CA LEU L 164 -30.86 -14.60 26.36
C LEU L 164 -31.74 -15.79 26.00
N GLU L 165 -32.80 -16.02 26.78
CA GLU L 165 -33.69 -17.14 26.51
C GLU L 165 -34.38 -16.99 25.16
N GLU L 166 -34.89 -15.78 24.86
CA GLU L 166 -35.56 -15.55 23.59
C GLU L 166 -34.61 -15.69 22.43
N SER L 167 -33.36 -15.24 22.59
CA SER L 167 -32.38 -15.38 21.51
C SER L 167 -32.08 -16.84 21.22
N GLU L 168 -31.91 -17.66 22.27
CA GLU L 168 -31.68 -19.08 22.06
C GLU L 168 -32.88 -19.74 21.37
N ARG L 169 -34.10 -19.42 21.82
CA ARG L 169 -35.30 -19.99 21.22
C ARG L 169 -35.41 -19.59 19.74
N PHE L 170 -35.14 -18.34 19.43
CA PHE L 170 -35.20 -17.87 18.04
C PHE L 170 -34.16 -18.56 17.18
N VAL L 171 -32.95 -18.72 17.71
CA VAL L 171 -31.88 -19.39 16.96
C VAL L 171 -32.29 -20.82 16.62
N ASN L 172 -32.89 -21.54 17.57
CA ASN L 172 -33.32 -22.90 17.30
C ASN L 172 -34.49 -22.93 16.31
N GLU L 173 -35.48 -22.06 16.52
CA GLU L 173 -36.66 -22.06 15.66
C GLU L 173 -36.32 -21.70 14.22
N LEU L 174 -35.24 -20.94 14.01
CA LEU L 174 -34.88 -20.51 12.67
C LEU L 174 -34.63 -21.69 11.74
N SER L 175 -33.96 -22.73 12.25
CA SER L 175 -33.77 -23.95 11.48
C SER L 175 -34.90 -24.96 11.69
N HIS L 176 -35.59 -24.89 12.83
CA HIS L 176 -36.74 -25.77 13.02
C HIS L 176 -37.83 -25.53 11.99
N ARG L 177 -37.96 -24.29 11.51
CA ARG L 177 -38.95 -23.99 10.48
C ARG L 177 -38.66 -24.76 9.19
N MET L 178 -37.39 -24.71 8.74
CA MET L 178 -37.01 -25.44 7.54
C MET L 178 -37.14 -26.94 7.74
N ALA L 179 -36.80 -27.43 8.94
CA ALA L 179 -36.97 -28.86 9.22
C ALA L 179 -38.44 -29.26 9.16
N ARG L 180 -39.33 -28.42 9.67
CA ARG L 180 -40.76 -28.71 9.61
C ARG L 180 -41.26 -28.73 8.17
N GLU L 181 -40.80 -27.79 7.35
CA GLU L 181 -41.19 -27.79 5.94
C GLU L 181 -40.73 -29.07 5.24
N GLN L 182 -39.49 -29.49 5.49
CA GLN L 182 -39.00 -30.74 4.91
C GLN L 182 -39.82 -31.92 5.40
N GLY L 183 -40.20 -31.92 6.68
CA GLY L 183 -41.02 -32.99 7.21
C GLY L 183 -42.38 -33.08 6.54
N GLN L 184 -43.01 -31.91 6.31
CA GLN L 184 -44.30 -31.91 5.63
C GLN L 184 -44.17 -32.44 4.20
N PHE L 185 -43.12 -32.02 3.48
CA PHE L 185 -42.94 -32.53 2.13
C PHE L 185 -42.69 -34.03 2.13
N ALA L 186 -41.90 -34.52 3.09
CA ALA L 186 -41.65 -35.96 3.19
C ALA L 186 -42.93 -36.71 3.51
N GLU L 187 -43.81 -36.12 4.32
CA GLU L 187 -45.09 -36.76 4.61
C GLU L 187 -45.93 -36.87 3.34
N ALA L 188 -45.94 -35.82 2.52
CA ALA L 188 -46.67 -35.87 1.26
C ALA L 188 -46.11 -36.96 0.34
N GLU L 189 -44.78 -37.04 0.24
CA GLU L 189 -44.17 -38.07 -0.58
C GLU L 189 -44.49 -39.47 -0.06
N LEU L 190 -44.51 -39.63 1.26
CA LEU L 190 -44.86 -40.91 1.86
C LEU L 190 -46.30 -41.28 1.55
N GLU L 191 -47.21 -40.31 1.57
CA GLU L 191 -48.59 -40.58 1.19
C GLU L 191 -48.69 -41.03 -0.27
N ARG L 192 -47.94 -40.37 -1.16
CA ARG L 192 -47.94 -40.79 -2.56
C ARG L 192 -47.40 -42.21 -2.71
N ALA L 193 -46.33 -42.53 -1.98
CA ALA L 193 -45.77 -43.89 -2.02
C ALA L 193 -46.77 -44.91 -1.48
N THR L 194 -47.52 -44.53 -0.44
CA THR L 194 -48.55 -45.42 0.10
C THR L 194 -49.61 -45.71 -0.95
N ALA L 195 -50.06 -44.67 -1.66
CA ALA L 195 -51.05 -44.86 -2.71
C ALA L 195 -50.51 -45.76 -3.82
N ARG L 196 -49.26 -45.56 -4.21
CA ARG L 196 -48.66 -46.40 -5.26
C ARG L 196 -48.54 -47.84 -4.81
N LEU L 197 -48.15 -48.07 -3.55
CA LEU L 197 -48.08 -49.43 -3.02
C LEU L 197 -49.44 -50.10 -3.02
N GLN L 198 -50.48 -49.37 -2.61
CA GLN L 198 -51.82 -49.94 -2.61
C GLN L 198 -52.28 -50.29 -4.01
N GLU L 199 -52.00 -49.41 -4.98
CA GLU L 199 -52.35 -49.69 -6.37
C GLU L 199 -51.62 -50.92 -6.89
N ALA L 200 -50.33 -51.03 -6.57
CA ALA L 200 -49.57 -52.20 -7.01
C ALA L 200 -50.12 -53.48 -6.38
N LYS L 201 -50.46 -53.43 -5.10
CA LYS L 201 -51.02 -54.61 -4.43
C LYS L 201 -52.35 -55.02 -5.05
N ARG L 202 -53.21 -54.04 -5.36
CA ARG L 202 -54.52 -54.40 -5.92
C ARG L 202 -54.39 -54.91 -7.36
N GLN L 203 -53.45 -54.38 -8.14
CA GLN L 203 -53.31 -54.91 -9.50
C GLN L 203 -52.63 -56.27 -9.50
N LEU L 204 -51.80 -56.56 -8.50
CA LEU L 204 -51.29 -57.93 -8.36
C LEU L 204 -52.38 -58.89 -7.92
N ILE L 205 -53.24 -58.47 -6.99
CA ILE L 205 -54.32 -59.34 -6.54
C ILE L 205 -55.39 -59.49 -7.61
N ALA L 206 -55.44 -58.59 -8.59
CA ALA L 206 -56.37 -58.75 -9.69
C ALA L 206 -56.05 -59.98 -10.53
N PHE L 207 -54.76 -60.22 -10.79
CA PHE L 207 -54.35 -61.37 -11.59
C PHE L 207 -53.70 -62.44 -10.70
N HIS L 293 -44.26 -62.82 -13.76
CA HIS L 293 -44.20 -62.26 -12.42
C HIS L 293 -43.78 -60.79 -12.45
N ASP L 294 -44.15 -60.10 -13.53
CA ASP L 294 -43.85 -58.67 -13.64
C ASP L 294 -44.63 -57.86 -12.61
N LEU L 295 -45.80 -58.34 -12.20
CA LEU L 295 -46.55 -57.67 -11.14
C LEU L 295 -45.79 -57.71 -9.82
N GLN L 296 -45.08 -58.81 -9.57
CA GLN L 296 -44.21 -58.90 -8.40
C GLN L 296 -43.09 -57.86 -8.49
N LEU L 297 -42.54 -57.65 -9.69
CA LEU L 297 -41.52 -56.62 -9.87
C LEU L 297 -42.07 -55.23 -9.59
N GLN L 298 -43.29 -54.95 -10.06
CA GLN L 298 -43.94 -53.67 -9.77
C GLN L 298 -44.14 -53.49 -8.27
N VAL L 299 -44.60 -54.54 -7.60
CA VAL L 299 -44.80 -54.48 -6.15
C VAL L 299 -43.48 -54.24 -5.44
N GLY L 300 -42.39 -54.88 -5.91
CA GLY L 300 -41.09 -54.67 -5.31
C GLY L 300 -40.57 -53.26 -5.50
N PHE L 301 -40.79 -52.68 -6.68
CA PHE L 301 -40.37 -51.31 -6.92
C PHE L 301 -41.14 -50.34 -6.02
N ALA L 302 -42.46 -50.54 -5.91
CA ALA L 302 -43.26 -49.72 -5.01
C ALA L 302 -42.83 -49.93 -3.56
N GLU L 303 -42.42 -51.14 -3.21
CA GLU L 303 -41.91 -51.43 -1.87
C GLU L 303 -40.64 -50.66 -1.57
N ASP L 304 -39.71 -50.65 -2.53
CA ASP L 304 -38.48 -49.87 -2.36
C ASP L 304 -38.79 -48.39 -2.20
N ALA L 305 -39.72 -47.88 -3.02
CA ALA L 305 -40.12 -46.48 -2.88
C ALA L 305 -40.76 -46.22 -1.51
N TYR L 306 -41.55 -47.17 -1.02
CA TYR L 306 -42.24 -46.99 0.27
C TYR L 306 -41.26 -46.92 1.42
N LYS L 307 -40.30 -47.85 1.47
CA LYS L 307 -39.26 -47.76 2.49
C LYS L 307 -38.38 -46.53 2.36
N LEU L 308 -38.07 -46.11 1.13
CA LEU L 308 -37.33 -44.85 0.98
C LEU L 308 -38.13 -43.68 1.56
N ALA L 309 -39.43 -43.65 1.29
CA ALA L 309 -40.27 -42.55 1.77
C ALA L 309 -40.37 -42.56 3.30
N LEU L 310 -40.54 -43.74 3.92
CA LEU L 310 -40.65 -43.76 5.36
C LEU L 310 -39.33 -43.39 6.03
N ALA L 311 -38.21 -43.82 5.44
CA ALA L 311 -36.91 -43.41 5.98
C ALA L 311 -36.74 -41.90 5.89
N ALA L 312 -37.13 -41.31 4.76
CA ALA L 312 -37.02 -39.86 4.61
C ALA L 312 -37.90 -39.13 5.61
N VAL L 313 -39.14 -39.59 5.79
CA VAL L 313 -40.03 -38.89 6.71
C VAL L 313 -39.58 -39.06 8.15
N GLU L 314 -39.02 -40.22 8.50
CA GLU L 314 -38.49 -40.41 9.86
C GLU L 314 -37.31 -39.50 10.11
N SER L 315 -36.39 -39.40 9.15
CA SER L 315 -35.25 -38.50 9.31
C SER L 315 -35.70 -37.05 9.43
N ALA L 316 -36.68 -36.65 8.61
CA ALA L 316 -37.18 -35.27 8.67
C ALA L 316 -37.87 -34.99 10.00
N ARG L 317 -38.63 -35.96 10.52
CA ARG L 317 -39.26 -35.78 11.83
C ARG L 317 -38.22 -35.67 12.93
N ILE L 318 -37.15 -36.46 12.84
CA ILE L 318 -36.07 -36.36 13.83
C ILE L 318 -35.42 -34.99 13.77
N GLU L 319 -35.18 -34.48 12.55
CA GLU L 319 -34.52 -33.19 12.39
C GLU L 319 -35.34 -32.03 12.94
N ALA L 320 -36.66 -32.19 13.06
CA ALA L 320 -37.54 -31.10 13.44
C ALA L 320 -37.80 -31.01 14.94
N THR L 321 -37.18 -31.86 15.75
CA THR L 321 -37.42 -31.86 17.19
C THR L 321 -36.16 -31.64 18.01
N ARG L 322 -35.04 -32.22 17.59
CA ARG L 322 -33.80 -32.09 18.36
C ARG L 322 -33.28 -30.66 18.33
N LYS L 323 -32.83 -30.18 19.47
CA LYS L 323 -32.18 -28.87 19.54
C LYS L 323 -30.83 -28.97 18.84
N LEU L 324 -30.62 -28.11 17.84
CA LEU L 324 -29.42 -28.18 17.00
C LEU L 324 -28.37 -27.16 17.38
N LYS L 325 -28.77 -25.97 17.81
CA LYS L 325 -27.86 -24.86 18.04
C LYS L 325 -28.02 -24.37 19.47
N SER L 326 -26.91 -24.27 20.19
CA SER L 326 -26.93 -23.91 21.60
C SER L 326 -26.25 -22.57 21.81
N LEU L 327 -26.75 -21.82 22.78
CA LEU L 327 -26.19 -20.53 23.16
C LEU L 327 -25.37 -20.73 24.43
N VAL L 328 -24.05 -20.68 24.30
CA VAL L 328 -23.18 -20.86 25.46
C VAL L 328 -22.98 -19.50 26.11
N VAL L 329 -22.86 -19.51 27.43
CA VAL L 329 -22.83 -18.30 28.23
C VAL L 329 -21.47 -18.25 28.92
N VAL L 330 -20.58 -17.39 28.41
CA VAL L 330 -19.30 -17.18 29.08
C VAL L 330 -19.53 -16.45 30.41
N GLU L 331 -20.35 -15.43 30.41
CA GLU L 331 -20.60 -14.61 31.60
C GLU L 331 -22.11 -14.42 31.74
N PRO L 332 -22.76 -15.09 32.68
CA PRO L 332 -24.22 -14.96 32.82
C PRO L 332 -24.61 -13.57 33.32
N PRO L 333 -25.87 -13.18 33.17
CA PRO L 333 -26.28 -11.85 33.63
C PRO L 333 -26.00 -11.66 35.11
N VAL L 334 -25.45 -10.50 35.44
CA VAL L 334 -25.00 -10.22 36.79
C VAL L 334 -26.04 -9.34 37.47
N LEU L 335 -25.99 -9.32 38.80
CA LEU L 335 -26.89 -8.49 39.59
C LEU L 335 -26.12 -7.27 40.07
N PRO L 336 -26.29 -6.11 39.45
CA PRO L 336 -25.49 -4.94 39.84
C PRO L 336 -25.85 -4.45 41.23
N GLU L 337 -24.87 -3.78 41.85
CA GLU L 337 -25.04 -3.20 43.18
C GLU L 337 -25.18 -1.69 43.15
N ILE L 338 -24.45 -1.01 42.26
CA ILE L 338 -24.60 0.42 42.07
C ILE L 338 -24.94 0.69 40.61
N ALA L 339 -25.16 1.96 40.27
CA ALA L 339 -25.59 2.34 38.94
C ALA L 339 -24.41 2.89 38.15
N GLU L 340 -24.11 2.25 37.02
CA GLU L 340 -23.02 2.71 36.17
C GLU L 340 -23.34 4.08 35.57
N TYR L 341 -24.55 4.28 35.08
CA TYR L 341 -25.02 5.53 34.53
C TYR L 341 -25.92 6.26 35.50
N PRO L 342 -26.01 7.59 35.41
CA PRO L 342 -25.32 8.50 34.47
C PRO L 342 -23.90 8.85 34.92
N ARG L 343 -22.99 9.05 33.96
CA ARG L 343 -21.65 9.55 34.25
C ARG L 343 -21.71 11.07 34.25
N ARG L 344 -22.05 11.63 35.40
CA ARG L 344 -22.28 13.07 35.51
C ARG L 344 -21.01 13.86 35.20
N TRP L 345 -19.90 13.47 35.84
CA TRP L 345 -18.65 14.20 35.67
C TRP L 345 -18.15 14.12 34.23
N TYR L 346 -18.26 12.95 33.61
CA TYR L 346 -17.84 12.82 32.22
C TYR L 346 -18.77 13.58 31.28
N ASN L 347 -20.06 13.66 31.61
CA ASN L 347 -21.00 14.38 30.77
C ASN L 347 -20.90 15.90 30.93
N LEU L 348 -20.33 16.39 32.04
CA LEU L 348 -20.20 17.82 32.23
C LEU L 348 -19.12 18.42 31.32
N ALA L 349 -18.01 17.69 31.11
CA ALA L 349 -16.90 18.22 30.34
C ALA L 349 -17.28 18.47 28.89
N THR L 350 -18.02 17.53 28.27
CA THR L 350 -18.42 17.72 26.88
C THR L 350 -19.42 18.85 26.73
N LEU L 351 -20.30 19.03 27.74
CA LEU L 351 -21.21 20.16 27.70
C LEU L 351 -20.46 21.48 27.84
N LEU L 352 -19.44 21.51 28.69
CA LEU L 352 -18.62 22.71 28.81
C LEU L 352 -17.90 23.02 27.50
N VAL L 353 -17.38 21.99 26.84
CA VAL L 353 -16.67 22.18 25.57
C VAL L 353 -17.63 22.72 24.51
N VAL L 354 -18.82 22.13 24.41
CA VAL L 354 -19.79 22.57 23.41
C VAL L 354 -20.23 24.00 23.70
N CYS L 355 -20.49 24.33 24.97
CA CYS L 355 -20.90 25.68 25.32
C CYS L 355 -19.80 26.69 25.01
N CYS L 356 -18.54 26.34 25.29
CA CYS L 356 -17.44 27.24 25.00
C CYS L 356 -17.30 27.48 23.49
N LEU L 357 -17.42 26.42 22.69
CA LEU L 357 -17.34 26.58 21.25
C LEU L 357 -18.47 27.44 20.71
N ILE L 358 -19.69 27.21 21.20
CA ILE L 358 -20.84 28.01 20.76
C ILE L 358 -20.65 29.46 21.17
N TYR L 359 -20.16 29.70 22.39
CA TYR L 359 -19.91 31.08 22.84
C TYR L 359 -18.86 31.75 21.96
N GLY L 360 -17.80 31.02 21.60
CA GLY L 360 -16.78 31.61 20.75
C GLY L 360 -17.32 31.98 19.37
N VAL L 361 -18.10 31.09 18.77
CA VAL L 361 -18.67 31.37 17.45
C VAL L 361 -19.62 32.56 17.53
N VAL L 362 -20.48 32.58 18.56
CA VAL L 362 -21.44 33.67 18.71
C VAL L 362 -20.71 34.99 18.94
N SER L 363 -19.66 34.99 19.76
CA SER L 363 -18.89 36.20 20.01
C SER L 363 -18.24 36.71 18.74
N LEU L 364 -17.66 35.79 17.94
CA LEU L 364 -17.05 36.21 16.68
C LEU L 364 -18.08 36.84 15.76
N VAL L 365 -19.25 36.19 15.62
CA VAL L 365 -20.28 36.70 14.71
C VAL L 365 -20.80 38.05 15.19
N VAL L 366 -21.03 38.20 16.50
CA VAL L 366 -21.55 39.45 17.03
C VAL L 366 -20.48 40.54 17.05
N ALA L 367 -19.20 40.16 16.96
CA ALA L 367 -18.15 41.17 16.90
C ALA L 367 -17.88 41.64 15.47
N THR L 368 -18.12 40.78 14.48
CA THR L 368 -17.88 41.17 13.10
C THR L 368 -19.09 41.86 12.46
N ILE L 369 -20.22 41.96 13.15
CA ILE L 369 -21.39 42.59 12.56
C ILE L 369 -21.18 44.08 12.39
N ARG L 370 -20.35 44.69 13.22
CA ARG L 370 -20.06 46.12 13.13
C ARG L 370 -18.88 46.37 12.19
#